data_2CLP
#
_entry.id   2CLP
#
_cell.length_a   126.963
_cell.length_b   126.963
_cell.length_c   490.497
_cell.angle_alpha   90.00
_cell.angle_beta   90.00
_cell.angle_gamma   120.00
#
_symmetry.space_group_name_H-M   'P 32 2 1'
#
loop_
_entity.id
_entity.type
_entity.pdbx_description
1 polymer 'AFLATOXIN B1 ALDEHYDE REDUCTASE MEMBER 3'
2 non-polymer 'NADPH DIHYDRO-NICOTINAMIDE-ADENINE-DINUCLEOTIDE PHOSPHATE'
3 non-polymer 'CALCIUM ION'
4 water water
#
_entity_poly.entity_id   1
_entity_poly.type   'polypeptide(L)'
_entity_poly.pdbx_seq_one_letter_code
;MHHHHHHSSGVDLGTENLYFQSMARPATVLGAMEMGRRMDAPTSAAVTRAFLERGHTEIDTAFVYSEGQSETILGGLGLR
LGGSDCRVKIDTKAIPLFGNSLKPDSLRFQLETSLKRLQCPRVDLFYLHMPDHSTPVEETLRACHQLHQEGKFVELGLSN
YAAWEVAEICTLCKSNGWILPTVYQGMYNAITRQVETELFPCLRHFGLRFYAFNPLAGGLLTGKYKYEDKDGKQPVGRFF
GNTWAEMYRNRYWKEHHFEGIALVEKALQAAYGASAPSMTSATLRWMYHHSQLQGAHGDAVILGMSSLEQLEQNLAAAEE
GPLEPAVVDAFNQAWHLVAHECPNYFR
;
_entity_poly.pdbx_strand_id   A,B,C,D,E,F,G,H,I,J,K
#
# COMPACT_ATOMS: atom_id res chain seq x y z
N ARG A 25 -36.52 -11.92 18.42
CA ARG A 25 -36.72 -13.28 19.03
C ARG A 25 -36.26 -13.35 20.51
N PRO A 26 -35.16 -12.67 20.87
CA PRO A 26 -34.63 -12.51 22.23
C PRO A 26 -35.59 -11.76 23.17
N ALA A 27 -35.77 -12.28 24.39
CA ALA A 27 -36.77 -11.78 25.32
C ALA A 27 -36.49 -10.34 25.78
N THR A 28 -37.49 -9.70 26.39
CA THR A 28 -37.33 -8.36 26.98
C THR A 28 -37.75 -8.36 28.44
N VAL A 29 -36.86 -7.85 29.30
CA VAL A 29 -37.12 -7.79 30.74
C VAL A 29 -37.11 -6.32 31.17
N LEU A 30 -37.96 -5.96 32.13
CA LEU A 30 -38.09 -4.57 32.59
C LEU A 30 -37.06 -4.20 33.68
N GLY A 31 -36.18 -3.26 33.38
CA GLY A 31 -35.19 -2.79 34.34
C GLY A 31 -35.77 -1.82 35.35
N ALA A 32 -35.92 -2.26 36.59
CA ALA A 32 -36.63 -1.48 37.60
C ALA A 32 -35.69 -0.66 38.50
N MET A 33 -34.53 -0.28 37.97
CA MET A 33 -33.51 0.37 38.77
C MET A 33 -33.89 1.80 39.09
N GLU A 34 -34.47 2.48 38.13
CA GLU A 34 -34.77 3.90 38.30
C GLU A 34 -36.11 4.15 39.05
N MET A 35 -36.82 3.07 39.36
CA MET A 35 -38.08 3.15 40.12
C MET A 35 -37.76 3.47 41.56
N GLY A 36 -38.27 4.60 42.03
CA GLY A 36 -37.94 5.12 43.36
C GLY A 36 -36.88 6.21 43.31
N ARG A 37 -36.10 6.25 42.23
CA ARG A 37 -35.04 7.25 42.04
C ARG A 37 -35.52 8.35 41.12
N ARG A 38 -35.46 8.13 39.82
CA ARG A 38 -35.91 9.13 38.84
C ARG A 38 -37.42 9.07 38.58
N MET A 39 -38.02 7.90 38.73
CA MET A 39 -39.45 7.73 38.52
C MET A 39 -40.16 7.55 39.86
N ASP A 40 -41.18 8.38 40.11
CA ASP A 40 -41.98 8.26 41.34
C ASP A 40 -42.87 7.01 41.27
N ALA A 41 -43.66 6.77 42.33
CA ALA A 41 -44.55 5.61 42.37
C ALA A 41 -45.54 5.56 41.19
N PRO A 42 -46.29 6.64 40.97
CA PRO A 42 -47.16 6.74 39.80
C PRO A 42 -46.49 6.49 38.45
N THR A 43 -45.38 7.17 38.16
CA THR A 43 -44.69 7.01 36.88
C THR A 43 -44.24 5.55 36.69
N SER A 44 -43.81 4.93 37.78
CA SER A 44 -43.33 3.55 37.74
C SER A 44 -44.47 2.57 37.47
N ALA A 45 -45.63 2.81 38.09
CA ALA A 45 -46.82 1.97 37.86
C ALA A 45 -47.26 2.07 36.42
N ALA A 46 -47.22 3.30 35.89
CA ALA A 46 -47.58 3.55 34.49
C ALA A 46 -46.66 2.79 33.54
N VAL A 47 -45.37 2.81 33.85
CA VAL A 47 -44.37 2.11 33.04
C VAL A 47 -44.58 0.59 33.09
N THR A 48 -44.86 0.04 34.26
CA THR A 48 -45.14 -1.38 34.40
C THR A 48 -46.40 -1.79 33.62
N ARG A 49 -47.44 -0.95 33.66
CA ARG A 49 -48.65 -1.19 32.88
C ARG A 49 -48.33 -1.24 31.38
N ALA A 50 -47.55 -0.27 30.91
CA ALA A 50 -47.16 -0.21 29.50
C ALA A 50 -46.39 -1.44 29.06
N PHE A 51 -45.40 -1.80 29.87
CA PHE A 51 -44.53 -2.93 29.61
C PHE A 51 -45.34 -4.20 29.47
N LEU A 52 -46.24 -4.45 30.41
CA LEU A 52 -47.02 -5.69 30.40
C LEU A 52 -48.02 -5.70 29.25
N GLU A 53 -48.58 -4.53 28.92
CA GLU A 53 -49.54 -4.39 27.81
C GLU A 53 -48.91 -4.61 26.42
N ARG A 54 -47.60 -4.80 26.36
CA ARG A 54 -46.92 -5.28 25.14
C ARG A 54 -46.64 -6.79 25.21
N GLY A 55 -47.23 -7.47 26.19
CA GLY A 55 -47.11 -8.93 26.30
C GLY A 55 -45.85 -9.44 26.97
N HIS A 56 -44.97 -8.55 27.42
CA HIS A 56 -43.77 -8.95 28.14
C HIS A 56 -44.12 -9.34 29.57
N THR A 57 -43.19 -10.02 30.23
CA THR A 57 -43.54 -10.79 31.41
C THR A 57 -42.68 -10.59 32.68
N GLU A 58 -41.38 -10.34 32.49
CA GLU A 58 -40.42 -10.43 33.60
C GLU A 58 -39.85 -9.06 33.99
N ILE A 59 -39.58 -8.88 35.30
CA ILE A 59 -39.07 -7.61 35.83
C ILE A 59 -37.83 -7.81 36.71
N ASP A 60 -36.83 -6.95 36.48
CA ASP A 60 -35.56 -7.01 37.20
C ASP A 60 -35.42 -5.87 38.20
N THR A 61 -35.28 -6.23 39.47
CA THR A 61 -35.01 -5.27 40.51
C THR A 61 -33.92 -5.87 41.37
N ALA A 62 -33.62 -5.20 42.50
CA ALA A 62 -32.54 -5.59 43.40
C ALA A 62 -32.73 -5.02 44.78
N PHE A 63 -32.21 -5.71 45.79
CA PHE A 63 -32.27 -5.28 47.18
C PHE A 63 -31.82 -3.83 47.38
N VAL A 64 -30.83 -3.42 46.60
CA VAL A 64 -30.10 -2.19 46.85
C VAL A 64 -30.65 -1.00 46.05
N TYR A 65 -31.47 -1.27 45.03
CA TYR A 65 -31.93 -0.23 44.13
C TYR A 65 -32.79 0.81 44.86
N SER A 66 -32.46 2.07 44.62
CA SER A 66 -33.07 3.23 45.28
C SER A 66 -33.40 2.99 46.77
N GLU A 67 -32.36 2.61 47.53
CA GLU A 67 -32.44 2.35 48.99
C GLU A 67 -33.62 1.46 49.38
N GLY A 68 -34.02 0.57 48.47
CA GLY A 68 -35.15 -0.32 48.67
C GLY A 68 -36.52 0.16 48.17
N GLN A 69 -36.59 1.41 47.69
CA GLN A 69 -37.87 1.97 47.24
C GLN A 69 -38.36 1.29 45.94
N SER A 70 -37.45 0.75 45.13
CA SER A 70 -37.81 0.03 43.91
C SER A 70 -38.66 -1.20 44.23
N GLU A 71 -38.12 -2.11 45.02
CA GLU A 71 -38.81 -3.32 45.43
C GLU A 71 -40.14 -3.00 46.13
N THR A 72 -40.16 -1.93 46.92
CA THR A 72 -41.38 -1.55 47.65
C THR A 72 -42.45 -1.03 46.72
N ILE A 73 -42.07 -0.27 45.70
CA ILE A 73 -43.02 0.20 44.69
C ILE A 73 -43.70 -0.98 44.00
N LEU A 74 -42.89 -1.87 43.43
CA LEU A 74 -43.37 -3.05 42.70
C LEU A 74 -44.25 -3.94 43.58
N GLY A 75 -43.84 -4.11 44.83
CA GLY A 75 -44.62 -4.87 45.82
C GLY A 75 -46.00 -4.30 46.09
N GLY A 76 -46.17 -3.00 45.85
CA GLY A 76 -47.46 -2.32 46.03
C GLY A 76 -48.27 -2.06 44.78
N LEU A 77 -47.96 -2.76 43.69
CA LEU A 77 -48.74 -2.64 42.44
C LEU A 77 -49.83 -3.70 42.33
N GLY A 78 -50.07 -4.45 43.41
CA GLY A 78 -51.08 -5.50 43.45
C GLY A 78 -50.93 -6.53 42.34
N LEU A 79 -49.70 -6.92 42.03
CA LEU A 79 -49.46 -7.94 41.01
C LEU A 79 -49.48 -9.35 41.61
N ARG A 80 -49.85 -9.47 42.88
CA ARG A 80 -49.90 -10.78 43.56
C ARG A 80 -48.67 -11.63 43.20
N LEU A 81 -47.49 -10.99 43.27
CA LEU A 81 -46.24 -11.62 42.84
C LEU A 81 -46.00 -12.95 43.55
N GLY A 82 -45.26 -13.83 42.89
CA GLY A 82 -44.87 -15.12 43.46
C GLY A 82 -45.98 -16.13 43.61
N GLY A 83 -47.22 -15.71 43.37
CA GLY A 83 -48.38 -16.58 43.43
C GLY A 83 -48.44 -17.48 42.22
N SER A 84 -49.34 -18.45 42.26
CA SER A 84 -49.60 -19.34 41.12
C SER A 84 -50.51 -18.63 40.11
N ASP A 85 -51.57 -17.99 40.62
CA ASP A 85 -52.41 -17.09 39.81
C ASP A 85 -51.64 -15.79 39.56
N CYS A 86 -50.58 -15.87 38.75
CA CYS A 86 -49.70 -14.74 38.48
C CYS A 86 -48.93 -14.92 37.17
N ARG A 87 -49.15 -13.99 36.23
CA ARG A 87 -48.48 -14.02 34.93
C ARG A 87 -47.06 -13.41 34.99
N VAL A 88 -46.84 -12.41 35.86
CA VAL A 88 -45.56 -11.69 35.93
C VAL A 88 -44.48 -12.40 36.74
N LYS A 89 -43.26 -12.42 36.21
CA LYS A 89 -42.11 -13.04 36.89
C LYS A 89 -41.24 -11.94 37.48
N ILE A 90 -40.71 -12.16 38.68
CA ILE A 90 -39.91 -11.14 39.38
C ILE A 90 -38.50 -11.60 39.72
N ASP A 91 -37.54 -10.71 39.52
CA ASP A 91 -36.13 -10.99 39.75
C ASP A 91 -35.52 -10.01 40.74
N THR A 92 -34.79 -10.52 41.73
CA THR A 92 -34.06 -9.66 42.66
C THR A 92 -32.65 -10.18 42.95
N LYS A 93 -31.89 -9.43 43.73
CA LYS A 93 -30.48 -9.74 43.95
C LYS A 93 -30.05 -9.40 45.36
N ALA A 94 -28.95 -10.02 45.80
CA ALA A 94 -28.29 -9.72 47.07
C ALA A 94 -26.86 -9.30 46.79
N ILE A 95 -26.37 -8.22 47.43
CA ILE A 95 -24.98 -7.76 47.20
C ILE A 95 -24.07 -7.91 48.39
N PRO A 96 -22.74 -7.96 48.14
CA PRO A 96 -21.73 -7.91 49.16
C PRO A 96 -21.09 -6.54 49.26
N LEU A 97 -21.84 -5.47 49.00
CA LEU A 97 -21.35 -4.12 49.27
C LEU A 97 -21.97 -3.56 50.52
N PHE A 98 -21.41 -2.45 51.01
CA PHE A 98 -21.90 -1.78 52.22
C PHE A 98 -21.79 -2.78 53.39
N GLY A 99 -22.66 -2.70 54.37
CA GLY A 99 -22.57 -3.64 55.49
C GLY A 99 -22.65 -5.10 55.08
N ASN A 100 -23.14 -5.34 53.86
CA ASN A 100 -23.63 -6.63 53.49
C ASN A 100 -22.56 -7.53 52.89
N SER A 101 -22.76 -8.83 53.08
CA SER A 101 -21.90 -9.85 52.50
C SER A 101 -22.81 -10.81 51.77
N LEU A 102 -22.21 -11.83 51.17
CA LEU A 102 -22.94 -12.99 50.68
C LEU A 102 -22.71 -14.19 51.60
N LYS A 103 -22.29 -13.94 52.84
CA LYS A 103 -22.23 -14.98 53.84
C LYS A 103 -23.67 -15.36 54.13
N PRO A 104 -23.90 -16.58 54.64
CA PRO A 104 -25.26 -17.10 54.82
C PRO A 104 -26.22 -16.17 55.54
N ASP A 105 -25.81 -15.61 56.66
CA ASP A 105 -26.71 -14.76 57.44
C ASP A 105 -27.17 -13.49 56.68
N SER A 106 -26.23 -12.74 56.12
CA SER A 106 -26.55 -11.55 55.33
C SER A 106 -27.42 -11.91 54.14
N LEU A 107 -27.06 -13.01 53.49
CA LEU A 107 -27.77 -13.49 52.31
C LEU A 107 -29.26 -13.65 52.60
N ARG A 108 -29.58 -14.24 53.74
CA ARG A 108 -30.96 -14.42 54.16
C ARG A 108 -31.65 -13.09 54.41
N PHE A 109 -31.03 -12.25 55.26
CA PHE A 109 -31.57 -10.90 55.58
C PHE A 109 -32.01 -10.14 54.32
N GLN A 110 -31.16 -10.20 53.30
CA GLN A 110 -31.39 -9.44 52.08
C GLN A 110 -32.56 -10.00 51.30
N LEU A 111 -32.65 -11.32 51.19
CA LEU A 111 -33.74 -11.95 50.45
C LEU A 111 -35.05 -11.79 51.22
N GLU A 112 -35.03 -12.11 52.50
CA GLU A 112 -36.22 -12.03 53.33
C GLU A 112 -36.79 -10.61 53.28
N THR A 113 -35.92 -9.60 53.25
CA THR A 113 -36.39 -8.22 53.14
C THR A 113 -36.99 -7.98 51.77
N SER A 114 -36.30 -8.41 50.72
CA SER A 114 -36.82 -8.27 49.36
C SER A 114 -38.24 -8.85 49.26
N LEU A 115 -38.46 -10.00 49.89
CA LEU A 115 -39.76 -10.66 49.89
C LEU A 115 -40.79 -9.82 50.61
N LYS A 116 -40.47 -9.38 51.83
CA LYS A 116 -41.40 -8.55 52.62
C LYS A 116 -41.77 -7.26 51.88
N ARG A 117 -40.83 -6.70 51.11
CA ARG A 117 -41.08 -5.49 50.34
C ARG A 117 -41.96 -5.78 49.14
N LEU A 118 -41.60 -6.82 48.40
CA LEU A 118 -42.34 -7.24 47.19
C LEU A 118 -43.69 -7.88 47.53
N GLN A 119 -43.95 -8.07 48.82
CA GLN A 119 -45.22 -8.63 49.31
C GLN A 119 -45.51 -9.97 48.67
N CYS A 120 -44.51 -10.84 48.67
CA CYS A 120 -44.64 -12.15 48.05
C CYS A 120 -43.86 -13.22 48.81
N PRO A 121 -44.26 -14.49 48.64
CA PRO A 121 -43.65 -15.60 49.36
C PRO A 121 -42.38 -16.07 48.69
N ARG A 122 -42.24 -15.85 47.40
CA ARG A 122 -41.02 -16.23 46.69
C ARG A 122 -40.77 -15.42 45.42
N VAL A 123 -39.49 -15.31 45.05
CA VAL A 123 -39.12 -14.65 43.82
C VAL A 123 -38.83 -15.69 42.77
N ASP A 124 -38.96 -15.31 41.51
CA ASP A 124 -38.81 -16.24 40.39
C ASP A 124 -37.34 -16.44 40.02
N LEU A 125 -36.54 -15.41 40.27
CA LEU A 125 -35.10 -15.44 40.02
C LEU A 125 -34.35 -14.67 41.12
N PHE A 126 -33.27 -15.27 41.63
CA PHE A 126 -32.50 -14.70 42.72
C PHE A 126 -31.02 -14.67 42.39
N TYR A 127 -30.49 -13.48 42.14
CA TYR A 127 -29.10 -13.33 41.74
C TYR A 127 -28.16 -13.10 42.91
N LEU A 128 -26.93 -13.57 42.77
CA LEU A 128 -25.80 -13.01 43.49
C LEU A 128 -25.33 -11.83 42.64
N HIS A 129 -25.58 -10.62 43.12
CA HIS A 129 -25.37 -9.36 42.38
C HIS A 129 -23.92 -9.16 41.92
N MET A 130 -22.98 -9.55 42.79
CA MET A 130 -21.55 -9.43 42.52
C MET A 130 -20.76 -10.42 43.36
N PRO A 131 -19.52 -10.72 42.94
CA PRO A 131 -18.65 -11.55 43.75
C PRO A 131 -18.33 -10.94 45.12
N ASP A 132 -18.32 -11.80 46.14
CA ASP A 132 -17.92 -11.43 47.50
C ASP A 132 -16.55 -12.02 47.76
N HIS A 133 -15.51 -11.29 47.33
CA HIS A 133 -14.15 -11.80 47.40
C HIS A 133 -13.65 -12.09 48.81
N SER A 134 -14.42 -11.73 49.84
CA SER A 134 -14.07 -12.04 51.23
C SER A 134 -14.83 -13.24 51.82
N THR A 135 -15.68 -13.89 51.02
CA THR A 135 -16.44 -15.05 51.47
C THR A 135 -16.27 -16.20 50.52
N PRO A 136 -15.78 -17.36 51.00
CA PRO A 136 -15.63 -18.52 50.13
C PRO A 136 -16.94 -18.82 49.44
N VAL A 137 -16.89 -19.04 48.13
CA VAL A 137 -18.10 -19.19 47.32
C VAL A 137 -18.93 -20.42 47.77
N GLU A 138 -18.25 -21.44 48.29
CA GLU A 138 -18.90 -22.61 48.85
C GLU A 138 -19.95 -22.26 49.88
N GLU A 139 -19.58 -21.42 50.84
CA GLU A 139 -20.49 -21.00 51.93
C GLU A 139 -21.75 -20.36 51.39
N THR A 140 -21.59 -19.49 50.41
CA THR A 140 -22.71 -18.80 49.81
C THR A 140 -23.70 -19.75 49.12
N LEU A 141 -23.18 -20.63 48.28
CA LEU A 141 -24.01 -21.54 47.48
C LEU A 141 -24.82 -22.51 48.36
N ARG A 142 -24.17 -23.10 49.36
CA ARG A 142 -24.86 -23.91 50.35
C ARG A 142 -26.05 -23.16 50.94
N ALA A 143 -25.83 -21.89 51.28
CA ALA A 143 -26.88 -21.04 51.82
C ALA A 143 -27.97 -20.80 50.78
N CYS A 144 -27.58 -20.63 49.52
CA CYS A 144 -28.55 -20.46 48.45
C CYS A 144 -29.40 -21.70 48.31
N HIS A 145 -28.76 -22.87 48.37
CA HIS A 145 -29.48 -24.12 48.31
C HIS A 145 -30.51 -24.18 49.45
N GLN A 146 -30.06 -23.94 50.67
CA GLN A 146 -30.93 -24.01 51.84
C GLN A 146 -32.14 -23.07 51.71
N LEU A 147 -31.92 -21.92 51.06
CA LEU A 147 -33.00 -20.96 50.82
C LEU A 147 -33.93 -21.43 49.73
N HIS A 148 -33.39 -22.14 48.74
CA HIS A 148 -34.19 -22.72 47.66
C HIS A 148 -35.05 -23.84 48.22
N GLN A 149 -34.45 -24.65 49.10
CA GLN A 149 -35.15 -25.74 49.80
C GLN A 149 -36.37 -25.21 50.55
N GLU A 150 -36.26 -23.97 51.02
CA GLU A 150 -37.35 -23.33 51.77
C GLU A 150 -38.34 -22.62 50.85
N GLY A 151 -38.10 -22.69 49.55
CA GLY A 151 -39.03 -22.17 48.56
C GLY A 151 -39.08 -20.65 48.48
N LYS A 152 -37.99 -19.99 48.87
CA LYS A 152 -37.92 -18.55 48.82
C LYS A 152 -37.66 -18.07 47.39
N PHE A 153 -37.12 -18.95 46.53
CA PHE A 153 -36.92 -18.63 45.12
C PHE A 153 -36.90 -19.85 44.21
N VAL A 154 -37.15 -19.61 42.91
CA VAL A 154 -37.24 -20.67 41.92
C VAL A 154 -35.91 -20.94 41.26
N GLU A 155 -35.31 -19.91 40.68
CA GLU A 155 -34.04 -20.04 39.94
C GLU A 155 -32.95 -19.18 40.54
N LEU A 156 -31.73 -19.71 40.51
CA LEU A 156 -30.54 -18.99 40.99
C LEU A 156 -29.86 -18.29 39.83
N GLY A 157 -29.30 -17.10 40.09
CA GLY A 157 -28.62 -16.32 39.05
C GLY A 157 -27.28 -15.75 39.48
N LEU A 158 -26.44 -15.40 38.52
CA LEU A 158 -25.15 -14.76 38.83
C LEU A 158 -25.07 -13.48 38.02
N SER A 159 -24.33 -12.52 38.54
CA SER A 159 -24.09 -11.28 37.81
C SER A 159 -22.72 -10.73 38.14
N ASN A 160 -22.02 -10.24 37.11
CA ASN A 160 -20.69 -9.66 37.26
C ASN A 160 -19.61 -10.61 37.79
N TYR A 161 -19.85 -11.91 37.67
CA TYR A 161 -18.82 -12.89 37.95
C TYR A 161 -18.03 -13.17 36.69
N ALA A 162 -16.73 -13.42 36.86
CA ALA A 162 -15.88 -13.76 35.73
C ALA A 162 -16.29 -15.14 35.23
N ALA A 163 -16.09 -15.37 33.94
CA ALA A 163 -16.42 -16.65 33.32
C ALA A 163 -15.93 -17.82 34.19
N TRP A 164 -14.69 -17.73 34.63
CA TRP A 164 -14.08 -18.81 35.37
C TRP A 164 -14.66 -18.99 36.75
N GLU A 165 -15.16 -17.91 37.34
CA GLU A 165 -15.84 -18.02 38.63
C GLU A 165 -17.18 -18.78 38.45
N VAL A 166 -17.84 -18.53 37.30
CA VAL A 166 -19.08 -19.23 36.97
C VAL A 166 -18.79 -20.71 36.82
N ALA A 167 -17.75 -21.04 36.06
CA ALA A 167 -17.34 -22.43 35.86
C ALA A 167 -17.10 -23.15 37.20
N GLU A 168 -16.44 -22.46 38.13
CA GLU A 168 -16.21 -23.00 39.46
C GLU A 168 -17.54 -23.27 40.14
N ILE A 169 -18.42 -22.26 40.17
CA ILE A 169 -19.68 -22.38 40.90
C ILE A 169 -20.50 -23.54 40.39
N CYS A 170 -20.65 -23.66 39.08
CA CYS A 170 -21.48 -24.70 38.51
C CYS A 170 -20.93 -26.10 38.81
N THR A 171 -19.61 -26.24 38.73
CA THR A 171 -19.01 -27.51 39.01
C THR A 171 -19.19 -27.91 40.47
N LEU A 172 -19.12 -26.93 41.36
CA LEU A 172 -19.32 -27.18 42.80
C LEU A 172 -20.76 -27.60 43.14
N CYS A 173 -21.72 -27.02 42.41
CA CYS A 173 -23.12 -27.37 42.60
C CYS A 173 -23.47 -28.76 42.08
N LYS A 174 -23.01 -29.10 40.88
CA LYS A 174 -23.17 -30.46 40.34
C LYS A 174 -22.69 -31.45 41.40
N SER A 175 -21.46 -31.28 41.85
CA SER A 175 -20.82 -32.23 42.73
C SER A 175 -21.29 -32.20 44.19
N ASN A 176 -21.87 -31.08 44.62
CA ASN A 176 -22.50 -31.00 45.95
C ASN A 176 -24.02 -31.10 45.91
N GLY A 177 -24.57 -31.31 44.72
CA GLY A 177 -26.01 -31.44 44.52
C GLY A 177 -26.81 -30.22 44.93
N TRP A 178 -26.22 -29.03 44.74
CA TRP A 178 -26.93 -27.79 45.00
C TRP A 178 -27.55 -27.27 43.73
N ILE A 179 -28.50 -26.36 43.89
CA ILE A 179 -29.18 -25.76 42.74
C ILE A 179 -28.13 -25.08 41.89
N LEU A 180 -28.15 -25.31 40.59
CA LEU A 180 -27.23 -24.63 39.68
C LEU A 180 -27.78 -23.25 39.28
N PRO A 181 -26.89 -22.28 39.08
CA PRO A 181 -27.36 -21.05 38.49
C PRO A 181 -27.74 -21.31 37.06
N THR A 182 -28.80 -20.67 36.61
CA THR A 182 -29.32 -20.90 35.28
C THR A 182 -29.45 -19.62 34.46
N VAL A 183 -29.17 -18.47 35.07
CA VAL A 183 -29.22 -17.18 34.40
C VAL A 183 -28.00 -16.37 34.79
N TYR A 184 -27.36 -15.75 33.80
CA TYR A 184 -26.29 -14.80 34.03
C TYR A 184 -26.77 -13.44 33.54
N GLN A 185 -26.57 -12.42 34.37
CA GLN A 185 -26.91 -11.04 34.02
C GLN A 185 -25.60 -10.27 33.86
N GLY A 186 -25.34 -9.77 32.64
CA GLY A 186 -24.05 -9.17 32.31
C GLY A 186 -24.10 -7.92 31.46
N MET A 187 -23.02 -7.16 31.53
CA MET A 187 -22.86 -5.90 30.83
C MET A 187 -22.63 -6.17 29.35
N TYR A 188 -23.60 -5.79 28.50
CA TYR A 188 -23.51 -6.05 27.06
C TYR A 188 -24.19 -4.97 26.22
N ASN A 189 -23.47 -4.43 25.25
CA ASN A 189 -24.07 -3.52 24.28
C ASN A 189 -23.22 -3.40 23.01
N ALA A 190 -23.78 -2.72 22.01
CA ALA A 190 -23.13 -2.60 20.71
C ALA A 190 -21.64 -2.17 20.78
N ILE A 191 -21.26 -1.31 21.74
CA ILE A 191 -19.88 -0.83 21.89
C ILE A 191 -19.17 -1.46 23.09
N THR A 192 -19.75 -2.51 23.69
CA THR A 192 -19.15 -3.20 24.86
C THR A 192 -19.37 -4.72 24.81
N ARG A 193 -18.37 -5.45 24.34
CA ARG A 193 -18.55 -6.85 23.95
C ARG A 193 -17.55 -7.80 24.57
N GLN A 194 -17.06 -7.49 25.77
CA GLN A 194 -16.02 -8.31 26.36
C GLN A 194 -16.59 -9.68 26.67
N VAL A 195 -17.86 -9.71 27.04
CA VAL A 195 -18.52 -10.96 27.41
C VAL A 195 -18.42 -12.02 26.33
N GLU A 196 -18.38 -11.60 25.07
CA GLU A 196 -18.34 -12.53 23.93
C GLU A 196 -17.16 -13.52 23.94
N THR A 197 -15.99 -13.09 24.36
CA THR A 197 -14.80 -13.92 24.18
C THR A 197 -14.80 -15.18 25.02
N GLU A 198 -15.08 -15.06 26.32
CA GLU A 198 -15.01 -16.21 27.21
C GLU A 198 -16.32 -16.53 27.90
N LEU A 199 -17.05 -15.51 28.34
CA LEU A 199 -18.25 -15.75 29.12
C LEU A 199 -19.28 -16.54 28.34
N PHE A 200 -19.54 -16.13 27.11
CA PHE A 200 -20.61 -16.77 26.33
C PHE A 200 -20.35 -18.27 26.10
N PRO A 201 -19.18 -18.62 25.53
CA PRO A 201 -18.79 -20.01 25.42
C PRO A 201 -19.07 -20.78 26.69
N CYS A 202 -18.68 -20.19 27.82
CA CYS A 202 -18.84 -20.81 29.13
C CYS A 202 -20.29 -20.99 29.46
N LEU A 203 -21.08 -19.94 29.29
CA LEU A 203 -22.51 -20.00 29.59
C LEU A 203 -23.21 -21.07 28.75
N ARG A 204 -22.90 -21.16 27.47
CA ARG A 204 -23.56 -22.14 26.61
C ARG A 204 -23.20 -23.53 27.07
N HIS A 205 -21.98 -23.70 27.55
CA HIS A 205 -21.50 -25.00 28.01
C HIS A 205 -22.25 -25.46 29.25
N PHE A 206 -22.46 -24.55 30.19
CA PHE A 206 -23.12 -24.91 31.45
C PHE A 206 -24.62 -24.66 31.43
N GLY A 207 -25.11 -24.14 30.31
CA GLY A 207 -26.54 -24.01 30.04
C GLY A 207 -27.20 -22.83 30.72
N LEU A 208 -26.43 -21.78 30.97
CA LEU A 208 -27.02 -20.56 31.49
C LEU A 208 -27.50 -19.66 30.34
N ARG A 209 -28.60 -18.95 30.58
CA ARG A 209 -29.07 -17.96 29.62
C ARG A 209 -28.60 -16.59 30.06
N PHE A 210 -28.38 -15.72 29.10
CA PHE A 210 -27.73 -14.44 29.38
C PHE A 210 -28.75 -13.30 29.27
N TYR A 211 -28.81 -12.47 30.31
CA TYR A 211 -29.63 -11.26 30.31
C TYR A 211 -28.73 -10.02 30.25
N ALA A 212 -28.91 -9.21 29.20
CA ALA A 212 -28.06 -8.03 28.99
C ALA A 212 -28.53 -6.82 29.77
N PHE A 213 -27.61 -6.18 30.50
CA PHE A 213 -27.86 -4.87 31.07
C PHE A 213 -26.92 -3.85 30.44
N ASN A 214 -27.17 -2.56 30.70
CA ASN A 214 -26.49 -1.48 30.02
C ASN A 214 -26.64 -1.54 28.48
N PRO A 215 -27.81 -1.95 27.99
CA PRO A 215 -27.92 -2.10 26.54
C PRO A 215 -27.75 -0.80 25.74
N LEU A 216 -27.98 0.33 26.38
CA LEU A 216 -27.72 1.63 25.73
C LEU A 216 -26.50 2.32 26.35
N ALA A 217 -25.64 1.56 27.01
CA ALA A 217 -24.52 2.13 27.74
C ALA A 217 -24.96 3.31 28.61
N GLY A 218 -26.01 3.11 29.39
CA GLY A 218 -26.51 4.13 30.30
C GLY A 218 -27.23 5.28 29.62
N GLY A 219 -27.53 5.12 28.34
CA GLY A 219 -28.05 6.22 27.55
C GLY A 219 -27.03 6.84 26.61
N LEU A 220 -25.74 6.52 26.77
CA LEU A 220 -24.71 7.10 25.89
C LEU A 220 -25.00 6.79 24.42
N LEU A 221 -25.47 5.57 24.16
CA LEU A 221 -25.76 5.15 22.79
C LEU A 221 -27.07 5.72 22.22
N THR A 222 -27.81 6.50 23.00
CA THR A 222 -28.94 7.26 22.45
C THR A 222 -28.41 8.44 21.63
N GLY A 223 -27.15 8.82 21.86
CA GLY A 223 -26.49 9.86 21.06
C GLY A 223 -26.89 11.26 21.48
N LYS A 224 -27.43 11.39 22.69
CA LYS A 224 -27.93 12.68 23.17
C LYS A 224 -26.86 13.51 23.84
N TYR A 225 -25.72 12.91 24.14
CA TYR A 225 -24.61 13.61 24.75
C TYR A 225 -23.54 13.89 23.70
N LYS A 226 -22.71 14.90 23.96
CA LYS A 226 -21.46 15.14 23.23
C LYS A 226 -20.30 15.20 24.25
N TYR A 227 -19.13 14.66 23.89
CA TYR A 227 -17.99 14.53 24.84
C TYR A 227 -17.73 15.80 25.66
N GLU A 228 -17.87 16.95 25.02
CA GLU A 228 -17.53 18.25 25.60
C GLU A 228 -18.47 18.68 26.75
N ASP A 229 -19.50 17.89 27.04
CA ASP A 229 -20.48 18.21 28.09
C ASP A 229 -19.93 18.05 29.49
N LYS A 230 -18.92 17.19 29.67
CA LYS A 230 -18.29 16.98 30.98
C LYS A 230 -17.71 18.27 31.54
N ASP A 231 -17.26 19.16 30.66
CA ASP A 231 -16.64 20.45 31.03
C ASP A 231 -17.64 21.58 31.19
N GLY A 232 -18.82 21.46 30.59
CA GLY A 232 -19.77 22.58 30.55
C GLY A 232 -21.20 22.24 30.93
N LYS A 233 -21.93 21.68 29.96
CA LYS A 233 -23.40 21.51 30.08
C LYS A 233 -23.81 20.62 31.25
N GLN A 234 -23.08 19.51 31.44
CA GLN A 234 -23.32 18.57 32.55
C GLN A 234 -24.79 18.28 32.83
N PRO A 235 -25.52 17.72 31.86
CA PRO A 235 -26.98 17.53 31.96
C PRO A 235 -27.40 16.46 32.99
N VAL A 236 -28.17 16.88 33.99
CA VAL A 236 -28.66 15.98 35.03
C VAL A 236 -29.20 14.71 34.40
N GLY A 237 -28.49 13.61 34.58
CA GLY A 237 -28.90 12.31 34.04
C GLY A 237 -28.14 11.16 34.70
N ARG A 238 -27.97 10.08 33.96
CA ARG A 238 -27.20 8.94 34.42
C ARG A 238 -25.74 9.33 34.65
N PHE A 239 -25.24 10.24 33.84
CA PHE A 239 -23.83 10.58 33.86
C PHE A 239 -23.51 11.83 34.65
N PHE A 240 -24.53 12.49 35.20
CA PHE A 240 -24.29 13.75 35.94
C PHE A 240 -25.22 13.90 37.14
N GLY A 241 -24.63 14.31 38.26
CA GLY A 241 -25.39 14.75 39.42
C GLY A 241 -26.07 13.67 40.23
N ASN A 242 -25.45 12.50 40.32
CA ASN A 242 -25.87 11.47 41.27
C ASN A 242 -24.68 10.72 41.80
N THR A 243 -24.92 9.92 42.83
CA THR A 243 -23.85 9.17 43.50
C THR A 243 -22.95 8.39 42.51
N TRP A 244 -23.57 7.77 41.53
CA TRP A 244 -22.87 6.88 40.62
C TRP A 244 -22.48 7.54 39.32
N ALA A 245 -22.78 8.83 39.19
CA ALA A 245 -22.42 9.61 38.01
C ALA A 245 -20.98 9.35 37.59
N GLU A 246 -20.03 9.46 38.52
CA GLU A 246 -18.62 9.33 38.17
C GLU A 246 -18.26 7.92 37.72
N MET A 247 -18.82 6.92 38.37
CA MET A 247 -18.54 5.56 37.92
C MET A 247 -18.91 5.39 36.45
N TYR A 248 -20.12 5.82 36.10
CA TYR A 248 -20.60 5.66 34.74
C TYR A 248 -19.74 6.44 33.77
N ARG A 249 -19.22 7.58 34.20
CA ARG A 249 -18.28 8.35 33.36
C ARG A 249 -16.99 7.57 33.11
N ASN A 250 -16.45 6.96 34.16
CA ASN A 250 -15.25 6.14 34.02
C ASN A 250 -15.49 4.90 33.18
N ARG A 251 -16.74 4.43 33.13
CA ARG A 251 -17.09 3.27 32.34
C ARG A 251 -17.19 3.61 30.84
N TYR A 252 -18.03 4.60 30.50
CA TYR A 252 -18.42 4.83 29.11
C TYR A 252 -18.02 6.17 28.51
N TRP A 253 -17.78 7.20 29.33
CA TRP A 253 -17.53 8.55 28.82
C TRP A 253 -16.07 8.72 28.40
N LYS A 254 -15.67 8.04 27.33
CA LYS A 254 -14.34 8.17 26.76
C LYS A 254 -14.41 8.85 25.38
N GLU A 255 -13.32 9.49 24.95
CA GLU A 255 -13.29 10.17 23.64
C GLU A 255 -13.55 9.17 22.50
N HIS A 256 -12.87 8.03 22.54
CA HIS A 256 -13.05 6.99 21.49
C HIS A 256 -14.47 6.43 21.40
N HIS A 257 -15.23 6.45 22.49
CA HIS A 257 -16.63 6.06 22.42
C HIS A 257 -17.42 7.04 21.56
N PHE A 258 -17.21 8.34 21.78
CA PHE A 258 -17.95 9.36 21.05
C PHE A 258 -17.59 9.38 19.56
N GLU A 259 -16.35 9.03 19.23
CA GLU A 259 -15.95 8.79 17.84
C GLU A 259 -16.86 7.74 17.22
N GLY A 260 -17.04 6.63 17.96
CA GLY A 260 -17.78 5.47 17.50
C GLY A 260 -19.26 5.70 17.29
N ILE A 261 -19.86 6.49 18.16
CA ILE A 261 -21.25 6.92 17.96
C ILE A 261 -21.39 7.78 16.70
N ALA A 262 -20.45 8.69 16.49
CA ALA A 262 -20.41 9.50 15.29
C ALA A 262 -20.32 8.64 14.04
N LEU A 263 -19.46 7.63 14.10
CA LEU A 263 -19.24 6.72 12.98
C LEU A 263 -20.53 6.01 12.60
N VAL A 264 -21.30 5.59 13.60
CA VAL A 264 -22.60 4.93 13.38
C VAL A 264 -23.65 5.92 12.85
N GLU A 265 -23.68 7.12 13.41
CA GLU A 265 -24.62 8.15 12.97
C GLU A 265 -24.42 8.51 11.49
N LYS A 266 -23.16 8.56 11.05
CA LYS A 266 -22.83 8.82 9.64
C LYS A 266 -23.26 7.65 8.76
N ALA A 267 -23.03 6.43 9.25
CA ALA A 267 -23.42 5.22 8.54
C ALA A 267 -24.95 5.08 8.42
N LEU A 268 -25.67 5.57 9.43
CA LEU A 268 -27.14 5.57 9.40
C LEU A 268 -27.69 6.49 8.34
N GLN A 269 -27.23 7.75 8.32
CA GLN A 269 -27.67 8.72 7.29
C GLN A 269 -27.31 8.23 5.89
N ALA A 270 -26.16 7.59 5.75
CA ALA A 270 -25.68 7.08 4.46
C ALA A 270 -26.57 5.99 3.87
N ALA A 271 -26.94 5.01 4.70
CA ALA A 271 -27.68 3.84 4.21
C ALA A 271 -29.22 4.02 4.24
N TYR A 272 -29.73 4.95 5.04
CA TYR A 272 -31.18 5.14 5.21
C TYR A 272 -31.65 6.55 4.79
N GLY A 273 -30.79 7.55 4.90
CA GLY A 273 -31.12 8.92 4.48
C GLY A 273 -32.08 9.65 5.40
N ALA A 274 -33.09 10.27 4.81
CA ALA A 274 -34.16 10.96 5.55
C ALA A 274 -34.93 10.00 6.44
N SER A 275 -35.17 8.79 5.95
CA SER A 275 -35.93 7.79 6.68
C SER A 275 -35.12 7.12 7.80
N ALA A 276 -33.95 7.68 8.12
CA ALA A 276 -33.05 7.07 9.12
C ALA A 276 -33.67 7.03 10.52
N PRO A 277 -33.55 5.89 11.21
CA PRO A 277 -34.07 5.80 12.57
C PRO A 277 -33.13 6.46 13.60
N SER A 278 -33.68 6.79 14.76
CA SER A 278 -32.86 7.28 15.88
C SER A 278 -31.90 6.18 16.24
N MET A 279 -30.74 6.53 16.78
CA MET A 279 -29.76 5.49 17.08
C MET A 279 -29.90 4.96 18.49
N THR A 280 -30.89 5.47 19.22
CA THR A 280 -31.49 4.73 20.30
C THR A 280 -32.05 3.45 19.73
N SER A 281 -32.82 3.61 18.65
CA SER A 281 -33.48 2.50 17.98
C SER A 281 -32.46 1.57 17.36
N ALA A 282 -31.49 2.15 16.65
CA ALA A 282 -30.42 1.37 16.01
C ALA A 282 -29.66 0.51 17.01
N THR A 283 -29.30 1.11 18.14
CA THR A 283 -28.55 0.43 19.18
C THR A 283 -29.30 -0.76 19.79
N LEU A 284 -30.59 -0.56 20.06
CA LEU A 284 -31.42 -1.65 20.59
C LEU A 284 -31.59 -2.76 19.56
N ARG A 285 -31.85 -2.37 18.32
CA ARG A 285 -32.02 -3.33 17.25
C ARG A 285 -30.78 -4.17 17.04
N TRP A 286 -29.60 -3.61 17.33
CA TRP A 286 -28.35 -4.38 17.26
C TRP A 286 -28.38 -5.54 18.24
N MET A 287 -28.86 -5.26 19.46
CA MET A 287 -28.91 -6.28 20.51
C MET A 287 -29.87 -7.39 20.14
N TYR A 288 -31.05 -6.99 19.68
CA TYR A 288 -32.10 -7.95 19.39
C TYR A 288 -31.76 -8.81 18.16
N HIS A 289 -31.19 -8.20 17.13
CA HIS A 289 -31.01 -8.88 15.85
C HIS A 289 -29.57 -9.32 15.52
N HIS A 290 -28.57 -8.55 15.92
CA HIS A 290 -27.21 -8.79 15.44
C HIS A 290 -26.15 -9.10 16.49
N SER A 291 -26.58 -9.33 17.73
CA SER A 291 -25.64 -9.64 18.80
C SER A 291 -25.50 -11.16 18.89
N GLN A 292 -24.81 -11.62 19.93
CA GLN A 292 -24.69 -13.05 20.21
C GLN A 292 -25.88 -13.57 21.02
N LEU A 293 -26.77 -12.68 21.46
CA LEU A 293 -27.95 -13.09 22.20
C LEU A 293 -28.75 -14.01 21.30
N GLN A 294 -29.38 -15.03 21.88
CA GLN A 294 -30.19 -15.95 21.11
C GLN A 294 -31.49 -16.27 21.82
N GLY A 295 -32.61 -15.88 21.20
CA GLY A 295 -33.93 -16.21 21.71
C GLY A 295 -34.06 -17.69 22.00
N ALA A 296 -33.55 -18.52 21.09
CA ALA A 296 -33.52 -19.98 21.28
C ALA A 296 -33.09 -20.43 22.69
N HIS A 297 -32.04 -19.81 23.23
CA HIS A 297 -31.51 -20.20 24.55
C HIS A 297 -32.15 -19.44 25.72
N GLY A 298 -33.10 -18.56 25.43
CA GLY A 298 -33.82 -17.81 26.44
C GLY A 298 -33.12 -16.53 26.85
N ASP A 299 -32.21 -16.04 26.01
CA ASP A 299 -31.50 -14.81 26.32
C ASP A 299 -32.46 -13.65 26.28
N ALA A 300 -32.15 -12.58 27.02
CA ALA A 300 -33.02 -11.41 27.10
C ALA A 300 -32.22 -10.12 27.10
N VAL A 301 -32.92 -9.02 26.87
CA VAL A 301 -32.36 -7.69 27.03
C VAL A 301 -33.12 -7.03 28.16
N ILE A 302 -32.40 -6.50 29.15
CA ILE A 302 -33.04 -5.73 30.21
C ILE A 302 -33.05 -4.25 29.77
N LEU A 303 -34.22 -3.70 29.55
CA LEU A 303 -34.31 -2.34 29.08
C LEU A 303 -34.25 -1.39 30.26
N GLY A 304 -33.53 -0.29 30.07
CA GLY A 304 -33.48 0.79 31.05
C GLY A 304 -34.23 2.01 30.58
N MET A 305 -34.74 2.80 31.54
CA MET A 305 -35.44 4.05 31.25
C MET A 305 -35.53 4.88 32.51
N SER A 306 -35.57 6.20 32.34
CA SER A 306 -35.82 7.11 33.44
C SER A 306 -37.18 7.81 33.29
N SER A 307 -37.91 7.52 32.21
CA SER A 307 -39.23 8.12 31.98
C SER A 307 -40.12 7.20 31.14
N LEU A 308 -41.42 7.54 31.08
CA LEU A 308 -42.37 6.76 30.29
C LEU A 308 -42.18 7.00 28.79
N GLU A 309 -41.94 8.26 28.42
CA GLU A 309 -41.66 8.62 27.02
C GLU A 309 -40.44 7.84 26.48
N GLN A 310 -39.50 7.53 27.34
CA GLN A 310 -38.34 6.72 26.98
C GLN A 310 -38.68 5.24 26.82
N LEU A 311 -39.53 4.71 27.67
CA LEU A 311 -39.89 3.31 27.60
C LEU A 311 -40.66 3.00 26.31
N GLU A 312 -41.70 3.80 26.04
CA GLU A 312 -42.48 3.65 24.81
C GLU A 312 -41.56 3.72 23.59
N GLN A 313 -40.61 4.66 23.63
CA GLN A 313 -39.61 4.84 22.57
C GLN A 313 -38.79 3.57 22.38
N ASN A 314 -38.40 2.96 23.50
CA ASN A 314 -37.55 1.76 23.49
C ASN A 314 -38.31 0.48 23.12
N LEU A 315 -39.48 0.29 23.72
CA LEU A 315 -40.30 -0.90 23.43
C LEU A 315 -40.65 -1.00 21.93
N ALA A 316 -40.78 0.16 21.28
CA ALA A 316 -40.98 0.24 19.84
C ALA A 316 -39.78 -0.33 19.10
N ALA A 317 -38.61 0.19 19.43
CA ALA A 317 -37.35 -0.28 18.84
C ALA A 317 -37.12 -1.79 19.02
N ALA A 318 -37.57 -2.34 20.15
CA ALA A 318 -37.46 -3.78 20.41
C ALA A 318 -38.15 -4.60 19.32
N GLU A 319 -39.34 -4.16 18.92
CA GLU A 319 -40.14 -4.86 17.93
C GLU A 319 -39.73 -4.57 16.50
N GLU A 320 -39.00 -3.48 16.28
CA GLU A 320 -38.48 -3.17 14.94
C GLU A 320 -37.57 -4.29 14.41
N GLY A 321 -37.40 -4.33 13.10
CA GLY A 321 -36.65 -5.40 12.43
C GLY A 321 -35.16 -5.15 12.40
N PRO A 322 -34.41 -6.03 11.70
CA PRO A 322 -32.95 -5.93 11.62
C PRO A 322 -32.46 -4.73 10.80
N LEU A 323 -31.15 -4.50 10.82
CA LEU A 323 -30.52 -3.34 10.22
C LEU A 323 -29.76 -3.71 8.95
N GLU A 324 -29.59 -2.74 8.06
CA GLU A 324 -28.78 -2.92 6.86
C GLU A 324 -27.36 -3.33 7.23
N PRO A 325 -26.72 -4.19 6.42
CA PRO A 325 -25.40 -4.72 6.79
C PRO A 325 -24.32 -3.67 6.94
N ALA A 326 -24.40 -2.58 6.16
CA ALA A 326 -23.44 -1.48 6.22
C ALA A 326 -23.43 -0.77 7.59
N VAL A 327 -24.58 -0.74 8.25
CA VAL A 327 -24.70 -0.19 9.61
C VAL A 327 -24.13 -1.15 10.67
N VAL A 328 -24.44 -2.43 10.54
CA VAL A 328 -23.87 -3.44 11.43
C VAL A 328 -22.35 -3.42 11.33
N ASP A 329 -21.82 -3.18 10.14
CA ASP A 329 -20.37 -3.04 9.94
C ASP A 329 -19.82 -1.83 10.69
N ALA A 330 -20.60 -0.75 10.70
CA ALA A 330 -20.17 0.50 11.35
C ALA A 330 -20.13 0.34 12.86
N PHE A 331 -21.15 -0.33 13.43
CA PHE A 331 -21.14 -0.70 14.85
C PHE A 331 -19.93 -1.52 15.19
N ASN A 332 -19.65 -2.50 14.34
CA ASN A 332 -18.47 -3.34 14.50
C ASN A 332 -17.17 -2.50 14.44
N GLN A 333 -17.11 -1.56 13.51
CA GLN A 333 -15.96 -0.67 13.41
C GLN A 333 -15.81 0.20 14.66
N ALA A 334 -16.94 0.62 15.23
CA ALA A 334 -16.95 1.46 16.42
C ALA A 334 -16.50 0.67 17.64
N TRP A 335 -16.90 -0.59 17.73
CA TRP A 335 -16.47 -1.47 18.80
C TRP A 335 -14.95 -1.65 18.73
N HIS A 336 -14.43 -1.87 17.53
CA HIS A 336 -12.97 -2.02 17.35
C HIS A 336 -12.21 -0.77 17.78
N LEU A 337 -12.88 0.37 17.69
CA LEU A 337 -12.32 1.64 18.12
C LEU A 337 -12.08 1.67 19.63
N VAL A 338 -13.02 1.11 20.40
CA VAL A 338 -13.00 1.22 21.87
C VAL A 338 -12.61 -0.05 22.59
N ALA A 339 -12.39 -1.14 21.86
CA ALA A 339 -12.19 -2.45 22.49
C ALA A 339 -11.04 -2.46 23.49
N HIS A 340 -9.95 -1.77 23.17
CA HIS A 340 -8.79 -1.67 24.05
C HIS A 340 -9.07 -0.97 25.37
N GLU A 341 -10.03 -0.03 25.37
CA GLU A 341 -10.42 0.75 26.56
C GLU A 341 -11.78 0.28 27.12
N CYS A 342 -12.09 -0.99 26.93
CA CYS A 342 -13.41 -1.52 27.27
C CYS A 342 -13.48 -1.92 28.74
N PRO A 343 -14.60 -1.59 29.40
CA PRO A 343 -14.76 -1.95 30.80
C PRO A 343 -14.91 -3.43 31.02
N ASN A 344 -14.38 -3.94 32.11
CA ASN A 344 -14.57 -5.36 32.47
C ASN A 344 -16.02 -5.68 32.82
N TYR A 345 -16.46 -6.88 32.43
CA TYR A 345 -17.82 -7.31 32.72
C TYR A 345 -17.95 -7.84 34.13
N PHE A 346 -16.84 -7.90 34.86
CA PHE A 346 -16.79 -8.55 36.17
C PHE A 346 -16.13 -7.67 37.24
N ARG A 347 -16.66 -7.77 38.46
CA ARG A 347 -16.16 -7.05 39.65
C ARG A 347 -15.40 -8.03 40.59
N ARG B 25 14.17 -12.06 36.27
CA ARG B 25 13.89 -13.01 37.39
C ARG B 25 13.07 -14.26 36.92
N PRO B 26 12.15 -14.08 35.98
CA PRO B 26 11.32 -15.11 35.31
C PRO B 26 12.16 -16.15 34.55
N ALA B 27 11.81 -17.42 34.71
CA ALA B 27 12.61 -18.54 34.17
C ALA B 27 12.68 -18.55 32.64
N THR B 28 13.60 -19.35 32.09
CA THR B 28 13.69 -19.54 30.64
C THR B 28 13.67 -21.02 30.27
N VAL B 29 12.76 -21.38 29.38
CA VAL B 29 12.60 -22.77 28.94
C VAL B 29 12.93 -22.87 27.45
N LEU B 30 13.53 -23.99 27.03
CA LEU B 30 13.93 -24.15 25.62
C LEU B 30 12.82 -24.71 24.75
N GLY B 31 12.40 -23.92 23.75
CA GLY B 31 11.39 -24.35 22.81
C GLY B 31 11.95 -25.27 21.74
N ALA B 32 11.58 -26.55 21.82
CA ALA B 32 12.14 -27.59 20.94
C ALA B 32 11.25 -27.91 19.73
N MET B 33 10.45 -26.95 19.29
CA MET B 33 9.52 -27.19 18.22
C MET B 33 10.22 -27.34 16.87
N GLU B 34 11.23 -26.51 16.63
CA GLU B 34 11.91 -26.47 15.33
C GLU B 34 12.99 -27.55 15.19
N MET B 35 13.22 -28.31 16.25
CA MET B 35 14.15 -29.43 16.22
C MET B 35 13.55 -30.57 15.42
N GLY B 36 14.23 -30.96 14.35
CA GLY B 36 13.71 -31.95 13.42
C GLY B 36 13.08 -31.32 12.19
N ARG B 37 12.71 -30.05 12.28
CA ARG B 37 12.10 -29.31 11.18
C ARG B 37 13.14 -28.40 10.53
N ARG B 38 13.40 -27.24 11.10
CA ARG B 38 14.39 -26.30 10.56
C ARG B 38 15.82 -26.61 11.03
N MET B 39 15.96 -27.20 12.21
CA MET B 39 17.27 -27.54 12.76
C MET B 39 17.47 -29.05 12.65
N ASP B 40 18.57 -29.48 12.05
CA ASP B 40 18.91 -30.92 11.99
C ASP B 40 19.37 -31.41 13.36
N ALA B 41 19.69 -32.71 13.46
CA ALA B 41 20.14 -33.31 14.73
C ALA B 41 21.36 -32.59 15.35
N PRO B 42 22.44 -32.43 14.58
CA PRO B 42 23.60 -31.65 15.00
C PRO B 42 23.32 -30.22 15.47
N THR B 43 22.59 -29.44 14.68
CA THR B 43 22.26 -28.06 15.07
C THR B 43 21.45 -28.01 16.37
N SER B 44 20.57 -28.99 16.55
CA SER B 44 19.73 -29.06 17.74
C SER B 44 20.53 -29.43 18.99
N ALA B 45 21.47 -30.36 18.85
CA ALA B 45 22.36 -30.73 19.95
C ALA B 45 23.22 -29.54 20.38
N ALA B 46 23.72 -28.80 19.40
CA ALA B 46 24.51 -27.59 19.64
C ALA B 46 23.71 -26.57 20.43
N VAL B 47 22.47 -26.36 20.02
CA VAL B 47 21.58 -25.43 20.69
C VAL B 47 21.28 -25.84 22.14
N THR B 48 21.03 -27.13 22.35
CA THR B 48 20.82 -27.66 23.70
C THR B 48 22.06 -27.47 24.58
N ARG B 49 23.24 -27.70 24.02
CA ARG B 49 24.50 -27.47 24.74
C ARG B 49 24.62 -26.02 25.16
N ALA B 50 24.34 -25.10 24.24
CA ALA B 50 24.41 -23.67 24.48
C ALA B 50 23.45 -23.24 25.58
N PHE B 51 22.21 -23.71 25.45
CA PHE B 51 21.14 -23.41 26.40
C PHE B 51 21.49 -23.83 27.82
N LEU B 52 22.00 -25.05 27.98
CA LEU B 52 22.35 -25.56 29.30
C LEU B 52 23.59 -24.88 29.87
N GLU B 53 24.54 -24.53 29.00
CA GLU B 53 25.77 -23.83 29.40
C GLU B 53 25.54 -22.39 29.88
N ARG B 54 24.30 -21.89 29.78
CA ARG B 54 23.89 -20.64 30.44
C ARG B 54 23.19 -20.91 31.77
N GLY B 55 23.20 -22.16 32.23
CA GLY B 55 22.62 -22.51 33.52
C GLY B 55 21.12 -22.78 33.52
N HIS B 56 20.47 -22.69 32.37
CA HIS B 56 19.02 -23.00 32.27
C HIS B 56 18.83 -24.50 32.31
N THR B 57 17.59 -24.93 32.52
CA THR B 57 17.34 -26.29 32.98
C THR B 57 16.25 -27.09 32.22
N GLU B 58 15.20 -26.42 31.76
CA GLU B 58 13.97 -27.09 31.30
C GLU B 58 13.74 -26.96 29.78
N ILE B 59 13.20 -28.02 29.17
CA ILE B 59 12.97 -28.08 27.71
C ILE B 59 11.55 -28.47 27.38
N ASP B 60 10.97 -27.75 26.42
CA ASP B 60 9.59 -27.96 25.98
C ASP B 60 9.51 -28.59 24.59
N THR B 61 8.93 -29.78 24.53
CA THR B 61 8.66 -30.45 23.28
C THR B 61 7.21 -30.96 23.32
N ALA B 62 6.84 -31.75 22.32
CA ALA B 62 5.48 -32.26 22.15
C ALA B 62 5.44 -33.47 21.23
N PHE B 63 4.48 -34.36 21.50
CA PHE B 63 4.29 -35.57 20.71
C PHE B 63 4.26 -35.30 19.19
N VAL B 64 3.69 -34.15 18.83
CA VAL B 64 3.35 -33.87 17.45
C VAL B 64 4.46 -33.10 16.71
N TYR B 65 5.40 -32.53 17.45
CA TYR B 65 6.40 -31.64 16.84
C TYR B 65 7.29 -32.40 15.85
N SER B 66 7.44 -31.80 14.66
CA SER B 66 8.16 -32.39 13.53
C SER B 66 7.96 -33.91 13.39
N GLU B 67 6.68 -34.30 13.30
CA GLU B 67 6.24 -35.71 13.14
C GLU B 67 6.90 -36.67 14.12
N GLY B 68 7.29 -36.15 15.29
CA GLY B 68 8.00 -36.93 16.30
C GLY B 68 9.51 -36.86 16.30
N GLN B 69 10.11 -36.19 15.30
CA GLN B 69 11.56 -36.11 15.18
C GLN B 69 12.18 -35.24 16.31
N SER B 70 11.39 -34.29 16.84
CA SER B 70 11.84 -33.46 17.97
C SER B 70 12.15 -34.31 19.20
N GLU B 71 11.14 -35.01 19.69
CA GLU B 71 11.31 -35.89 20.85
C GLU B 71 12.41 -36.94 20.64
N THR B 72 12.55 -37.44 19.41
CA THR B 72 13.56 -38.46 19.11
C THR B 72 14.98 -37.90 19.14
N ILE B 73 15.15 -36.67 18.68
CA ILE B 73 16.44 -35.99 18.73
C ILE B 73 16.89 -35.84 20.18
N LEU B 74 16.05 -35.21 20.99
CA LEU B 74 16.32 -34.97 22.42
C LEU B 74 16.62 -36.26 23.16
N GLY B 75 15.85 -37.31 22.86
CA GLY B 75 16.04 -38.62 23.46
C GLY B 75 17.39 -39.23 23.15
N GLY B 76 17.99 -38.81 22.06
CA GLY B 76 19.31 -39.30 21.65
C GLY B 76 20.46 -38.36 21.96
N LEU B 77 20.28 -37.42 22.88
CA LEU B 77 21.37 -36.53 23.30
C LEU B 77 22.06 -37.03 24.58
N GLY B 78 21.74 -38.25 25.01
CA GLY B 78 22.35 -38.86 26.18
C GLY B 78 22.24 -38.02 27.44
N LEU B 79 21.08 -37.38 27.61
CA LEU B 79 20.81 -36.58 28.80
C LEU B 79 20.23 -37.41 29.93
N ARG B 80 20.17 -38.74 29.76
CA ARG B 80 19.65 -39.63 30.77
C ARG B 80 18.37 -39.06 31.39
N LEU B 81 17.47 -38.59 30.53
CA LEU B 81 16.26 -37.87 30.97
C LEU B 81 15.40 -38.68 31.93
N GLY B 82 14.64 -37.98 32.77
CA GLY B 82 13.71 -38.62 33.71
C GLY B 82 14.37 -39.39 34.82
N GLY B 83 15.67 -39.58 34.68
CA GLY B 83 16.45 -40.26 35.67
C GLY B 83 16.65 -39.36 36.87
N SER B 84 17.18 -39.95 37.92
CA SER B 84 17.53 -39.20 39.11
C SER B 84 18.87 -38.50 38.94
N ASP B 85 19.85 -39.20 38.36
CA ASP B 85 21.10 -38.59 37.92
C ASP B 85 20.83 -37.79 36.63
N CYS B 86 20.09 -36.68 36.78
CA CYS B 86 19.67 -35.86 35.65
C CYS B 86 19.32 -34.42 36.06
N ARG B 87 20.06 -33.46 35.52
CA ARG B 87 19.86 -32.04 35.83
C ARG B 87 18.70 -31.43 35.02
N VAL B 88 18.49 -31.92 33.80
CA VAL B 88 17.49 -31.33 32.88
C VAL B 88 16.06 -31.82 33.13
N LYS B 89 15.11 -30.89 33.10
CA LYS B 89 13.69 -31.20 33.25
C LYS B 89 13.04 -31.18 31.85
N ILE B 90 12.25 -32.19 31.52
CA ILE B 90 11.67 -32.33 30.16
C ILE B 90 10.14 -32.23 30.17
N ASP B 91 9.59 -31.52 29.17
CA ASP B 91 8.15 -31.30 29.05
C ASP B 91 7.63 -31.82 27.73
N THR B 92 6.51 -32.55 27.74
CA THR B 92 5.86 -32.99 26.51
C THR B 92 4.34 -32.86 26.61
N LYS B 93 3.65 -33.12 25.50
CA LYS B 93 2.20 -32.88 25.41
C LYS B 93 1.49 -33.95 24.58
N ALA B 94 0.19 -34.10 24.82
CA ALA B 94 -0.68 -34.97 24.02
C ALA B 94 -1.78 -34.14 23.38
N ILE B 95 -2.05 -34.31 22.08
CA ILE B 95 -3.10 -33.52 21.41
C ILE B 95 -4.34 -34.31 21.01
N PRO B 96 -5.46 -33.60 20.84
CA PRO B 96 -6.65 -34.16 20.26
C PRO B 96 -6.85 -33.76 18.79
N LEU B 97 -5.76 -33.56 18.05
CA LEU B 97 -5.86 -33.35 16.59
C LEU B 97 -5.47 -34.62 15.85
N PHE B 98 -5.81 -34.64 14.56
CA PHE B 98 -5.50 -35.78 13.70
C PHE B 98 -6.24 -36.99 14.23
N GLY B 99 -5.70 -38.18 14.07
CA GLY B 99 -6.41 -39.35 14.62
C GLY B 99 -6.71 -39.29 16.12
N ASN B 100 -5.99 -38.40 16.80
CA ASN B 100 -5.81 -38.49 18.22
C ASN B 100 -6.91 -37.77 18.97
N SER B 101 -7.17 -38.28 20.17
CA SER B 101 -8.07 -37.66 21.11
C SER B 101 -7.33 -37.53 22.42
N LEU B 102 -8.02 -36.97 23.41
CA LEU B 102 -7.57 -37.00 24.79
C LEU B 102 -8.40 -37.98 25.61
N LYS B 103 -9.05 -38.92 24.92
CA LYS B 103 -9.70 -40.05 25.59
C LYS B 103 -8.59 -40.91 26.17
N PRO B 104 -8.90 -41.70 27.21
CA PRO B 104 -7.88 -42.46 27.93
C PRO B 104 -6.91 -43.24 27.04
N ASP B 105 -7.44 -44.01 26.10
CA ASP B 105 -6.59 -44.86 25.30
C ASP B 105 -5.59 -44.08 24.48
N SER B 106 -6.05 -43.09 23.73
CA SER B 106 -5.17 -42.24 22.91
C SER B 106 -4.13 -41.55 23.80
N LEU B 107 -4.62 -41.04 24.92
CA LEU B 107 -3.79 -40.31 25.86
C LEU B 107 -2.57 -41.15 26.21
N ARG B 108 -2.78 -42.42 26.52
CA ARG B 108 -1.70 -43.33 26.86
C ARG B 108 -0.75 -43.54 25.70
N PHE B 109 -1.28 -43.92 24.54
CA PHE B 109 -0.47 -44.14 23.32
C PHE B 109 0.49 -42.98 23.07
N GLN B 110 0.00 -41.75 23.24
CA GLN B 110 0.80 -40.57 22.96
C GLN B 110 1.94 -40.39 23.96
N LEU B 111 1.62 -40.54 25.25
CA LEU B 111 2.64 -40.41 26.28
C LEU B 111 3.66 -41.53 26.19
N GLU B 112 3.17 -42.76 26.11
CA GLU B 112 4.03 -43.93 26.05
C GLU B 112 5.01 -43.83 24.87
N THR B 113 4.54 -43.28 23.76
CA THR B 113 5.42 -43.05 22.61
C THR B 113 6.44 -41.96 22.92
N SER B 114 5.97 -40.85 23.49
CA SER B 114 6.88 -39.76 23.89
C SER B 114 8.04 -40.30 24.77
N LEU B 115 7.71 -41.20 25.69
CA LEU B 115 8.67 -41.80 26.59
C LEU B 115 9.68 -42.66 25.83
N LYS B 116 9.17 -43.56 24.99
CA LYS B 116 10.03 -44.42 24.17
C LYS B 116 10.96 -43.61 23.26
N ARG B 117 10.50 -42.48 22.76
CA ARG B 117 11.32 -41.59 21.92
C ARG B 117 12.38 -40.88 22.74
N LEU B 118 11.95 -40.28 23.84
CA LEU B 118 12.82 -39.54 24.75
C LEU B 118 13.77 -40.46 25.54
N GLN B 119 13.56 -41.78 25.41
CA GLN B 119 14.40 -42.77 26.06
C GLN B 119 14.43 -42.57 27.57
N CYS B 120 13.26 -42.40 28.15
CA CYS B 120 13.16 -42.14 29.59
C CYS B 120 11.93 -42.82 30.18
N PRO B 121 11.94 -43.04 31.50
CA PRO B 121 10.85 -43.69 32.19
C PRO B 121 9.73 -42.75 32.57
N ARG B 122 10.04 -41.46 32.69
CA ARG B 122 9.01 -40.45 32.97
C ARG B 122 9.40 -39.04 32.52
N VAL B 123 8.39 -38.23 32.27
CA VAL B 123 8.58 -36.82 31.94
C VAL B 123 8.32 -35.99 33.18
N ASP B 124 8.93 -34.80 33.21
CA ASP B 124 8.82 -33.92 34.36
C ASP B 124 7.53 -33.07 34.31
N LEU B 125 7.03 -32.81 33.10
CA LEU B 125 5.78 -32.09 32.91
C LEU B 125 5.03 -32.69 31.72
N PHE B 126 3.72 -32.89 31.87
CA PHE B 126 2.88 -33.48 30.83
C PHE B 126 1.65 -32.64 30.57
N TYR B 127 1.62 -31.99 29.42
CA TYR B 127 0.50 -31.10 29.09
C TYR B 127 -0.60 -31.80 28.32
N LEU B 128 -1.83 -31.34 28.53
CA LEU B 128 -2.90 -31.48 27.56
C LEU B 128 -2.75 -30.30 26.60
N HIS B 129 -2.29 -30.59 25.39
CA HIS B 129 -1.88 -29.58 24.41
C HIS B 129 -3.01 -28.62 24.08
N MET B 130 -4.22 -29.15 23.96
CA MET B 130 -5.42 -28.37 23.57
C MET B 130 -6.67 -29.04 24.07
N PRO B 131 -7.75 -28.27 24.21
CA PRO B 131 -9.03 -28.86 24.56
C PRO B 131 -9.50 -29.89 23.54
N ASP B 132 -10.07 -30.99 24.03
CA ASP B 132 -10.73 -31.99 23.19
C ASP B 132 -12.22 -31.84 23.35
N HIS B 133 -12.82 -30.97 22.54
CA HIS B 133 -14.24 -30.66 22.70
C HIS B 133 -15.18 -31.85 22.45
N SER B 134 -14.65 -32.98 22.01
CA SER B 134 -15.47 -34.18 21.80
C SER B 134 -15.35 -35.21 22.92
N THR B 135 -14.53 -34.92 23.93
CA THR B 135 -14.33 -35.84 25.04
C THR B 135 -14.54 -35.14 26.37
N PRO B 136 -15.50 -35.63 27.19
CA PRO B 136 -15.73 -35.03 28.50
C PRO B 136 -14.43 -34.95 29.29
N VAL B 137 -14.17 -33.77 29.86
CA VAL B 137 -12.90 -33.49 30.50
C VAL B 137 -12.66 -34.44 31.68
N GLU B 138 -13.73 -34.89 32.32
CA GLU B 138 -13.65 -35.87 33.39
C GLU B 138 -12.87 -37.12 32.99
N GLU B 139 -13.24 -37.72 31.86
CA GLU B 139 -12.60 -38.94 31.38
C GLU B 139 -11.09 -38.75 31.27
N THR B 140 -10.69 -37.63 30.67
CA THR B 140 -9.29 -37.32 30.42
C THR B 140 -8.52 -37.25 31.73
N LEU B 141 -9.04 -36.49 32.68
CA LEU B 141 -8.33 -36.22 33.93
C LEU B 141 -8.11 -37.49 34.74
N ARG B 142 -9.15 -38.30 34.85
CA ARG B 142 -9.04 -39.62 35.47
C ARG B 142 -7.91 -40.45 34.87
N ALA B 143 -7.83 -40.42 33.54
CA ALA B 143 -6.76 -41.08 32.82
C ALA B 143 -5.39 -40.47 33.12
N CYS B 144 -5.35 -39.15 33.27
CA CYS B 144 -4.12 -38.47 33.64
C CYS B 144 -3.67 -38.90 35.03
N HIS B 145 -4.62 -38.99 35.94
CA HIS B 145 -4.34 -39.45 37.29
C HIS B 145 -3.75 -40.84 37.25
N GLN B 146 -4.44 -41.75 36.57
CA GLN B 146 -4.01 -43.15 36.48
C GLN B 146 -2.60 -43.27 35.91
N LEU B 147 -2.25 -42.37 34.99
CA LEU B 147 -0.89 -42.32 34.41
C LEU B 147 0.13 -41.72 35.37
N HIS B 148 -0.30 -40.79 36.20
CA HIS B 148 0.56 -40.23 37.24
C HIS B 148 0.84 -41.26 38.34
N GLN B 149 -0.21 -42.02 38.69
CA GLN B 149 -0.12 -43.12 39.64
C GLN B 149 0.91 -44.14 39.17
N GLU B 150 1.07 -44.27 37.86
CA GLU B 150 2.04 -45.22 37.30
C GLU B 150 3.43 -44.59 37.13
N GLY B 151 3.56 -43.33 37.51
CA GLY B 151 4.84 -42.64 37.52
C GLY B 151 5.38 -42.29 36.14
N LYS B 152 4.47 -42.10 35.18
CA LYS B 152 4.87 -41.73 33.82
C LYS B 152 5.18 -40.23 33.74
N PHE B 153 4.69 -39.46 34.70
CA PHE B 153 5.02 -38.03 34.77
C PHE B 153 4.90 -37.47 36.18
N VAL B 154 5.54 -36.32 36.39
CA VAL B 154 5.59 -35.66 37.69
C VAL B 154 4.45 -34.65 37.83
N GLU B 155 4.42 -33.67 36.91
CA GLU B 155 3.45 -32.58 36.96
C GLU B 155 2.53 -32.53 35.74
N LEU B 156 1.27 -32.20 35.98
CA LEU B 156 0.28 -32.07 34.92
C LEU B 156 0.15 -30.63 34.46
N GLY B 157 -0.04 -30.43 33.17
CA GLY B 157 -0.13 -29.08 32.60
C GLY B 157 -1.30 -28.90 31.66
N LEU B 158 -1.67 -27.65 31.41
CA LEU B 158 -2.69 -27.32 30.43
C LEU B 158 -2.13 -26.30 29.45
N SER B 159 -2.67 -26.30 28.24
CA SER B 159 -2.31 -25.31 27.25
C SER B 159 -3.49 -25.02 26.32
N ASN B 160 -3.68 -23.74 26.03
CA ASN B 160 -4.74 -23.29 25.13
C ASN B 160 -6.15 -23.60 25.62
N TYR B 161 -6.32 -23.84 26.92
CA TYR B 161 -7.64 -23.93 27.53
C TYR B 161 -8.09 -22.55 27.96
N ALA B 162 -9.38 -22.31 27.89
CA ALA B 162 -9.94 -21.06 28.35
C ALA B 162 -9.87 -21.01 29.89
N ALA B 163 -9.71 -19.79 30.41
CA ALA B 163 -9.61 -19.59 31.85
C ALA B 163 -10.66 -20.43 32.54
N TRP B 164 -11.90 -20.38 32.06
CA TRP B 164 -13.01 -21.08 32.71
C TRP B 164 -12.98 -22.58 32.59
N GLU B 165 -12.33 -23.07 31.54
CA GLU B 165 -12.08 -24.52 31.42
C GLU B 165 -11.04 -24.97 32.46
N VAL B 166 -10.07 -24.11 32.73
CA VAL B 166 -9.06 -24.39 33.76
C VAL B 166 -9.73 -24.44 35.13
N ALA B 167 -10.58 -23.48 35.42
CA ALA B 167 -11.31 -23.44 36.69
C ALA B 167 -12.13 -24.71 36.90
N GLU B 168 -12.79 -25.19 35.84
CA GLU B 168 -13.54 -26.44 35.91
C GLU B 168 -12.64 -27.60 36.26
N ILE B 169 -11.54 -27.73 35.53
CA ILE B 169 -10.60 -28.84 35.70
C ILE B 169 -10.04 -28.91 37.11
N CYS B 170 -9.57 -27.79 37.63
CA CYS B 170 -8.99 -27.77 38.94
C CYS B 170 -9.99 -28.12 40.02
N THR B 171 -11.21 -27.63 39.88
CA THR B 171 -12.25 -27.93 40.86
C THR B 171 -12.63 -29.43 40.83
N LEU B 172 -12.64 -30.01 39.64
CA LEU B 172 -12.95 -31.43 39.50
C LEU B 172 -11.86 -32.28 40.14
N CYS B 173 -10.61 -31.87 40.00
CA CYS B 173 -9.50 -32.61 40.57
C CYS B 173 -9.47 -32.55 42.10
N LYS B 174 -9.65 -31.36 42.66
CA LYS B 174 -9.75 -31.23 44.11
C LYS B 174 -10.77 -32.24 44.63
N SER B 175 -11.98 -32.17 44.06
CA SER B 175 -13.12 -32.93 44.55
C SER B 175 -13.07 -34.42 44.22
N ASN B 176 -12.34 -34.81 43.19
CA ASN B 176 -12.12 -36.22 42.84
C ASN B 176 -10.75 -36.74 43.29
N GLY B 177 -9.98 -35.91 43.98
CA GLY B 177 -8.65 -36.26 44.47
C GLY B 177 -7.67 -36.68 43.39
N TRP B 178 -7.78 -36.07 42.22
CA TRP B 178 -6.82 -36.29 41.14
C TRP B 178 -5.72 -35.24 41.19
N ILE B 179 -4.63 -35.51 40.48
CA ILE B 179 -3.53 -34.57 40.40
C ILE B 179 -4.05 -33.30 39.75
N LEU B 180 -3.73 -32.15 40.35
CA LEU B 180 -4.10 -30.85 39.79
C LEU B 180 -3.07 -30.39 38.79
N PRO B 181 -3.51 -29.73 37.74
CA PRO B 181 -2.53 -29.10 36.87
C PRO B 181 -1.86 -27.96 37.62
N THR B 182 -0.58 -27.76 37.36
CA THR B 182 0.22 -26.79 38.09
C THR B 182 0.96 -25.82 37.16
N VAL B 183 0.89 -26.07 35.85
CA VAL B 183 1.53 -25.21 34.85
C VAL B 183 0.56 -24.96 33.71
N TYR B 184 0.46 -23.71 33.28
CA TYR B 184 -0.31 -23.37 32.09
C TYR B 184 0.63 -22.79 31.07
N GLN B 185 0.54 -23.28 29.83
CA GLN B 185 1.38 -22.79 28.74
C GLN B 185 0.49 -22.01 27.79
N GLY B 186 0.76 -20.72 27.64
CA GLY B 186 -0.12 -19.85 26.88
C GLY B 186 0.55 -18.86 25.97
N MET B 187 -0.21 -18.37 25.01
CA MET B 187 0.25 -17.41 24.01
C MET B 187 0.37 -16.04 24.65
N TYR B 188 1.59 -15.53 24.75
CA TYR B 188 1.83 -14.23 25.41
C TYR B 188 3.02 -13.48 24.82
N ASN B 189 2.79 -12.23 24.43
CA ASN B 189 3.89 -11.38 24.00
C ASN B 189 3.53 -9.90 24.08
N ALA B 190 4.53 -9.03 23.84
CA ALA B 190 4.34 -7.58 23.96
C ALA B 190 3.14 -7.02 23.20
N ILE B 191 2.77 -7.61 22.06
CA ILE B 191 1.60 -7.15 21.27
C ILE B 191 0.40 -8.14 21.35
N THR B 192 0.45 -9.12 22.27
CA THR B 192 -0.64 -10.11 22.43
C THR B 192 -0.89 -10.46 23.91
N ARG B 193 -1.91 -9.82 24.51
CA ARG B 193 -2.06 -9.80 25.95
C ARG B 193 -3.44 -10.19 26.42
N GLN B 194 -4.13 -11.03 25.67
CA GLN B 194 -5.49 -11.38 26.04
C GLN B 194 -5.50 -12.20 27.34
N VAL B 195 -4.44 -12.98 27.55
CA VAL B 195 -4.31 -13.80 28.76
C VAL B 195 -4.42 -12.99 30.06
N GLU B 196 -3.97 -11.74 30.00
CA GLU B 196 -3.97 -10.87 31.18
C GLU B 196 -5.35 -10.69 31.85
N THR B 197 -6.41 -10.57 31.06
CA THR B 197 -7.70 -10.15 31.60
C THR B 197 -8.34 -11.17 32.53
N GLU B 198 -8.42 -12.42 32.09
CA GLU B 198 -9.07 -13.45 32.90
C GLU B 198 -8.16 -14.61 33.28
N LEU B 199 -7.30 -15.04 32.38
CA LEU B 199 -6.51 -16.23 32.64
C LEU B 199 -5.61 -16.04 33.86
N PHE B 200 -4.89 -14.92 33.91
CA PHE B 200 -3.89 -14.72 34.96
C PHE B 200 -4.52 -14.71 36.35
N PRO B 201 -5.53 -13.87 36.57
CA PRO B 201 -6.27 -13.92 37.83
C PRO B 201 -6.64 -15.32 38.24
N CYS B 202 -7.14 -16.11 37.29
CA CYS B 202 -7.55 -17.48 37.51
C CYS B 202 -6.34 -18.34 37.90
N LEU B 203 -5.27 -18.24 37.14
CA LEU B 203 -4.08 -19.03 37.42
C LEU B 203 -3.51 -18.77 38.81
N ARG B 204 -3.44 -17.49 39.20
CA ARG B 204 -2.91 -17.12 40.51
C ARG B 204 -3.84 -17.68 41.58
N HIS B 205 -5.14 -17.72 41.31
CA HIS B 205 -6.10 -18.25 42.29
C HIS B 205 -5.91 -19.75 42.52
N PHE B 206 -5.69 -20.51 41.45
CA PHE B 206 -5.57 -21.96 41.56
C PHE B 206 -4.12 -22.41 41.68
N GLY B 207 -3.21 -21.45 41.64
CA GLY B 207 -1.79 -21.71 41.91
C GLY B 207 -1.02 -22.31 40.77
N LEU B 208 -1.45 -22.04 39.53
CA LEU B 208 -0.69 -22.49 38.37
C LEU B 208 0.34 -21.44 37.99
N ARG B 209 1.49 -21.89 37.51
CA ARG B 209 2.50 -20.99 36.96
C ARG B 209 2.34 -20.93 35.45
N PHE B 210 2.71 -19.80 34.86
CA PHE B 210 2.46 -19.56 33.45
C PHE B 210 3.76 -19.60 32.65
N TYR B 211 3.79 -20.41 31.60
CA TYR B 211 4.89 -20.45 30.66
C TYR B 211 4.48 -19.83 29.32
N ALA B 212 5.17 -18.78 28.90
CA ALA B 212 4.78 -18.04 27.69
C ALA B 212 5.37 -18.68 26.42
N PHE B 213 4.52 -18.87 25.42
CA PHE B 213 4.99 -19.21 24.08
C PHE B 213 4.62 -18.09 23.10
N ASN B 214 5.18 -18.16 21.90
CA ASN B 214 5.09 -17.07 20.93
C ASN B 214 5.63 -15.73 21.48
N PRO B 215 6.72 -15.76 22.26
CA PRO B 215 7.20 -14.51 22.85
C PRO B 215 7.66 -13.45 21.87
N LEU B 216 8.04 -13.87 20.66
CA LEU B 216 8.39 -12.94 19.58
C LEU B 216 7.33 -12.96 18.48
N ALA B 217 6.13 -13.41 18.80
CA ALA B 217 5.06 -13.53 17.81
C ALA B 217 5.57 -14.24 16.57
N GLY B 218 6.23 -15.38 16.76
CA GLY B 218 6.75 -16.20 15.65
C GLY B 218 7.94 -15.59 14.93
N GLY B 219 8.54 -14.56 15.52
CA GLY B 219 9.57 -13.80 14.85
C GLY B 219 9.09 -12.47 14.30
N LEU B 220 7.78 -12.22 14.28
CA LEU B 220 7.28 -10.94 13.77
C LEU B 220 7.87 -9.75 14.53
N LEU B 221 7.99 -9.91 15.85
CA LEU B 221 8.51 -8.85 16.72
C LEU B 221 10.04 -8.67 16.65
N THR B 222 10.73 -9.50 15.87
CA THR B 222 12.14 -9.25 15.57
C THR B 222 12.27 -8.07 14.59
N GLY B 223 11.18 -7.73 13.91
CA GLY B 223 11.14 -6.58 13.03
C GLY B 223 11.79 -6.81 11.69
N LYS B 224 12.00 -8.07 11.34
CA LYS B 224 12.70 -8.43 10.11
C LYS B 224 11.78 -8.48 8.89
N TYR B 225 10.47 -8.50 9.11
CA TYR B 225 9.51 -8.51 8.03
C TYR B 225 8.94 -7.12 7.82
N LYS B 226 8.39 -6.85 6.63
CA LYS B 226 7.53 -5.69 6.36
C LYS B 226 6.22 -6.19 5.74
N TYR B 227 5.09 -5.57 6.12
CA TYR B 227 3.75 -6.05 5.70
C TYR B 227 3.66 -6.45 4.22
N GLU B 228 4.33 -5.67 3.37
CA GLU B 228 4.23 -5.85 1.92
C GLU B 228 4.95 -7.09 1.37
N ASP B 229 5.55 -7.90 2.25
CA ASP B 229 6.21 -9.15 1.86
C ASP B 229 5.25 -10.27 1.45
N LYS B 230 4.02 -10.24 1.95
CA LYS B 230 3.01 -11.26 1.64
C LYS B 230 2.72 -11.32 0.14
N ASP B 231 2.84 -10.16 -0.50
CA ASP B 231 2.55 -10.02 -1.95
C ASP B 231 3.77 -10.30 -2.83
N GLY B 232 4.96 -10.19 -2.27
CA GLY B 232 6.19 -10.27 -3.07
C GLY B 232 7.29 -11.18 -2.54
N LYS B 233 8.06 -10.67 -1.58
CA LYS B 233 9.31 -11.32 -1.13
C LYS B 233 9.08 -12.73 -0.56
N GLN B 234 8.02 -12.88 0.24
CA GLN B 234 7.64 -14.15 0.84
C GLN B 234 8.84 -14.99 1.31
N PRO B 235 9.59 -14.49 2.31
CA PRO B 235 10.82 -15.14 2.80
C PRO B 235 10.58 -16.43 3.58
N VAL B 236 11.12 -17.54 3.08
CA VAL B 236 10.98 -18.86 3.72
C VAL B 236 11.28 -18.75 5.21
N GLY B 237 10.23 -18.88 6.01
CA GLY B 237 10.35 -18.80 7.46
C GLY B 237 9.15 -19.37 8.19
N ARG B 238 8.86 -18.82 9.37
CA ARG B 238 7.67 -19.20 10.12
C ARG B 238 6.41 -18.84 9.37
N PHE B 239 6.45 -17.73 8.65
CA PHE B 239 5.27 -17.17 8.02
C PHE B 239 5.13 -17.56 6.55
N PHE B 240 6.10 -18.26 5.99
CA PHE B 240 6.07 -18.60 4.56
C PHE B 240 6.65 -19.97 4.24
N GLY B 241 5.90 -20.73 3.44
CA GLY B 241 6.38 -21.96 2.85
C GLY B 241 6.42 -23.17 3.76
N ASN B 242 5.49 -23.25 4.70
CA ASN B 242 5.29 -24.48 5.48
C ASN B 242 3.81 -24.69 5.76
N THR B 243 3.49 -25.88 6.24
CA THR B 243 2.10 -26.28 6.50
C THR B 243 1.34 -25.20 7.31
N TRP B 244 1.99 -24.66 8.31
CA TRP B 244 1.34 -23.75 9.26
C TRP B 244 1.56 -22.29 8.91
N ALA B 245 2.25 -22.03 7.82
CA ALA B 245 2.49 -20.66 7.38
C ALA B 245 1.22 -19.82 7.42
N GLU B 246 0.13 -20.32 6.84
CA GLU B 246 -1.08 -19.51 6.75
C GLU B 246 -1.72 -19.27 8.09
N MET B 247 -1.69 -20.25 8.97
CA MET B 247 -2.23 -20.02 10.31
C MET B 247 -1.51 -18.86 10.99
N TYR B 248 -0.18 -18.88 10.94
CA TYR B 248 0.61 -17.84 11.59
C TYR B 248 0.35 -16.47 10.97
N ARG B 249 0.10 -16.45 9.67
CA ARG B 249 -0.29 -15.20 9.00
C ARG B 249 -1.63 -14.69 9.50
N ASN B 250 -2.62 -15.56 9.64
CA ASN B 250 -3.93 -15.16 10.18
C ASN B 250 -3.81 -14.71 11.63
N ARG B 251 -2.81 -15.21 12.36
CA ARG B 251 -2.62 -14.88 13.77
C ARG B 251 -1.99 -13.50 13.97
N TYR B 252 -0.85 -13.28 13.32
CA TYR B 252 -0.03 -12.08 13.57
C TYR B 252 0.19 -11.11 12.39
N TRP B 253 0.04 -11.57 11.15
CA TRP B 253 0.35 -10.75 9.98
C TRP B 253 -0.80 -9.81 9.63
N LYS B 254 -1.05 -8.83 10.48
CA LYS B 254 -2.08 -7.82 10.22
C LYS B 254 -1.40 -6.45 10.01
N GLU B 255 -2.09 -5.54 9.31
CA GLU B 255 -1.54 -4.21 9.05
C GLU B 255 -1.25 -3.45 10.36
N HIS B 256 -2.22 -3.46 11.27
CA HIS B 256 -2.10 -2.78 12.57
C HIS B 256 -0.95 -3.32 13.42
N HIS B 257 -0.55 -4.58 13.25
CA HIS B 257 0.60 -5.11 13.95
C HIS B 257 1.88 -4.43 13.49
N PHE B 258 2.01 -4.28 12.18
CA PHE B 258 3.19 -3.67 11.63
C PHE B 258 3.29 -2.19 12.00
N GLU B 259 2.14 -1.51 12.11
CA GLU B 259 2.11 -0.15 12.64
C GLU B 259 2.80 -0.11 13.99
N GLY B 260 2.42 -1.05 14.84
CA GLY B 260 2.89 -1.10 16.22
C GLY B 260 4.37 -1.36 16.37
N ILE B 261 4.90 -2.24 15.53
CA ILE B 261 6.34 -2.50 15.51
C ILE B 261 7.07 -1.23 15.13
N ALA B 262 6.55 -0.51 14.14
CA ALA B 262 7.12 0.79 13.71
C ALA B 262 7.13 1.80 14.85
N LEU B 263 6.02 1.84 15.58
CA LEU B 263 5.87 2.75 16.71
C LEU B 263 6.93 2.48 17.79
N VAL B 264 7.22 1.20 18.03
CA VAL B 264 8.25 0.81 19.00
C VAL B 264 9.66 1.12 18.47
N GLU B 265 9.90 0.84 17.20
CA GLU B 265 11.19 1.12 16.57
C GLU B 265 11.53 2.63 16.63
N LYS B 266 10.54 3.49 16.42
CA LYS B 266 10.73 4.94 16.52
C LYS B 266 11.00 5.34 17.97
N ALA B 267 10.28 4.73 18.91
CA ALA B 267 10.47 4.99 20.35
C ALA B 267 11.86 4.53 20.85
N LEU B 268 12.37 3.45 20.26
CA LEU B 268 13.71 2.94 20.59
C LEU B 268 14.80 3.91 20.16
N GLN B 269 14.77 4.35 18.90
CA GLN B 269 15.75 5.32 18.41
C GLN B 269 15.67 6.62 19.20
N ALA B 270 14.46 7.03 19.57
CA ALA B 270 14.25 8.27 20.30
C ALA B 270 14.87 8.28 21.69
N ALA B 271 14.69 7.20 22.44
CA ALA B 271 15.15 7.15 23.83
C ALA B 271 16.58 6.61 24.00
N TYR B 272 17.11 5.88 23.01
CA TYR B 272 18.44 5.26 23.11
C TYR B 272 19.43 5.75 22.05
N GLY B 273 18.92 6.16 20.87
CA GLY B 273 19.74 6.70 19.79
C GLY B 273 20.57 5.67 19.03
N ALA B 274 21.86 5.99 18.87
CA ALA B 274 22.84 5.09 18.25
C ALA B 274 22.98 3.79 19.05
N SER B 275 22.97 3.92 20.37
CA SER B 275 23.15 2.78 21.28
C SER B 275 21.90 1.91 21.38
N ALA B 276 20.91 2.13 20.51
CA ALA B 276 19.62 1.43 20.57
C ALA B 276 19.76 -0.08 20.34
N PRO B 277 19.10 -0.90 21.17
CA PRO B 277 19.14 -2.34 20.96
C PRO B 277 18.19 -2.82 19.86
N SER B 278 18.47 -4.01 19.32
CA SER B 278 17.58 -4.64 18.35
C SER B 278 16.27 -4.85 19.06
N MET B 279 15.18 -4.87 18.32
CA MET B 279 13.89 -5.01 18.97
C MET B 279 13.44 -6.46 19.08
N THR B 280 14.29 -7.36 18.62
CA THR B 280 14.29 -8.73 19.13
C THR B 280 14.57 -8.66 20.61
N SER B 281 15.62 -7.91 20.94
CA SER B 281 16.08 -7.75 22.33
C SER B 281 15.02 -7.01 23.15
N ALA B 282 14.54 -5.90 22.62
CA ALA B 282 13.52 -5.09 23.30
C ALA B 282 12.27 -5.92 23.63
N THR B 283 11.81 -6.70 22.66
CA THR B 283 10.61 -7.52 22.84
C THR B 283 10.79 -8.56 23.94
N LEU B 284 11.93 -9.25 23.93
CA LEU B 284 12.19 -10.26 24.96
C LEU B 284 12.29 -9.60 26.33
N ARG B 285 13.02 -8.48 26.39
CA ARG B 285 13.19 -7.76 27.64
C ARG B 285 11.85 -7.30 28.22
N TRP B 286 10.87 -7.03 27.35
CA TRP B 286 9.52 -6.68 27.81
C TRP B 286 8.89 -7.83 28.58
N MET B 287 9.07 -9.05 28.08
CA MET B 287 8.51 -10.23 28.72
C MET B 287 9.16 -10.45 30.07
N TYR B 288 10.48 -10.40 30.10
CA TYR B 288 11.22 -10.67 31.33
C TYR B 288 11.04 -9.61 32.42
N HIS B 289 10.99 -8.34 32.03
CA HIS B 289 10.96 -7.24 33.00
C HIS B 289 9.61 -6.53 33.17
N HIS B 290 8.82 -6.38 32.11
CA HIS B 290 7.65 -5.50 32.17
C HIS B 290 6.29 -6.17 31.97
N SER B 291 6.26 -7.49 31.87
CA SER B 291 5.00 -8.20 31.63
C SER B 291 4.38 -8.55 32.96
N GLN B 292 3.32 -9.33 32.93
CA GLN B 292 2.69 -9.86 34.16
C GLN B 292 3.39 -11.12 34.67
N LEU B 293 4.35 -11.65 33.91
CA LEU B 293 5.10 -12.81 34.36
C LEU B 293 5.82 -12.46 35.64
N GLN B 294 5.89 -13.41 36.57
CA GLN B 294 6.57 -13.20 37.84
C GLN B 294 7.43 -14.38 38.23
N GLY B 295 8.75 -14.14 38.28
CA GLY B 295 9.69 -15.15 38.73
C GLY B 295 9.26 -15.76 40.05
N ALA B 296 8.82 -14.91 40.98
CA ALA B 296 8.30 -15.35 42.28
C ALA B 296 7.35 -16.55 42.19
N HIS B 297 6.45 -16.56 41.21
CA HIS B 297 5.48 -17.67 41.06
C HIS B 297 5.96 -18.80 40.14
N GLY B 298 7.19 -18.70 39.66
CA GLY B 298 7.77 -19.73 38.81
C GLY B 298 7.41 -19.61 37.35
N ASP B 299 6.96 -18.43 36.94
CA ASP B 299 6.60 -18.20 35.54
C ASP B 299 7.86 -18.30 34.68
N ALA B 300 7.68 -18.63 33.41
CA ALA B 300 8.79 -18.78 32.50
C ALA B 300 8.46 -18.24 31.12
N VAL B 301 9.50 -18.02 30.32
CA VAL B 301 9.38 -17.69 28.92
C VAL B 301 9.97 -18.85 28.11
N ILE B 302 9.19 -19.40 27.17
CA ILE B 302 9.69 -20.46 26.29
C ILE B 302 10.26 -19.82 25.04
N LEU B 303 11.57 -19.87 24.87
CA LEU B 303 12.23 -19.19 23.75
C LEU B 303 12.16 -20.03 22.50
N GLY B 304 11.86 -19.38 21.37
CA GLY B 304 11.83 -20.03 20.07
C GLY B 304 13.03 -19.62 19.22
N MET B 305 13.44 -20.51 18.32
CA MET B 305 14.56 -20.24 17.41
C MET B 305 14.55 -21.26 16.30
N SER B 306 15.04 -20.84 15.13
CA SER B 306 15.25 -21.75 13.99
C SER B 306 16.74 -21.94 13.66
N SER B 307 17.60 -21.29 14.43
CA SER B 307 19.05 -21.42 14.26
C SER B 307 19.82 -21.16 15.56
N LEU B 308 21.11 -21.50 15.56
CA LEU B 308 21.96 -21.27 16.73
C LEU B 308 22.26 -19.78 16.90
N GLU B 309 22.56 -19.11 15.79
CA GLU B 309 22.82 -17.66 15.80
C GLU B 309 21.64 -16.88 16.42
N GLN B 310 20.43 -17.40 16.25
CA GLN B 310 19.24 -16.80 16.84
C GLN B 310 19.17 -17.05 18.33
N LEU B 311 19.52 -18.27 18.76
CA LEU B 311 19.43 -18.62 20.18
C LEU B 311 20.40 -17.78 21.01
N GLU B 312 21.66 -17.75 20.58
CA GLU B 312 22.70 -16.93 21.23
C GLU B 312 22.24 -15.47 21.31
N GLN B 313 21.64 -14.99 20.22
CA GLN B 313 21.06 -13.64 20.15
C GLN B 313 19.97 -13.44 21.19
N ASN B 314 19.11 -14.45 21.36
CA ASN B 314 17.98 -14.37 22.29
C ASN B 314 18.39 -14.56 23.74
N LEU B 315 19.24 -15.56 24.01
CA LEU B 315 19.71 -15.83 25.37
C LEU B 315 20.40 -14.62 26.00
N ALA B 316 21.06 -13.83 25.14
CA ALA B 316 21.68 -12.57 25.54
C ALA B 316 20.61 -11.61 26.02
N ALA B 317 19.59 -11.39 25.18
CA ALA B 317 18.50 -10.48 25.51
C ALA B 317 17.77 -10.87 26.81
N ALA B 318 17.72 -12.17 27.10
CA ALA B 318 17.09 -12.66 28.32
C ALA B 318 17.76 -12.09 29.57
N GLU B 319 19.09 -12.07 29.55
CA GLU B 319 19.88 -11.58 30.67
C GLU B 319 20.00 -10.06 30.73
N GLU B 320 19.74 -9.37 29.62
CA GLU B 320 19.74 -7.90 29.61
C GLU B 320 18.73 -7.33 30.61
N GLY B 321 18.93 -6.07 30.96
CA GLY B 321 18.12 -5.42 31.99
C GLY B 321 16.86 -4.82 31.45
N PRO B 322 16.11 -4.08 32.30
CA PRO B 322 14.84 -3.47 31.90
C PRO B 322 15.00 -2.29 30.95
N LEU B 323 13.87 -1.82 30.43
CA LEU B 323 13.82 -0.81 29.39
C LEU B 323 13.39 0.56 29.93
N GLU B 324 13.78 1.62 29.24
CA GLU B 324 13.31 2.96 29.58
C GLU B 324 11.79 3.03 29.55
N PRO B 325 11.18 3.83 30.44
CA PRO B 325 9.71 3.85 30.54
C PRO B 325 9.02 4.32 29.26
N ALA B 326 9.68 5.22 28.50
CA ALA B 326 9.11 5.73 27.25
C ALA B 326 8.92 4.63 26.20
N VAL B 327 9.79 3.63 26.23
CA VAL B 327 9.69 2.46 25.33
C VAL B 327 8.57 1.51 25.78
N VAL B 328 8.50 1.24 27.08
CA VAL B 328 7.42 0.43 27.62
C VAL B 328 6.05 1.06 27.32
N ASP B 329 5.99 2.39 27.33
CA ASP B 329 4.77 3.10 26.94
C ASP B 329 4.45 2.87 25.48
N ALA B 330 5.49 2.82 24.64
CA ALA B 330 5.30 2.61 23.19
C ALA B 330 4.77 1.20 22.91
N PHE B 331 5.32 0.18 23.58
CA PHE B 331 4.79 -1.18 23.49
C PHE B 331 3.33 -1.20 23.88
N ASN B 332 3.03 -0.55 24.98
CA ASN B 332 1.66 -0.45 25.45
C ASN B 332 0.77 0.22 24.40
N GLN B 333 1.26 1.30 23.79
CA GLN B 333 0.50 2.00 22.73
C GLN B 333 0.28 1.09 21.51
N ALA B 334 1.25 0.24 21.22
CA ALA B 334 1.19 -0.69 20.10
C ALA B 334 0.19 -1.78 20.36
N TRP B 335 0.15 -2.26 21.60
CA TRP B 335 -0.83 -3.27 22.00
C TRP B 335 -2.25 -2.72 21.88
N HIS B 336 -2.45 -1.48 22.32
CA HIS B 336 -3.76 -0.83 22.19
C HIS B 336 -4.19 -0.70 20.72
N LEU B 337 -3.20 -0.62 19.83
CA LEU B 337 -3.46 -0.56 18.40
C LEU B 337 -4.12 -1.85 17.91
N VAL B 338 -3.62 -3.00 18.38
CA VAL B 338 -4.02 -4.31 17.85
C VAL B 338 -4.96 -5.11 18.74
N ALA B 339 -5.28 -4.58 19.90
CA ALA B 339 -6.05 -5.34 20.90
C ALA B 339 -7.37 -5.87 20.35
N HIS B 340 -8.05 -5.04 19.54
CA HIS B 340 -9.35 -5.40 18.95
C HIS B 340 -9.25 -6.58 17.98
N GLU B 341 -8.10 -6.70 17.32
CA GLU B 341 -7.84 -7.76 16.33
C GLU B 341 -6.90 -8.84 16.89
N CYS B 342 -6.93 -9.03 18.20
CA CYS B 342 -5.99 -9.93 18.88
C CYS B 342 -6.47 -11.37 18.83
N PRO B 343 -5.56 -12.32 18.57
CA PRO B 343 -5.91 -13.74 18.54
C PRO B 343 -6.25 -14.30 19.90
N ASN B 344 -7.23 -15.21 19.93
CA ASN B 344 -7.60 -15.88 21.19
C ASN B 344 -6.48 -16.76 21.69
N TYR B 345 -6.31 -16.78 23.01
CA TYR B 345 -5.31 -17.63 23.64
C TYR B 345 -5.76 -19.08 23.77
N PHE B 346 -7.00 -19.38 23.37
CA PHE B 346 -7.63 -20.68 23.58
C PHE B 346 -8.24 -21.26 22.29
N ARG B 347 -8.12 -22.59 22.13
CA ARG B 347 -8.72 -23.34 21.04
C ARG B 347 -9.93 -24.15 21.57
N ARG C 25 39.55 8.45 -36.86
CA ARG C 25 38.15 8.11 -36.45
C ARG C 25 37.86 8.45 -34.99
N PRO C 26 38.77 8.08 -34.06
CA PRO C 26 38.61 8.35 -32.62
C PRO C 26 38.52 9.84 -32.30
N ALA C 27 37.56 10.20 -31.43
CA ALA C 27 37.23 11.60 -31.13
C ALA C 27 38.37 12.36 -30.40
N THR C 28 38.26 13.68 -30.38
CA THR C 28 39.23 14.53 -29.68
C THR C 28 38.54 15.45 -28.69
N VAL C 29 38.98 15.41 -27.44
CA VAL C 29 38.41 16.23 -26.36
C VAL C 29 39.49 17.19 -25.83
N LEU C 30 39.08 18.40 -25.46
CA LEU C 30 40.03 19.42 -25.01
C LEU C 30 40.34 19.31 -23.51
N GLY C 31 41.60 19.07 -23.18
CA GLY C 31 42.05 18.99 -21.80
C GLY C 31 42.26 20.36 -21.17
N ALA C 32 41.36 20.74 -20.28
CA ALA C 32 41.33 22.10 -19.71
C ALA C 32 42.05 22.22 -18.36
N MET C 33 43.01 21.33 -18.12
CA MET C 33 43.68 21.27 -16.83
C MET C 33 44.62 22.43 -16.61
N GLU C 34 45.31 22.85 -17.66
CA GLU C 34 46.31 23.90 -17.53
C GLU C 34 45.70 25.32 -17.62
N MET C 35 44.40 25.39 -17.88
CA MET C 35 43.70 26.67 -17.92
C MET C 35 43.59 27.19 -16.51
N GLY C 36 44.14 28.39 -16.28
CA GLY C 36 44.18 28.97 -14.94
C GLY C 36 45.54 28.76 -14.27
N ARG C 37 46.28 27.75 -14.73
CA ARG C 37 47.60 27.44 -14.20
C ARG C 37 48.66 28.02 -15.13
N ARG C 38 49.00 27.30 -16.21
CA ARG C 38 50.02 27.76 -17.16
C ARG C 38 49.46 28.74 -18.22
N MET C 39 48.18 28.61 -18.54
CA MET C 39 47.54 29.49 -19.50
C MET C 39 46.62 30.47 -18.79
N ASP C 40 46.81 31.76 -19.02
CA ASP C 40 45.93 32.78 -18.45
C ASP C 40 44.55 32.74 -19.13
N ALA C 41 43.63 33.61 -18.71
CA ALA C 41 42.28 33.67 -19.29
C ALA C 41 42.28 33.88 -20.82
N PRO C 42 42.97 34.94 -21.30
CA PRO C 42 43.15 35.16 -22.75
C PRO C 42 43.73 33.99 -23.55
N THR C 43 44.85 33.42 -23.10
CA THR C 43 45.46 32.28 -23.81
C THR C 43 44.50 31.08 -23.87
N SER C 44 43.74 30.88 -22.80
CA SER C 44 42.78 29.77 -22.73
C SER C 44 41.60 29.97 -23.68
N ALA C 45 41.08 31.20 -23.74
CA ALA C 45 40.00 31.52 -24.67
C ALA C 45 40.47 31.29 -26.11
N ALA C 46 41.69 31.73 -26.41
CA ALA C 46 42.29 31.55 -27.73
C ALA C 46 42.36 30.08 -28.09
N VAL C 47 42.79 29.26 -27.13
CA VAL C 47 42.90 27.83 -27.33
C VAL C 47 41.54 27.18 -27.58
N THR C 48 40.53 27.58 -26.81
CA THR C 48 39.17 27.08 -27.01
C THR C 48 38.62 27.46 -28.40
N ARG C 49 38.89 28.69 -28.83
CA ARG C 49 38.50 29.15 -30.18
C ARG C 49 39.13 28.27 -31.27
N ALA C 50 40.43 28.01 -31.13
CA ALA C 50 41.18 27.18 -32.08
C ALA C 50 40.65 25.76 -32.14
N PHE C 51 40.42 25.19 -30.96
CA PHE C 51 39.90 23.83 -30.81
C PHE C 51 38.55 23.64 -31.48
N LEU C 52 37.63 24.57 -31.24
CA LEU C 52 36.29 24.49 -31.83
C LEU C 52 36.30 24.78 -33.34
N GLU C 53 37.19 25.68 -33.79
CA GLU C 53 37.34 25.99 -35.21
C GLU C 53 37.94 24.86 -36.05
N ARG C 54 38.33 23.74 -35.41
CA ARG C 54 38.65 22.48 -36.11
C ARG C 54 37.47 21.51 -36.10
N GLY C 55 36.30 21.97 -35.64
CA GLY C 55 35.09 21.15 -35.64
C GLY C 55 34.90 20.24 -34.43
N HIS C 56 35.85 20.24 -33.49
CA HIS C 56 35.73 19.42 -32.29
C HIS C 56 34.72 20.06 -31.35
N THR C 57 34.29 19.30 -30.35
CA THR C 57 33.05 19.61 -29.65
C THR C 57 33.11 19.60 -28.11
N GLU C 58 33.90 18.71 -27.51
CA GLU C 58 33.81 18.41 -26.07
C GLU C 58 35.04 18.88 -25.29
N ILE C 59 34.81 19.33 -24.05
CA ILE C 59 35.88 19.86 -23.17
C ILE C 59 35.90 19.18 -21.80
N ASP C 60 37.09 18.83 -21.35
CA ASP C 60 37.28 18.15 -20.07
C ASP C 60 37.92 19.06 -19.03
N THR C 61 37.19 19.31 -17.95
CA THR C 61 37.71 20.05 -16.81
C THR C 61 37.37 19.26 -15.54
N ALA C 62 37.60 19.89 -14.39
CA ALA C 62 37.38 19.26 -13.10
C ALA C 62 37.26 20.30 -11.98
N PHE C 63 36.49 19.95 -10.96
CA PHE C 63 36.32 20.79 -9.79
C PHE C 63 37.64 21.29 -9.20
N VAL C 64 38.67 20.45 -9.27
CA VAL C 64 39.89 20.70 -8.54
C VAL C 64 40.94 21.43 -9.38
N TYR C 65 40.77 21.46 -10.70
CA TYR C 65 41.80 22.02 -11.60
C TYR C 65 42.06 23.51 -11.36
N SER C 66 43.35 23.85 -11.25
CA SER C 66 43.83 25.19 -10.88
C SER C 66 42.92 25.89 -9.85
N GLU C 67 42.76 25.25 -8.69
CA GLU C 67 41.98 25.75 -7.55
C GLU C 67 40.61 26.29 -7.97
N GLY C 68 40.06 25.75 -9.05
CA GLY C 68 38.77 26.19 -9.59
C GLY C 68 38.80 27.25 -10.67
N GLN C 69 39.99 27.77 -10.98
CA GLN C 69 40.12 28.82 -12.01
C GLN C 69 39.85 28.27 -13.43
N SER C 70 40.07 26.98 -13.64
CA SER C 70 39.76 26.36 -14.93
C SER C 70 38.29 26.46 -15.25
N GLU C 71 37.45 25.88 -14.40
CA GLU C 71 36.00 25.93 -14.59
C GLU C 71 35.47 27.36 -14.70
N THR C 72 36.06 28.29 -13.94
CA THR C 72 35.61 29.68 -13.96
C THR C 72 35.94 30.37 -15.28
N ILE C 73 37.11 30.07 -15.84
CA ILE C 73 37.50 30.62 -17.14
C ILE C 73 36.50 30.20 -18.21
N LEU C 74 36.31 28.88 -18.32
CA LEU C 74 35.39 28.31 -19.30
C LEU C 74 33.97 28.87 -19.14
N GLY C 75 33.52 28.99 -17.89
CA GLY C 75 32.21 29.54 -17.59
C GLY C 75 32.04 30.97 -18.06
N GLY C 76 33.15 31.69 -18.22
CA GLY C 76 33.13 33.07 -18.69
C GLY C 76 33.50 33.28 -20.15
N LEU C 77 33.43 32.23 -20.97
CA LEU C 77 33.68 32.34 -22.40
C LEU C 77 32.39 32.53 -23.21
N GLY C 78 31.27 32.73 -22.52
CA GLY C 78 29.98 32.95 -23.17
C GLY C 78 29.58 31.86 -24.13
N LEU C 79 29.86 30.61 -23.76
CA LEU C 79 29.49 29.45 -24.56
C LEU C 79 28.09 28.94 -24.23
N ARG C 80 27.35 29.67 -23.40
CA ARG C 80 25.99 29.29 -23.01
C ARG C 80 25.92 27.80 -22.71
N LEU C 81 26.87 27.32 -21.93
CA LEU C 81 27.02 25.87 -21.67
C LEU C 81 25.74 25.27 -21.09
N GLY C 82 25.56 23.97 -21.34
CA GLY C 82 24.42 23.21 -20.81
C GLY C 82 23.04 23.54 -21.38
N GLY C 83 22.95 24.57 -22.22
CA GLY C 83 21.69 24.93 -22.87
C GLY C 83 21.38 24.02 -24.03
N SER C 84 20.17 24.16 -24.58
CA SER C 84 19.76 23.41 -25.76
C SER C 84 20.36 24.06 -27.02
N ASP C 85 20.28 25.39 -27.11
CA ASP C 85 20.97 26.17 -28.14
C ASP C 85 22.48 26.22 -27.80
N CYS C 86 23.14 25.06 -27.90
CA CYS C 86 24.54 24.89 -27.53
C CYS C 86 25.21 23.69 -28.22
N ARG C 87 26.24 23.98 -29.02
CA ARG C 87 26.96 22.95 -29.75
C ARG C 87 28.02 22.25 -28.88
N VAL C 88 28.60 22.97 -27.92
CA VAL C 88 29.71 22.46 -27.09
C VAL C 88 29.24 21.60 -25.91
N LYS C 89 29.92 20.47 -25.70
CA LYS C 89 29.66 19.57 -24.57
C LYS C 89 30.73 19.77 -23.48
N ILE C 90 30.32 19.79 -22.21
CA ILE C 90 31.25 20.04 -21.09
C ILE C 90 31.31 18.89 -20.08
N ASP C 91 32.53 18.58 -19.63
CA ASP C 91 32.77 17.50 -18.69
C ASP C 91 33.41 18.02 -17.41
N THR C 92 32.93 17.58 -16.26
CA THR C 92 33.62 17.89 -15.00
C THR C 92 33.62 16.72 -14.05
N LYS C 93 34.30 16.87 -12.91
CA LYS C 93 34.53 15.76 -11.99
C LYS C 93 34.48 16.19 -10.52
N ALA C 94 34.21 15.22 -9.63
CA ALA C 94 34.24 15.41 -8.19
C ALA C 94 35.28 14.46 -7.59
N ILE C 95 36.13 14.95 -6.68
CA ILE C 95 37.16 14.09 -6.06
C ILE C 95 36.96 13.83 -4.59
N PRO C 96 37.54 12.73 -4.10
CA PRO C 96 37.62 12.44 -2.68
C PRO C 96 39.01 12.74 -2.09
N LEU C 97 39.69 13.78 -2.59
CA LEU C 97 40.92 14.23 -1.95
C LEU C 97 40.65 15.50 -1.19
N PHE C 98 41.62 15.88 -0.35
CA PHE C 98 41.53 17.10 0.46
C PHE C 98 40.32 16.97 1.40
N GLY C 99 39.65 18.07 1.72
CA GLY C 99 38.48 17.95 2.59
C GLY C 99 37.41 17.02 2.05
N ASN C 100 37.48 16.76 0.76
CA ASN C 100 36.33 16.27 0.03
C ASN C 100 36.21 14.76 0.06
N SER C 101 34.97 14.30 -0.05
CA SER C 101 34.65 12.91 -0.19
C SER C 101 33.73 12.77 -1.38
N LEU C 102 33.37 11.52 -1.67
CA LEU C 102 32.32 11.22 -2.63
C LEU C 102 31.07 10.77 -1.87
N LYS C 103 30.99 11.11 -0.59
CA LYS C 103 29.76 10.93 0.16
C LYS C 103 28.75 11.91 -0.44
N PRO C 104 27.44 11.63 -0.27
CA PRO C 104 26.38 12.42 -0.90
C PRO C 104 26.52 13.95 -0.73
N ASP C 105 26.74 14.40 0.50
CA ASP C 105 26.80 15.82 0.76
C ASP C 105 27.94 16.50 0.00
N SER C 106 29.16 15.97 0.13
CA SER C 106 30.33 16.53 -0.57
C SER C 106 30.12 16.48 -2.07
N LEU C 107 29.60 15.35 -2.53
CA LEU C 107 29.36 15.15 -3.94
C LEU C 107 28.54 16.29 -4.53
N ARG C 108 27.47 16.68 -3.83
CA ARG C 108 26.61 17.79 -4.23
C ARG C 108 27.38 19.12 -4.25
N PHE C 109 28.00 19.48 -3.13
CA PHE C 109 28.77 20.71 -3.02
C PHE C 109 29.69 20.90 -4.21
N GLN C 110 30.38 19.84 -4.59
CA GLN C 110 31.35 19.92 -5.66
C GLN C 110 30.70 20.19 -7.02
N LEU C 111 29.63 19.46 -7.33
CA LEU C 111 28.93 19.63 -8.60
C LEU C 111 28.26 20.99 -8.66
N GLU C 112 27.54 21.33 -7.60
CA GLU C 112 26.82 22.60 -7.55
C GLU C 112 27.78 23.77 -7.73
N THR C 113 29.00 23.64 -7.21
CA THR C 113 30.00 24.68 -7.40
C THR C 113 30.48 24.70 -8.83
N SER C 114 30.76 23.53 -9.39
CA SER C 114 31.17 23.43 -10.79
C SER C 114 30.16 24.12 -11.71
N LEU C 115 28.88 23.91 -11.44
CA LEU C 115 27.80 24.53 -12.20
C LEU C 115 27.85 26.03 -12.08
N LYS C 116 27.87 26.53 -10.85
CA LYS C 116 27.92 27.99 -10.60
C LYS C 116 29.12 28.64 -11.26
N ARG C 117 30.23 27.93 -11.33
CA ARG C 117 31.44 28.44 -12.00
C ARG C 117 31.31 28.45 -13.52
N LEU C 118 30.86 27.32 -14.05
CA LEU C 118 30.66 27.15 -15.49
C LEU C 118 29.46 27.94 -16.02
N GLN C 119 28.71 28.55 -15.11
CA GLN C 119 27.55 29.38 -15.45
C GLN C 119 26.56 28.60 -16.29
N CYS C 120 26.23 27.40 -15.82
CA CYS C 120 25.31 26.54 -16.54
C CYS C 120 24.42 25.72 -15.61
N PRO C 121 23.24 25.28 -16.11
CA PRO C 121 22.29 24.53 -15.30
C PRO C 121 22.65 23.04 -15.20
N ARG C 122 23.39 22.53 -16.18
CA ARG C 122 23.84 21.13 -16.15
C ARG C 122 25.09 20.87 -16.99
N VAL C 123 25.82 19.83 -16.58
CA VAL C 123 26.98 19.38 -17.33
C VAL C 123 26.59 18.17 -18.18
N ASP C 124 27.35 17.95 -19.24
CA ASP C 124 27.07 16.87 -20.20
C ASP C 124 27.65 15.54 -19.73
N LEU C 125 28.74 15.62 -18.96
CA LEU C 125 29.34 14.44 -18.39
C LEU C 125 29.85 14.77 -17.00
N PHE C 126 29.60 13.88 -16.05
CA PHE C 126 30.00 14.06 -14.65
C PHE C 126 30.76 12.84 -14.12
N TYR C 127 32.06 12.98 -13.92
CA TYR C 127 32.90 11.88 -13.48
C TYR C 127 33.01 11.80 -11.96
N LEU C 128 33.18 10.58 -11.45
CA LEU C 128 33.82 10.36 -10.17
C LEU C 128 35.32 10.30 -10.50
N HIS C 129 36.06 11.32 -10.08
CA HIS C 129 37.47 11.52 -10.45
C HIS C 129 38.36 10.35 -10.03
N MET C 130 38.12 9.82 -8.83
CA MET C 130 38.92 8.74 -8.26
C MET C 130 38.09 7.98 -7.25
N PRO C 131 38.48 6.74 -6.97
CA PRO C 131 37.82 5.97 -5.90
C PRO C 131 37.91 6.63 -4.54
N ASP C 132 36.84 6.59 -3.76
CA ASP C 132 36.83 7.05 -2.37
C ASP C 132 36.80 5.83 -1.47
N HIS C 133 37.97 5.28 -1.17
CA HIS C 133 38.05 4.04 -0.43
C HIS C 133 37.46 4.10 0.99
N SER C 134 37.08 5.29 1.45
CA SER C 134 36.46 5.44 2.77
C SER C 134 34.92 5.58 2.74
N THR C 135 34.34 5.53 1.54
CA THR C 135 32.89 5.66 1.36
C THR C 135 32.35 4.51 0.53
N PRO C 136 31.41 3.73 1.08
CA PRO C 136 30.81 2.65 0.30
C PRO C 136 30.26 3.16 -1.02
N VAL C 137 30.61 2.46 -2.10
CA VAL C 137 30.32 2.93 -3.44
C VAL C 137 28.81 3.03 -3.66
N GLU C 138 28.04 2.21 -2.95
CA GLU C 138 26.57 2.31 -2.97
C GLU C 138 26.05 3.71 -2.66
N GLU C 139 26.53 4.27 -1.57
CA GLU C 139 26.11 5.60 -1.13
C GLU C 139 26.33 6.63 -2.24
N THR C 140 27.51 6.60 -2.83
CA THR C 140 27.88 7.56 -3.86
C THR C 140 26.91 7.49 -5.04
N LEU C 141 26.70 6.28 -5.54
CA LEU C 141 25.92 6.07 -6.76
C LEU C 141 24.48 6.53 -6.59
N ARG C 142 23.88 6.17 -5.47
CA ARG C 142 22.55 6.64 -5.14
C ARG C 142 22.47 8.16 -5.20
N ALA C 143 23.49 8.82 -4.67
CA ALA C 143 23.57 10.27 -4.71
C ALA C 143 23.75 10.78 -6.14
N CYS C 144 24.50 10.04 -6.95
CA CYS C 144 24.67 10.39 -8.36
C CYS C 144 23.35 10.30 -9.10
N HIS C 145 22.59 9.24 -8.82
CA HIS C 145 21.26 9.08 -9.37
C HIS C 145 20.37 10.26 -8.99
N GLN C 146 20.30 10.55 -7.70
CA GLN C 146 19.45 11.63 -7.20
C GLN C 146 19.81 12.97 -7.87
N LEU C 147 21.09 13.16 -8.18
CA LEU C 147 21.56 14.37 -8.87
C LEU C 147 21.19 14.35 -10.35
N HIS C 148 21.19 13.17 -10.94
CA HIS C 148 20.77 13.01 -12.34
C HIS C 148 19.27 13.27 -12.47
N GLN C 149 18.52 12.75 -11.50
CA GLN C 149 17.07 12.97 -11.40
C GLN C 149 16.75 14.45 -11.39
N GLU C 150 17.66 15.23 -10.80
CA GLU C 150 17.48 16.69 -10.70
C GLU C 150 18.02 17.42 -11.91
N GLY C 151 18.56 16.67 -12.87
CA GLY C 151 18.99 17.22 -14.15
C GLY C 151 20.27 18.04 -14.09
N LYS C 152 21.11 17.75 -13.09
CA LYS C 152 22.37 18.45 -12.94
C LYS C 152 23.43 17.92 -13.92
N PHE C 153 23.21 16.72 -14.45
CA PHE C 153 24.07 16.18 -15.50
C PHE C 153 23.36 15.16 -16.38
N VAL C 154 23.95 14.92 -17.55
CA VAL C 154 23.40 13.98 -18.54
C VAL C 154 23.97 12.58 -18.36
N GLU C 155 25.29 12.47 -18.43
CA GLU C 155 25.99 11.18 -18.39
C GLU C 155 26.98 11.07 -17.22
N LEU C 156 27.01 9.87 -16.63
CA LEU C 156 27.88 9.59 -15.50
C LEU C 156 29.18 8.98 -16.01
N GLY C 157 30.28 9.31 -15.36
CA GLY C 157 31.59 8.78 -15.75
C GLY C 157 32.43 8.27 -14.59
N LEU C 158 33.41 7.44 -14.91
CA LEU C 158 34.37 6.99 -13.91
C LEU C 158 35.78 7.26 -14.38
N SER C 159 36.68 7.47 -13.43
CA SER C 159 38.08 7.65 -13.76
C SER C 159 38.98 7.07 -12.67
N ASN C 160 40.04 6.41 -13.10
CA ASN C 160 41.02 5.83 -12.19
C ASN C 160 40.45 4.76 -11.27
N TYR C 161 39.31 4.18 -11.64
CA TYR C 161 38.79 3.01 -10.95
C TYR C 161 39.40 1.75 -11.59
N ALA C 162 39.61 0.72 -10.78
CA ALA C 162 40.08 -0.55 -11.28
C ALA C 162 38.96 -1.19 -12.08
N ALA C 163 39.33 -2.01 -13.07
CA ALA C 163 38.36 -2.70 -13.91
C ALA C 163 37.27 -3.32 -13.06
N TRP C 164 37.68 -4.05 -12.02
CA TRP C 164 36.73 -4.76 -11.17
C TRP C 164 35.81 -3.82 -10.36
N GLU C 165 36.29 -2.64 -10.02
CA GLU C 165 35.48 -1.66 -9.34
C GLU C 165 34.39 -1.18 -10.31
N VAL C 166 34.76 -1.05 -11.59
CA VAL C 166 33.80 -0.63 -12.61
C VAL C 166 32.72 -1.68 -12.76
N ALA C 167 33.14 -2.95 -12.82
CA ALA C 167 32.22 -4.09 -12.91
C ALA C 167 31.23 -4.07 -11.76
N GLU C 168 31.71 -3.82 -10.55
CA GLU C 168 30.85 -3.73 -9.38
C GLU C 168 29.80 -2.61 -9.52
N ILE C 169 30.26 -1.43 -9.89
CA ILE C 169 29.39 -0.26 -9.99
C ILE C 169 28.27 -0.51 -10.99
N CYS C 170 28.62 -0.98 -12.17
CA CYS C 170 27.64 -1.16 -13.23
C CYS C 170 26.59 -2.19 -12.87
N THR C 171 27.00 -3.26 -12.21
CA THR C 171 26.07 -4.29 -11.78
C THR C 171 25.13 -3.78 -10.68
N LEU C 172 25.65 -2.93 -9.80
CA LEU C 172 24.83 -2.32 -8.73
C LEU C 172 23.77 -1.37 -9.30
N CYS C 173 24.15 -0.63 -10.34
CA CYS C 173 23.23 0.30 -10.99
C CYS C 173 22.10 -0.42 -11.76
N LYS C 174 22.45 -1.43 -12.56
CA LYS C 174 21.46 -2.25 -13.25
C LYS C 174 20.44 -2.71 -12.24
N SER C 175 20.93 -3.35 -11.17
CA SER C 175 20.05 -3.98 -10.16
C SER C 175 19.32 -3.01 -9.20
N ASN C 176 19.85 -1.80 -9.05
CA ASN C 176 19.18 -0.74 -8.26
C ASN C 176 18.48 0.29 -9.15
N GLY C 177 18.54 0.10 -10.47
CA GLY C 177 17.92 1.02 -11.43
C GLY C 177 18.46 2.44 -11.38
N TRP C 178 19.75 2.58 -11.11
CA TRP C 178 20.43 3.87 -11.16
C TRP C 178 21.09 4.08 -12.51
N ILE C 179 21.44 5.32 -12.79
CA ILE C 179 22.10 5.66 -14.03
C ILE C 179 23.43 4.92 -14.08
N LEU C 180 23.71 4.28 -15.20
CA LEU C 180 24.97 3.58 -15.38
C LEU C 180 26.02 4.55 -15.87
N PRO C 181 27.28 4.34 -15.44
CA PRO C 181 28.35 5.10 -16.05
C PRO C 181 28.55 4.64 -17.49
N THR C 182 28.82 5.58 -18.38
CA THR C 182 28.91 5.31 -19.80
C THR C 182 30.23 5.77 -20.41
N VAL C 183 31.07 6.43 -19.60
CA VAL C 183 32.38 6.88 -20.03
C VAL C 183 33.40 6.58 -18.97
N TYR C 184 34.53 6.02 -19.38
CA TYR C 184 35.69 5.85 -18.50
C TYR C 184 36.83 6.73 -19.00
N GLN C 185 37.44 7.46 -18.09
CA GLN C 185 38.58 8.30 -18.44
C GLN C 185 39.82 7.68 -17.79
N GLY C 186 40.77 7.27 -18.61
CA GLY C 186 41.93 6.52 -18.12
C GLY C 186 43.30 6.87 -18.71
N MET C 187 44.32 6.52 -17.96
CA MET C 187 45.68 6.78 -18.33
C MET C 187 46.09 5.84 -19.49
N TYR C 188 46.35 6.42 -20.65
CA TYR C 188 46.71 5.62 -21.83
C TYR C 188 47.63 6.37 -22.80
N ASN C 189 48.76 5.74 -23.13
CA ASN C 189 49.65 6.27 -24.16
C ASN C 189 50.57 5.19 -24.75
N ALA C 190 51.30 5.55 -25.80
CA ALA C 190 52.14 4.57 -26.49
C ALA C 190 53.07 3.74 -25.60
N ILE C 191 53.56 4.31 -24.49
CA ILE C 191 54.47 3.62 -23.57
C ILE C 191 53.77 3.30 -22.24
N THR C 192 52.44 3.37 -22.17
CA THR C 192 51.67 3.04 -20.95
C THR C 192 50.32 2.38 -21.27
N ARG C 193 50.29 1.06 -21.20
CA ARG C 193 49.20 0.28 -21.78
C ARG C 193 48.59 -0.72 -20.80
N GLN C 194 48.60 -0.40 -19.52
CA GLN C 194 48.11 -1.35 -18.55
C GLN C 194 46.61 -1.53 -18.72
N VAL C 195 45.92 -0.47 -19.12
CA VAL C 195 44.48 -0.53 -19.31
C VAL C 195 44.05 -1.64 -20.27
N GLU C 196 44.89 -1.93 -21.27
CA GLU C 196 44.56 -2.93 -22.30
C GLU C 196 44.16 -4.32 -21.75
N THR C 197 44.85 -4.79 -20.73
CA THR C 197 44.72 -6.19 -20.31
C THR C 197 43.34 -6.52 -19.76
N GLU C 198 42.85 -5.73 -18.82
CA GLU C 198 41.57 -6.02 -18.16
C GLU C 198 40.51 -4.94 -18.35
N LEU C 199 40.91 -3.68 -18.28
CA LEU C 199 39.93 -2.60 -18.31
C LEU C 199 39.14 -2.60 -19.60
N PHE C 200 39.84 -2.68 -20.73
CA PHE C 200 39.18 -2.56 -22.02
C PHE C 200 38.13 -3.64 -22.23
N PRO C 201 38.53 -4.93 -22.12
CA PRO C 201 37.55 -6.03 -22.13
C PRO C 201 36.32 -5.73 -21.29
N CYS C 202 36.54 -5.24 -20.07
CA CYS C 202 35.47 -4.90 -19.16
C CYS C 202 34.60 -3.78 -19.70
N LEU C 203 35.22 -2.70 -20.16
CA LEU C 203 34.49 -1.57 -20.69
C LEU C 203 33.63 -1.93 -21.91
N ARG C 204 34.17 -2.75 -22.82
CA ARG C 204 33.39 -3.15 -23.99
C ARG C 204 32.21 -4.00 -23.55
N HIS C 205 32.39 -4.80 -22.49
CA HIS C 205 31.31 -5.67 -21.99
C HIS C 205 30.16 -4.86 -21.40
N PHE C 206 30.48 -3.82 -20.66
CA PHE C 206 29.47 -2.99 -20.01
C PHE C 206 29.09 -1.77 -20.83
N GLY C 207 29.74 -1.60 -21.98
CA GLY C 207 29.35 -0.58 -22.94
C GLY C 207 29.82 0.83 -22.61
N LEU C 208 30.90 0.95 -21.87
CA LEU C 208 31.49 2.26 -21.63
C LEU C 208 32.48 2.61 -22.75
N ARG C 209 32.54 3.90 -23.08
CA ARG C 209 33.56 4.37 -24.01
C ARG C 209 34.73 4.92 -23.24
N PHE C 210 35.92 4.84 -23.82
CA PHE C 210 37.14 5.18 -23.12
C PHE C 210 37.73 6.49 -23.64
N TYR C 211 38.00 7.41 -22.72
CA TYR C 211 38.68 8.67 -23.03
C TYR C 211 40.10 8.62 -22.46
N ALA C 212 41.10 8.80 -23.30
CA ALA C 212 42.49 8.70 -22.87
C ALA C 212 43.03 10.02 -22.37
N PHE C 213 43.68 9.99 -21.20
CA PHE C 213 44.47 11.14 -20.72
C PHE C 213 45.93 10.72 -20.63
N ASN C 214 46.79 11.71 -20.40
CA ASN C 214 48.23 11.52 -20.49
C ASN C 214 48.68 10.95 -21.84
N PRO C 215 48.06 11.39 -22.95
CA PRO C 215 48.44 10.80 -24.23
C PRO C 215 49.90 11.02 -24.66
N LEU C 216 50.53 12.07 -24.13
CA LEU C 216 51.95 12.32 -24.39
C LEU C 216 52.78 12.05 -23.14
N ALA C 217 52.22 11.29 -22.20
CA ALA C 217 52.88 11.06 -20.91
C ALA C 217 53.37 12.37 -20.30
N GLY C 218 52.49 13.37 -20.26
CA GLY C 218 52.80 14.66 -19.65
C GLY C 218 53.73 15.51 -20.49
N GLY C 219 53.95 15.12 -21.73
CA GLY C 219 54.97 15.75 -22.55
C GLY C 219 56.26 14.96 -22.72
N LEU C 220 56.44 13.90 -21.94
CA LEU C 220 57.67 13.12 -22.03
C LEU C 220 57.85 12.56 -23.44
N LEU C 221 56.74 12.14 -24.05
CA LEU C 221 56.77 11.55 -25.38
C LEU C 221 56.93 12.57 -26.50
N THR C 222 56.98 13.86 -26.18
CA THR C 222 57.37 14.87 -27.16
C THR C 222 58.87 14.81 -27.41
N GLY C 223 59.61 14.17 -26.52
CA GLY C 223 61.04 13.92 -26.72
C GLY C 223 61.90 15.13 -26.43
N LYS C 224 61.36 16.11 -25.70
CA LYS C 224 62.05 17.36 -25.44
C LYS C 224 62.93 17.30 -24.20
N TYR C 225 62.76 16.25 -23.40
CA TYR C 225 63.58 16.05 -22.21
C TYR C 225 64.65 14.98 -22.47
N LYS C 226 65.74 15.02 -21.70
CA LYS C 226 66.71 13.93 -21.59
C LYS C 226 66.86 13.55 -20.11
N TYR C 227 66.99 12.25 -19.81
CA TYR C 227 66.98 11.75 -18.43
C TYR C 227 67.83 12.55 -17.45
N GLU C 228 68.97 13.02 -17.94
CA GLU C 228 69.98 13.70 -17.11
C GLU C 228 69.56 15.11 -16.66
N ASP C 229 68.37 15.57 -17.06
CA ASP C 229 67.85 16.89 -16.69
C ASP C 229 67.43 16.98 -15.22
N LYS C 230 67.05 15.83 -14.62
CA LYS C 230 66.63 15.80 -13.21
C LYS C 230 67.75 16.30 -12.27
N ASP C 231 69.00 16.08 -12.68
CA ASP C 231 70.15 16.47 -11.87
C ASP C 231 70.63 17.88 -12.16
N GLY C 232 70.26 18.43 -13.32
CA GLY C 232 70.83 19.71 -13.76
C GLY C 232 69.84 20.73 -14.28
N LYS C 233 69.44 20.58 -15.54
CA LYS C 233 68.68 21.61 -16.27
C LYS C 233 67.33 21.94 -15.65
N GLN C 234 66.63 20.90 -15.18
CA GLN C 234 65.35 21.03 -14.49
C GLN C 234 64.44 22.11 -15.10
N PRO C 235 64.01 21.93 -16.36
CA PRO C 235 63.22 22.93 -17.10
C PRO C 235 61.79 23.09 -16.63
N VAL C 236 61.43 24.29 -16.17
CA VAL C 236 60.09 24.59 -15.66
C VAL C 236 59.03 24.03 -16.60
N GLY C 237 58.34 22.99 -16.16
CA GLY C 237 57.30 22.36 -16.98
C GLY C 237 56.41 21.45 -16.15
N ARG C 238 55.84 20.44 -16.79
CA ARG C 238 55.01 19.45 -16.12
C ARG C 238 55.82 18.69 -15.08
N PHE C 239 57.10 18.46 -15.39
CA PHE C 239 57.97 17.63 -14.57
C PHE C 239 58.86 18.39 -13.60
N PHE C 240 58.80 19.72 -13.62
CA PHE C 240 59.64 20.53 -12.74
C PHE C 240 58.97 21.81 -12.26
N GLY C 241 59.10 22.07 -10.95
CA GLY C 241 58.71 23.34 -10.34
C GLY C 241 57.22 23.57 -10.18
N ASN C 242 56.48 22.52 -9.88
CA ASN C 242 55.10 22.66 -9.41
C ASN C 242 54.75 21.58 -8.39
N THR C 243 53.62 21.76 -7.73
CA THR C 243 53.18 20.85 -6.69
C THR C 243 53.25 19.38 -7.10
N TRP C 244 52.83 19.09 -8.34
CA TRP C 244 52.72 17.73 -8.80
C TRP C 244 53.91 17.27 -9.62
N ALA C 245 54.93 18.13 -9.72
CA ALA C 245 56.18 17.78 -10.41
C ALA C 245 56.69 16.42 -9.99
N GLU C 246 56.82 16.17 -8.69
CA GLU C 246 57.41 14.91 -8.25
C GLU C 246 56.55 13.70 -8.56
N MET C 247 55.23 13.83 -8.46
CA MET C 247 54.39 12.71 -8.81
C MET C 247 54.60 12.28 -10.26
N TYR C 248 54.64 13.26 -11.16
CA TYR C 248 54.83 12.98 -12.58
C TYR C 248 56.21 12.40 -12.85
N ARG C 249 57.20 12.79 -12.06
CA ARG C 249 58.50 12.15 -12.17
C ARG C 249 58.45 10.70 -11.75
N ASN C 250 57.78 10.39 -10.64
CA ASN C 250 57.63 8.99 -10.20
C ASN C 250 56.83 8.16 -11.18
N ARG C 251 55.96 8.81 -11.96
CA ARG C 251 55.12 8.12 -12.93
C ARG C 251 55.90 7.76 -14.20
N TYR C 252 56.53 8.76 -14.84
CA TYR C 252 57.10 8.60 -16.18
C TYR C 252 58.62 8.77 -16.31
N TRP C 253 59.25 9.46 -15.38
CA TRP C 253 60.67 9.79 -15.53
C TRP C 253 61.55 8.65 -15.07
N LYS C 254 61.54 7.56 -15.80
CA LYS C 254 62.42 6.42 -15.51
C LYS C 254 63.49 6.25 -16.64
N GLU C 255 64.60 5.61 -16.32
CA GLU C 255 65.68 5.42 -17.32
C GLU C 255 65.16 4.61 -18.51
N HIS C 256 64.44 3.51 -18.23
CA HIS C 256 63.88 2.66 -19.29
C HIS C 256 62.86 3.36 -20.21
N HIS C 257 62.20 4.39 -19.72
CA HIS C 257 61.33 5.20 -20.58
C HIS C 257 62.15 5.96 -21.61
N PHE C 258 63.25 6.57 -21.18
CA PHE C 258 64.07 7.36 -22.09
C PHE C 258 64.76 6.48 -23.12
N GLU C 259 65.08 5.24 -22.75
CA GLU C 259 65.56 4.25 -23.72
C GLU C 259 64.57 4.13 -24.84
N GLY C 260 63.30 3.95 -24.46
CA GLY C 260 62.23 3.67 -25.39
C GLY C 260 61.95 4.81 -26.35
N ILE C 261 62.03 6.04 -25.87
CA ILE C 261 61.87 7.20 -26.73
C ILE C 261 62.99 7.23 -27.76
N ALA C 262 64.21 6.95 -27.32
CA ALA C 262 65.38 6.87 -28.23
C ALA C 262 65.17 5.81 -29.31
N LEU C 263 64.65 4.65 -28.90
CA LEU C 263 64.37 3.55 -29.81
C LEU C 263 63.38 3.96 -30.91
N VAL C 264 62.34 4.71 -30.52
CA VAL C 264 61.35 5.23 -31.48
C VAL C 264 61.96 6.31 -32.38
N GLU C 265 62.75 7.20 -31.81
CA GLU C 265 63.41 8.26 -32.58
C GLU C 265 64.34 7.71 -33.66
N LYS C 266 65.07 6.63 -33.35
CA LYS C 266 65.95 5.95 -34.32
C LYS C 266 65.10 5.27 -35.41
N ALA C 267 63.98 4.66 -35.01
CA ALA C 267 63.07 4.00 -35.95
C ALA C 267 62.40 5.00 -36.89
N LEU C 268 62.15 6.21 -36.39
CA LEU C 268 61.56 7.27 -37.21
C LEU C 268 62.52 7.73 -38.30
N GLN C 269 63.75 8.08 -37.93
CA GLN C 269 64.75 8.49 -38.91
C GLN C 269 65.01 7.39 -39.94
N ALA C 270 64.98 6.13 -39.48
CA ALA C 270 65.23 4.97 -40.34
C ALA C 270 64.18 4.79 -41.44
N ALA C 271 62.92 4.88 -41.07
CA ALA C 271 61.83 4.60 -42.00
C ALA C 271 61.33 5.82 -42.78
N TYR C 272 61.62 7.03 -42.29
CA TYR C 272 61.15 8.27 -42.95
C TYR C 272 62.27 9.22 -43.41
N GLY C 273 63.42 9.17 -42.74
CA GLY C 273 64.59 9.97 -43.11
C GLY C 273 64.49 11.46 -42.79
N ALA C 274 64.81 12.28 -43.78
CA ALA C 274 64.69 13.74 -43.66
C ALA C 274 63.24 14.17 -43.45
N SER C 275 62.32 13.47 -44.12
CA SER C 275 60.90 13.80 -44.03
C SER C 275 60.25 13.31 -42.74
N ALA C 276 61.06 12.89 -41.76
CA ALA C 276 60.56 12.32 -40.51
C ALA C 276 59.75 13.32 -39.70
N PRO C 277 58.58 12.90 -39.17
CA PRO C 277 57.79 13.78 -38.30
C PRO C 277 58.32 13.87 -36.88
N SER C 278 57.96 14.93 -36.18
CA SER C 278 58.27 15.06 -34.75
C SER C 278 57.62 13.91 -34.06
N MET C 279 58.16 13.47 -32.93
CA MET C 279 57.59 12.32 -32.28
C MET C 279 56.55 12.71 -31.23
N THR C 280 56.30 14.01 -31.10
CA THR C 280 55.03 14.50 -30.60
C THR C 280 53.95 13.98 -31.55
N SER C 281 54.19 14.19 -32.84
CA SER C 281 53.26 13.81 -33.88
C SER C 281 53.11 12.29 -33.93
N ALA C 282 54.24 11.59 -33.93
CA ALA C 282 54.25 10.14 -33.97
C ALA C 282 53.46 9.57 -32.81
N THR C 283 53.69 10.09 -31.61
CA THR C 283 53.03 9.57 -30.42
C THR C 283 51.52 9.74 -30.49
N LEU C 284 51.06 10.90 -30.92
CA LEU C 284 49.63 11.15 -31.03
C LEU C 284 49.03 10.24 -32.09
N ARG C 285 49.71 10.14 -33.23
CA ARG C 285 49.21 9.32 -34.32
C ARG C 285 49.09 7.85 -33.90
N TRP C 286 49.92 7.41 -32.95
CA TRP C 286 49.81 6.05 -32.43
C TRP C 286 48.47 5.84 -31.74
N MET C 287 48.06 6.84 -30.96
CA MET C 287 46.79 6.78 -30.22
C MET C 287 45.61 6.74 -31.18
N TYR C 288 45.63 7.64 -32.16
CA TYR C 288 44.52 7.77 -33.11
C TYR C 288 44.40 6.55 -34.04
N HIS C 289 45.52 6.03 -34.50
CA HIS C 289 45.48 4.99 -35.54
C HIS C 289 45.82 3.57 -35.07
N HIS C 290 46.74 3.41 -34.11
CA HIS C 290 47.27 2.08 -33.80
C HIS C 290 47.02 1.57 -32.39
N SER C 291 46.22 2.28 -31.60
CA SER C 291 45.92 1.86 -30.23
C SER C 291 44.70 0.97 -30.23
N GLN C 292 44.20 0.66 -29.05
CA GLN C 292 42.94 -0.08 -28.90
C GLN C 292 41.73 0.85 -28.92
N LEU C 293 41.95 2.15 -28.97
CA LEU C 293 40.84 3.11 -29.05
C LEU C 293 40.11 2.84 -30.33
N GLN C 294 38.79 2.98 -30.31
CA GLN C 294 37.96 2.76 -31.50
C GLN C 294 36.90 3.83 -31.65
N GLY C 295 37.02 4.63 -32.70
CA GLY C 295 36.02 5.63 -33.04
C GLY C 295 34.62 5.03 -33.02
N ALA C 296 34.48 3.85 -33.60
CA ALA C 296 33.22 3.10 -33.60
C ALA C 296 32.49 3.10 -32.24
N HIS C 297 33.23 2.91 -31.15
CA HIS C 297 32.63 2.88 -29.80
C HIS C 297 32.60 4.23 -29.10
N GLY C 298 33.03 5.28 -29.79
CA GLY C 298 32.98 6.64 -29.25
C GLY C 298 34.17 7.00 -28.41
N ASP C 299 35.24 6.22 -28.53
CA ASP C 299 36.45 6.50 -27.74
C ASP C 299 37.02 7.84 -28.16
N ALA C 300 37.79 8.46 -27.26
CA ALA C 300 38.38 9.76 -27.54
C ALA C 300 39.78 9.86 -26.95
N VAL C 301 40.52 10.85 -27.42
CA VAL C 301 41.81 11.25 -26.86
C VAL C 301 41.64 12.65 -26.27
N ILE C 302 42.01 12.81 -24.99
CA ILE C 302 41.97 14.13 -24.36
C ILE C 302 43.34 14.77 -24.50
N LEU C 303 43.43 15.82 -25.30
CA LEU C 303 44.72 16.42 -25.62
C LEU C 303 45.10 17.39 -24.53
N GLY C 304 46.38 17.37 -24.16
CA GLY C 304 46.95 18.30 -23.20
C GLY C 304 47.85 19.32 -23.87
N MET C 305 47.94 20.50 -23.26
CA MET C 305 48.80 21.57 -23.74
C MET C 305 48.98 22.63 -22.66
N SER C 306 50.14 23.29 -22.68
CA SER C 306 50.41 24.42 -21.82
C SER C 306 50.54 25.73 -22.61
N SER C 307 50.35 25.65 -23.92
CA SER C 307 50.41 26.85 -24.77
C SER C 307 49.59 26.66 -26.05
N LEU C 308 49.38 27.76 -26.78
CA LEU C 308 48.64 27.72 -28.04
C LEU C 308 49.47 27.09 -29.16
N GLU C 309 50.75 27.43 -29.20
CA GLU C 309 51.68 26.86 -30.18
C GLU C 309 51.72 25.33 -30.07
N GLN C 310 51.53 24.82 -28.85
CA GLN C 310 51.46 23.37 -28.60
C GLN C 310 50.16 22.74 -29.12
N LEU C 311 49.04 23.45 -28.91
CA LEU C 311 47.74 22.93 -29.33
C LEU C 311 47.66 22.81 -30.83
N GLU C 312 48.02 23.89 -31.53
CA GLU C 312 48.03 23.89 -33.00
C GLU C 312 48.93 22.74 -33.51
N GLN C 313 50.08 22.57 -32.85
CA GLN C 313 51.02 21.49 -33.15
C GLN C 313 50.35 20.12 -32.99
N ASN C 314 49.59 19.96 -31.90
CA ASN C 314 48.93 18.69 -31.59
C ASN C 314 47.70 18.40 -32.45
N LEU C 315 46.85 19.42 -32.63
CA LEU C 315 45.64 19.26 -33.45
C LEU C 315 45.99 18.84 -34.88
N ALA C 316 47.14 19.30 -35.37
CA ALA C 316 47.64 18.90 -36.69
C ALA C 316 47.93 17.41 -36.70
N ALA C 317 48.71 16.95 -35.73
CA ALA C 317 49.03 15.52 -35.59
C ALA C 317 47.80 14.61 -35.47
N ALA C 318 46.73 15.13 -34.84
CA ALA C 318 45.47 14.39 -34.71
C ALA C 318 44.91 14.00 -36.07
N GLU C 319 44.94 14.95 -37.01
CA GLU C 319 44.41 14.74 -38.36
C GLU C 319 45.36 13.99 -39.30
N GLU C 320 46.65 13.95 -38.98
CA GLU C 320 47.63 13.19 -39.77
C GLU C 320 47.27 11.71 -39.84
N GLY C 321 47.81 11.02 -40.83
CA GLY C 321 47.45 9.63 -41.10
C GLY C 321 48.28 8.65 -40.29
N PRO C 322 48.11 7.33 -40.54
CA PRO C 322 48.81 6.28 -39.81
C PRO C 322 50.29 6.21 -40.10
N LEU C 323 50.99 5.40 -39.32
CA LEU C 323 52.45 5.30 -39.35
C LEU C 323 52.92 4.03 -40.04
N GLU C 324 54.14 4.07 -40.57
CA GLU C 324 54.75 2.86 -41.14
C GLU C 324 54.80 1.74 -40.08
N PRO C 325 54.67 0.47 -40.50
CA PRO C 325 54.62 -0.62 -39.54
C PRO C 325 55.90 -0.78 -38.73
N ALA C 326 57.05 -0.44 -39.31
CA ALA C 326 58.33 -0.55 -38.61
C ALA C 326 58.39 0.37 -37.38
N VAL C 327 57.72 1.52 -37.46
CA VAL C 327 57.65 2.47 -36.34
C VAL C 327 56.69 1.98 -35.25
N VAL C 328 55.54 1.46 -35.66
CA VAL C 328 54.60 0.87 -34.71
C VAL C 328 55.23 -0.31 -33.95
N ASP C 329 56.10 -1.06 -34.63
CA ASP C 329 56.88 -2.13 -34.00
C ASP C 329 57.85 -1.57 -32.97
N ALA C 330 58.45 -0.42 -33.27
CA ALA C 330 59.38 0.23 -32.35
C ALA C 330 58.68 0.71 -31.08
N PHE C 331 57.52 1.35 -31.24
CA PHE C 331 56.70 1.74 -30.08
C PHE C 331 56.37 0.54 -29.23
N ASN C 332 55.98 -0.54 -29.89
CA ASN C 332 55.69 -1.79 -29.21
C ASN C 332 56.92 -2.29 -28.46
N GLN C 333 58.08 -2.23 -29.11
CA GLN C 333 59.34 -2.64 -28.48
C GLN C 333 59.67 -1.76 -27.27
N ALA C 334 59.35 -0.48 -27.36
CA ALA C 334 59.60 0.46 -26.26
C ALA C 334 58.68 0.20 -25.09
N TRP C 335 57.44 -0.16 -25.37
CA TRP C 335 56.47 -0.50 -24.33
C TRP C 335 56.92 -1.74 -23.59
N HIS C 336 57.40 -2.74 -24.32
CA HIS C 336 57.93 -3.95 -23.69
C HIS C 336 59.10 -3.64 -22.76
N LEU C 337 59.82 -2.58 -23.08
CA LEU C 337 60.96 -2.15 -22.28
C LEU C 337 60.50 -1.72 -20.89
N VAL C 338 59.39 -0.98 -20.83
CA VAL C 338 58.94 -0.33 -19.58
C VAL C 338 57.75 -0.98 -18.90
N ALA C 339 57.21 -2.03 -19.49
CA ALA C 339 55.96 -2.63 -19.02
C ALA C 339 56.02 -3.06 -17.55
N HIS C 340 57.16 -3.62 -17.16
CA HIS C 340 57.39 -4.07 -15.78
C HIS C 340 57.37 -2.94 -14.76
N GLU C 341 57.79 -1.74 -15.18
CA GLU C 341 57.84 -0.55 -14.31
C GLU C 341 56.69 0.43 -14.65
N CYS C 342 55.58 -0.11 -15.15
CA CYS C 342 54.48 0.73 -15.63
C CYS C 342 53.56 1.18 -14.50
N PRO C 343 53.15 2.47 -14.52
CA PRO C 343 52.24 2.99 -13.49
C PRO C 343 50.83 2.43 -13.56
N ASN C 344 50.22 2.18 -12.40
CA ASN C 344 48.86 1.70 -12.36
C ASN C 344 47.90 2.74 -12.91
N TYR C 345 46.87 2.25 -13.61
CA TYR C 345 45.84 3.11 -14.17
C TYR C 345 44.79 3.51 -13.12
N PHE C 346 44.92 2.95 -11.91
CA PHE C 346 43.91 3.10 -10.86
C PHE C 346 44.51 3.53 -9.51
N ARG C 347 43.78 4.40 -8.81
CA ARG C 347 44.14 4.90 -7.47
C ARG C 347 43.26 4.22 -6.39
N ARG D 25 52.45 -21.14 6.77
CA ARG D 25 51.03 -20.82 7.19
C ARG D 25 50.00 -21.04 6.06
N PRO D 26 50.37 -20.73 4.80
CA PRO D 26 49.48 -21.02 3.65
C PRO D 26 49.26 -22.50 3.39
N ALA D 27 47.99 -22.88 3.18
CA ALA D 27 47.59 -24.29 3.09
C ALA D 27 48.19 -25.00 1.87
N THR D 28 48.11 -26.34 1.87
CA THR D 28 48.56 -27.15 0.74
C THR D 28 47.45 -28.09 0.25
N VAL D 29 47.15 -28.02 -1.04
CA VAL D 29 46.11 -28.86 -1.65
C VAL D 29 46.74 -29.78 -2.70
N LEU D 30 46.23 -31.00 -2.80
CA LEU D 30 46.80 -32.01 -3.69
C LEU D 30 46.24 -31.90 -5.11
N GLY D 31 47.12 -31.61 -6.07
CA GLY D 31 46.75 -31.51 -7.48
C GLY D 31 46.61 -32.87 -8.14
N ALA D 32 45.37 -33.28 -8.42
CA ALA D 32 45.07 -34.63 -8.91
C ALA D 32 44.95 -34.71 -10.43
N MET D 33 45.63 -33.81 -11.15
CA MET D 33 45.49 -33.72 -12.59
C MET D 33 46.19 -34.88 -13.29
N GLU D 34 47.34 -35.27 -12.79
CA GLU D 34 48.15 -36.31 -13.44
C GLU D 34 47.70 -37.74 -13.08
N MET D 35 46.74 -37.85 -12.16
CA MET D 35 46.19 -39.14 -11.77
C MET D 35 45.32 -39.65 -12.90
N GLY D 36 45.69 -40.82 -13.41
CA GLY D 36 45.03 -41.39 -14.59
C GLY D 36 45.82 -41.14 -15.87
N ARG D 37 46.68 -40.12 -15.86
CA ARG D 37 47.50 -39.77 -17.01
C ARG D 37 48.89 -40.31 -16.80
N ARG D 38 49.73 -39.61 -16.06
CA ARG D 38 51.12 -40.05 -15.84
C ARG D 38 51.24 -41.02 -14.66
N MET D 39 50.32 -40.95 -13.71
CA MET D 39 50.32 -41.85 -12.56
C MET D 39 49.18 -42.87 -12.70
N ASP D 40 49.50 -44.16 -12.62
CA ASP D 40 48.46 -45.20 -12.63
C ASP D 40 47.67 -45.19 -11.31
N ALA D 41 46.69 -46.08 -11.20
CA ALA D 41 45.87 -46.17 -9.98
C ALA D 41 46.69 -46.39 -8.70
N PRO D 42 47.56 -47.43 -8.67
CA PRO D 42 48.48 -47.66 -7.56
C PRO D 42 49.36 -46.47 -7.17
N THR D 43 50.06 -45.87 -8.14
CA THR D 43 50.93 -44.72 -7.85
C THR D 43 50.13 -43.58 -7.26
N SER D 44 48.92 -43.37 -7.76
CA SER D 44 48.07 -42.28 -7.30
C SER D 44 47.59 -42.51 -5.86
N ALA D 45 47.22 -43.75 -5.54
CA ALA D 45 46.80 -44.11 -4.19
C ALA D 45 47.95 -43.90 -3.21
N ALA D 46 49.16 -44.29 -3.63
CA ALA D 46 50.37 -44.10 -2.84
C ALA D 46 50.62 -42.63 -2.54
N VAL D 47 50.45 -41.79 -3.57
CA VAL D 47 50.62 -40.35 -3.43
C VAL D 47 49.59 -39.72 -2.49
N THR D 48 48.33 -40.15 -2.60
CA THR D 48 47.29 -39.70 -1.68
C THR D 48 47.58 -40.10 -0.23
N ARG D 49 48.06 -41.32 -0.02
CA ARG D 49 48.46 -41.79 1.30
C ARG D 49 49.56 -40.91 1.89
N ALA D 50 50.56 -40.61 1.07
CA ALA D 50 51.70 -39.78 1.48
C ALA D 50 51.24 -38.39 1.86
N PHE D 51 50.42 -37.80 0.99
CA PHE D 51 49.89 -36.45 1.18
C PHE D 51 49.11 -36.28 2.48
N LEU D 52 48.22 -37.23 2.75
CA LEU D 52 47.41 -37.19 3.96
C LEU D 52 48.25 -37.49 5.21
N GLU D 53 49.24 -38.37 5.10
CA GLU D 53 50.14 -38.71 6.21
C GLU D 53 51.08 -37.54 6.64
N ARG D 54 51.04 -36.43 5.90
CA ARG D 54 51.67 -35.17 6.34
C ARG D 54 50.64 -34.22 6.98
N GLY D 55 49.42 -34.70 7.22
CA GLY D 55 48.39 -33.91 7.89
C GLY D 55 47.57 -32.99 6.99
N HIS D 56 47.87 -32.97 5.69
CA HIS D 56 47.09 -32.15 4.75
C HIS D 56 45.74 -32.80 4.48
N THR D 57 44.82 -32.06 3.89
CA THR D 57 43.42 -32.40 3.97
C THR D 57 42.62 -32.37 2.64
N GLU D 58 42.96 -31.45 1.74
CA GLU D 58 42.11 -31.15 0.58
C GLU D 58 42.73 -31.58 -0.76
N ILE D 59 41.87 -32.03 -1.70
CA ILE D 59 42.31 -32.53 -3.01
C ILE D 59 41.56 -31.87 -4.15
N ASP D 60 42.32 -31.46 -5.18
CA ASP D 60 41.78 -30.78 -6.36
C ASP D 60 41.78 -31.66 -7.60
N THR D 61 40.58 -31.93 -8.12
CA THR D 61 40.41 -32.65 -9.37
C THR D 61 39.43 -31.88 -10.23
N ALA D 62 39.03 -32.48 -11.34
CA ALA D 62 38.15 -31.83 -12.29
C ALA D 62 37.47 -32.87 -13.18
N PHE D 63 36.27 -32.53 -13.66
CA PHE D 63 35.50 -33.38 -14.57
C PHE D 63 36.30 -33.83 -15.78
N VAL D 64 37.19 -32.98 -16.26
CA VAL D 64 37.84 -33.20 -17.52
C VAL D 64 39.20 -33.91 -17.40
N TYR D 65 39.76 -33.97 -16.20
CA TYR D 65 41.13 -34.47 -16.02
C TYR D 65 41.23 -35.94 -16.38
N SER D 66 42.27 -36.27 -17.17
CA SER D 66 42.48 -37.60 -17.76
C SER D 66 41.19 -38.33 -18.16
N GLU D 67 40.40 -37.67 -19.03
CA GLU D 67 39.14 -38.20 -19.58
C GLU D 67 38.21 -38.77 -18.51
N GLY D 68 38.33 -38.26 -17.28
CA GLY D 68 37.54 -38.73 -16.13
C GLY D 68 38.20 -39.78 -15.22
N GLN D 69 39.37 -40.28 -15.62
CA GLN D 69 40.05 -41.33 -14.87
C GLN D 69 40.55 -40.81 -13.52
N SER D 70 40.84 -39.51 -13.43
CA SER D 70 41.26 -38.90 -12.16
C SER D 70 40.18 -39.05 -11.09
N GLU D 71 39.01 -38.47 -11.34
CA GLU D 71 37.87 -38.56 -10.42
C GLU D 71 37.50 -40.00 -10.07
N THR D 72 37.61 -40.90 -11.04
CA THR D 72 37.27 -42.32 -10.82
C THR D 72 38.29 -43.01 -9.90
N ILE D 73 39.58 -42.69 -10.05
CA ILE D 73 40.62 -43.23 -9.18
C ILE D 73 40.33 -42.84 -7.73
N LEU D 74 40.22 -41.53 -7.50
CA LEU D 74 39.96 -40.99 -6.15
C LEU D 74 38.70 -41.57 -5.53
N GLY D 75 37.66 -41.70 -6.35
CA GLY D 75 36.40 -42.29 -5.91
C GLY D 75 36.53 -43.73 -5.45
N GLY D 76 37.55 -44.42 -5.94
CA GLY D 76 37.81 -45.81 -5.55
C GLY D 76 38.90 -46.03 -4.51
N LEU D 77 39.27 -44.98 -3.77
CA LEU D 77 40.28 -45.10 -2.69
C LEU D 77 39.64 -45.31 -1.32
N GLY D 78 38.32 -45.54 -1.31
CA GLY D 78 37.58 -45.78 -0.08
C GLY D 78 37.74 -44.69 0.97
N LEU D 79 37.75 -43.44 0.53
CA LEU D 79 37.86 -42.30 1.43
C LEU D 79 36.49 -41.83 1.92
N ARG D 80 35.43 -42.56 1.59
CA ARG D 80 34.07 -42.23 2.00
C ARG D 80 33.80 -40.73 1.81
N LEU D 81 34.19 -40.21 0.64
CA LEU D 81 34.16 -38.77 0.37
C LEU D 81 32.76 -38.17 0.57
N GLY D 82 32.72 -36.88 0.91
CA GLY D 82 31.45 -36.16 1.08
C GLY D 82 30.61 -36.55 2.30
N GLY D 83 31.00 -37.62 2.98
CA GLY D 83 30.31 -38.06 4.18
C GLY D 83 30.67 -37.19 5.37
N SER D 84 29.97 -37.40 6.48
CA SER D 84 30.27 -36.70 7.73
C SER D 84 31.47 -37.37 8.42
N ASP D 85 31.47 -38.70 8.45
CA ASP D 85 32.64 -39.50 8.89
C ASP D 85 33.70 -39.47 7.76
N CYS D 86 34.30 -38.29 7.56
CA CYS D 86 35.26 -38.07 6.49
C CYS D 86 36.19 -36.88 6.76
N ARG D 87 37.48 -37.15 6.85
CA ARG D 87 38.48 -36.12 7.11
C ARG D 87 38.85 -35.34 5.84
N VAL D 88 38.84 -36.01 4.67
CA VAL D 88 39.30 -35.42 3.40
C VAL D 88 38.25 -34.53 2.70
N LYS D 89 38.69 -33.37 2.21
CA LYS D 89 37.82 -32.46 1.48
C LYS D 89 38.14 -32.57 -0.01
N ILE D 90 37.11 -32.59 -0.85
CA ILE D 90 37.30 -32.83 -2.30
C ILE D 90 36.80 -31.67 -3.15
N ASP D 91 37.58 -31.33 -4.18
CA ASP D 91 37.25 -30.22 -5.08
C ASP D 91 37.13 -30.72 -6.52
N THR D 92 36.08 -30.30 -7.23
CA THR D 92 35.96 -30.60 -8.66
C THR D 92 35.46 -29.39 -9.43
N LYS D 93 35.39 -29.52 -10.76
CA LYS D 93 35.07 -28.40 -11.64
C LYS D 93 34.20 -28.83 -12.83
N ALA D 94 33.50 -27.85 -13.41
CA ALA D 94 32.76 -28.02 -14.67
C ALA D 94 33.33 -27.05 -15.73
N ILE D 95 33.57 -27.52 -16.95
CA ILE D 95 34.09 -26.64 -17.99
C ILE D 95 33.11 -26.38 -19.13
N PRO D 96 33.33 -25.26 -19.85
CA PRO D 96 32.64 -24.96 -21.09
C PRO D 96 33.49 -25.24 -22.33
N LEU D 97 34.35 -26.24 -22.29
CA LEU D 97 35.04 -26.67 -23.50
C LEU D 97 34.42 -27.95 -24.03
N PHE D 98 34.79 -28.30 -25.27
CA PHE D 98 34.31 -29.52 -25.92
C PHE D 98 32.79 -29.42 -26.04
N GLY D 99 32.06 -30.52 -25.99
CA GLY D 99 30.60 -30.43 -26.10
C GLY D 99 29.96 -29.53 -25.05
N ASN D 100 30.71 -29.27 -23.98
CA ASN D 100 30.14 -28.80 -22.74
C ASN D 100 30.00 -27.31 -22.70
N SER D 101 29.01 -26.88 -21.93
CA SER D 101 28.81 -25.47 -21.62
C SER D 101 28.71 -25.35 -20.10
N LEU D 102 28.51 -24.12 -19.64
CA LEU D 102 28.10 -23.87 -18.26
C LEU D 102 26.62 -23.46 -18.22
N LYS D 103 25.87 -23.79 -19.25
CA LYS D 103 24.44 -23.65 -19.22
C LYS D 103 23.91 -24.67 -18.22
N PRO D 104 22.72 -24.42 -17.64
CA PRO D 104 22.19 -25.22 -16.55
C PRO D 104 22.26 -26.72 -16.80
N ASP D 105 21.77 -27.17 -17.94
CA ASP D 105 21.70 -28.60 -18.21
C ASP D 105 23.08 -29.27 -18.19
N SER D 106 24.04 -28.72 -18.96
CA SER D 106 25.40 -29.25 -19.01
C SER D 106 26.01 -29.23 -17.62
N LEU D 107 25.83 -28.11 -16.94
CA LEU D 107 26.38 -27.90 -15.61
C LEU D 107 26.02 -29.06 -14.69
N ARG D 108 24.76 -29.47 -14.73
CA ARG D 108 24.28 -30.61 -13.95
C ARG D 108 24.94 -31.93 -14.37
N PHE D 109 24.87 -32.24 -15.66
CA PHE D 109 25.48 -33.46 -16.19
C PHE D 109 26.90 -33.63 -15.68
N GLN D 110 27.67 -32.55 -15.69
CA GLN D 110 29.08 -32.61 -15.33
C GLN D 110 29.28 -32.89 -13.84
N LEU D 111 28.52 -32.20 -13.00
CA LEU D 111 28.63 -32.39 -11.56
C LEU D 111 28.12 -33.78 -11.19
N GLU D 112 26.92 -34.12 -11.68
CA GLU D 112 26.32 -35.41 -11.37
C GLU D 112 27.23 -36.57 -11.75
N THR D 113 27.98 -36.42 -12.83
CA THR D 113 28.94 -37.43 -13.23
C THR D 113 30.11 -37.43 -12.26
N SER D 114 30.63 -36.26 -11.94
CA SER D 114 31.73 -36.14 -10.98
C SER D 114 31.39 -36.86 -9.68
N LEU D 115 30.14 -36.70 -9.23
CA LEU D 115 29.67 -37.33 -8.01
C LEU D 115 29.67 -38.85 -8.14
N LYS D 116 29.03 -39.36 -9.19
CA LYS D 116 28.95 -40.81 -9.45
C LYS D 116 30.35 -41.44 -9.55
N ARG D 117 31.32 -40.70 -10.09
CA ARG D 117 32.71 -41.19 -10.19
C ARG D 117 33.39 -41.21 -8.83
N LEU D 118 33.28 -40.08 -8.12
CA LEU D 118 33.89 -39.92 -6.81
C LEU D 118 33.19 -40.74 -5.73
N GLN D 119 32.08 -41.38 -6.10
CA GLN D 119 31.30 -42.24 -5.22
C GLN D 119 30.86 -41.49 -3.96
N CYS D 120 30.33 -40.28 -4.14
CA CYS D 120 29.94 -39.46 -3.01
C CYS D 120 28.68 -38.66 -3.32
N PRO D 121 27.96 -38.23 -2.27
CA PRO D 121 26.71 -37.50 -2.43
C PRO D 121 26.92 -36.01 -2.66
N ARG D 122 28.06 -35.48 -2.23
CA ARG D 122 28.40 -34.08 -2.46
C ARG D 122 29.91 -33.79 -2.43
N VAL D 123 30.30 -32.74 -3.14
CA VAL D 123 31.67 -32.26 -3.12
C VAL D 123 31.78 -31.07 -2.20
N ASP D 124 32.99 -30.84 -1.70
CA ASP D 124 33.22 -29.78 -0.72
C ASP D 124 33.43 -28.42 -1.41
N LEU D 125 33.94 -28.45 -2.63
CA LEU D 125 34.13 -27.26 -3.44
C LEU D 125 33.83 -27.56 -4.90
N PHE D 126 33.10 -26.66 -5.55
CA PHE D 126 32.68 -26.84 -6.94
C PHE D 126 33.00 -25.61 -7.80
N TYR D 127 34.00 -25.73 -8.66
CA TYR D 127 34.43 -24.60 -9.47
C TYR D 127 33.74 -24.51 -10.82
N LEU D 128 33.58 -23.28 -11.30
CA LEU D 128 33.41 -23.03 -12.72
C LEU D 128 34.83 -22.93 -13.26
N HIS D 129 35.24 -23.94 -14.00
CA HIS D 129 36.64 -24.10 -14.45
C HIS D 129 37.17 -22.90 -15.26
N MET D 130 36.30 -22.35 -16.11
CA MET D 130 36.65 -21.26 -17.01
C MET D 130 35.41 -20.54 -17.42
N PRO D 131 35.55 -19.28 -17.86
CA PRO D 131 34.42 -18.53 -18.38
C PRO D 131 33.79 -19.17 -19.61
N ASP D 132 32.44 -19.16 -19.66
CA ASP D 132 31.68 -19.61 -20.83
C ASP D 132 31.14 -18.38 -21.55
N HIS D 133 31.95 -17.81 -22.43
CA HIS D 133 31.61 -16.54 -23.08
C HIS D 133 30.37 -16.62 -23.97
N SER D 134 29.81 -17.81 -24.16
CA SER D 134 28.59 -17.95 -24.95
C SER D 134 27.34 -18.12 -24.07
N THR D 135 27.48 -18.09 -22.75
CA THR D 135 26.35 -18.26 -21.83
C THR D 135 26.35 -17.12 -20.82
N PRO D 136 25.23 -16.37 -20.75
CA PRO D 136 25.11 -15.31 -19.75
C PRO D 136 25.36 -15.84 -18.35
N VAL D 137 26.20 -15.14 -17.61
CA VAL D 137 26.69 -15.64 -16.32
C VAL D 137 25.54 -15.80 -15.34
N GLU D 138 24.51 -14.99 -15.49
CA GLU D 138 23.29 -15.13 -14.69
C GLU D 138 22.72 -16.54 -14.70
N GLU D 139 22.54 -17.09 -15.90
CA GLU D 139 21.96 -18.43 -16.07
C GLU D 139 22.74 -19.46 -15.28
N THR D 140 24.06 -19.40 -15.42
CA THR D 140 24.95 -20.34 -14.76
C THR D 140 24.80 -20.29 -13.24
N LEU D 141 24.89 -19.09 -12.69
CA LEU D 141 24.87 -18.92 -11.24
C LEU D 141 23.56 -19.41 -10.63
N ARG D 142 22.44 -19.04 -11.23
CA ARG D 142 21.14 -19.55 -10.80
C ARG D 142 21.16 -21.06 -10.73
N ALA D 143 21.75 -21.69 -11.75
CA ALA D 143 21.87 -23.15 -11.80
C ALA D 143 22.78 -23.66 -10.68
N CYS D 144 23.84 -22.91 -10.37
CA CYS D 144 24.72 -23.28 -9.28
C CYS D 144 23.97 -23.25 -7.97
N HIS D 145 23.18 -22.21 -7.78
CA HIS D 145 22.37 -22.06 -6.57
C HIS D 145 21.44 -23.24 -6.41
N GLN D 146 20.67 -23.53 -7.46
CA GLN D 146 19.72 -24.65 -7.46
C GLN D 146 20.42 -25.98 -7.11
N LEU D 147 21.66 -26.14 -7.56
CA LEU D 147 22.45 -27.35 -7.26
C LEU D 147 22.96 -27.35 -5.81
N HIS D 148 23.24 -26.16 -5.29
CA HIS D 148 23.62 -26.01 -3.89
C HIS D 148 22.44 -26.30 -2.98
N GLN D 149 21.28 -25.79 -3.38
CA GLN D 149 20.02 -26.04 -2.69
C GLN D 149 19.75 -27.54 -2.57
N GLU D 150 20.23 -28.30 -3.55
CA GLU D 150 20.04 -29.76 -3.56
C GLU D 150 21.17 -30.49 -2.84
N GLY D 151 22.12 -29.73 -2.31
CA GLY D 151 23.17 -30.27 -1.46
C GLY D 151 24.21 -31.04 -2.23
N LYS D 152 24.39 -30.72 -3.51
CA LYS D 152 25.39 -31.40 -4.34
C LYS D 152 26.79 -30.87 -4.05
N PHE D 153 26.87 -29.66 -3.48
CA PHE D 153 28.17 -29.11 -3.07
C PHE D 153 28.05 -28.10 -1.95
N VAL D 154 29.18 -27.87 -1.26
CA VAL D 154 29.23 -26.97 -0.10
C VAL D 154 29.56 -25.55 -0.52
N GLU D 155 30.72 -25.39 -1.17
CA GLU D 155 31.23 -24.08 -1.55
C GLU D 155 31.39 -23.95 -3.07
N LEU D 156 31.09 -22.76 -3.58
CA LEU D 156 31.23 -22.44 -5.00
C LEU D 156 32.59 -21.78 -5.25
N GLY D 157 33.19 -22.09 -6.40
CA GLY D 157 34.51 -21.55 -6.76
C GLY D 157 34.59 -21.03 -8.19
N LEU D 158 35.55 -20.16 -8.44
CA LEU D 158 35.82 -19.69 -9.79
C LEU D 158 37.29 -19.96 -10.14
N SER D 159 37.55 -20.10 -11.44
CA SER D 159 38.91 -20.27 -11.91
C SER D 159 39.05 -19.66 -13.31
N ASN D 160 40.16 -18.95 -13.52
CA ASN D 160 40.48 -18.34 -14.78
C ASN D 160 39.48 -17.27 -15.24
N TYR D 161 38.72 -16.70 -14.31
CA TYR D 161 37.89 -15.54 -14.59
C TYR D 161 38.70 -14.28 -14.34
N ALA D 162 38.45 -13.26 -15.15
CA ALA D 162 39.09 -11.98 -14.95
C ALA D 162 38.55 -11.33 -13.67
N ALA D 163 39.40 -10.55 -13.01
CA ALA D 163 39.02 -9.89 -11.78
C ALA D 163 37.61 -9.31 -11.89
N TRP D 164 37.37 -8.59 -12.97
CA TRP D 164 36.12 -7.88 -13.15
C TRP D 164 34.95 -8.81 -13.37
N GLU D 165 35.21 -9.97 -13.94
CA GLU D 165 34.15 -10.96 -14.07
C GLU D 165 33.74 -11.49 -12.69
N VAL D 166 34.73 -11.62 -11.80
CA VAL D 166 34.49 -12.06 -10.42
C VAL D 166 33.63 -11.01 -9.71
N ALA D 167 34.00 -9.74 -9.87
CA ALA D 167 33.27 -8.65 -9.26
C ALA D 167 31.80 -8.67 -9.68
N GLU D 168 31.57 -8.91 -10.97
CA GLU D 168 30.22 -9.01 -11.50
C GLU D 168 29.48 -10.14 -10.83
N ILE D 169 30.09 -11.32 -10.80
CA ILE D 169 29.44 -12.51 -10.27
C ILE D 169 29.02 -12.33 -8.83
N CYS D 170 29.93 -11.84 -8.01
CA CYS D 170 29.64 -11.68 -6.58
C CYS D 170 28.52 -10.69 -6.31
N THR D 171 28.52 -9.58 -7.05
CA THR D 171 27.48 -8.56 -6.91
C THR D 171 26.10 -9.10 -7.34
N LEU D 172 26.08 -9.93 -8.37
CA LEU D 172 24.84 -10.55 -8.83
C LEU D 172 24.29 -11.52 -7.80
N CYS D 173 25.19 -12.24 -7.12
CA CYS D 173 24.77 -13.21 -6.10
C CYS D 173 24.22 -12.54 -4.84
N LYS D 174 24.92 -11.52 -4.36
CA LYS D 174 24.42 -10.73 -3.22
C LYS D 174 23.01 -10.31 -3.53
N SER D 175 22.83 -9.65 -4.67
CA SER D 175 21.54 -9.03 -5.03
C SER D 175 20.42 -10.01 -5.44
N ASN D 176 20.81 -11.20 -5.90
CA ASN D 176 19.84 -12.28 -6.21
C ASN D 176 19.77 -13.35 -5.12
N GLY D 177 20.51 -13.14 -4.03
CA GLY D 177 20.53 -14.08 -2.92
C GLY D 177 21.00 -15.49 -3.26
N TRP D 178 21.92 -15.59 -4.22
CA TRP D 178 22.53 -16.88 -4.55
C TRP D 178 23.80 -17.07 -3.76
N ILE D 179 24.27 -18.31 -3.71
CA ILE D 179 25.52 -18.64 -3.03
C ILE D 179 26.63 -17.86 -3.70
N LEU D 180 27.48 -17.23 -2.89
CA LEU D 180 28.63 -16.50 -3.42
C LEU D 180 29.82 -17.44 -3.59
N PRO D 181 30.61 -17.20 -4.63
CA PRO D 181 31.87 -17.94 -4.70
C PRO D 181 32.76 -17.47 -3.57
N THR D 182 33.51 -18.42 -2.99
CA THR D 182 34.35 -18.14 -1.84
C THR D 182 35.81 -18.55 -2.05
N VAL D 183 36.09 -19.21 -3.18
CA VAL D 183 37.44 -19.64 -3.53
C VAL D 183 37.73 -19.31 -4.99
N TYR D 184 38.91 -18.74 -5.25
CA TYR D 184 39.39 -18.53 -6.60
C TYR D 184 40.64 -19.36 -6.80
N GLN D 185 40.69 -20.10 -7.91
CA GLN D 185 41.84 -20.91 -8.25
C GLN D 185 42.51 -20.29 -9.45
N GLY D 186 43.75 -19.82 -9.28
CA GLY D 186 44.42 -19.03 -10.30
C GLY D 186 45.89 -19.35 -10.53
N MET D 187 46.37 -18.97 -11.71
CA MET D 187 47.74 -19.21 -12.14
C MET D 187 48.69 -18.29 -11.38
N TYR D 188 49.54 -18.84 -10.54
CA TYR D 188 50.46 -18.03 -9.72
C TYR D 188 51.78 -18.73 -9.43
N ASN D 189 52.88 -18.08 -9.73
CA ASN D 189 54.20 -18.60 -9.35
C ASN D 189 55.26 -17.51 -9.34
N ALA D 190 56.44 -17.86 -8.85
CA ALA D 190 57.53 -16.89 -8.69
C ALA D 190 57.85 -16.04 -9.93
N ILE D 191 57.70 -16.60 -11.13
CA ILE D 191 57.93 -15.87 -12.40
C ILE D 191 56.58 -15.54 -13.12
N THR D 192 55.43 -15.66 -12.46
CA THR D 192 54.13 -15.34 -13.07
C THR D 192 53.18 -14.72 -12.05
N ARG D 193 53.05 -13.39 -12.09
CA ARG D 193 52.44 -12.63 -11.01
C ARG D 193 51.39 -11.63 -11.49
N GLN D 194 50.71 -11.93 -12.59
CA GLN D 194 49.75 -10.98 -13.12
C GLN D 194 48.55 -10.83 -12.18
N VAL D 195 48.22 -11.92 -11.49
CA VAL D 195 47.12 -11.91 -10.54
C VAL D 195 47.24 -10.81 -9.49
N GLU D 196 48.47 -10.51 -9.09
CA GLU D 196 48.73 -9.54 -8.03
C GLU D 196 48.08 -8.16 -8.25
N THR D 197 48.09 -7.68 -9.49
CA THR D 197 47.74 -6.29 -9.76
C THR D 197 46.30 -5.98 -9.47
N GLU D 198 45.38 -6.78 -10.00
CA GLU D 198 43.94 -6.51 -9.85
C GLU D 198 43.18 -7.63 -9.16
N LEU D 199 43.51 -8.88 -9.46
CA LEU D 199 42.72 -9.98 -8.92
C LEU D 199 42.76 -10.00 -7.40
N PHE D 200 43.95 -9.89 -6.83
CA PHE D 200 44.08 -10.03 -5.39
C PHE D 200 43.29 -8.96 -4.60
N PRO D 201 43.52 -7.68 -4.91
CA PRO D 201 42.69 -6.61 -4.36
C PRO D 201 41.19 -6.92 -4.39
N CYS D 202 40.74 -7.41 -5.54
CA CYS D 202 39.37 -7.77 -5.73
C CYS D 202 38.98 -8.91 -4.79
N LEU D 203 39.75 -9.98 -4.79
CA LEU D 203 39.43 -11.15 -3.97
C LEU D 203 39.33 -10.79 -2.50
N ARG D 204 40.26 -9.98 -2.00
CA ARG D 204 40.24 -9.59 -0.58
C ARG D 204 38.99 -8.78 -0.31
N HIS D 205 38.57 -7.97 -1.28
CA HIS D 205 37.39 -7.13 -1.11
C HIS D 205 36.11 -7.96 -1.01
N PHE D 206 35.98 -8.99 -1.83
CA PHE D 206 34.79 -9.83 -1.82
C PHE D 206 34.92 -11.07 -0.93
N GLY D 207 36.09 -11.23 -0.32
CA GLY D 207 36.32 -12.27 0.68
C GLY D 207 36.57 -13.67 0.14
N LEU D 208 37.10 -13.75 -1.08
CA LEU D 208 37.48 -15.04 -1.64
C LEU D 208 38.92 -15.36 -1.24
N ARG D 209 39.18 -16.64 -1.01
CA ARG D 209 40.54 -17.13 -0.79
C ARG D 209 41.12 -17.64 -2.09
N PHE D 210 42.43 -17.53 -2.23
CA PHE D 210 43.09 -17.84 -3.48
C PHE D 210 43.90 -19.13 -3.40
N TYR D 211 43.64 -20.05 -4.33
CA TYR D 211 44.39 -21.29 -4.45
C TYR D 211 45.27 -21.19 -5.68
N ALA D 212 46.58 -21.35 -5.51
CA ALA D 212 47.53 -21.23 -6.63
C ALA D 212 47.71 -22.55 -7.37
N PHE D 213 47.64 -22.49 -8.70
CA PHE D 213 48.07 -23.61 -9.55
C PHE D 213 49.25 -23.17 -10.40
N ASN D 214 49.86 -24.12 -11.10
CA ASN D 214 51.13 -23.89 -11.78
C ASN D 214 52.22 -23.29 -10.88
N PRO D 215 52.30 -23.76 -9.61
CA PRO D 215 53.30 -23.17 -8.72
C PRO D 215 54.76 -23.37 -9.16
N LEU D 216 55.02 -24.41 -9.96
CA LEU D 216 56.35 -24.62 -10.50
C LEU D 216 56.39 -24.31 -12.01
N ALA D 217 55.41 -23.55 -12.49
CA ALA D 217 55.26 -23.30 -13.93
C ALA D 217 55.39 -24.60 -14.72
N GLY D 218 54.61 -25.61 -14.30
CA GLY D 218 54.57 -26.90 -14.99
C GLY D 218 55.83 -27.75 -14.81
N GLY D 219 56.67 -27.35 -13.87
CA GLY D 219 57.98 -27.97 -13.73
C GLY D 219 59.13 -27.13 -14.28
N LEU D 220 58.84 -26.08 -15.03
CA LEU D 220 59.90 -25.25 -15.60
C LEU D 220 60.82 -24.73 -14.50
N LEU D 221 60.21 -24.30 -13.40
CA LEU D 221 60.94 -23.74 -12.27
C LEU D 221 61.69 -24.77 -11.43
N THR D 222 61.60 -26.06 -11.76
CA THR D 222 62.46 -27.05 -11.15
C THR D 222 63.87 -26.95 -11.73
N GLY D 223 64.00 -26.28 -12.88
CA GLY D 223 65.31 -26.01 -13.48
C GLY D 223 65.92 -27.20 -14.19
N LYS D 224 65.08 -28.18 -14.52
CA LYS D 224 65.55 -29.41 -15.14
C LYS D 224 65.64 -29.30 -16.67
N TYR D 225 65.02 -28.27 -17.24
CA TYR D 225 65.06 -28.07 -18.68
C TYR D 225 66.08 -26.97 -19.02
N LYS D 226 66.58 -26.99 -20.26
CA LYS D 226 67.31 -25.86 -20.86
C LYS D 226 66.62 -25.45 -22.18
N TYR D 227 66.55 -24.15 -22.47
CA TYR D 227 65.78 -23.63 -23.62
C TYR D 227 66.02 -24.42 -24.90
N GLU D 228 67.25 -24.85 -25.10
CA GLU D 228 67.69 -25.51 -26.34
C GLU D 228 67.16 -26.94 -26.52
N ASP D 229 66.34 -27.42 -25.56
CA ASP D 229 65.69 -28.74 -25.64
C ASP D 229 64.52 -28.82 -26.62
N LYS D 230 63.89 -27.69 -26.92
CA LYS D 230 62.79 -27.68 -27.89
C LYS D 230 63.23 -28.18 -29.28
N ASP D 231 64.49 -27.91 -29.61
CA ASP D 231 65.03 -28.25 -30.92
C ASP D 231 65.61 -29.65 -30.96
N GLY D 232 65.97 -30.20 -29.80
CA GLY D 232 66.71 -31.48 -29.77
C GLY D 232 66.15 -32.53 -28.81
N LYS D 233 66.50 -32.40 -27.53
CA LYS D 233 66.27 -33.46 -26.53
C LYS D 233 64.79 -33.80 -26.37
N GLN D 234 63.94 -32.76 -26.33
CA GLN D 234 62.47 -32.92 -26.22
C GLN D 234 62.08 -34.03 -25.24
N PRO D 235 62.40 -33.87 -23.94
CA PRO D 235 62.14 -34.88 -22.91
C PRO D 235 60.65 -35.06 -22.53
N VAL D 236 60.13 -36.27 -22.77
CA VAL D 236 58.73 -36.61 -22.48
C VAL D 236 58.38 -36.09 -21.10
N GLY D 237 57.52 -35.06 -21.07
CA GLY D 237 57.04 -34.47 -19.82
C GLY D 237 55.83 -33.57 -20.01
N ARG D 238 55.70 -32.58 -19.15
CA ARG D 238 54.63 -31.61 -19.26
C ARG D 238 54.74 -30.82 -20.55
N PHE D 239 55.97 -30.58 -20.99
CA PHE D 239 56.22 -29.72 -22.13
C PHE D 239 56.49 -30.46 -23.43
N PHE D 240 56.46 -31.80 -23.40
CA PHE D 240 56.70 -32.57 -24.61
C PHE D 240 55.89 -33.86 -24.68
N GLY D 241 55.33 -34.10 -25.87
CA GLY D 241 54.71 -35.38 -26.19
C GLY D 241 53.38 -35.66 -25.53
N ASN D 242 52.56 -34.63 -25.37
CA ASN D 242 51.15 -34.79 -25.01
C ASN D 242 50.30 -33.73 -25.67
N THR D 243 48.99 -33.93 -25.62
CA THR D 243 48.04 -33.03 -26.25
C THR D 243 48.32 -31.54 -25.93
N TRP D 244 48.60 -31.28 -24.65
CA TRP D 244 48.73 -29.91 -24.17
C TRP D 244 50.16 -29.43 -24.12
N ALA D 245 51.09 -30.26 -24.57
CA ALA D 245 52.49 -29.90 -24.64
C ALA D 245 52.69 -28.51 -25.26
N GLU D 246 52.08 -28.25 -26.41
CA GLU D 246 52.33 -26.98 -27.09
C GLU D 246 51.77 -25.81 -26.33
N MET D 247 50.60 -25.96 -25.73
CA MET D 247 50.06 -24.88 -24.94
C MET D 247 51.03 -24.46 -23.86
N TYR D 248 51.55 -25.45 -23.13
CA TYR D 248 52.44 -25.15 -22.03
C TYR D 248 53.70 -24.52 -22.53
N ARG D 249 54.13 -24.88 -23.73
CA ARG D 249 55.29 -24.23 -24.33
C ARG D 249 55.02 -22.77 -24.64
N ASN D 250 53.85 -22.47 -25.20
CA ASN D 250 53.45 -21.07 -25.46
C ASN D 250 53.30 -20.28 -24.17
N ARG D 251 53.00 -20.96 -23.07
CA ARG D 251 52.81 -20.29 -21.79
C ARG D 251 54.13 -19.92 -21.13
N TYR D 252 55.00 -20.89 -20.95
CA TYR D 252 56.20 -20.72 -20.14
C TYR D 252 57.56 -20.86 -20.86
N TRP D 253 57.59 -21.53 -22.00
CA TRP D 253 58.87 -21.83 -22.66
C TRP D 253 59.36 -20.67 -23.49
N LYS D 254 59.75 -19.58 -22.84
CA LYS D 254 60.31 -18.41 -23.52
C LYS D 254 61.78 -18.22 -23.14
N GLU D 255 62.56 -17.57 -24.00
CA GLU D 255 64.00 -17.37 -23.72
C GLU D 255 64.18 -16.59 -22.42
N HIS D 256 63.44 -15.48 -22.26
CA HIS D 256 63.53 -14.64 -21.05
C HIS D 256 63.21 -15.38 -19.76
N HIS D 257 62.39 -16.42 -19.82
CA HIS D 257 62.12 -17.24 -18.65
C HIS D 257 63.35 -17.98 -18.23
N PHE D 258 64.03 -18.59 -19.19
CA PHE D 258 65.25 -19.35 -18.87
C PHE D 258 66.38 -18.46 -18.36
N GLU D 259 66.46 -17.22 -18.84
CA GLU D 259 67.35 -16.22 -18.25
C GLU D 259 67.11 -16.11 -16.75
N GLY D 260 65.83 -15.97 -16.39
CA GLY D 260 65.43 -15.73 -15.03
C GLY D 260 65.72 -16.87 -14.09
N ILE D 261 65.53 -18.09 -14.56
CA ILE D 261 65.89 -19.25 -13.77
C ILE D 261 67.39 -19.25 -13.50
N ALA D 262 68.18 -18.95 -14.53
CA ALA D 262 69.64 -18.85 -14.40
C ALA D 262 70.03 -17.82 -13.34
N LEU D 263 69.37 -16.67 -13.40
CA LEU D 263 69.60 -15.57 -12.46
C LEU D 263 69.35 -16.00 -11.02
N VAL D 264 68.31 -16.80 -10.81
CA VAL D 264 67.99 -17.33 -9.47
C VAL D 264 68.99 -18.40 -9.06
N GLU D 265 69.37 -19.27 -10.00
CA GLU D 265 70.35 -20.31 -9.72
C GLU D 265 71.72 -19.75 -9.30
N LYS D 266 72.14 -18.64 -9.92
CA LYS D 266 73.39 -17.94 -9.56
C LYS D 266 73.26 -17.31 -8.17
N ALA D 267 72.12 -16.71 -7.89
CA ALA D 267 71.84 -16.08 -6.60
C ALA D 267 71.82 -17.12 -5.46
N LEU D 268 71.32 -18.33 -5.76
CA LEU D 268 71.28 -19.40 -4.78
C LEU D 268 72.66 -19.83 -4.38
N GLN D 269 73.51 -20.13 -5.37
CA GLN D 269 74.91 -20.54 -5.11
C GLN D 269 75.64 -19.44 -4.35
N ALA D 270 75.39 -18.18 -4.71
CA ALA D 270 76.04 -17.04 -4.09
C ALA D 270 75.75 -16.91 -2.59
N ALA D 271 74.48 -17.01 -2.24
CA ALA D 271 74.03 -16.76 -0.86
C ALA D 271 74.08 -18.01 0.04
N TYR D 272 74.08 -19.21 -0.54
CA TYR D 272 74.03 -20.45 0.25
C TYR D 272 75.22 -21.38 -0.01
N GLY D 273 75.83 -21.28 -1.19
CA GLY D 273 77.02 -22.07 -1.52
C GLY D 273 76.78 -23.55 -1.76
N ALA D 274 77.61 -24.38 -1.13
CA ALA D 274 77.47 -25.83 -1.19
C ALA D 274 76.13 -26.26 -0.61
N SER D 275 75.72 -25.61 0.48
CA SER D 275 74.50 -25.99 1.18
C SER D 275 73.26 -25.52 0.45
N ALA D 276 73.40 -25.06 -0.79
CA ALA D 276 72.28 -24.49 -1.57
C ALA D 276 71.19 -25.50 -1.83
N PRO D 277 69.92 -25.12 -1.64
CA PRO D 277 68.81 -26.01 -1.96
C PRO D 277 68.48 -26.06 -3.44
N SER D 278 67.80 -27.13 -3.85
CA SER D 278 67.32 -27.26 -5.23
C SER D 278 66.36 -26.13 -5.44
N MET D 279 66.22 -25.68 -6.69
CA MET D 279 65.36 -24.54 -6.91
C MET D 279 63.94 -24.95 -7.26
N THR D 280 63.70 -26.25 -7.25
CA THR D 280 62.36 -26.76 -6.99
C THR D 280 61.96 -26.27 -5.62
N SER D 281 62.84 -26.48 -4.65
CA SER D 281 62.60 -26.13 -3.25
C SER D 281 62.48 -24.61 -3.10
N ALA D 282 63.43 -23.90 -3.69
CA ALA D 282 63.43 -22.44 -3.65
C ALA D 282 62.13 -21.86 -4.18
N THR D 283 61.69 -22.36 -5.33
CA THR D 283 60.48 -21.87 -5.97
C THR D 283 59.23 -22.08 -5.11
N LEU D 284 59.09 -23.25 -4.53
CA LEU D 284 57.96 -23.53 -3.67
C LEU D 284 58.02 -22.63 -2.42
N ARG D 285 59.20 -22.52 -1.83
CA ARG D 285 59.34 -21.70 -0.63
C ARG D 285 59.02 -20.25 -0.89
N TRP D 286 59.21 -19.79 -2.13
CA TRP D 286 58.80 -18.44 -2.49
C TRP D 286 57.29 -18.29 -2.37
N MET D 287 56.54 -19.30 -2.79
CA MET D 287 55.08 -19.24 -2.72
C MET D 287 54.60 -19.23 -1.29
N TYR D 288 55.16 -20.14 -0.49
CA TYR D 288 54.72 -20.29 0.89
C TYR D 288 55.11 -19.10 1.78
N HIS D 289 56.29 -18.53 1.58
CA HIS D 289 56.81 -17.51 2.50
C HIS D 289 56.81 -16.08 1.94
N HIS D 290 57.03 -15.90 0.65
CA HIS D 290 57.30 -14.56 0.11
C HIS D 290 56.33 -14.04 -0.92
N SER D 291 55.24 -14.77 -1.16
CA SER D 291 54.25 -14.34 -2.16
C SER D 291 53.21 -13.50 -1.47
N GLN D 292 52.14 -13.18 -2.19
CA GLN D 292 50.99 -12.48 -1.63
C GLN D 292 50.00 -13.42 -0.98
N LEU D 293 50.23 -14.73 -1.10
CA LEU D 293 49.36 -15.70 -0.45
C LEU D 293 49.43 -15.47 1.05
N GLN D 294 48.30 -15.64 1.73
CA GLN D 294 48.24 -15.44 3.18
C GLN D 294 47.43 -16.55 3.84
N GLY D 295 48.12 -17.35 4.66
CA GLY D 295 47.48 -18.37 5.48
C GLY D 295 46.28 -17.81 6.23
N ALA D 296 46.46 -16.62 6.81
CA ALA D 296 45.38 -15.90 7.50
C ALA D 296 44.03 -15.92 6.76
N HIS D 297 44.06 -15.70 5.44
CA HIS D 297 42.83 -15.68 4.63
C HIS D 297 42.44 -17.04 4.05
N GLY D 298 43.20 -18.08 4.38
CA GLY D 298 42.89 -19.43 3.92
C GLY D 298 43.46 -19.74 2.56
N ASP D 299 44.42 -18.95 2.08
CA ASP D 299 45.03 -19.19 0.77
C ASP D 299 45.78 -20.51 0.78
N ALA D 300 45.93 -21.11 -0.40
CA ALA D 300 46.58 -22.41 -0.50
C ALA D 300 47.45 -22.49 -1.75
N VAL D 301 48.35 -23.48 -1.76
CA VAL D 301 49.12 -23.82 -2.95
C VAL D 301 48.69 -25.21 -3.38
N ILE D 302 48.32 -25.36 -4.64
CA ILE D 302 47.98 -26.68 -5.17
C ILE D 302 49.23 -27.27 -5.78
N LEU D 303 49.75 -28.33 -5.18
CA LEU D 303 51.01 -28.93 -5.63
C LEU D 303 50.78 -29.88 -6.79
N GLY D 304 51.65 -29.80 -7.79
CA GLY D 304 51.62 -30.70 -8.92
C GLY D 304 52.75 -31.70 -8.85
N MET D 305 52.54 -32.88 -9.45
CA MET D 305 53.54 -33.92 -9.52
C MET D 305 53.14 -34.96 -10.55
N SER D 306 54.13 -35.60 -11.15
CA SER D 306 53.89 -36.73 -12.05
C SER D 306 54.42 -38.04 -11.48
N SER D 307 55.00 -37.98 -10.28
CA SER D 307 55.51 -39.19 -9.62
C SER D 307 55.51 -39.04 -8.09
N LEU D 308 55.75 -40.14 -7.39
CA LEU D 308 55.81 -40.11 -5.92
C LEU D 308 57.11 -39.46 -5.42
N GLU D 309 58.22 -39.77 -6.08
CA GLU D 309 59.53 -39.18 -5.76
C GLU D 309 59.46 -37.65 -5.85
N GLN D 310 58.64 -37.14 -6.76
CA GLN D 310 58.42 -35.70 -6.90
C GLN D 310 57.58 -35.11 -5.77
N LEU D 311 56.55 -35.84 -5.35
CA LEU D 311 55.66 -35.36 -4.30
C LEU D 311 56.41 -35.24 -2.98
N GLU D 312 57.11 -36.32 -2.59
CA GLU D 312 57.93 -36.33 -1.38
C GLU D 312 58.93 -35.16 -1.40
N GLN D 313 59.54 -34.95 -2.56
CA GLN D 313 60.48 -33.84 -2.79
C GLN D 313 59.81 -32.49 -2.56
N ASN D 314 58.58 -32.36 -3.03
CA ASN D 314 57.83 -31.10 -2.91
C ASN D 314 57.27 -30.85 -1.53
N LEU D 315 56.63 -31.86 -0.94
CA LEU D 315 56.05 -31.75 0.41
C LEU D 315 57.09 -31.33 1.44
N ALA D 316 58.34 -31.76 1.23
CA ALA D 316 59.47 -31.36 2.07
C ALA D 316 59.69 -29.85 1.96
N ALA D 317 59.79 -29.37 0.72
CA ALA D 317 59.98 -27.95 0.45
C ALA D 317 58.87 -27.09 1.03
N ALA D 318 57.65 -27.62 1.07
CA ALA D 318 56.51 -26.90 1.63
C ALA D 318 56.76 -26.52 3.08
N GLU D 319 57.31 -27.47 3.83
CA GLU D 319 57.58 -27.30 5.26
C GLU D 319 58.88 -26.55 5.56
N GLU D 320 59.79 -26.48 4.58
CA GLU D 320 61.01 -25.68 4.74
C GLU D 320 60.71 -24.20 5.03
N GLY D 321 61.70 -23.51 5.60
CA GLY D 321 61.52 -22.13 6.03
C GLY D 321 61.74 -21.12 4.92
N PRO D 322 61.70 -19.81 5.26
CA PRO D 322 61.88 -18.74 4.28
C PRO D 322 63.31 -18.64 3.71
N LEU D 323 63.47 -17.81 2.70
CA LEU D 323 64.71 -17.68 1.94
C LEU D 323 65.44 -16.39 2.27
N GLU D 324 66.76 -16.39 2.08
CA GLU D 324 67.57 -15.19 2.25
C GLU D 324 67.03 -14.06 1.35
N PRO D 325 67.11 -12.80 1.82
CA PRO D 325 66.54 -11.69 1.05
C PRO D 325 67.17 -11.50 -0.32
N ALA D 326 68.46 -11.81 -0.46
CA ALA D 326 69.17 -11.66 -1.73
C ALA D 326 68.60 -12.58 -2.82
N VAL D 327 68.09 -13.75 -2.41
CA VAL D 327 67.44 -14.68 -3.34
C VAL D 327 66.04 -14.19 -3.73
N VAL D 328 65.27 -13.74 -2.75
CA VAL D 328 63.95 -13.16 -3.03
C VAL D 328 64.05 -11.96 -3.99
N ASP D 329 65.14 -11.20 -3.88
CA ASP D 329 65.43 -10.11 -4.81
C ASP D 329 65.70 -10.65 -6.22
N ALA D 330 66.37 -11.79 -6.30
CA ALA D 330 66.69 -12.39 -7.58
C ALA D 330 65.43 -12.89 -8.29
N PHE D 331 64.54 -13.56 -7.55
CA PHE D 331 63.25 -13.97 -8.09
C PHE D 331 62.50 -12.75 -8.63
N ASN D 332 62.46 -11.69 -7.82
CA ASN D 332 61.83 -10.44 -8.22
C ASN D 332 62.45 -9.89 -9.49
N GLN D 333 63.79 -9.94 -9.60
CA GLN D 333 64.51 -9.48 -10.80
C GLN D 333 64.15 -10.34 -12.02
N ALA D 334 63.94 -11.63 -11.78
CA ALA D 334 63.59 -12.57 -12.84
C ALA D 334 62.19 -12.31 -13.34
N TRP D 335 61.29 -11.99 -12.43
CA TRP D 335 59.90 -11.68 -12.77
C TRP D 335 59.86 -10.44 -13.63
N HIS D 336 60.61 -9.42 -13.25
CA HIS D 336 60.69 -8.20 -14.04
C HIS D 336 61.20 -8.46 -15.46
N LEU D 337 62.02 -9.51 -15.60
CA LEU D 337 62.57 -9.91 -16.89
C LEU D 337 61.47 -10.38 -17.82
N VAL D 338 60.52 -11.14 -17.28
CA VAL D 338 59.47 -11.79 -18.08
C VAL D 338 58.06 -11.16 -17.97
N ALA D 339 57.91 -10.12 -17.17
CA ALA D 339 56.58 -9.55 -16.91
C ALA D 339 55.87 -9.11 -18.17
N HIS D 340 56.60 -8.52 -19.12
CA HIS D 340 56.04 -8.04 -20.39
C HIS D 340 55.51 -9.17 -21.26
N GLU D 341 56.10 -10.36 -21.14
CA GLU D 341 55.70 -11.56 -21.91
C GLU D 341 54.91 -12.57 -21.04
N CYS D 342 54.21 -12.07 -20.02
CA CYS D 342 53.57 -12.93 -19.05
C CYS D 342 52.22 -13.41 -19.53
N PRO D 343 51.90 -14.69 -19.32
CA PRO D 343 50.60 -15.21 -19.68
C PRO D 343 49.44 -14.67 -18.86
N ASN D 344 48.30 -14.45 -19.50
CA ASN D 344 47.10 -13.99 -18.79
C ASN D 344 46.60 -15.04 -17.80
N TYR D 345 46.11 -14.59 -16.66
CA TYR D 345 45.55 -15.49 -15.67
C TYR D 345 44.11 -15.90 -15.99
N PHE D 346 43.57 -15.36 -17.08
CA PHE D 346 42.15 -15.51 -17.43
C PHE D 346 41.94 -15.92 -18.90
N ARG D 347 40.96 -16.82 -19.10
CA ARG D 347 40.54 -17.30 -20.42
C ARG D 347 39.16 -16.71 -20.77
N ARG E 25 -3.45 -54.47 -16.60
CA ARG E 25 -3.97 -53.42 -17.53
C ARG E 25 -4.11 -52.04 -16.84
N PRO E 26 -4.58 -52.00 -15.58
CA PRO E 26 -4.67 -50.79 -14.75
C PRO E 26 -3.32 -50.20 -14.37
N ALA E 27 -3.19 -48.87 -14.51
CA ALA E 27 -1.92 -48.18 -14.34
C ALA E 27 -1.34 -48.27 -12.92
N THR E 28 -0.07 -47.88 -12.78
CA THR E 28 0.57 -47.81 -11.46
C THR E 28 1.23 -46.46 -11.21
N VAL E 29 0.87 -45.83 -10.10
CA VAL E 29 1.37 -44.52 -9.73
C VAL E 29 2.15 -44.63 -8.40
N LEU E 30 3.23 -43.86 -8.29
CA LEU E 30 4.12 -43.94 -7.12
C LEU E 30 3.65 -43.04 -5.98
N GLY E 31 3.30 -43.66 -4.85
CA GLY E 31 2.88 -42.93 -3.65
C GLY E 31 4.05 -42.35 -2.87
N ALA E 32 4.23 -41.04 -2.96
CA ALA E 32 5.40 -40.35 -2.41
C ALA E 32 5.18 -39.79 -1.00
N MET E 33 4.25 -40.38 -0.26
CA MET E 33 3.85 -39.84 1.05
C MET E 33 4.95 -40.05 2.07
N GLU E 34 5.61 -41.20 2.03
CA GLU E 34 6.59 -41.57 3.05
C GLU E 34 7.96 -40.98 2.77
N MET E 35 8.11 -40.32 1.62
CA MET E 35 9.34 -39.64 1.27
C MET E 35 9.49 -38.41 2.15
N GLY E 36 10.59 -38.35 2.90
CA GLY E 36 10.82 -37.30 3.87
C GLY E 36 10.44 -37.71 5.28
N ARG E 37 9.59 -38.73 5.39
CA ARG E 37 9.16 -39.26 6.68
C ARG E 37 9.94 -40.52 7.01
N ARG E 38 9.53 -41.67 6.50
CA ARG E 38 10.21 -42.94 6.77
C ARG E 38 11.41 -43.18 5.86
N MET E 39 11.37 -42.62 4.64
CA MET E 39 12.46 -42.75 3.68
C MET E 39 13.25 -41.44 3.57
N ASP E 40 14.56 -41.50 3.78
CA ASP E 40 15.40 -40.31 3.62
C ASP E 40 15.53 -39.92 2.15
N ALA E 41 16.27 -38.86 1.85
CA ALA E 41 16.47 -38.40 0.46
C ALA E 41 17.06 -39.50 -0.45
N PRO E 42 18.21 -40.10 -0.06
CA PRO E 42 18.78 -41.24 -0.78
C PRO E 42 17.84 -42.42 -1.04
N THR E 43 17.18 -42.93 0.01
CA THR E 43 16.25 -44.06 -0.14
C THR E 43 15.11 -43.71 -1.12
N SER E 44 14.65 -42.47 -1.06
CA SER E 44 13.55 -42.02 -1.92
C SER E 44 13.99 -41.94 -3.38
N ALA E 45 15.20 -41.43 -3.62
CA ALA E 45 15.75 -41.35 -4.97
C ALA E 45 15.89 -42.75 -5.54
N ALA E 46 16.37 -43.68 -4.72
CA ALA E 46 16.54 -45.08 -5.12
C ALA E 46 15.21 -45.68 -5.53
N VAL E 47 14.18 -45.40 -4.74
CA VAL E 47 12.84 -45.90 -5.01
C VAL E 47 12.24 -45.32 -6.31
N THR E 48 12.46 -44.02 -6.54
CA THR E 48 12.03 -43.40 -7.79
C THR E 48 12.75 -44.00 -9.02
N ARG E 49 14.06 -44.26 -8.89
CA ARG E 49 14.84 -44.91 -9.95
C ARG E 49 14.29 -46.30 -10.27
N ALA E 50 13.98 -47.08 -9.23
CA ALA E 50 13.41 -48.41 -9.38
C ALA E 50 12.06 -48.37 -10.08
N PHE E 51 11.20 -47.48 -9.60
CA PHE E 51 9.86 -47.30 -10.12
C PHE E 51 9.86 -46.98 -11.61
N LEU E 52 10.68 -46.03 -12.00
CA LEU E 52 10.74 -45.62 -13.40
C LEU E 52 11.38 -46.69 -14.29
N GLU E 53 12.36 -47.42 -13.75
CA GLU E 53 13.04 -48.51 -14.49
C GLU E 53 12.15 -49.73 -14.74
N ARG E 54 10.92 -49.72 -14.21
CA ARG E 54 9.88 -50.68 -14.60
C ARG E 54 8.92 -50.10 -15.65
N GLY E 55 9.25 -48.92 -16.18
CA GLY E 55 8.45 -48.30 -17.25
C GLY E 55 7.26 -47.47 -16.79
N HIS E 56 7.05 -47.38 -15.47
CA HIS E 56 5.96 -46.57 -14.96
C HIS E 56 6.33 -45.10 -15.06
N THR E 57 5.36 -44.22 -14.87
CA THR E 57 5.50 -42.83 -15.33
C THR E 57 5.11 -41.72 -14.33
N GLU E 58 4.09 -41.96 -13.51
CA GLU E 58 3.43 -40.91 -12.73
C GLU E 58 3.67 -41.03 -11.21
N ILE E 59 3.78 -39.87 -10.54
CA ILE E 59 4.10 -39.83 -9.11
C ILE E 59 3.12 -38.94 -8.35
N ASP E 60 2.66 -39.42 -7.19
CA ASP E 60 1.66 -38.74 -6.36
C ASP E 60 2.25 -38.21 -5.06
N THR E 61 2.23 -36.90 -4.91
CA THR E 61 2.66 -36.23 -3.69
C THR E 61 1.60 -35.21 -3.31
N ALA E 62 1.91 -34.39 -2.32
CA ALA E 62 0.96 -33.43 -1.80
C ALA E 62 1.68 -32.35 -1.02
N PHE E 63 1.07 -31.17 -0.99
CA PHE E 63 1.61 -30.01 -0.25
C PHE E 63 1.96 -30.30 1.21
N VAL E 64 1.17 -31.19 1.81
CA VAL E 64 1.21 -31.40 3.24
C VAL E 64 2.17 -32.55 3.63
N TYR E 65 2.51 -33.41 2.69
CA TYR E 65 3.25 -34.64 3.00
C TYR E 65 4.63 -34.34 3.59
N SER E 66 4.92 -35.02 4.72
CA SER E 66 6.13 -34.79 5.52
C SER E 66 6.56 -33.32 5.60
N GLU E 67 5.65 -32.48 6.08
CA GLU E 67 5.87 -31.03 6.27
C GLU E 67 6.50 -30.35 5.04
N GLY E 68 6.24 -30.89 3.86
CA GLY E 68 6.80 -30.37 2.61
C GLY E 68 8.11 -31.00 2.13
N GLN E 69 8.68 -31.92 2.91
CA GLN E 69 9.95 -32.56 2.55
C GLN E 69 9.80 -33.54 1.37
N SER E 70 8.59 -34.09 1.19
CA SER E 70 8.30 -34.96 0.05
C SER E 70 8.50 -34.23 -1.28
N GLU E 71 7.72 -33.17 -1.48
CA GLU E 71 7.81 -32.34 -2.68
C GLU E 71 9.21 -31.81 -2.92
N THR E 72 9.93 -31.46 -1.84
CA THR E 72 11.29 -30.92 -1.96
C THR E 72 12.30 -31.98 -2.38
N ILE E 73 12.12 -33.21 -1.90
CA ILE E 73 12.97 -34.33 -2.33
C ILE E 73 12.82 -34.56 -3.84
N LEU E 74 11.59 -34.78 -4.28
CA LEU E 74 11.29 -35.03 -5.69
C LEU E 74 11.80 -33.90 -6.60
N GLY E 75 11.61 -32.66 -6.14
CA GLY E 75 12.08 -31.49 -6.86
C GLY E 75 13.58 -31.42 -7.04
N GLY E 76 14.32 -32.11 -6.17
CA GLY E 76 15.78 -32.19 -6.26
C GLY E 76 16.35 -33.47 -6.86
N LEU E 77 15.53 -34.23 -7.57
CA LEU E 77 16.00 -35.44 -8.26
C LEU E 77 16.37 -35.17 -9.72
N GLY E 78 16.40 -33.90 -10.11
CA GLY E 78 16.77 -33.51 -11.48
C GLY E 78 15.95 -34.17 -12.57
N LEU E 79 14.65 -34.31 -12.33
CA LEU E 79 13.74 -34.90 -13.30
C LEU E 79 13.20 -33.86 -14.27
N ARG E 80 13.68 -32.62 -14.17
CA ARG E 80 13.22 -31.53 -15.02
C ARG E 80 11.69 -31.53 -15.14
N LEU E 81 11.01 -31.67 -14.00
CA LEU E 81 9.56 -31.86 -13.97
C LEU E 81 8.80 -30.73 -14.66
N GLY E 82 7.61 -31.04 -15.18
CA GLY E 82 6.74 -30.05 -15.82
C GLY E 82 7.20 -29.52 -17.16
N GLY E 83 8.42 -29.85 -17.56
CA GLY E 83 8.94 -29.42 -18.85
C GLY E 83 8.29 -30.21 -19.97
N SER E 84 8.54 -29.78 -21.20
CA SER E 84 8.05 -30.51 -22.36
C SER E 84 8.97 -31.70 -22.67
N ASP E 85 10.28 -31.48 -22.58
CA ASP E 85 11.27 -32.57 -22.62
C ASP E 85 11.23 -33.30 -21.26
N CYS E 86 10.14 -34.01 -21.01
CA CYS E 86 9.92 -34.71 -19.74
C CYS E 86 8.91 -35.86 -19.88
N ARG E 87 9.36 -37.06 -19.58
CA ARG E 87 8.52 -38.26 -19.65
C ARG E 87 7.64 -38.42 -18.40
N VAL E 88 8.15 -38.00 -17.24
CA VAL E 88 7.48 -38.22 -15.94
C VAL E 88 6.38 -37.20 -15.64
N LYS E 89 5.23 -37.70 -15.15
CA LYS E 89 4.09 -36.86 -14.76
C LYS E 89 4.02 -36.75 -13.23
N ILE E 90 3.76 -35.55 -12.75
CA ILE E 90 3.75 -35.27 -11.31
C ILE E 90 2.39 -34.78 -10.82
N ASP E 91 1.97 -35.28 -9.66
CA ASP E 91 0.68 -34.96 -9.07
C ASP E 91 0.87 -34.32 -7.70
N THR E 92 0.16 -33.24 -7.42
CA THR E 92 0.13 -32.65 -6.07
C THR E 92 -1.27 -32.19 -5.67
N LYS E 93 -1.40 -31.74 -4.41
CA LYS E 93 -2.72 -31.43 -3.84
C LYS E 93 -2.65 -30.21 -2.91
N ALA E 94 -3.81 -29.58 -2.71
CA ALA E 94 -3.98 -28.48 -1.74
C ALA E 94 -5.04 -28.88 -0.72
N ILE E 95 -4.78 -28.69 0.57
CA ILE E 95 -5.77 -29.08 1.60
C ILE E 95 -6.39 -27.89 2.33
N PRO E 96 -7.59 -28.11 2.91
CA PRO E 96 -8.23 -27.16 3.79
C PRO E 96 -8.08 -27.53 5.26
N LEU E 97 -6.99 -28.19 5.63
CA LEU E 97 -6.70 -28.42 7.05
C LEU E 97 -5.67 -27.44 7.54
N PHE E 98 -5.52 -27.37 8.85
CA PHE E 98 -4.53 -26.48 9.49
C PHE E 98 -4.89 -25.02 9.14
N GLY E 99 -3.92 -24.14 9.01
CA GLY E 99 -4.26 -22.77 8.64
C GLY E 99 -5.02 -22.64 7.32
N ASN E 100 -4.94 -23.70 6.51
CA ASN E 100 -5.22 -23.60 5.11
C ASN E 100 -6.69 -23.79 4.79
N SER E 101 -7.12 -23.16 3.70
CA SER E 101 -8.43 -23.35 3.15
C SER E 101 -8.27 -23.66 1.69
N LEU E 102 -9.38 -23.88 1.00
CA LEU E 102 -9.42 -23.96 -0.45
C LEU E 102 -10.04 -22.67 -1.01
N LYS E 103 -10.05 -21.62 -0.21
CA LYS E 103 -10.41 -20.30 -0.71
C LYS E 103 -9.31 -19.90 -1.69
N PRO E 104 -9.62 -19.00 -2.63
CA PRO E 104 -8.68 -18.63 -3.71
C PRO E 104 -7.27 -18.31 -3.27
N ASP E 105 -7.13 -17.45 -2.26
CA ASP E 105 -5.82 -17.03 -1.81
C ASP E 105 -4.95 -18.18 -1.29
N SER E 106 -5.50 -18.96 -0.36
CA SER E 106 -4.80 -20.13 0.18
C SER E 106 -4.47 -21.15 -0.89
N LEU E 107 -5.43 -21.36 -1.77
CA LEU E 107 -5.27 -22.29 -2.89
C LEU E 107 -4.02 -21.95 -3.71
N ARG E 108 -3.84 -20.67 -4.00
CA ARG E 108 -2.67 -20.21 -4.73
C ARG E 108 -1.37 -20.45 -3.94
N PHE E 109 -1.32 -19.97 -2.70
CA PHE E 109 -0.14 -20.14 -1.85
C PHE E 109 0.34 -21.59 -1.84
N GLN E 110 -0.59 -22.53 -1.76
CA GLN E 110 -0.26 -23.94 -1.64
C GLN E 110 0.32 -24.48 -2.94
N LEU E 111 -0.29 -24.13 -4.07
CA LEU E 111 0.21 -24.60 -5.37
C LEU E 111 1.55 -23.96 -5.67
N GLU E 112 1.60 -22.63 -5.54
CA GLU E 112 2.81 -21.88 -5.86
C GLU E 112 3.99 -22.39 -5.04
N THR E 113 3.75 -22.82 -3.81
CA THR E 113 4.80 -23.40 -3.00
C THR E 113 5.16 -24.79 -3.51
N SER E 114 4.17 -25.59 -3.86
CA SER E 114 4.42 -26.93 -4.43
C SER E 114 5.31 -26.84 -5.66
N LEU E 115 5.05 -25.84 -6.50
CA LEU E 115 5.86 -25.59 -7.71
C LEU E 115 7.30 -25.23 -7.38
N LYS E 116 7.49 -24.23 -6.49
CA LYS E 116 8.81 -23.80 -6.04
C LYS E 116 9.61 -24.94 -5.41
N ARG E 117 8.94 -25.85 -4.72
CA ARG E 117 9.59 -27.02 -4.13
C ARG E 117 9.97 -28.04 -5.19
N LEU E 118 9.00 -28.37 -6.06
CA LEU E 118 9.20 -29.34 -7.14
C LEU E 118 10.12 -28.80 -8.26
N GLN E 119 10.48 -27.52 -8.15
CA GLN E 119 11.39 -26.87 -9.10
C GLN E 119 10.84 -27.01 -10.51
N CYS E 120 9.56 -26.69 -10.68
CA CYS E 120 8.90 -26.82 -11.98
C CYS E 120 7.88 -25.70 -12.20
N PRO E 121 7.58 -25.40 -13.48
CA PRO E 121 6.64 -24.34 -13.84
C PRO E 121 5.20 -24.78 -13.74
N ARG E 122 4.94 -26.08 -13.87
CA ARG E 122 3.58 -26.61 -13.73
C ARG E 122 3.54 -28.08 -13.33
N VAL E 123 2.43 -28.47 -12.71
CA VAL E 123 2.17 -29.85 -12.34
C VAL E 123 1.22 -30.46 -13.35
N ASP E 124 1.27 -31.77 -13.48
CA ASP E 124 0.48 -32.49 -14.47
C ASP E 124 -0.93 -32.78 -13.96
N LEU E 125 -1.06 -32.90 -12.65
CA LEU E 125 -2.34 -33.09 -12.01
C LEU E 125 -2.40 -32.34 -10.67
N PHE E 126 -3.51 -31.64 -10.43
CA PHE E 126 -3.67 -30.83 -9.23
C PHE E 126 -4.96 -31.14 -8.51
N TYR E 127 -4.86 -31.81 -7.35
CA TYR E 127 -6.05 -32.23 -6.63
C TYR E 127 -6.50 -31.21 -5.60
N LEU E 128 -7.82 -31.17 -5.37
CA LEU E 128 -8.37 -30.69 -4.12
C LEU E 128 -8.34 -31.91 -3.20
N HIS E 129 -7.45 -31.87 -2.22
CA HIS E 129 -7.17 -33.00 -1.33
C HIS E 129 -8.44 -33.49 -0.61
N MET E 130 -9.23 -32.55 -0.10
CA MET E 130 -10.43 -32.84 0.70
C MET E 130 -11.41 -31.70 0.58
N PRO E 131 -12.70 -31.99 0.85
CA PRO E 131 -13.70 -30.93 0.88
C PRO E 131 -13.40 -29.86 1.93
N ASP E 132 -13.62 -28.60 1.57
CA ASP E 132 -13.53 -27.47 2.50
C ASP E 132 -14.96 -27.03 2.85
N HIS E 133 -15.54 -27.66 3.84
CA HIS E 133 -16.93 -27.41 4.14
C HIS E 133 -17.24 -25.97 4.57
N SER E 134 -16.20 -25.16 4.79
CA SER E 134 -16.40 -23.75 5.15
C SER E 134 -16.26 -22.77 3.98
N THR E 135 -16.00 -23.29 2.77
CA THR E 135 -15.82 -22.47 1.57
C THR E 135 -16.71 -22.95 0.43
N PRO E 136 -17.62 -22.08 -0.06
CA PRO E 136 -18.47 -22.48 -1.16
C PRO E 136 -17.64 -23.03 -2.30
N VAL E 137 -18.04 -24.17 -2.84
CA VAL E 137 -17.23 -24.87 -3.84
C VAL E 137 -17.06 -24.05 -5.11
N GLU E 138 -18.04 -23.20 -5.42
CA GLU E 138 -17.95 -22.25 -6.52
C GLU E 138 -16.66 -21.40 -6.48
N GLU E 139 -16.40 -20.78 -5.34
CA GLU E 139 -15.22 -19.93 -5.18
C GLU E 139 -13.97 -20.68 -5.53
N THR E 140 -13.84 -21.89 -5.01
CA THR E 140 -12.65 -22.71 -5.21
C THR E 140 -12.43 -23.00 -6.69
N LEU E 141 -13.47 -23.47 -7.37
CA LEU E 141 -13.35 -23.91 -8.75
C LEU E 141 -12.96 -22.76 -9.66
N ARG E 142 -13.59 -21.61 -9.49
CA ARG E 142 -13.22 -20.40 -10.23
C ARG E 142 -11.73 -20.12 -10.09
N ALA E 143 -11.23 -20.24 -8.87
CA ALA E 143 -9.82 -20.06 -8.58
C ALA E 143 -8.96 -21.13 -9.25
N CYS E 144 -9.46 -22.37 -9.29
CA CYS E 144 -8.76 -23.45 -10.01
C CYS E 144 -8.65 -23.14 -11.51
N HIS E 145 -9.75 -22.63 -12.06
CA HIS E 145 -9.79 -22.24 -13.46
C HIS E 145 -8.75 -21.15 -13.73
N GLN E 146 -8.78 -20.09 -12.92
CA GLN E 146 -7.85 -18.98 -13.07
C GLN E 146 -6.39 -19.43 -12.99
N LEU E 147 -6.12 -20.47 -12.17
CA LEU E 147 -4.78 -21.04 -12.06
C LEU E 147 -4.42 -21.91 -13.26
N HIS E 148 -5.42 -22.58 -13.82
CA HIS E 148 -5.23 -23.37 -15.03
C HIS E 148 -4.96 -22.47 -16.21
N GLN E 149 -5.71 -21.37 -16.27
CA GLN E 149 -5.51 -20.32 -17.28
C GLN E 149 -4.08 -19.78 -17.28
N GLU E 150 -3.45 -19.80 -16.11
CA GLU E 150 -2.08 -19.32 -15.94
C GLU E 150 -1.05 -20.44 -16.17
N GLY E 151 -1.54 -21.64 -16.46
CA GLY E 151 -0.70 -22.76 -16.83
C GLY E 151 0.07 -23.37 -15.68
N LYS E 152 -0.47 -23.26 -14.47
CA LYS E 152 0.17 -23.82 -13.28
C LYS E 152 -0.08 -25.31 -13.19
N PHE E 153 -1.10 -25.80 -13.90
CA PHE E 153 -1.37 -27.22 -13.97
C PHE E 153 -2.13 -27.63 -15.23
N VAL E 154 -2.06 -28.92 -15.56
CA VAL E 154 -2.71 -29.48 -16.74
C VAL E 154 -4.12 -29.98 -16.41
N GLU E 155 -4.21 -30.92 -15.46
CA GLU E 155 -5.49 -31.55 -15.11
C GLU E 155 -5.89 -31.33 -13.66
N LEU E 156 -7.19 -31.14 -13.45
CA LEU E 156 -7.76 -30.93 -12.11
C LEU E 156 -8.26 -32.26 -11.54
N GLY E 157 -8.10 -32.43 -10.24
CA GLY E 157 -8.49 -33.68 -9.57
C GLY E 157 -9.28 -33.45 -8.30
N LEU E 158 -9.97 -34.49 -7.85
CA LEU E 158 -10.67 -34.45 -6.58
C LEU E 158 -10.28 -35.65 -5.76
N SER E 159 -10.33 -35.49 -4.43
CA SER E 159 -10.06 -36.61 -3.53
C SER E 159 -10.89 -36.50 -2.28
N ASN E 160 -11.45 -37.62 -1.84
CA ASN E 160 -12.25 -37.68 -0.63
C ASN E 160 -13.51 -36.85 -0.67
N TYR E 161 -13.99 -36.50 -1.85
CA TYR E 161 -15.30 -35.89 -2.00
C TYR E 161 -16.34 -36.98 -2.13
N ALA E 162 -17.55 -36.71 -1.64
CA ALA E 162 -18.66 -37.62 -1.81
C ALA E 162 -19.10 -37.60 -3.27
N ALA E 163 -19.61 -38.74 -3.72
CA ALA E 163 -20.08 -38.88 -5.11
C ALA E 163 -20.91 -37.65 -5.53
N TRP E 164 -21.85 -37.29 -4.67
CA TRP E 164 -22.73 -36.20 -4.98
C TRP E 164 -22.03 -34.84 -5.01
N GLU E 165 -20.98 -34.67 -4.23
CA GLU E 165 -20.20 -33.46 -4.30
C GLU E 165 -19.46 -33.38 -5.62
N VAL E 166 -19.03 -34.53 -6.14
CA VAL E 166 -18.39 -34.57 -7.46
C VAL E 166 -19.37 -34.21 -8.57
N ALA E 167 -20.58 -34.75 -8.49
CA ALA E 167 -21.63 -34.44 -9.45
C ALA E 167 -21.93 -32.93 -9.49
N GLU E 168 -22.00 -32.30 -8.31
CA GLU E 168 -22.21 -30.87 -8.22
C GLU E 168 -21.09 -30.13 -8.94
N ILE E 169 -19.85 -30.47 -8.60
CA ILE E 169 -18.69 -29.77 -9.13
C ILE E 169 -18.66 -29.81 -10.65
N CYS E 170 -18.83 -31.00 -11.21
CA CYS E 170 -18.74 -31.18 -12.67
C CYS E 170 -19.82 -30.44 -13.41
N THR E 171 -21.03 -30.44 -12.85
CA THR E 171 -22.13 -29.71 -13.45
C THR E 171 -21.90 -28.19 -13.41
N LEU E 172 -21.30 -27.69 -12.32
CA LEU E 172 -20.99 -26.27 -12.18
C LEU E 172 -19.93 -25.86 -13.19
N CYS E 173 -18.96 -26.73 -13.44
CA CYS E 173 -17.90 -26.43 -14.40
C CYS E 173 -18.38 -26.41 -15.83
N LYS E 174 -19.17 -27.41 -16.23
CA LYS E 174 -19.78 -27.42 -17.55
C LYS E 174 -20.47 -26.08 -17.78
N SER E 175 -21.35 -25.72 -16.86
CA SER E 175 -22.23 -24.55 -17.02
C SER E 175 -21.53 -23.20 -16.82
N ASN E 176 -20.40 -23.19 -16.11
CA ASN E 176 -19.57 -21.98 -15.96
C ASN E 176 -18.32 -22.00 -16.87
N GLY E 177 -18.19 -23.05 -17.67
CA GLY E 177 -17.08 -23.19 -18.60
C GLY E 177 -15.71 -23.25 -17.94
N TRP E 178 -15.65 -23.82 -16.75
CA TRP E 178 -14.38 -24.03 -16.05
C TRP E 178 -13.84 -25.41 -16.37
N ILE E 179 -12.56 -25.60 -16.07
CA ILE E 179 -11.93 -26.89 -16.28
C ILE E 179 -12.63 -27.91 -15.41
N LEU E 180 -12.98 -29.05 -16.00
CA LEU E 180 -13.61 -30.13 -15.26
C LEU E 180 -12.55 -30.99 -14.59
N PRO E 181 -12.85 -31.51 -13.40
CA PRO E 181 -11.96 -32.51 -12.85
C PRO E 181 -12.04 -33.76 -13.70
N THR E 182 -10.91 -34.43 -13.85
CA THR E 182 -10.82 -35.61 -14.70
C THR E 182 -10.25 -36.84 -13.98
N VAL E 183 -9.81 -36.65 -12.74
CA VAL E 183 -9.25 -37.73 -11.95
C VAL E 183 -9.80 -37.65 -10.55
N TYR E 184 -10.26 -38.79 -10.01
CA TYR E 184 -10.65 -38.89 -8.61
C TYR E 184 -9.72 -39.84 -7.90
N GLN E 185 -9.21 -39.43 -6.74
CA GLN E 185 -8.30 -40.25 -5.95
C GLN E 185 -9.02 -40.70 -4.70
N GLY E 186 -9.23 -42.01 -4.55
CA GLY E 186 -10.10 -42.51 -3.49
C GLY E 186 -9.60 -43.74 -2.78
N MET E 187 -10.12 -43.94 -1.57
CA MET E 187 -9.77 -45.05 -0.71
C MET E 187 -10.38 -46.35 -1.23
N TYR E 188 -9.55 -47.27 -1.70
CA TYR E 188 -10.04 -48.51 -2.29
C TYR E 188 -9.09 -49.68 -2.05
N ASN E 189 -9.62 -50.77 -1.50
CA ASN E 189 -8.85 -52.01 -1.38
C ASN E 189 -9.76 -53.24 -1.22
N ALA E 190 -9.17 -54.42 -1.26
CA ALA E 190 -9.91 -55.68 -1.19
C ALA E 190 -10.93 -55.81 -0.05
N ILE E 191 -10.64 -55.18 1.09
CA ILE E 191 -11.55 -55.20 2.25
C ILE E 191 -12.25 -53.81 2.49
N THR E 192 -12.14 -52.89 1.53
CA THR E 192 -12.77 -51.55 1.63
C THR E 192 -13.32 -51.08 0.28
N ARG E 193 -14.63 -51.25 0.09
CA ARG E 193 -15.25 -51.12 -1.24
C ARG E 193 -16.47 -50.20 -1.27
N GLN E 194 -16.49 -49.21 -0.40
CA GLN E 194 -17.65 -48.35 -0.32
C GLN E 194 -17.79 -47.54 -1.63
N VAL E 195 -16.65 -47.18 -2.22
CA VAL E 195 -16.63 -46.40 -3.45
C VAL E 195 -17.47 -47.05 -4.56
N GLU E 196 -17.52 -48.37 -4.58
CA GLU E 196 -18.21 -49.11 -5.64
C GLU E 196 -19.69 -48.71 -5.82
N THR E 197 -20.41 -48.48 -4.72
CA THR E 197 -21.86 -48.35 -4.78
C THR E 197 -22.34 -47.11 -5.54
N GLU E 198 -21.78 -45.95 -5.20
CA GLU E 198 -22.22 -44.70 -5.82
C GLU E 198 -21.13 -43.95 -6.56
N LEU E 199 -19.93 -43.92 -6.00
CA LEU E 199 -18.86 -43.12 -6.59
C LEU E 199 -18.56 -43.59 -8.01
N PHE E 200 -18.35 -44.89 -8.19
CA PHE E 200 -17.92 -45.39 -9.50
C PHE E 200 -18.92 -45.10 -10.62
N PRO E 201 -20.19 -45.49 -10.45
CA PRO E 201 -21.23 -45.08 -11.38
C PRO E 201 -21.13 -43.60 -11.75
N CYS E 202 -20.97 -42.76 -10.74
CA CYS E 202 -20.88 -41.32 -10.94
C CYS E 202 -19.66 -40.95 -11.78
N LEU E 203 -18.51 -41.49 -11.42
CA LEU E 203 -17.27 -41.19 -12.11
C LEU E 203 -17.32 -41.63 -13.58
N ARG E 204 -17.89 -42.79 -13.86
CA ARG E 204 -17.99 -43.24 -15.25
C ARG E 204 -18.92 -42.32 -16.02
N HIS E 205 -19.95 -41.80 -15.37
CA HIS E 205 -20.89 -40.91 -16.02
C HIS E 205 -20.26 -39.57 -16.39
N PHE E 206 -19.44 -39.01 -15.51
CA PHE E 206 -18.81 -37.72 -15.76
C PHE E 206 -17.42 -37.84 -16.40
N GLY E 207 -16.97 -39.08 -16.56
CA GLY E 207 -15.75 -39.36 -17.30
C GLY E 207 -14.47 -39.14 -16.53
N LEU E 208 -14.53 -39.30 -15.20
CA LEU E 208 -13.34 -39.25 -14.36
C LEU E 208 -12.72 -40.62 -14.24
N ARG E 209 -11.39 -40.66 -14.18
CA ARG E 209 -10.67 -41.90 -13.90
C ARG E 209 -10.34 -41.98 -12.42
N PHE E 210 -10.26 -43.20 -11.92
CA PHE E 210 -10.12 -43.41 -10.50
C PHE E 210 -8.73 -43.92 -10.14
N TYR E 211 -8.05 -43.23 -9.23
CA TYR E 211 -6.76 -43.65 -8.71
C TYR E 211 -6.95 -44.14 -7.28
N ALA E 212 -6.58 -45.39 -7.01
CA ALA E 212 -6.81 -45.98 -5.67
C ALA E 212 -5.65 -45.68 -4.73
N PHE E 213 -5.99 -45.25 -3.51
CA PHE E 213 -5.02 -45.19 -2.41
C PHE E 213 -5.45 -46.14 -1.30
N ASN E 214 -4.54 -46.35 -0.34
CA ASN E 214 -4.70 -47.38 0.68
C ASN E 214 -4.91 -48.79 0.08
N PRO E 215 -4.20 -49.12 -1.01
CA PRO E 215 -4.45 -50.43 -1.62
C PRO E 215 -4.12 -51.63 -0.73
N LEU E 216 -3.22 -51.45 0.24
CA LEU E 216 -2.91 -52.49 1.21
C LEU E 216 -3.49 -52.18 2.59
N ALA E 217 -4.47 -51.28 2.63
CA ALA E 217 -5.03 -50.79 3.89
C ALA E 217 -3.88 -50.42 4.85
N GLY E 218 -2.95 -49.59 4.37
CA GLY E 218 -1.85 -49.09 5.18
C GLY E 218 -0.82 -50.13 5.51
N GLY E 219 -0.88 -51.29 4.85
CA GLY E 219 -0.05 -52.41 5.22
C GLY E 219 -0.77 -53.51 5.99
N LEU E 220 -2.01 -53.26 6.43
CA LEU E 220 -2.78 -54.27 7.19
C LEU E 220 -2.98 -55.54 6.36
N LEU E 221 -3.23 -55.36 5.08
CA LEU E 221 -3.45 -56.47 4.17
C LEU E 221 -2.17 -57.22 3.76
N THR E 222 -1.00 -56.78 4.22
CA THR E 222 0.23 -57.57 4.07
C THR E 222 0.23 -58.76 5.05
N GLY E 223 -0.61 -58.68 6.06
CA GLY E 223 -0.80 -59.80 7.00
C GLY E 223 0.31 -59.90 8.04
N LYS E 224 1.06 -58.82 8.21
CA LYS E 224 2.21 -58.83 9.12
C LYS E 224 1.81 -58.49 10.55
N TYR E 225 0.60 -57.99 10.75
CA TYR E 225 0.12 -57.66 12.08
C TYR E 225 -0.86 -58.74 12.57
N LYS E 226 -1.00 -58.86 13.88
CA LYS E 226 -2.09 -59.63 14.51
C LYS E 226 -2.84 -58.71 15.50
N TYR E 227 -4.16 -58.83 15.56
CA TYR E 227 -5.01 -57.88 16.33
C TYR E 227 -4.49 -57.57 17.73
N GLU E 228 -3.91 -58.56 18.38
CA GLU E 228 -3.46 -58.45 19.76
C GLU E 228 -2.20 -57.59 19.96
N ASP E 229 -1.66 -57.04 18.88
CA ASP E 229 -0.47 -56.17 18.94
C ASP E 229 -0.76 -54.79 19.54
N LYS E 230 -2.00 -54.31 19.43
CA LYS E 230 -2.39 -53.00 19.97
C LYS E 230 -2.12 -52.94 21.48
N ASP E 231 -2.25 -54.08 22.15
CA ASP E 231 -2.08 -54.17 23.61
C ASP E 231 -0.64 -54.43 24.02
N GLY E 232 0.18 -54.96 23.12
CA GLY E 232 1.52 -55.40 23.48
C GLY E 232 2.66 -54.96 22.58
N LYS E 233 2.82 -55.66 21.46
CA LYS E 233 4.00 -55.49 20.59
C LYS E 233 4.14 -54.08 20.01
N GLN E 234 3.02 -53.49 19.58
CA GLN E 234 2.96 -52.13 19.04
C GLN E 234 4.17 -51.80 18.15
N PRO E 235 4.30 -52.49 17.00
CA PRO E 235 5.47 -52.34 16.12
C PRO E 235 5.50 -51.03 15.35
N VAL E 236 6.56 -50.23 15.55
CA VAL E 236 6.74 -48.94 14.88
C VAL E 236 6.46 -49.05 13.38
N GLY E 237 5.33 -48.48 12.95
CA GLY E 237 4.92 -48.52 11.56
C GLY E 237 3.85 -47.50 11.23
N ARG E 238 3.03 -47.83 10.24
CA ARG E 238 1.88 -47.00 9.87
C ARG E 238 0.88 -46.90 11.02
N PHE E 239 0.74 -47.98 11.77
CA PHE E 239 -0.27 -48.09 12.80
C PHE E 239 0.22 -47.77 14.20
N PHE E 240 1.53 -47.51 14.34
CA PHE E 240 2.09 -47.25 15.67
C PHE E 240 3.20 -46.21 15.67
N GLY E 241 3.11 -45.29 16.63
CA GLY E 241 4.18 -44.34 16.94
C GLY E 241 4.36 -43.21 15.95
N ASN E 242 3.25 -42.71 15.39
CA ASN E 242 3.28 -41.46 14.64
C ASN E 242 1.98 -40.69 14.81
N THR E 243 2.01 -39.44 14.39
CA THR E 243 0.88 -38.55 14.54
C THR E 243 -0.44 -39.21 14.13
N TRP E 244 -0.41 -39.89 12.99
CA TRP E 244 -1.61 -40.45 12.36
C TRP E 244 -1.82 -41.92 12.68
N ALA E 245 -0.99 -42.47 13.56
CA ALA E 245 -1.15 -43.84 14.03
C ALA E 245 -2.59 -44.14 14.46
N GLU E 246 -3.16 -43.30 15.32
CA GLU E 246 -4.51 -43.58 15.86
C GLU E 246 -5.58 -43.48 14.80
N MET E 247 -5.45 -42.54 13.86
CA MET E 247 -6.44 -42.47 12.80
C MET E 247 -6.48 -43.75 12.02
N TYR E 248 -5.31 -44.27 11.66
CA TYR E 248 -5.23 -45.50 10.88
C TYR E 248 -5.76 -46.70 11.66
N ARG E 249 -5.57 -46.68 12.97
CA ARG E 249 -6.17 -47.71 13.80
C ARG E 249 -7.69 -47.66 13.77
N ASN E 250 -8.26 -46.47 13.92
CA ASN E 250 -9.73 -46.31 13.85
C ASN E 250 -10.28 -46.68 12.46
N ARG E 251 -9.45 -46.55 11.42
CA ARG E 251 -9.87 -46.87 10.06
C ARG E 251 -9.91 -48.37 9.81
N TYR E 252 -8.78 -49.04 10.06
CA TYR E 252 -8.61 -50.44 9.66
C TYR E 252 -8.41 -51.48 10.76
N TRP E 253 -7.96 -51.06 11.95
CA TRP E 253 -7.60 -52.02 13.02
C TRP E 253 -8.83 -52.49 13.82
N LYS E 254 -9.70 -53.24 13.17
CA LYS E 254 -10.91 -53.80 13.82
C LYS E 254 -10.79 -55.33 13.87
N GLU E 255 -11.47 -55.95 14.83
CA GLU E 255 -11.41 -57.41 15.00
C GLU E 255 -11.90 -58.12 13.73
N HIS E 256 -13.03 -57.67 13.18
CA HIS E 256 -13.58 -58.28 11.95
C HIS E 256 -12.66 -58.19 10.74
N HIS E 257 -11.79 -57.19 10.68
CA HIS E 257 -10.81 -57.12 9.61
C HIS E 257 -9.83 -58.26 9.70
N PHE E 258 -9.32 -58.51 10.90
CA PHE E 258 -8.33 -59.57 11.10
C PHE E 258 -8.93 -60.94 10.84
N GLU E 259 -10.22 -61.12 11.13
CA GLU E 259 -10.95 -62.34 10.74
C GLU E 259 -10.79 -62.57 9.26
N GLY E 260 -11.04 -61.50 8.50
CA GLY E 260 -11.06 -61.53 7.04
C GLY E 260 -9.73 -61.86 6.41
N ILE E 261 -8.65 -61.29 6.96
CA ILE E 261 -7.31 -61.61 6.51
C ILE E 261 -7.02 -63.09 6.72
N ALA E 262 -7.41 -63.61 7.88
CA ALA E 262 -7.27 -65.03 8.20
C ALA E 262 -8.00 -65.90 7.18
N LEU E 263 -9.23 -65.49 6.87
CA LEU E 263 -10.08 -66.21 5.91
C LEU E 263 -9.41 -66.30 4.52
N VAL E 264 -8.76 -65.21 4.11
CA VAL E 264 -8.03 -65.19 2.83
C VAL E 264 -6.75 -66.02 2.90
N GLU E 265 -6.03 -65.94 4.02
CA GLU E 265 -4.81 -66.74 4.21
C GLU E 265 -5.07 -68.25 4.17
N LYS E 266 -6.20 -68.67 4.74
CA LYS E 266 -6.64 -70.08 4.68
C LYS E 266 -7.01 -70.49 3.26
N ALA E 267 -7.71 -69.60 2.56
CA ALA E 267 -8.10 -69.84 1.16
C ALA E 267 -6.89 -69.92 0.22
N LEU E 268 -5.86 -69.13 0.53
CA LEU E 268 -4.61 -69.16 -0.24
C LEU E 268 -3.88 -70.50 -0.12
N GLN E 269 -3.66 -70.94 1.12
CA GLN E 269 -3.01 -72.24 1.35
C GLN E 269 -3.82 -73.38 0.72
N ALA E 270 -5.15 -73.27 0.78
CA ALA E 270 -6.05 -74.31 0.25
C ALA E 270 -5.94 -74.48 -1.26
N ALA E 271 -5.95 -73.37 -2.00
CA ALA E 271 -5.98 -73.41 -3.46
C ALA E 271 -4.60 -73.44 -4.12
N TYR E 272 -3.55 -73.03 -3.41
CA TYR E 272 -2.19 -72.95 -3.96
C TYR E 272 -1.16 -73.84 -3.22
N GLY E 273 -1.38 -74.09 -1.93
CA GLY E 273 -0.52 -74.97 -1.15
C GLY E 273 0.83 -74.37 -0.79
N ALA E 274 1.89 -75.15 -1.01
CA ALA E 274 3.28 -74.71 -0.81
C ALA E 274 3.64 -73.54 -1.71
N SER E 275 3.14 -73.58 -2.95
CA SER E 275 3.43 -72.54 -3.93
C SER E 275 2.63 -71.25 -3.69
N ALA E 276 1.97 -71.12 -2.54
CA ALA E 276 1.09 -69.99 -2.24
C ALA E 276 1.85 -68.67 -2.17
N PRO E 277 1.33 -67.61 -2.80
CA PRO E 277 1.97 -66.31 -2.74
C PRO E 277 1.71 -65.58 -1.43
N SER E 278 2.57 -64.61 -1.11
CA SER E 278 2.33 -63.73 0.03
C SER E 278 1.02 -63.00 -0.21
N MET E 279 0.34 -62.61 0.85
CA MET E 279 -0.94 -61.98 0.62
C MET E 279 -0.83 -60.45 0.53
N THR E 280 0.40 -59.96 0.64
CA THR E 280 0.74 -58.67 0.06
C THR E 280 0.47 -58.78 -1.43
N SER E 281 1.00 -59.85 -2.02
CA SER E 281 0.90 -60.09 -3.46
C SER E 281 -0.54 -60.34 -3.84
N ALA E 282 -1.22 -61.20 -3.07
CA ALA E 282 -2.64 -61.51 -3.33
C ALA E 282 -3.53 -60.27 -3.31
N THR E 283 -3.33 -59.42 -2.32
CA THR E 283 -4.11 -58.19 -2.16
C THR E 283 -3.91 -57.22 -3.33
N LEU E 284 -2.67 -57.02 -3.76
CA LEU E 284 -2.40 -56.15 -4.89
C LEU E 284 -2.98 -56.73 -6.16
N ARG E 285 -2.81 -58.03 -6.34
CA ARG E 285 -3.35 -58.68 -7.54
C ARG E 285 -4.86 -58.56 -7.62
N TRP E 286 -5.53 -58.49 -6.47
CA TRP E 286 -6.98 -58.28 -6.45
C TRP E 286 -7.36 -56.94 -7.05
N MET E 287 -6.57 -55.90 -6.74
CA MET E 287 -6.82 -54.56 -7.27
C MET E 287 -6.61 -54.51 -8.77
N TYR E 288 -5.51 -55.11 -9.22
CA TYR E 288 -5.14 -55.06 -10.63
C TYR E 288 -6.07 -55.91 -11.51
N HIS E 289 -6.47 -57.08 -11.02
CA HIS E 289 -7.20 -58.02 -11.87
C HIS E 289 -8.69 -58.14 -11.57
N HIS E 290 -9.09 -58.06 -10.30
CA HIS E 290 -10.47 -58.42 -9.90
C HIS E 290 -11.32 -57.31 -9.27
N SER E 291 -10.82 -56.08 -9.28
CA SER E 291 -11.57 -54.95 -8.74
C SER E 291 -12.41 -54.33 -9.84
N GLN E 292 -13.04 -53.21 -9.53
CA GLN E 292 -13.78 -52.43 -10.52
C GLN E 292 -12.86 -51.51 -11.31
N LEU E 293 -11.59 -51.42 -10.93
CA LEU E 293 -10.65 -50.59 -11.68
C LEU E 293 -10.59 -51.11 -13.11
N GLN E 294 -10.45 -50.20 -14.08
CA GLN E 294 -10.35 -50.59 -15.48
C GLN E 294 -9.28 -49.82 -16.21
N GLY E 295 -8.25 -50.53 -16.65
CA GLY E 295 -7.20 -49.94 -17.47
C GLY E 295 -7.76 -49.14 -18.64
N ALA E 296 -8.77 -49.70 -19.29
CA ALA E 296 -9.48 -49.03 -20.38
C ALA E 296 -9.82 -47.56 -20.09
N HIS E 297 -10.28 -47.26 -18.87
CA HIS E 297 -10.67 -45.88 -18.51
C HIS E 297 -9.54 -45.06 -17.89
N GLY E 298 -8.35 -45.65 -17.81
CA GLY E 298 -7.16 -44.97 -17.27
C GLY E 298 -7.06 -45.04 -15.76
N ASP E 299 -7.76 -45.99 -15.15
CA ASP E 299 -7.69 -46.14 -13.70
C ASP E 299 -6.28 -46.59 -13.30
N ALA E 300 -5.92 -46.27 -12.06
CA ALA E 300 -4.60 -46.60 -11.55
C ALA E 300 -4.63 -47.05 -10.09
N VAL E 301 -3.54 -47.67 -9.65
CA VAL E 301 -3.33 -48.00 -8.26
C VAL E 301 -2.13 -47.20 -7.78
N ILE E 302 -2.29 -46.45 -6.69
CA ILE E 302 -1.17 -45.71 -6.11
C ILE E 302 -0.54 -46.60 -5.06
N LEU E 303 0.70 -47.04 -5.32
CA LEU E 303 1.38 -47.96 -4.43
C LEU E 303 2.06 -47.24 -3.30
N GLY E 304 1.93 -47.78 -2.10
CA GLY E 304 2.57 -47.24 -0.92
C GLY E 304 3.73 -48.11 -0.49
N MET E 305 4.71 -47.51 0.16
CA MET E 305 5.87 -48.22 0.71
C MET E 305 6.62 -47.33 1.71
N SER E 306 7.27 -47.96 2.67
CA SER E 306 8.14 -47.27 3.60
C SER E 306 9.61 -47.66 3.40
N SER E 307 9.87 -48.57 2.45
CA SER E 307 11.22 -48.99 2.16
C SER E 307 11.37 -49.45 0.70
N LEU E 308 12.62 -49.64 0.27
CA LEU E 308 12.89 -50.11 -1.09
C LEU E 308 12.56 -51.60 -1.22
N GLU E 309 12.92 -52.40 -0.21
CA GLU E 309 12.61 -53.83 -0.20
C GLU E 309 11.10 -54.07 -0.34
N GLN E 310 10.29 -53.14 0.18
CA GLN E 310 8.84 -53.18 0.03
C GLN E 310 8.36 -52.84 -1.38
N LEU E 311 8.99 -51.85 -2.00
CA LEU E 311 8.60 -51.42 -3.34
C LEU E 311 8.85 -52.52 -4.36
N GLU E 312 10.08 -53.04 -4.36
CA GLU E 312 10.45 -54.15 -5.25
C GLU E 312 9.48 -55.32 -5.08
N GLN E 313 9.12 -55.60 -3.82
CA GLN E 313 8.15 -56.65 -3.46
C GLN E 313 6.78 -56.36 -4.10
N ASN E 314 6.36 -55.10 -4.05
CA ASN E 314 5.06 -54.69 -4.55
C ASN E 314 5.00 -54.58 -6.07
N LEU E 315 6.01 -53.96 -6.67
CA LEU E 315 6.07 -53.81 -8.13
C LEU E 315 6.04 -55.17 -8.84
N ALA E 316 6.60 -56.18 -8.19
CA ALA E 316 6.54 -57.56 -8.68
C ALA E 316 5.08 -58.04 -8.71
N ALA E 317 4.40 -57.92 -7.58
CA ALA E 317 2.99 -58.30 -7.47
C ALA E 317 2.08 -57.60 -8.48
N ALA E 318 2.42 -56.36 -8.83
CA ALA E 318 1.67 -55.59 -9.82
C ALA E 318 1.63 -56.31 -11.16
N GLU E 319 2.79 -56.83 -11.57
CA GLU E 319 2.95 -57.53 -12.84
C GLU E 319 2.45 -58.98 -12.83
N GLU E 320 2.33 -59.58 -11.65
CA GLU E 320 1.79 -60.94 -11.52
C GLU E 320 0.37 -61.02 -12.09
N GLY E 321 -0.04 -62.24 -12.41
CA GLY E 321 -1.33 -62.49 -13.05
C GLY E 321 -2.50 -62.58 -12.08
N PRO E 322 -3.70 -62.92 -12.60
CA PRO E 322 -4.90 -63.04 -11.78
C PRO E 322 -4.89 -64.24 -10.83
N LEU E 323 -5.88 -64.26 -9.95
CA LEU E 323 -5.96 -65.25 -8.86
C LEU E 323 -7.01 -66.31 -9.15
N GLU E 324 -6.86 -67.48 -8.53
CA GLU E 324 -7.87 -68.53 -8.60
C GLU E 324 -9.21 -68.02 -8.08
N PRO E 325 -10.33 -68.48 -8.66
CA PRO E 325 -11.65 -67.94 -8.29
C PRO E 325 -12.01 -68.18 -6.82
N ALA E 326 -11.53 -69.28 -6.24
CA ALA E 326 -11.81 -69.61 -4.84
C ALA E 326 -11.24 -68.58 -3.89
N VAL E 327 -10.11 -67.98 -4.27
CA VAL E 327 -9.47 -66.92 -3.47
C VAL E 327 -10.22 -65.60 -3.60
N VAL E 328 -10.60 -65.24 -4.83
CA VAL E 328 -11.41 -64.04 -5.06
C VAL E 328 -12.74 -64.12 -4.29
N ASP E 329 -13.29 -65.32 -4.16
CA ASP E 329 -14.49 -65.56 -3.34
C ASP E 329 -14.21 -65.32 -1.87
N ALA E 330 -13.02 -65.70 -1.42
CA ALA E 330 -12.64 -65.50 -0.02
C ALA E 330 -12.47 -64.02 0.31
N PHE E 331 -11.81 -63.27 -0.58
CA PHE E 331 -11.73 -61.81 -0.43
C PHE E 331 -13.13 -61.23 -0.32
N ASN E 332 -14.01 -61.65 -1.21
CA ASN E 332 -15.39 -61.19 -1.21
C ASN E 332 -16.06 -61.52 0.12
N GLN E 333 -15.83 -62.73 0.63
CA GLN E 333 -16.40 -63.16 1.91
C GLN E 333 -15.86 -62.30 3.05
N ALA E 334 -14.59 -61.90 2.94
CA ALA E 334 -13.95 -61.09 3.97
C ALA E 334 -14.48 -59.66 3.96
N TRP E 335 -14.75 -59.14 2.76
CA TRP E 335 -15.33 -57.83 2.62
C TRP E 335 -16.72 -57.84 3.26
N HIS E 336 -17.52 -58.86 2.99
CA HIS E 336 -18.87 -58.95 3.58
C HIS E 336 -18.81 -58.98 5.11
N LEU E 337 -17.70 -59.47 5.63
CA LEU E 337 -17.49 -59.52 7.06
C LEU E 337 -17.42 -58.09 7.63
N VAL E 338 -16.69 -57.21 6.95
CA VAL E 338 -16.38 -55.86 7.49
C VAL E 338 -17.18 -54.69 6.90
N ALA E 339 -18.05 -54.98 5.93
CA ALA E 339 -18.75 -53.95 5.18
C ALA E 339 -19.56 -53.02 6.08
N HIS E 340 -20.19 -53.57 7.10
CA HIS E 340 -20.97 -52.78 8.07
C HIS E 340 -20.11 -51.80 8.87
N GLU E 341 -18.84 -52.16 9.13
CA GLU E 341 -17.92 -51.32 9.88
C GLU E 341 -16.89 -50.65 8.94
N CYS E 342 -17.29 -50.37 7.70
CA CYS E 342 -16.35 -49.87 6.71
C CYS E 342 -16.19 -48.38 6.81
N PRO E 343 -14.95 -47.86 6.68
CA PRO E 343 -14.72 -46.42 6.71
C PRO E 343 -15.26 -45.67 5.49
N ASN E 344 -15.77 -44.47 5.71
CA ASN E 344 -16.24 -43.66 4.61
C ASN E 344 -15.09 -43.25 3.71
N TYR E 345 -15.38 -43.21 2.40
CA TYR E 345 -14.40 -42.78 1.41
C TYR E 345 -14.30 -41.25 1.31
N PHE E 346 -15.13 -40.53 2.07
CA PHE E 346 -15.25 -39.08 1.98
C PHE E 346 -15.16 -38.39 3.35
N ARG E 347 -14.50 -37.23 3.36
CA ARG E 347 -14.35 -36.38 4.54
C ARG E 347 -15.29 -35.17 4.36
N ARG F 25 -42.83 -35.74 15.72
CA ARG F 25 -42.56 -34.44 15.03
C ARG F 25 -42.54 -34.56 13.46
N PRO F 26 -41.95 -35.65 12.91
CA PRO F 26 -41.95 -35.99 11.49
C PRO F 26 -43.35 -36.30 10.94
N ALA F 27 -43.66 -35.75 9.78
CA ALA F 27 -45.00 -35.84 9.19
C ALA F 27 -45.42 -37.26 8.84
N THR F 28 -46.71 -37.46 8.59
CA THR F 28 -47.25 -38.75 8.12
C THR F 28 -48.04 -38.61 6.82
N VAL F 29 -47.67 -39.40 5.81
CA VAL F 29 -48.32 -39.37 4.49
C VAL F 29 -48.97 -40.72 4.20
N LEU F 30 -50.14 -40.71 3.57
CA LEU F 30 -50.91 -41.94 3.33
C LEU F 30 -50.47 -42.65 2.05
N GLY F 31 -49.95 -43.88 2.21
CA GLY F 31 -49.51 -44.71 1.08
C GLY F 31 -50.67 -45.40 0.37
N ALA F 32 -51.02 -44.90 -0.82
CA ALA F 32 -52.21 -45.32 -1.55
C ALA F 32 -51.92 -46.40 -2.59
N MET F 33 -50.89 -47.21 -2.36
CA MET F 33 -50.46 -48.21 -3.33
C MET F 33 -51.40 -49.39 -3.37
N GLU F 34 -51.93 -49.80 -2.22
CA GLU F 34 -52.78 -50.99 -2.14
C GLU F 34 -54.27 -50.70 -2.48
N MET F 35 -54.59 -49.43 -2.71
CA MET F 35 -55.94 -49.02 -3.08
C MET F 35 -56.17 -49.44 -4.51
N GLY F 36 -57.19 -50.27 -4.70
CA GLY F 36 -57.48 -50.88 -6.01
C GLY F 36 -56.93 -52.30 -6.13
N ARG F 37 -55.93 -52.63 -5.32
CA ARG F 37 -55.33 -53.96 -5.33
C ARG F 37 -55.90 -54.77 -4.16
N ARG F 38 -55.36 -54.59 -2.95
CA ARG F 38 -55.85 -55.36 -1.80
C ARG F 38 -57.09 -54.73 -1.14
N MET F 39 -57.24 -53.42 -1.27
CA MET F 39 -58.39 -52.71 -0.71
C MET F 39 -59.34 -52.29 -1.83
N ASP F 40 -60.61 -52.65 -1.71
CA ASP F 40 -61.62 -52.23 -2.69
C ASP F 40 -61.91 -50.73 -2.52
N ALA F 41 -62.82 -50.19 -3.34
CA ALA F 41 -63.19 -48.77 -3.25
C ALA F 41 -63.71 -48.35 -1.86
N PRO F 42 -64.72 -49.06 -1.33
CA PRO F 42 -65.20 -48.82 0.04
C PRO F 42 -64.14 -48.86 1.13
N THR F 43 -63.33 -49.91 1.18
CA THR F 43 -62.26 -50.02 2.20
C THR F 43 -61.27 -48.89 2.11
N SER F 44 -60.97 -48.47 0.87
CA SER F 44 -60.03 -47.37 0.65
C SER F 44 -60.60 -46.01 1.11
N ALA F 45 -61.88 -45.78 0.84
CA ALA F 45 -62.56 -44.56 1.29
C ALA F 45 -62.57 -44.49 2.80
N ALA F 46 -62.84 -45.63 3.42
CA ALA F 46 -62.85 -45.75 4.88
C ALA F 46 -61.49 -45.40 5.46
N VAL F 47 -60.44 -45.93 4.84
CA VAL F 47 -59.08 -45.67 5.28
C VAL F 47 -58.72 -44.20 5.14
N THR F 48 -59.09 -43.58 4.02
CA THR F 48 -58.85 -42.15 3.83
C THR F 48 -59.57 -41.29 4.88
N ARG F 49 -60.81 -41.67 5.19
CA ARG F 49 -61.59 -40.99 6.25
C ARG F 49 -60.86 -41.06 7.59
N ALA F 50 -60.38 -42.25 7.93
CA ALA F 50 -59.65 -42.49 9.17
C ALA F 50 -58.38 -41.66 9.25
N PHE F 51 -57.63 -41.70 8.16
CA PHE F 51 -56.37 -40.98 8.05
C PHE F 51 -56.54 -39.50 8.25
N LEU F 52 -57.53 -38.91 7.59
CA LEU F 52 -57.76 -37.47 7.69
C LEU F 52 -58.32 -37.08 9.06
N GLU F 53 -59.15 -37.94 9.65
CA GLU F 53 -59.73 -37.70 10.97
C GLU F 53 -58.71 -37.75 12.12
N ARG F 54 -57.45 -38.09 11.81
CA ARG F 54 -56.35 -37.92 12.76
C ARG F 54 -55.58 -36.63 12.49
N GLY F 55 -56.12 -35.78 11.60
CA GLY F 55 -55.50 -34.49 11.31
C GLY F 55 -54.38 -34.48 10.27
N HIS F 56 -54.06 -35.65 9.69
CA HIS F 56 -53.06 -35.74 8.64
C HIS F 56 -53.64 -35.24 7.33
N THR F 57 -52.77 -34.96 6.37
CA THR F 57 -53.12 -34.10 5.26
C THR F 57 -52.79 -34.63 3.83
N GLU F 58 -51.67 -35.34 3.66
CA GLU F 58 -51.10 -35.61 2.34
C GLU F 58 -51.21 -37.08 1.95
N ILE F 59 -51.42 -37.35 0.66
CA ILE F 59 -51.59 -38.72 0.15
C ILE F 59 -50.66 -39.03 -1.02
N ASP F 60 -50.05 -40.22 -0.99
CA ASP F 60 -49.11 -40.64 -2.02
C ASP F 60 -49.69 -41.73 -2.89
N THR F 61 -49.81 -41.42 -4.18
CA THR F 61 -50.20 -42.40 -5.18
C THR F 61 -49.25 -42.31 -6.37
N ALA F 62 -49.60 -42.99 -7.45
CA ALA F 62 -48.76 -43.05 -8.64
C ALA F 62 -49.55 -43.50 -9.85
N PHE F 63 -49.12 -43.05 -11.01
CA PHE F 63 -49.74 -43.42 -12.29
C PHE F 63 -49.90 -44.93 -12.46
N VAL F 64 -48.95 -45.69 -11.92
CA VAL F 64 -48.84 -47.10 -12.23
C VAL F 64 -49.57 -47.99 -11.20
N TYR F 65 -49.91 -47.43 -10.03
CA TYR F 65 -50.44 -48.23 -8.92
C TYR F 65 -51.79 -48.86 -9.28
N SER F 66 -51.89 -50.16 -9.01
CA SER F 66 -53.03 -50.99 -9.37
C SER F 66 -53.65 -50.62 -10.72
N GLU F 67 -52.82 -50.68 -11.77
CA GLU F 67 -53.22 -50.40 -13.17
C GLU F 67 -54.01 -49.11 -13.36
N GLY F 68 -53.80 -48.15 -12.45
CA GLY F 68 -54.52 -46.89 -12.43
C GLY F 68 -55.75 -46.81 -11.53
N GLN F 69 -56.13 -47.92 -10.89
CA GLN F 69 -57.34 -47.96 -10.08
C GLN F 69 -57.15 -47.16 -8.78
N SER F 70 -55.90 -47.02 -8.32
CA SER F 70 -55.62 -46.21 -7.14
C SER F 70 -56.01 -44.77 -7.34
N GLU F 71 -55.40 -44.12 -8.33
CA GLU F 71 -55.72 -42.74 -8.68
C GLU F 71 -57.21 -42.53 -8.94
N THR F 72 -57.85 -43.50 -9.58
CA THR F 72 -59.26 -43.36 -9.92
C THR F 72 -60.12 -43.42 -8.66
N ILE F 73 -59.76 -44.26 -7.70
CA ILE F 73 -60.51 -44.35 -6.44
C ILE F 73 -60.48 -43.00 -5.74
N LEU F 74 -59.27 -42.51 -5.49
CA LEU F 74 -59.05 -41.24 -4.79
C LEU F 74 -59.75 -40.07 -5.49
N GLY F 75 -59.71 -40.07 -6.82
CA GLY F 75 -60.39 -39.07 -7.63
C GLY F 75 -61.90 -39.06 -7.45
N GLY F 76 -62.46 -40.20 -7.05
CA GLY F 76 -63.88 -40.33 -6.81
C GLY F 76 -64.31 -40.27 -5.35
N LEU F 77 -63.47 -39.74 -4.48
CA LEU F 77 -63.86 -39.56 -3.07
C LEU F 77 -64.38 -38.15 -2.78
N GLY F 78 -64.61 -37.36 -3.83
CA GLY F 78 -65.15 -36.00 -3.70
C GLY F 78 -64.35 -35.11 -2.79
N LEU F 79 -63.01 -35.22 -2.85
CA LEU F 79 -62.12 -34.38 -2.05
C LEU F 79 -61.78 -33.07 -2.75
N ARG F 80 -62.43 -32.79 -3.90
CA ARG F 80 -62.20 -31.57 -4.68
C ARG F 80 -60.71 -31.28 -4.76
N LEU F 81 -59.92 -32.31 -5.11
CA LEU F 81 -58.46 -32.24 -5.10
C LEU F 81 -57.91 -31.13 -6.00
N GLY F 82 -56.75 -30.58 -5.63
CA GLY F 82 -56.12 -29.53 -6.39
C GLY F 82 -56.81 -28.16 -6.35
N GLY F 83 -57.96 -28.05 -5.64
CA GLY F 83 -58.64 -26.78 -5.43
C GLY F 83 -58.02 -25.96 -4.32
N SER F 84 -58.44 -24.70 -4.22
CA SER F 84 -58.00 -23.81 -3.14
C SER F 84 -58.76 -24.13 -1.84
N ASP F 85 -60.08 -24.30 -1.95
CA ASP F 85 -60.92 -24.81 -0.86
C ASP F 85 -60.67 -26.33 -0.71
N CYS F 86 -59.46 -26.68 -0.26
CA CYS F 86 -59.04 -28.07 -0.14
C CYS F 86 -57.90 -28.25 0.87
N ARG F 87 -58.16 -29.04 1.92
CA ARG F 87 -57.19 -29.29 2.97
C ARG F 87 -56.17 -30.38 2.56
N VAL F 88 -56.61 -31.34 1.76
CA VAL F 88 -55.79 -32.52 1.41
C VAL F 88 -54.81 -32.25 0.27
N LYS F 89 -53.59 -32.73 0.42
CA LYS F 89 -52.55 -32.61 -0.60
C LYS F 89 -52.37 -33.95 -1.29
N ILE F 90 -52.16 -33.90 -2.60
CA ILE F 90 -52.04 -35.13 -3.41
C ILE F 90 -50.71 -35.26 -4.18
N ASP F 91 -50.14 -36.46 -4.12
CA ASP F 91 -48.85 -36.74 -4.74
C ASP F 91 -48.98 -37.86 -5.75
N THR F 92 -48.41 -37.66 -6.95
CA THR F 92 -48.37 -38.72 -7.96
C THR F 92 -47.02 -38.76 -8.67
N LYS F 93 -46.86 -39.77 -9.52
CA LYS F 93 -45.56 -40.04 -10.14
C LYS F 93 -45.69 -40.51 -11.60
N ALA F 94 -44.62 -40.31 -12.38
CA ALA F 94 -44.51 -40.84 -13.74
C ALA F 94 -43.29 -41.77 -13.81
N ILE F 95 -43.46 -42.96 -14.40
CA ILE F 95 -42.35 -43.93 -14.51
C ILE F 95 -41.83 -44.13 -15.91
N PRO F 96 -40.58 -44.58 -16.03
CA PRO F 96 -40.02 -45.03 -17.28
C PRO F 96 -40.00 -46.55 -17.43
N LEU F 97 -40.96 -47.26 -16.86
CA LEU F 97 -41.07 -48.70 -17.11
C LEU F 97 -42.16 -48.96 -18.12
N PHE F 98 -42.21 -50.20 -18.62
CA PHE F 98 -43.27 -50.61 -19.56
C PHE F 98 -43.13 -49.78 -20.82
N GLY F 99 -44.22 -49.48 -21.51
CA GLY F 99 -44.11 -48.62 -22.70
C GLY F 99 -43.50 -47.25 -22.41
N ASN F 100 -43.52 -46.87 -21.15
CA ASN F 100 -43.35 -45.49 -20.80
C ASN F 100 -41.89 -45.06 -20.65
N SER F 101 -41.65 -43.79 -20.87
CA SER F 101 -40.37 -43.18 -20.62
C SER F 101 -40.61 -41.93 -19.81
N LEU F 102 -39.53 -41.24 -19.49
CA LEU F 102 -39.60 -39.88 -18.94
C LEU F 102 -39.22 -38.83 -20.02
N LYS F 103 -39.28 -39.22 -21.28
CA LYS F 103 -39.14 -38.27 -22.36
C LYS F 103 -40.36 -37.38 -22.30
N PRO F 104 -40.27 -36.17 -22.85
CA PRO F 104 -41.33 -35.16 -22.72
C PRO F 104 -42.72 -35.68 -23.04
N ASP F 105 -42.88 -36.34 -24.17
CA ASP F 105 -44.20 -36.76 -24.60
C ASP F 105 -44.83 -37.74 -23.60
N SER F 106 -44.13 -38.81 -23.26
CA SER F 106 -44.65 -39.79 -22.30
C SER F 106 -44.96 -39.14 -20.94
N LEU F 107 -44.05 -38.26 -20.52
CA LEU F 107 -44.15 -37.56 -19.26
C LEU F 107 -45.52 -36.86 -19.18
N ARG F 108 -45.88 -36.15 -20.25
CA ARG F 108 -47.17 -35.47 -20.32
C ARG F 108 -48.35 -36.44 -20.24
N PHE F 109 -48.36 -37.45 -21.12
CA PHE F 109 -49.42 -38.46 -21.14
C PHE F 109 -49.70 -38.97 -19.74
N GLN F 110 -48.65 -39.27 -19.00
CA GLN F 110 -48.79 -39.87 -17.68
C GLN F 110 -49.41 -38.92 -16.65
N LEU F 111 -48.94 -37.68 -16.64
CA LEU F 111 -49.47 -36.69 -15.71
C LEU F 111 -50.92 -36.34 -16.07
N GLU F 112 -51.13 -36.05 -17.35
CA GLU F 112 -52.45 -35.65 -17.83
C GLU F 112 -53.47 -36.73 -17.51
N THR F 113 -53.07 -37.99 -17.58
CA THR F 113 -53.95 -39.10 -17.21
C THR F 113 -54.19 -39.13 -15.71
N SER F 114 -53.11 -38.96 -14.93
CA SER F 114 -53.22 -38.90 -13.47
C SER F 114 -54.23 -37.83 -13.07
N LEU F 115 -54.17 -36.66 -13.72
CA LEU F 115 -55.09 -35.56 -13.46
C LEU F 115 -56.53 -35.92 -13.76
N LYS F 116 -56.78 -36.45 -14.97
CA LYS F 116 -58.12 -36.87 -15.40
C LYS F 116 -58.70 -37.94 -14.47
N ARG F 117 -57.85 -38.80 -13.93
CA ARG F 117 -58.29 -39.83 -12.97
C ARG F 117 -58.62 -39.24 -11.62
N LEU F 118 -57.71 -38.42 -11.10
CA LEU F 118 -57.87 -37.74 -9.80
C LEU F 118 -58.94 -36.63 -9.83
N GLN F 119 -59.46 -36.34 -11.02
CA GLN F 119 -60.51 -35.34 -11.21
C GLN F 119 -60.08 -34.00 -10.65
N CYS F 120 -58.87 -33.59 -11.02
CA CYS F 120 -58.32 -32.32 -10.52
C CYS F 120 -57.47 -31.62 -11.59
N PRO F 121 -57.32 -30.30 -11.45
CA PRO F 121 -56.57 -29.51 -12.41
C PRO F 121 -55.06 -29.59 -12.17
N ARG F 122 -54.65 -29.84 -10.94
CA ARG F 122 -53.23 -29.98 -10.64
C ARG F 122 -52.94 -30.82 -9.41
N VAL F 123 -51.75 -31.40 -9.39
CA VAL F 123 -51.28 -32.16 -8.23
C VAL F 123 -50.34 -31.29 -7.40
N ASP F 124 -50.23 -31.62 -6.12
CA ASP F 124 -49.45 -30.84 -5.17
C ASP F 124 -47.99 -31.24 -5.23
N LEU F 125 -47.73 -32.50 -5.58
CA LEU F 125 -46.37 -33.00 -5.73
C LEU F 125 -46.32 -33.98 -6.89
N PHE F 126 -45.29 -33.85 -7.74
CA PHE F 126 -45.15 -34.67 -8.94
C PHE F 126 -43.76 -35.28 -9.02
N TYR F 127 -43.66 -36.60 -8.81
CA TYR F 127 -42.35 -37.26 -8.75
C TYR F 127 -41.94 -37.81 -10.09
N LEU F 128 -40.64 -37.85 -10.33
CA LEU F 128 -40.07 -38.80 -11.27
C LEU F 128 -39.84 -40.08 -10.46
N HIS F 129 -40.66 -41.09 -10.74
CA HIS F 129 -40.71 -42.34 -9.97
C HIS F 129 -39.35 -43.06 -9.89
N MET F 130 -38.63 -43.06 -11.01
CA MET F 130 -37.36 -43.76 -11.15
C MET F 130 -36.55 -43.13 -12.25
N PRO F 131 -35.21 -43.31 -12.22
CA PRO F 131 -34.36 -42.88 -13.32
C PRO F 131 -34.70 -43.56 -14.63
N ASP F 132 -34.67 -42.80 -15.71
CA ASP F 132 -34.83 -43.30 -17.07
C ASP F 132 -33.47 -43.29 -17.74
N HIS F 133 -32.71 -44.34 -17.53
CA HIS F 133 -31.33 -44.37 -18.01
C HIS F 133 -31.20 -44.28 -19.54
N SER F 134 -32.31 -44.30 -20.28
CA SER F 134 -32.28 -44.16 -21.73
C SER F 134 -32.64 -42.76 -22.22
N THR F 135 -32.92 -41.85 -21.30
CA THR F 135 -33.31 -40.48 -21.66
C THR F 135 -32.46 -39.49 -20.90
N PRO F 136 -31.74 -38.60 -21.62
CA PRO F 136 -30.92 -37.59 -20.95
C PRO F 136 -31.77 -36.81 -19.97
N VAL F 137 -31.26 -36.62 -18.76
CA VAL F 137 -32.05 -36.03 -17.68
C VAL F 137 -32.45 -34.58 -17.99
N GLU F 138 -31.63 -33.91 -18.79
CA GLU F 138 -31.95 -32.56 -19.27
C GLU F 138 -33.31 -32.47 -19.93
N GLU F 139 -33.57 -33.37 -20.89
CA GLU F 139 -34.82 -33.39 -21.64
C GLU F 139 -36.01 -33.48 -20.71
N THR F 140 -35.93 -34.38 -19.75
CA THR F 140 -37.00 -34.61 -18.78
C THR F 140 -37.31 -33.34 -17.97
N LEU F 141 -36.26 -32.74 -17.41
CA LEU F 141 -36.43 -31.61 -16.51
C LEU F 141 -37.06 -30.41 -17.23
N ARG F 142 -36.56 -30.11 -18.42
CA ARG F 142 -37.17 -29.09 -19.26
C ARG F 142 -38.67 -29.32 -19.44
N ALA F 143 -39.02 -30.56 -19.69
CA ALA F 143 -40.42 -30.95 -19.82
C ALA F 143 -41.18 -30.77 -18.50
N CYS F 144 -40.52 -31.06 -17.39
CA CYS F 144 -41.13 -30.85 -16.07
C CYS F 144 -41.42 -29.36 -15.87
N HIS F 145 -40.45 -28.53 -16.24
CA HIS F 145 -40.59 -27.10 -16.11
C HIS F 145 -41.79 -26.62 -16.92
N GLN F 146 -41.83 -27.02 -18.18
CA GLN F 146 -42.91 -26.62 -19.09
C GLN F 146 -44.28 -27.03 -18.54
N LEU F 147 -44.34 -28.16 -17.85
CA LEU F 147 -45.58 -28.64 -17.22
C LEU F 147 -45.92 -27.87 -15.95
N HIS F 148 -44.90 -27.44 -15.23
CA HIS F 148 -45.07 -26.57 -14.05
C HIS F 148 -45.54 -25.18 -14.48
N GLN F 149 -44.97 -24.69 -15.57
CA GLN F 149 -45.38 -23.43 -16.15
C GLN F 149 -46.86 -23.45 -16.51
N GLU F 150 -47.37 -24.63 -16.84
CA GLU F 150 -48.79 -24.79 -17.21
C GLU F 150 -49.67 -25.08 -16.00
N GLY F 151 -49.04 -25.13 -14.82
CA GLY F 151 -49.77 -25.24 -13.57
C GLY F 151 -50.37 -26.60 -13.34
N LYS F 152 -49.75 -27.64 -13.91
CA LYS F 152 -50.22 -29.02 -13.72
C LYS F 152 -49.73 -29.57 -12.39
N PHE F 153 -48.71 -28.96 -11.80
CA PHE F 153 -48.27 -29.33 -10.47
C PHE F 153 -47.56 -28.21 -9.72
N VAL F 154 -47.47 -28.35 -8.40
CA VAL F 154 -46.87 -27.34 -7.53
C VAL F 154 -45.40 -27.64 -7.33
N GLU F 155 -45.11 -28.81 -6.79
CA GLU F 155 -43.73 -29.18 -6.42
C GLU F 155 -43.22 -30.40 -7.19
N LEU F 156 -41.94 -30.37 -7.54
CA LEU F 156 -41.30 -31.48 -8.25
C LEU F 156 -40.61 -32.39 -7.25
N GLY F 157 -40.63 -33.69 -7.52
CA GLY F 157 -40.02 -34.68 -6.62
C GLY F 157 -39.17 -35.70 -7.35
N LEU F 158 -38.29 -36.37 -6.62
CA LEU F 158 -37.49 -37.47 -7.16
C LEU F 158 -37.64 -38.70 -6.29
N SER F 159 -37.53 -39.87 -6.91
CA SER F 159 -37.58 -41.11 -6.15
C SER F 159 -36.67 -42.17 -6.77
N ASN F 160 -35.94 -42.89 -5.92
CA ASN F 160 -35.03 -43.94 -6.36
C ASN F 160 -33.88 -43.47 -7.27
N TYR F 161 -33.56 -42.18 -7.21
CA TYR F 161 -32.36 -41.65 -7.84
C TYR F 161 -31.20 -41.70 -6.87
N ALA F 162 -30.00 -41.96 -7.40
CA ALA F 162 -28.80 -41.98 -6.58
C ALA F 162 -28.50 -40.57 -6.14
N ALA F 163 -27.88 -40.45 -4.97
CA ALA F 163 -27.53 -39.14 -4.43
C ALA F 163 -26.92 -38.26 -5.52
N TRP F 164 -25.96 -38.82 -6.25
CA TRP F 164 -25.23 -38.04 -7.25
C TRP F 164 -26.08 -37.63 -8.43
N GLU F 165 -27.09 -38.45 -8.75
CA GLU F 165 -28.03 -38.07 -9.80
C GLU F 165 -28.85 -36.87 -9.34
N VAL F 166 -29.19 -36.83 -8.05
CA VAL F 166 -29.95 -35.72 -7.49
C VAL F 166 -29.09 -34.46 -7.57
N ALA F 167 -27.83 -34.57 -7.18
CA ALA F 167 -26.92 -33.44 -7.23
C ALA F 167 -26.85 -32.85 -8.63
N GLU F 168 -26.74 -33.73 -9.63
CA GLU F 168 -26.73 -33.31 -11.03
C GLU F 168 -28.00 -32.53 -11.37
N ILE F 169 -29.15 -33.12 -11.06
CA ILE F 169 -30.43 -32.54 -11.41
C ILE F 169 -30.58 -31.14 -10.85
N CYS F 170 -30.31 -30.99 -9.56
CA CYS F 170 -30.49 -29.70 -8.89
C CYS F 170 -29.58 -28.62 -9.47
N THR F 171 -28.33 -28.98 -9.75
CA THR F 171 -27.41 -28.03 -10.32
C THR F 171 -27.86 -27.60 -11.72
N LEU F 172 -28.41 -28.54 -12.50
CA LEU F 172 -28.88 -28.23 -13.85
C LEU F 172 -30.04 -27.26 -13.80
N CYS F 173 -30.90 -27.45 -12.79
CA CYS F 173 -32.10 -26.60 -12.64
C CYS F 173 -31.74 -25.18 -12.21
N LYS F 174 -30.86 -25.06 -11.22
CA LYS F 174 -30.37 -23.74 -10.82
C LYS F 174 -29.90 -23.00 -12.06
N SER F 175 -28.99 -23.63 -12.80
CA SER F 175 -28.30 -22.98 -13.92
C SER F 175 -29.16 -22.81 -15.17
N ASN F 176 -30.21 -23.62 -15.33
CA ASN F 176 -31.18 -23.46 -16.42
C ASN F 176 -32.48 -22.76 -15.97
N GLY F 177 -32.53 -22.36 -14.70
CA GLY F 177 -33.71 -21.69 -14.16
C GLY F 177 -34.99 -22.51 -14.22
N TRP F 178 -34.87 -23.83 -14.07
CA TRP F 178 -36.04 -24.70 -13.98
C TRP F 178 -36.40 -24.96 -12.54
N ILE F 179 -37.63 -25.42 -12.34
CA ILE F 179 -38.11 -25.73 -11.02
C ILE F 179 -37.19 -26.78 -10.42
N LEU F 180 -36.75 -26.58 -9.18
CA LEU F 180 -35.92 -27.55 -8.47
C LEU F 180 -36.79 -28.59 -7.80
N PRO F 181 -36.29 -29.84 -7.75
CA PRO F 181 -36.99 -30.80 -6.92
C PRO F 181 -36.81 -30.46 -5.46
N THR F 182 -37.87 -30.65 -4.67
CA THR F 182 -37.89 -30.25 -3.29
C THR F 182 -38.25 -31.38 -2.36
N VAL F 183 -38.59 -32.54 -2.91
CA VAL F 183 -38.94 -33.73 -2.11
C VAL F 183 -38.28 -34.95 -2.71
N TYR F 184 -37.63 -35.75 -1.87
CA TYR F 184 -37.12 -37.04 -2.29
C TYR F 184 -37.89 -38.13 -1.56
N GLN F 185 -38.33 -39.14 -2.31
CA GLN F 185 -39.04 -40.26 -1.73
C GLN F 185 -38.10 -41.45 -1.81
N GLY F 186 -37.74 -42.02 -0.66
CA GLY F 186 -36.75 -43.09 -0.62
C GLY F 186 -37.03 -44.25 0.33
N MET F 187 -36.40 -45.37 0.02
CA MET F 187 -36.51 -46.59 0.78
C MET F 187 -35.77 -46.40 2.12
N TYR F 188 -36.50 -46.42 3.24
CA TYR F 188 -35.90 -46.23 4.57
C TYR F 188 -36.63 -46.93 5.68
N ASN F 189 -35.93 -47.75 6.45
CA ASN F 189 -36.54 -48.38 7.64
C ASN F 189 -35.49 -48.83 8.64
N ALA F 190 -35.95 -49.25 9.81
CA ALA F 190 -35.03 -49.64 10.89
C ALA F 190 -33.89 -50.60 10.50
N ILE F 191 -34.15 -51.51 9.55
CA ILE F 191 -33.15 -52.49 9.10
C ILE F 191 -32.64 -52.17 7.68
N THR F 192 -32.94 -50.97 7.16
CA THR F 192 -32.49 -50.55 5.81
C THR F 192 -32.13 -49.07 5.74
N ARG F 193 -30.83 -48.78 5.86
CA ARG F 193 -30.34 -47.44 6.12
C ARG F 193 -29.27 -46.95 5.15
N GLN F 194 -29.30 -47.43 3.91
CA GLN F 194 -28.24 -47.06 2.98
C GLN F 194 -28.30 -45.58 2.68
N VAL F 195 -29.52 -45.04 2.66
CA VAL F 195 -29.76 -43.63 2.36
C VAL F 195 -28.96 -42.71 3.26
N GLU F 196 -28.76 -43.11 4.50
CA GLU F 196 -28.05 -42.29 5.48
C GLU F 196 -26.67 -41.80 5.05
N THR F 197 -25.88 -42.66 4.39
CA THR F 197 -24.46 -42.37 4.15
C THR F 197 -24.21 -41.20 3.19
N GLU F 198 -24.88 -41.19 2.05
CA GLU F 198 -24.66 -40.14 1.05
C GLU F 198 -25.91 -39.34 0.71
N LEU F 199 -27.06 -39.99 0.61
CA LEU F 199 -28.28 -39.30 0.17
C LEU F 199 -28.66 -38.17 1.10
N PHE F 200 -28.70 -38.43 2.40
CA PHE F 200 -29.17 -37.45 3.36
C PHE F 200 -28.31 -36.20 3.36
N PRO F 201 -26.99 -36.33 3.55
CA PRO F 201 -26.09 -35.19 3.39
C PRO F 201 -26.35 -34.37 2.14
N CYS F 202 -26.57 -35.05 1.03
CA CYS F 202 -26.88 -34.40 -0.22
C CYS F 202 -28.20 -33.65 -0.13
N LEU F 203 -29.24 -34.34 0.34
CA LEU F 203 -30.57 -33.73 0.42
C LEU F 203 -30.57 -32.49 1.31
N ARG F 204 -29.89 -32.55 2.46
CA ARG F 204 -29.85 -31.38 3.34
C ARG F 204 -29.11 -30.24 2.65
N HIS F 205 -28.11 -30.55 1.83
CA HIS F 205 -27.35 -29.52 1.15
C HIS F 205 -28.19 -28.81 0.09
N PHE F 206 -28.99 -29.55 -0.65
CA PHE F 206 -29.82 -28.97 -1.71
C PHE F 206 -31.23 -28.59 -1.23
N GLY F 207 -31.52 -28.90 0.02
CA GLY F 207 -32.75 -28.46 0.65
C GLY F 207 -33.98 -29.29 0.32
N LEU F 208 -33.80 -30.55 -0.04
CA LEU F 208 -34.92 -31.44 -0.27
C LEU F 208 -35.34 -32.05 1.05
N ARG F 209 -36.65 -32.31 1.19
CA ARG F 209 -37.16 -33.07 2.33
C ARG F 209 -37.37 -34.53 1.93
N PHE F 210 -37.20 -35.42 2.90
CA PHE F 210 -37.20 -36.86 2.61
C PHE F 210 -38.47 -37.55 3.11
N TYR F 211 -39.14 -38.25 2.21
CA TYR F 211 -40.32 -39.04 2.55
C TYR F 211 -39.98 -40.53 2.49
N ALA F 212 -40.16 -41.22 3.62
CA ALA F 212 -39.75 -42.63 3.70
C ALA F 212 -40.83 -43.56 3.19
N PHE F 213 -40.46 -44.52 2.33
CA PHE F 213 -41.34 -45.62 2.00
C PHE F 213 -40.71 -46.92 2.47
N ASN F 214 -41.47 -48.02 2.41
CA ASN F 214 -41.10 -49.30 3.00
C ASN F 214 -40.74 -49.19 4.50
N PRO F 215 -41.48 -48.37 5.26
CA PRO F 215 -41.12 -48.18 6.67
C PRO F 215 -41.24 -49.43 7.53
N LEU F 216 -42.04 -50.41 7.09
CA LEU F 216 -42.12 -51.71 7.76
C LEU F 216 -41.48 -52.82 6.94
N ALA F 217 -40.63 -52.45 5.99
CA ALA F 217 -40.03 -53.41 5.07
C ALA F 217 -41.11 -54.31 4.48
N GLY F 218 -42.20 -53.70 3.97
CA GLY F 218 -43.28 -54.45 3.33
C GLY F 218 -44.18 -55.24 4.29
N GLY F 219 -44.01 -54.98 5.58
CA GLY F 219 -44.63 -55.79 6.60
C GLY F 219 -43.69 -56.76 7.28
N LEU F 220 -42.47 -56.96 6.76
CA LEU F 220 -41.52 -57.92 7.36
C LEU F 220 -41.23 -57.56 8.82
N LEU F 221 -41.14 -56.25 9.08
CA LEU F 221 -40.84 -55.74 10.41
C LEU F 221 -42.03 -55.77 11.36
N THR F 222 -43.21 -56.19 10.90
CA THR F 222 -44.31 -56.43 11.82
C THR F 222 -44.06 -57.71 12.61
N GLY F 223 -43.16 -58.56 12.11
CA GLY F 223 -42.76 -59.80 12.81
C GLY F 223 -43.74 -60.94 12.65
N LYS F 224 -44.61 -60.84 11.64
CA LYS F 224 -45.66 -61.82 11.45
C LYS F 224 -45.20 -63.01 10.61
N TYR F 225 -44.05 -62.87 9.94
CA TYR F 225 -43.50 -63.96 9.13
C TYR F 225 -42.36 -64.65 9.87
N LYS F 226 -42.08 -65.91 9.51
CA LYS F 226 -40.85 -66.61 9.91
C LYS F 226 -40.16 -67.11 8.62
N TYR F 227 -38.82 -67.08 8.59
CA TYR F 227 -38.05 -67.38 7.37
C TYR F 227 -38.51 -68.65 6.66
N GLU F 228 -38.88 -69.66 7.45
CA GLU F 228 -39.23 -70.97 6.91
C GLU F 228 -40.58 -71.00 6.15
N ASP F 229 -41.27 -69.87 6.04
CA ASP F 229 -42.54 -69.78 5.31
C ASP F 229 -42.38 -69.86 3.79
N LYS F 230 -41.22 -69.46 3.27
CA LYS F 230 -40.98 -69.48 1.82
C LYS F 230 -41.11 -70.91 1.27
N ASP F 231 -40.77 -71.90 2.08
CA ASP F 231 -40.81 -73.30 1.67
C ASP F 231 -42.17 -73.95 1.89
N GLY F 232 -43.00 -73.40 2.79
CA GLY F 232 -44.24 -74.06 3.21
C GLY F 232 -45.48 -73.18 3.20
N LYS F 233 -45.64 -72.39 4.26
CA LYS F 233 -46.90 -71.68 4.53
C LYS F 233 -47.28 -70.70 3.43
N GLN F 234 -46.29 -69.96 2.93
CA GLN F 234 -46.47 -68.98 1.84
C GLN F 234 -47.78 -68.20 1.96
N PRO F 235 -47.91 -67.38 3.01
CA PRO F 235 -49.15 -66.63 3.28
C PRO F 235 -49.42 -65.47 2.33
N VAL F 236 -50.55 -65.53 1.61
CA VAL F 236 -50.95 -64.50 0.64
C VAL F 236 -50.79 -63.11 1.24
N GLY F 237 -49.79 -62.38 0.77
CA GLY F 237 -49.50 -61.04 1.26
C GLY F 237 -48.60 -60.28 0.31
N ARG F 238 -47.84 -59.33 0.86
CA ARG F 238 -46.86 -58.57 0.09
C ARG F 238 -45.79 -59.49 -0.48
N PHE F 239 -45.44 -60.54 0.26
CA PHE F 239 -44.34 -61.41 -0.10
C PHE F 239 -44.75 -62.69 -0.82
N PHE F 240 -46.05 -62.90 -1.01
CA PHE F 240 -46.52 -64.12 -1.66
C PHE F 240 -47.76 -63.91 -2.51
N GLY F 241 -47.70 -64.50 -3.71
CA GLY F 241 -48.88 -64.61 -4.58
C GLY F 241 -49.32 -63.33 -5.26
N ASN F 242 -48.36 -62.48 -5.65
CA ASN F 242 -48.60 -61.37 -6.58
C ASN F 242 -47.40 -61.15 -7.49
N THR F 243 -47.60 -60.33 -8.51
CA THR F 243 -46.57 -60.05 -9.51
C THR F 243 -45.22 -59.70 -8.87
N TRP F 244 -45.26 -58.87 -7.84
CA TRP F 244 -44.05 -58.33 -7.22
C TRP F 244 -43.58 -59.09 -5.99
N ALA F 245 -44.27 -60.18 -5.68
CA ALA F 245 -43.91 -61.06 -4.57
C ALA F 245 -42.43 -61.37 -4.60
N GLU F 246 -41.91 -61.84 -5.74
CA GLU F 246 -40.51 -62.26 -5.77
C GLU F 246 -39.53 -61.10 -5.58
N MET F 247 -39.85 -59.93 -6.14
CA MET F 247 -38.97 -58.80 -5.95
C MET F 247 -38.83 -58.49 -4.47
N TYR F 248 -39.95 -58.46 -3.77
CA TYR F 248 -39.93 -58.13 -2.35
C TYR F 248 -39.19 -59.19 -1.56
N ARG F 249 -39.27 -60.43 -2.00
CA ARG F 249 -38.48 -61.48 -1.38
C ARG F 249 -36.99 -61.25 -1.58
N ASN F 250 -36.57 -60.87 -2.79
CA ASN F 250 -35.16 -60.60 -3.05
C ASN F 250 -34.67 -59.40 -2.27
N ARG F 251 -35.59 -58.51 -1.94
CA ARG F 251 -35.24 -57.29 -1.22
C ARG F 251 -35.04 -57.55 0.26
N TYR F 252 -36.04 -58.15 0.91
CA TYR F 252 -36.07 -58.24 2.38
C TYR F 252 -36.06 -59.64 2.99
N TRP F 253 -36.43 -60.66 2.24
CA TRP F 253 -36.56 -61.99 2.80
C TRP F 253 -35.21 -62.71 2.83
N LYS F 254 -34.30 -62.26 3.68
CA LYS F 254 -33.01 -62.92 3.87
C LYS F 254 -32.94 -63.51 5.29
N GLU F 255 -32.09 -64.52 5.48
CA GLU F 255 -31.94 -65.18 6.79
C GLU F 255 -31.49 -64.17 7.84
N HIS F 256 -30.47 -63.41 7.48
CA HIS F 256 -29.90 -62.40 8.33
C HIS F 256 -30.90 -61.29 8.80
N HIS F 257 -31.93 -61.02 7.99
CA HIS F 257 -33.02 -60.12 8.41
C HIS F 257 -33.84 -60.73 9.55
N PHE F 258 -34.20 -61.98 9.41
CA PHE F 258 -35.02 -62.63 10.43
C PHE F 258 -34.27 -62.79 11.76
N GLU F 259 -32.94 -62.95 11.70
CA GLU F 259 -32.10 -62.89 12.90
C GLU F 259 -32.34 -61.58 13.63
N GLY F 260 -32.29 -60.49 12.87
CA GLY F 260 -32.38 -59.15 13.40
C GLY F 260 -33.71 -58.84 14.04
N ILE F 261 -34.79 -59.31 13.44
CA ILE F 261 -36.11 -59.15 14.03
C ILE F 261 -36.18 -59.90 15.37
N ALA F 262 -35.64 -61.10 15.41
CA ALA F 262 -35.56 -61.88 16.63
C ALA F 262 -34.83 -61.11 17.72
N LEU F 263 -33.69 -60.53 17.34
CA LEU F 263 -32.84 -59.78 18.25
C LEU F 263 -33.63 -58.62 18.89
N VAL F 264 -34.42 -57.91 18.08
CA VAL F 264 -35.24 -56.80 18.55
C VAL F 264 -36.40 -57.31 19.43
N GLU F 265 -37.01 -58.43 19.04
CA GLU F 265 -38.09 -59.02 19.84
C GLU F 265 -37.63 -59.45 21.25
N LYS F 266 -36.41 -59.98 21.34
CA LYS F 266 -35.82 -60.35 22.64
C LYS F 266 -35.51 -59.10 23.46
N ALA F 267 -34.99 -58.06 22.80
CA ALA F 267 -34.70 -56.79 23.46
C ALA F 267 -35.96 -56.08 23.95
N LEU F 268 -37.07 -56.26 23.24
CA LEU F 268 -38.35 -55.67 23.65
C LEU F 268 -38.86 -56.32 24.93
N GLN F 269 -38.92 -57.66 24.96
CA GLN F 269 -39.38 -58.39 26.14
C GLN F 269 -38.48 -58.07 27.32
N ALA F 270 -37.18 -57.92 27.07
CA ALA F 270 -36.18 -57.65 28.13
C ALA F 270 -36.38 -56.31 28.83
N ALA F 271 -36.61 -55.25 28.04
CA ALA F 271 -36.69 -53.91 28.59
C ALA F 271 -38.12 -53.48 28.99
N TYR F 272 -39.15 -54.15 28.46
CA TYR F 272 -40.55 -53.76 28.73
C TYR F 272 -41.38 -54.86 29.41
N GLY F 273 -41.02 -56.12 29.17
CA GLY F 273 -41.70 -57.26 29.79
C GLY F 273 -43.09 -57.58 29.23
N ALA F 274 -44.04 -57.75 30.13
CA ALA F 274 -45.45 -57.98 29.79
C ALA F 274 -46.02 -56.79 29.04
N SER F 275 -45.64 -55.59 29.47
CA SER F 275 -46.13 -54.36 28.88
C SER F 275 -45.49 -54.05 27.52
N ALA F 276 -44.76 -55.01 26.94
CA ALA F 276 -44.03 -54.79 25.69
C ALA F 276 -44.96 -54.50 24.49
N PRO F 277 -44.63 -53.50 23.67
CA PRO F 277 -45.43 -53.21 22.48
C PRO F 277 -45.14 -54.16 21.32
N SER F 278 -46.09 -54.25 20.39
CA SER F 278 -45.90 -55.00 19.15
C SER F 278 -44.75 -54.35 18.44
N MET F 279 -44.02 -55.11 17.64
CA MET F 279 -42.84 -54.52 17.00
C MET F 279 -43.16 -53.95 15.63
N THR F 280 -44.43 -54.06 15.24
CA THR F 280 -44.99 -53.13 14.27
C THR F 280 -44.86 -51.74 14.84
N SER F 281 -45.28 -51.60 16.09
CA SER F 281 -45.27 -50.33 16.82
C SER F 281 -43.85 -49.86 17.07
N ALA F 282 -43.00 -50.78 17.53
CA ALA F 282 -41.60 -50.47 17.77
C ALA F 282 -40.91 -49.96 16.50
N THR F 283 -41.14 -50.66 15.39
CA THR F 283 -40.49 -50.31 14.13
C THR F 283 -40.91 -48.93 13.65
N LEU F 284 -42.19 -48.61 13.75
CA LEU F 284 -42.67 -47.29 13.34
C LEU F 284 -42.09 -46.21 14.25
N ARG F 285 -42.12 -46.48 15.55
CA ARG F 285 -41.61 -45.51 16.51
C ARG F 285 -40.12 -45.21 16.27
N TRP F 286 -39.38 -46.18 15.75
CA TRP F 286 -37.97 -45.96 15.40
C TRP F 286 -37.84 -44.90 14.33
N MET F 287 -38.71 -44.95 13.34
CA MET F 287 -38.69 -43.99 12.24
C MET F 287 -39.04 -42.61 12.73
N TYR F 288 -40.11 -42.51 13.53
CA TYR F 288 -40.58 -41.22 14.01
C TYR F 288 -39.63 -40.57 15.02
N HIS F 289 -39.04 -41.35 15.91
CA HIS F 289 -38.25 -40.80 17.02
C HIS F 289 -36.72 -40.96 16.90
N HIS F 290 -36.25 -42.05 16.32
CA HIS F 290 -34.81 -42.38 16.38
C HIS F 290 -34.07 -42.47 15.05
N SER F 291 -34.72 -42.10 13.96
CA SER F 291 -34.08 -42.15 12.66
C SER F 291 -33.43 -40.82 12.37
N GLN F 292 -32.95 -40.65 11.14
CA GLN F 292 -32.40 -39.37 10.70
C GLN F 292 -33.49 -38.44 10.19
N LEU F 293 -34.73 -38.92 10.12
CA LEU F 293 -35.82 -38.07 9.68
C LEU F 293 -35.93 -36.92 10.65
N GLN F 294 -36.26 -35.73 10.17
CA GLN F 294 -36.42 -34.56 11.02
C GLN F 294 -37.66 -33.73 10.67
N GLY F 295 -38.62 -33.70 11.58
CA GLY F 295 -39.80 -32.88 11.41
C GLY F 295 -39.42 -31.48 10.99
N ALA F 296 -38.41 -30.91 11.66
CA ALA F 296 -37.89 -29.57 11.33
C ALA F 296 -37.73 -29.32 9.82
N HIS F 297 -37.20 -30.30 9.08
CA HIS F 297 -37.00 -30.12 7.63
C HIS F 297 -38.17 -30.57 6.79
N GLY F 298 -39.26 -30.99 7.42
CA GLY F 298 -40.45 -31.41 6.69
C GLY F 298 -40.42 -32.85 6.23
N ASP F 299 -39.57 -33.66 6.85
CA ASP F 299 -39.49 -35.09 6.51
C ASP F 299 -40.76 -35.80 6.94
N ALA F 300 -41.10 -36.88 6.25
CA ALA F 300 -42.34 -37.61 6.52
C ALA F 300 -42.13 -39.10 6.41
N VAL F 301 -43.08 -39.85 6.96
CA VAL F 301 -43.12 -41.29 6.81
C VAL F 301 -44.36 -41.66 6.02
N ILE F 302 -44.20 -42.39 4.93
CA ILE F 302 -45.35 -42.84 4.14
C ILE F 302 -45.78 -44.19 4.68
N LEU F 303 -46.97 -44.25 5.28
CA LEU F 303 -47.45 -45.47 5.91
C LEU F 303 -48.11 -46.38 4.88
N GLY F 304 -47.80 -47.67 4.96
CA GLY F 304 -48.40 -48.68 4.12
C GLY F 304 -49.38 -49.53 4.90
N MET F 305 -50.39 -50.04 4.20
CA MET F 305 -51.40 -50.92 4.80
C MET F 305 -52.17 -51.62 3.71
N SER F 306 -52.63 -52.84 4.02
CA SER F 306 -53.52 -53.59 3.14
C SER F 306 -54.93 -53.74 3.73
N SER F 307 -55.16 -53.16 4.91
CA SER F 307 -56.47 -53.20 5.53
C SER F 307 -56.68 -52.00 6.47
N LEU F 308 -57.92 -51.82 6.92
CA LEU F 308 -58.23 -50.75 7.85
C LEU F 308 -57.70 -51.06 9.25
N GLU F 309 -57.87 -52.31 9.69
CA GLU F 309 -57.36 -52.76 11.00
C GLU F 309 -55.85 -52.51 11.13
N GLN F 310 -55.14 -52.58 10.01
CA GLN F 310 -53.71 -52.29 9.95
C GLN F 310 -53.42 -50.80 10.07
N LEU F 311 -54.22 -49.97 9.42
CA LEU F 311 -54.00 -48.53 9.44
C LEU F 311 -54.20 -47.99 10.84
N GLU F 312 -55.34 -48.32 11.45
CA GLU F 312 -55.63 -47.89 12.83
C GLU F 312 -54.49 -48.31 13.75
N GLN F 313 -54.01 -49.55 13.56
CA GLN F 313 -52.88 -50.09 14.32
C GLN F 313 -51.61 -49.25 14.11
N ASN F 314 -51.38 -48.83 12.88
CA ASN F 314 -50.19 -48.06 12.55
C ASN F 314 -50.28 -46.59 12.97
N LEU F 315 -51.43 -45.95 12.71
CA LEU F 315 -51.63 -44.54 13.10
C LEU F 315 -51.48 -44.31 14.61
N ALA F 316 -51.84 -45.34 15.39
CA ALA F 316 -51.62 -45.33 16.83
C ALA F 316 -50.13 -45.29 17.16
N ALA F 317 -49.37 -46.21 16.57
CA ALA F 317 -47.93 -46.27 16.75
C ALA F 317 -47.22 -44.98 16.36
N ALA F 318 -47.73 -44.27 15.34
CA ALA F 318 -47.17 -42.98 14.90
C ALA F 318 -47.14 -41.96 16.02
N GLU F 319 -48.24 -41.92 16.78
CA GLU F 319 -48.41 -40.96 17.88
C GLU F 319 -47.73 -41.40 19.17
N GLU F 320 -47.44 -42.69 19.32
CA GLU F 320 -46.71 -43.19 20.49
C GLU F 320 -45.34 -42.51 20.62
N GLY F 321 -44.79 -42.56 21.83
CA GLY F 321 -43.55 -41.87 22.15
C GLY F 321 -42.30 -42.67 21.80
N PRO F 322 -41.12 -42.17 22.20
CA PRO F 322 -39.84 -42.81 21.89
C PRO F 322 -39.62 -44.10 22.68
N LEU F 323 -38.55 -44.82 22.31
CA LEU F 323 -38.25 -46.14 22.83
C LEU F 323 -37.09 -46.10 23.81
N GLU F 324 -37.04 -47.07 24.73
CA GLU F 324 -35.90 -47.24 25.65
C GLU F 324 -34.60 -47.38 24.85
N PRO F 325 -33.49 -46.85 25.37
CA PRO F 325 -32.24 -46.86 24.62
C PRO F 325 -31.73 -48.26 24.29
N ALA F 326 -31.99 -49.22 25.18
CA ALA F 326 -31.56 -50.61 24.96
C ALA F 326 -32.19 -51.23 23.71
N VAL F 327 -33.42 -50.83 23.40
CA VAL F 327 -34.12 -51.31 22.21
C VAL F 327 -33.56 -50.64 20.95
N VAL F 328 -33.32 -49.33 21.02
CA VAL F 328 -32.69 -48.62 19.90
C VAL F 328 -31.30 -49.20 19.59
N ASP F 329 -30.61 -49.66 20.62
CA ASP F 329 -29.33 -50.34 20.44
C ASP F 329 -29.51 -51.67 19.73
N ALA F 330 -30.59 -52.37 20.03
CA ALA F 330 -30.87 -53.67 19.40
C ALA F 330 -31.21 -53.51 17.91
N PHE F 331 -32.02 -52.50 17.58
CA PHE F 331 -32.30 -52.18 16.17
C PHE F 331 -30.99 -51.90 15.43
N ASN F 332 -30.15 -51.09 16.06
CA ASN F 332 -28.85 -50.78 15.49
C ASN F 332 -28.02 -52.04 15.28
N GLN F 333 -28.02 -52.93 16.27
CA GLN F 333 -27.31 -54.20 16.15
C GLN F 333 -27.86 -55.05 14.99
N ALA F 334 -29.18 -55.00 14.81
CA ALA F 334 -29.86 -55.75 13.74
C ALA F 334 -29.53 -55.20 12.36
N TRP F 335 -29.42 -53.88 12.28
CA TRP F 335 -29.01 -53.24 11.03
C TRP F 335 -27.60 -53.68 10.68
N HIS F 336 -26.70 -53.64 11.67
CA HIS F 336 -25.30 -54.06 11.42
C HIS F 336 -25.24 -55.49 10.92
N LEU F 337 -26.23 -56.30 11.32
CA LEU F 337 -26.34 -57.70 10.89
C LEU F 337 -26.57 -57.81 9.38
N VAL F 338 -27.42 -56.93 8.85
CA VAL F 338 -27.86 -57.04 7.47
C VAL F 338 -27.25 -56.03 6.51
N ALA F 339 -26.44 -55.10 7.03
CA ALA F 339 -25.93 -53.96 6.25
C ALA F 339 -25.22 -54.39 4.97
N HIS F 340 -24.40 -55.44 5.09
CA HIS F 340 -23.67 -55.96 3.95
C HIS F 340 -24.57 -56.50 2.83
N GLU F 341 -25.77 -56.98 3.18
CA GLU F 341 -26.72 -57.54 2.21
C GLU F 341 -27.90 -56.59 1.99
N CYS F 342 -27.66 -55.29 2.14
CA CYS F 342 -28.73 -54.30 2.10
C CYS F 342 -29.09 -53.91 0.69
N PRO F 343 -30.38 -53.79 0.38
CA PRO F 343 -30.81 -53.36 -0.96
C PRO F 343 -30.48 -51.91 -1.28
N ASN F 344 -30.13 -51.65 -2.54
CA ASN F 344 -29.85 -50.28 -2.96
C ASN F 344 -31.11 -49.42 -2.91
N TYR F 345 -30.94 -48.15 -2.56
CA TYR F 345 -32.04 -47.23 -2.50
C TYR F 345 -32.35 -46.65 -3.87
N PHE F 346 -31.57 -47.03 -4.88
CA PHE F 346 -31.66 -46.43 -6.22
C PHE F 346 -31.75 -47.49 -7.33
N ARG F 347 -32.55 -47.18 -8.35
CA ARG F 347 -32.69 -48.03 -9.53
C ARG F 347 -31.93 -47.39 -10.69
N ARG G 25 -36.74 34.18 -0.12
CA ARG G 25 -35.88 32.97 0.12
C ARG G 25 -34.89 33.18 1.28
N PRO G 26 -34.26 34.35 1.35
CA PRO G 26 -33.33 34.73 2.40
C PRO G 26 -33.98 34.81 3.79
N ALA G 27 -33.32 34.26 4.79
CA ALA G 27 -33.87 34.14 6.14
C ALA G 27 -34.13 35.48 6.82
N THR G 28 -34.89 35.45 7.92
CA THR G 28 -35.14 36.65 8.74
C THR G 28 -34.77 36.41 10.21
N VAL G 29 -33.93 37.29 10.76
CA VAL G 29 -33.47 37.19 12.14
C VAL G 29 -33.95 38.41 12.93
N LEU G 30 -34.30 38.22 14.19
CA LEU G 30 -34.86 39.31 15.02
C LEU G 30 -33.78 40.13 15.70
N GLY G 31 -33.69 41.41 15.34
CA GLY G 31 -32.72 42.33 15.95
C GLY G 31 -33.16 42.80 17.32
N ALA G 32 -32.49 42.32 18.36
CA ALA G 32 -32.91 42.55 19.74
C ALA G 32 -32.15 43.69 20.40
N MET G 33 -31.71 44.66 19.60
CA MET G 33 -30.88 45.75 20.11
C MET G 33 -31.70 46.75 20.92
N GLU G 34 -32.92 47.03 20.47
CA GLU G 34 -33.76 48.05 21.12
C GLU G 34 -34.54 47.52 22.33
N MET G 35 -34.43 46.22 22.59
CA MET G 35 -35.06 45.61 23.77
C MET G 35 -34.29 46.05 25.00
N GLY G 36 -35.00 46.69 25.93
CA GLY G 36 -34.37 47.26 27.12
C GLY G 36 -34.10 48.75 26.98
N ARG G 37 -34.03 49.23 25.74
CA ARG G 37 -33.78 50.64 25.44
C ARG G 37 -35.11 51.32 25.10
N ARG G 38 -35.56 51.19 23.85
CA ARG G 38 -36.81 51.82 23.42
C ARG G 38 -38.04 50.95 23.71
N MET G 39 -37.86 49.64 23.78
CA MET G 39 -38.96 48.74 24.09
C MET G 39 -38.81 48.19 25.50
N ASP G 40 -39.84 48.32 26.33
CA ASP G 40 -39.80 47.74 27.67
C ASP G 40 -39.91 46.21 27.61
N ALA G 41 -39.89 45.55 28.78
CA ALA G 41 -39.99 44.09 28.85
C ALA G 41 -41.24 43.54 28.17
N PRO G 42 -42.44 44.07 28.55
CA PRO G 42 -43.69 43.72 27.88
C PRO G 42 -43.72 43.90 26.35
N THR G 43 -43.34 45.07 25.86
CA THR G 43 -43.33 45.32 24.41
C THR G 43 -42.39 44.35 23.69
N SER G 44 -41.26 44.05 24.32
CA SER G 44 -40.28 43.14 23.74
C SER G 44 -40.81 41.72 23.65
N ALA G 45 -41.46 41.25 24.72
CA ALA G 45 -42.04 39.92 24.74
C ALA G 45 -43.06 39.82 23.62
N ALA G 46 -43.89 40.86 23.47
CA ALA G 46 -44.94 40.92 22.44
C ALA G 46 -44.33 40.79 21.05
N VAL G 47 -43.24 41.50 20.85
CA VAL G 47 -42.52 41.49 19.57
C VAL G 47 -41.90 40.11 19.27
N THR G 48 -41.33 39.47 20.27
CA THR G 48 -40.82 38.11 20.12
C THR G 48 -41.96 37.11 19.79
N ARG G 49 -43.12 37.24 20.45
CA ARG G 49 -44.30 36.39 20.16
C ARG G 49 -44.73 36.57 18.70
N ALA G 50 -44.80 37.81 18.25
CA ALA G 50 -45.19 38.13 16.87
C ALA G 50 -44.23 37.53 15.84
N PHE G 51 -42.94 37.73 16.11
CA PHE G 51 -41.86 37.24 15.25
C PHE G 51 -41.88 35.73 15.07
N LEU G 52 -42.04 35.01 16.17
CA LEU G 52 -42.07 33.54 16.12
C LEU G 52 -43.37 33.01 15.50
N GLU G 53 -44.48 33.71 15.72
CA GLU G 53 -45.78 33.33 15.15
C GLU G 53 -45.86 33.53 13.63
N ARG G 54 -44.80 34.08 13.02
CA ARG G 54 -44.64 34.07 11.56
C ARG G 54 -43.69 32.96 11.11
N GLY G 55 -43.35 32.06 12.02
CA GLY G 55 -42.51 30.91 11.69
C GLY G 55 -41.00 31.15 11.64
N HIS G 56 -40.57 32.37 11.96
CA HIS G 56 -39.14 32.66 12.03
C HIS G 56 -38.59 32.08 13.32
N THR G 57 -37.26 32.01 13.41
CA THR G 57 -36.60 31.12 14.37
C THR G 57 -35.46 31.74 15.21
N GLU G 58 -34.68 32.65 14.63
CA GLU G 58 -33.40 33.07 15.22
C GLU G 58 -33.42 34.53 15.70
N ILE G 59 -32.72 34.80 16.81
CA ILE G 59 -32.68 36.13 17.43
C ILE G 59 -31.25 36.63 17.68
N ASP G 60 -31.01 37.89 17.36
CA ASP G 60 -29.68 38.51 17.49
C ASP G 60 -29.63 39.52 18.62
N THR G 61 -28.80 39.23 19.62
CA THR G 61 -28.54 40.16 20.71
C THR G 61 -27.05 40.22 20.94
N ALA G 62 -26.65 40.90 22.00
CA ALA G 62 -25.23 41.16 22.27
C ALA G 62 -25.02 41.54 23.72
N PHE G 63 -23.84 41.19 24.23
CA PHE G 63 -23.44 41.49 25.60
C PHE G 63 -23.67 42.95 25.99
N VAL G 64 -23.48 43.84 25.02
CA VAL G 64 -23.40 45.25 25.32
C VAL G 64 -24.77 45.95 25.16
N TYR G 65 -25.72 45.31 24.48
CA TYR G 65 -26.96 45.98 24.11
C TYR G 65 -27.75 46.38 25.35
N SER G 66 -28.21 47.62 25.36
CA SER G 66 -28.91 48.23 26.50
C SER G 66 -28.34 47.81 27.86
N GLU G 67 -27.03 48.06 28.05
CA GLU G 67 -26.31 47.77 29.29
C GLU G 67 -26.58 46.38 29.85
N GLY G 68 -26.93 45.45 28.96
CA GLY G 68 -27.24 44.07 29.32
C GLY G 68 -28.70 43.75 29.49
N GLN G 69 -29.57 44.76 29.42
CA GLN G 69 -31.02 44.55 29.65
C GLN G 69 -31.68 43.76 28.51
N SER G 70 -31.10 43.82 27.31
CA SER G 70 -31.58 43.02 26.17
C SER G 70 -31.50 41.52 26.47
N GLU G 71 -30.29 41.03 26.69
CA GLU G 71 -30.08 39.62 27.02
C GLU G 71 -30.91 39.16 28.24
N THR G 72 -31.08 40.04 29.23
CA THR G 72 -31.82 39.67 30.43
C THR G 72 -33.30 39.56 30.16
N ILE G 73 -33.84 40.42 29.30
CA ILE G 73 -35.24 40.33 28.90
C ILE G 73 -35.52 38.98 28.21
N LEU G 74 -34.76 38.69 27.16
CA LEU G 74 -34.89 37.45 26.40
C LEU G 74 -34.74 36.22 27.30
N GLY G 75 -33.77 36.26 28.20
CA GLY G 75 -33.55 35.18 29.15
C GLY G 75 -34.74 34.90 30.05
N GLY G 76 -35.59 35.91 30.25
CA GLY G 76 -36.78 35.78 31.08
C GLY G 76 -38.09 35.61 30.32
N LEU G 77 -38.01 35.19 29.05
CA LEU G 77 -39.23 34.90 28.28
C LEU G 77 -39.61 33.41 28.30
N GLY G 78 -38.93 32.63 29.15
CA GLY G 78 -39.18 31.20 29.28
C GLY G 78 -39.12 30.44 27.97
N LEU G 79 -38.14 30.78 27.13
CA LEU G 79 -37.95 30.09 25.86
C LEU G 79 -37.04 28.86 26.01
N ARG G 80 -36.65 28.54 27.24
CA ARG G 80 -35.77 27.40 27.52
C ARG G 80 -34.60 27.39 26.52
N LEU G 81 -33.97 28.55 26.33
CA LEU G 81 -32.94 28.71 25.30
C LEU G 81 -31.79 27.73 25.49
N GLY G 82 -31.12 27.40 24.38
CA GLY G 82 -29.98 26.48 24.38
C GLY G 82 -30.30 25.01 24.67
N GLY G 83 -31.56 24.72 25.04
CA GLY G 83 -32.00 23.36 25.31
C GLY G 83 -32.20 22.59 24.02
N SER G 84 -32.41 21.29 24.13
CA SER G 84 -32.74 20.45 22.99
C SER G 84 -34.22 20.58 22.63
N ASP G 85 -35.08 20.54 23.65
CA ASP G 85 -36.51 20.87 23.48
C ASP G 85 -36.67 22.39 23.31
N CYS G 86 -36.19 22.89 22.17
CA CYS G 86 -36.18 24.33 21.90
C CYS G 86 -36.12 24.63 20.40
N ARG G 87 -37.14 25.33 19.90
CA ARG G 87 -37.24 25.68 18.49
C ARG G 87 -36.40 26.92 18.14
N VAL G 88 -36.28 27.86 19.08
CA VAL G 88 -35.61 29.16 18.85
C VAL G 88 -34.08 29.12 18.96
N LYS G 89 -33.40 29.77 18.01
CA LYS G 89 -31.92 29.85 18.02
C LYS G 89 -31.50 31.25 18.49
N ILE G 90 -30.46 31.33 19.34
CA ILE G 90 -30.04 32.61 19.95
C ILE G 90 -28.59 32.98 19.62
N ASP G 91 -28.38 34.26 19.29
CA ASP G 91 -27.07 34.77 18.91
C ASP G 91 -26.63 35.88 19.87
N THR G 92 -25.36 35.84 20.30
CA THR G 92 -24.79 36.93 21.09
C THR G 92 -23.35 37.24 20.69
N LYS G 93 -22.78 38.29 21.27
CA LYS G 93 -21.47 38.79 20.85
C LYS G 93 -20.64 39.28 22.03
N ALA G 94 -19.33 39.31 21.83
CA ALA G 94 -18.38 39.88 22.78
C ALA G 94 -17.62 41.05 22.12
N ILE G 95 -17.51 42.20 22.78
CA ILE G 95 -16.78 43.35 22.19
C ILE G 95 -15.47 43.70 22.86
N PRO G 96 -14.58 44.38 22.12
CA PRO G 96 -13.36 44.94 22.66
C PRO G 96 -13.48 46.44 22.90
N LEU G 97 -14.67 46.94 23.22
CA LEU G 97 -14.80 48.34 23.63
C LEU G 97 -14.91 48.44 25.14
N PHE G 98 -14.78 49.66 25.65
CA PHE G 98 -14.93 49.93 27.10
C PHE G 98 -13.85 49.14 27.83
N GLY G 99 -14.10 48.70 29.05
CA GLY G 99 -13.07 47.92 29.75
C GLY G 99 -12.63 46.66 29.01
N ASN G 100 -13.44 46.23 28.06
CA ASN G 100 -13.36 44.89 27.54
C ASN G 100 -12.37 44.73 26.40
N SER G 101 -11.86 43.52 26.28
CA SER G 101 -11.03 43.12 25.17
C SER G 101 -11.60 41.83 24.60
N LEU G 102 -10.94 41.32 23.58
CA LEU G 102 -11.17 39.97 23.09
C LEU G 102 -10.02 39.04 23.50
N LYS G 103 -9.26 39.46 24.51
CA LYS G 103 -8.26 38.59 25.11
C LYS G 103 -9.04 37.49 25.81
N PRO G 104 -8.39 36.33 26.01
CA PRO G 104 -9.08 35.15 26.54
C PRO G 104 -9.92 35.43 27.78
N ASP G 105 -9.34 36.08 28.77
CA ASP G 105 -10.05 36.26 30.03
C ASP G 105 -11.33 37.09 29.85
N SER G 106 -11.22 38.25 29.20
CA SER G 106 -12.39 39.10 28.96
C SER G 106 -13.43 38.34 28.15
N LEU G 107 -12.94 37.64 27.13
CA LEU G 107 -13.79 36.89 26.22
C LEU G 107 -14.71 35.95 27.00
N ARG G 108 -14.15 35.24 27.97
CA ARG G 108 -14.91 34.34 28.83
C ARG G 108 -15.94 35.08 29.68
N PHE G 109 -15.48 36.11 30.42
CA PHE G 109 -16.37 36.93 31.27
C PHE G 109 -17.63 37.34 30.51
N GLN G 110 -17.43 37.79 29.26
CA GLN G 110 -18.53 38.32 28.47
C GLN G 110 -19.53 37.25 28.07
N LEU G 111 -19.02 36.12 27.61
CA LEU G 111 -19.89 35.01 27.22
C LEU G 111 -20.59 34.45 28.46
N GLU G 112 -19.82 34.15 29.49
CA GLU G 112 -20.37 33.56 30.69
C GLU G 112 -21.48 34.43 31.24
N THR G 113 -21.31 35.75 31.16
CA THR G 113 -22.37 36.64 31.60
C THR G 113 -23.57 36.56 30.68
N SER G 114 -23.34 36.57 29.37
CA SER G 114 -24.43 36.43 28.40
C SER G 114 -25.28 35.19 28.71
N LEU G 115 -24.60 34.09 29.04
CA LEU G 115 -25.27 32.84 29.35
C LEU G 115 -26.13 32.98 30.60
N LYS G 116 -25.53 33.49 31.68
CA LYS G 116 -26.26 33.69 32.95
C LYS G 116 -27.48 34.58 32.79
N ARG G 117 -27.37 35.57 31.91
CA ARG G 117 -28.49 36.46 31.63
C ARG G 117 -29.58 35.78 30.83
N LEU G 118 -29.16 35.13 29.75
CA LEU G 118 -30.07 34.40 28.86
C LEU G 118 -30.64 33.12 29.50
N GLN G 119 -30.15 32.78 30.68
CA GLN G 119 -30.60 31.61 31.46
C GLN G 119 -30.49 30.33 30.64
N CYS G 120 -29.33 30.15 30.02
CA CYS G 120 -29.10 28.98 29.16
C CYS G 120 -27.66 28.48 29.27
N PRO G 121 -27.44 27.20 28.93
CA PRO G 121 -26.13 26.58 29.03
C PRO G 121 -25.24 26.89 27.83
N ARG G 122 -25.84 27.19 26.68
CA ARG G 122 -25.07 27.56 25.49
C ARG G 122 -25.87 28.37 24.48
N VAL G 123 -25.12 29.17 23.72
CA VAL G 123 -25.70 29.97 22.64
C VAL G 123 -25.46 29.26 21.33
N ASP G 124 -26.32 29.56 20.36
CA ASP G 124 -26.30 28.89 19.05
C ASP G 124 -25.29 29.55 18.12
N LEU G 125 -25.06 30.84 18.32
CA LEU G 125 -24.08 31.59 17.56
C LEU G 125 -23.38 32.59 18.46
N PHE G 126 -22.05 32.68 18.34
CA PHE G 126 -21.23 33.55 19.17
C PHE G 126 -20.29 34.40 18.31
N TYR G 127 -20.57 35.71 18.23
CA TYR G 127 -19.77 36.59 17.40
C TYR G 127 -18.63 37.26 18.16
N LEU G 128 -17.56 37.55 17.43
CA LEU G 128 -16.64 38.59 17.81
C LEU G 128 -17.24 39.83 17.19
N HIS G 129 -17.74 40.73 18.04
CA HIS G 129 -18.52 41.91 17.61
C HIS G 129 -17.73 42.86 16.70
N MET G 130 -16.45 43.04 17.03
CA MET G 130 -15.56 43.94 16.31
C MET G 130 -14.12 43.49 16.48
N PRO G 131 -13.25 43.90 15.55
CA PRO G 131 -11.83 43.64 15.72
C PRO G 131 -11.25 44.29 16.98
N ASP G 132 -10.37 43.56 17.66
CA ASP G 132 -9.61 44.08 18.80
C ASP G 132 -8.16 44.33 18.34
N HIS G 133 -7.93 45.51 17.78
CA HIS G 133 -6.64 45.80 17.21
C HIS G 133 -5.48 45.77 18.21
N SER G 134 -5.76 45.64 19.49
CA SER G 134 -4.69 45.57 20.49
C SER G 134 -4.42 44.14 20.97
N THR G 135 -5.12 43.15 20.41
CA THR G 135 -4.94 41.75 20.79
C THR G 135 -4.72 40.88 19.54
N PRO G 136 -3.57 40.17 19.48
CA PRO G 136 -3.31 39.29 18.35
C PRO G 136 -4.47 38.34 18.16
N VAL G 137 -4.92 38.20 16.91
CA VAL G 137 -6.15 37.45 16.62
C VAL G 137 -5.99 35.96 16.95
N GLU G 138 -4.76 35.47 16.92
CA GLU G 138 -4.44 34.11 17.36
C GLU G 138 -4.93 33.82 18.77
N GLU G 139 -4.57 34.67 19.73
CA GLU G 139 -4.96 34.48 21.13
C GLU G 139 -6.46 34.32 21.29
N THR G 140 -7.21 35.20 20.63
CA THR G 140 -8.66 35.22 20.69
C THR G 140 -9.24 33.91 20.20
N LEU G 141 -8.82 33.48 19.01
CA LEU G 141 -9.39 32.30 18.37
C LEU G 141 -9.17 31.04 19.20
N ARG G 142 -7.95 30.88 19.70
CA ARG G 142 -7.63 29.78 20.62
C ARG G 142 -8.58 29.76 21.80
N ALA G 143 -8.88 30.94 22.32
CA ALA G 143 -9.84 31.08 23.42
C ALA G 143 -11.26 30.74 22.97
N CYS G 144 -11.61 31.09 21.75
CA CYS G 144 -12.91 30.72 21.20
C CYS G 144 -13.04 29.23 21.07
N HIS G 145 -11.98 28.59 20.59
CA HIS G 145 -11.94 27.13 20.47
C HIS G 145 -12.15 26.51 21.84
N GLN G 146 -11.34 26.91 22.81
CA GLN G 146 -11.44 26.36 24.17
C GLN G 146 -12.84 26.51 24.77
N LEU G 147 -13.53 27.59 24.42
CA LEU G 147 -14.91 27.81 24.86
C LEU G 147 -15.90 26.93 24.09
N HIS G 148 -15.62 26.67 22.82
CA HIS G 148 -16.44 25.77 22.02
C HIS G 148 -16.29 24.36 22.54
N GLN G 149 -15.05 23.99 22.86
CA GLN G 149 -14.74 22.69 23.47
C GLN G 149 -15.52 22.46 24.75
N GLU G 150 -15.84 23.54 25.46
CA GLU G 150 -16.61 23.45 26.69
C GLU G 150 -18.11 23.54 26.46
N GLY G 151 -18.51 23.65 25.19
CA GLY G 151 -19.90 23.62 24.79
C GLY G 151 -20.70 24.86 25.15
N LYS G 152 -20.00 25.99 25.24
CA LYS G 152 -20.66 27.26 25.57
C LYS G 152 -21.35 27.85 24.34
N PHE G 153 -20.94 27.40 23.14
CA PHE G 153 -21.60 27.82 21.90
C PHE G 153 -21.43 26.80 20.77
N VAL G 154 -22.33 26.90 19.77
CA VAL G 154 -22.36 25.98 18.64
C VAL G 154 -21.51 26.51 17.51
N GLU G 155 -21.84 27.71 17.02
CA GLU G 155 -21.18 28.31 15.87
C GLU G 155 -20.48 29.61 16.19
N LEU G 156 -19.31 29.82 15.57
CA LEU G 156 -18.54 31.06 15.75
C LEU G 156 -18.88 32.05 14.64
N GLY G 157 -18.90 33.34 14.99
CA GLY G 157 -19.22 34.37 14.01
C GLY G 157 -18.24 35.54 14.02
N LEU G 158 -18.27 36.33 12.96
CA LEU G 158 -17.49 37.58 12.92
C LEU G 158 -18.41 38.72 12.52
N SER G 159 -18.05 39.92 12.96
CA SER G 159 -18.78 41.13 12.57
C SER G 159 -17.87 42.33 12.51
N ASN G 160 -18.06 43.12 11.47
CA ASN G 160 -17.26 44.34 11.25
C ASN G 160 -15.77 44.09 11.05
N TYR G 161 -15.38 42.89 10.68
CA TYR G 161 -14.00 42.60 10.29
C TYR G 161 -13.87 42.84 8.81
N ALA G 162 -12.70 43.31 8.41
CA ALA G 162 -12.40 43.51 6.99
C ALA G 162 -12.30 42.15 6.31
N ALA G 163 -12.63 42.10 5.03
CA ALA G 163 -12.59 40.86 4.28
C ALA G 163 -11.29 40.13 4.55
N TRP G 164 -10.18 40.87 4.49
CA TRP G 164 -8.85 40.26 4.62
C TRP G 164 -8.58 39.75 6.02
N GLU G 165 -9.19 40.38 7.02
CA GLU G 165 -9.05 39.90 8.39
C GLU G 165 -9.78 38.56 8.52
N VAL G 166 -10.90 38.43 7.81
CA VAL G 166 -11.68 37.18 7.80
C VAL G 166 -10.85 36.07 7.15
N ALA G 167 -10.23 36.39 6.02
CA ALA G 167 -9.36 35.44 5.32
C ALA G 167 -8.27 34.92 6.25
N GLU G 168 -7.63 35.83 6.99
CA GLU G 168 -6.58 35.47 7.94
C GLU G 168 -7.13 34.51 8.96
N ILE G 169 -8.25 34.88 9.57
CA ILE G 169 -8.82 34.10 10.66
C ILE G 169 -9.13 32.67 10.22
N CYS G 170 -9.80 32.53 9.10
CA CYS G 170 -10.20 31.22 8.61
C CYS G 170 -9.01 30.32 8.29
N THR G 171 -7.98 30.89 7.67
CA THR G 171 -6.77 30.14 7.35
C THR G 171 -6.01 29.71 8.61
N LEU G 172 -6.02 30.55 9.65
CA LEU G 172 -5.40 30.20 10.93
C LEU G 172 -6.13 29.05 11.61
N CYS G 173 -7.45 29.05 11.51
CA CYS G 173 -8.26 28.00 12.11
C CYS G 173 -8.06 26.66 11.43
N LYS G 174 -8.14 26.64 10.09
CA LYS G 174 -7.89 25.42 9.34
C LYS G 174 -6.58 24.83 9.83
N SER G 175 -5.53 25.63 9.80
CA SER G 175 -4.17 25.15 10.06
C SER G 175 -3.89 24.86 11.54
N ASN G 176 -4.64 25.49 12.45
CA ASN G 176 -4.54 25.19 13.89
C ASN G 176 -5.67 24.27 14.39
N GLY G 177 -6.53 23.83 13.48
CA GLY G 177 -7.64 22.94 13.83
C GLY G 177 -8.63 23.51 14.81
N TRP G 178 -8.83 24.83 14.76
CA TRP G 178 -9.83 25.49 15.58
C TRP G 178 -11.14 25.62 14.83
N ILE G 179 -12.22 25.87 15.56
CA ILE G 179 -13.53 26.04 14.96
C ILE G 179 -13.45 27.22 14.00
N LEU G 180 -13.97 27.05 12.80
CA LEU G 180 -14.01 28.13 11.83
C LEU G 180 -15.25 28.99 12.03
N PRO G 181 -15.11 30.30 11.80
CA PRO G 181 -16.31 31.11 11.77
C PRO G 181 -17.15 30.72 10.57
N THR G 182 -18.47 30.70 10.74
CA THR G 182 -19.37 30.26 9.70
C THR G 182 -20.44 31.32 9.35
N VAL G 183 -20.49 32.40 10.14
CA VAL G 183 -21.45 33.47 9.91
C VAL G 183 -20.75 34.82 10.02
N TYR G 184 -21.01 35.70 9.05
CA TYR G 184 -20.53 37.08 9.11
C TYR G 184 -21.76 37.98 9.23
N GLN G 185 -21.71 38.91 10.17
CA GLN G 185 -22.77 39.88 10.33
C GLN G 185 -22.24 41.24 9.90
N GLY G 186 -22.84 41.81 8.86
CA GLY G 186 -22.31 43.02 8.24
C GLY G 186 -23.33 44.08 7.86
N MET G 187 -22.83 45.30 7.72
CA MET G 187 -23.64 46.45 7.38
C MET G 187 -24.04 46.38 5.91
N TYR G 188 -25.32 46.22 5.62
CA TYR G 188 -25.77 46.08 4.23
C TYR G 188 -27.17 46.63 4.03
N ASN G 189 -27.34 47.50 3.04
CA ASN G 189 -28.67 47.98 2.65
C ASN G 189 -28.67 48.55 1.25
N ALA G 190 -29.85 48.89 0.75
CA ALA G 190 -30.03 49.39 -0.63
C ALA G 190 -29.13 50.58 -1.03
N ILE G 191 -28.80 51.46 -0.07
CA ILE G 191 -27.91 52.59 -0.32
C ILE G 191 -26.52 52.42 0.33
N THR G 192 -26.17 51.20 0.78
CA THR G 192 -24.87 50.91 1.41
C THR G 192 -24.35 49.50 1.04
N ARG G 193 -23.47 49.45 0.05
CA ARG G 193 -23.11 48.19 -0.61
C ARG G 193 -21.62 47.94 -0.70
N GLN G 194 -20.85 48.44 0.26
CA GLN G 194 -19.40 48.28 0.19
C GLN G 194 -19.01 46.80 0.35
N VAL G 195 -19.80 46.08 1.14
CA VAL G 195 -19.54 44.65 1.37
C VAL G 195 -19.46 43.86 0.06
N GLU G 196 -20.23 44.26 -0.95
CA GLU G 196 -20.29 43.54 -2.22
C GLU G 196 -18.93 43.33 -2.90
N THR G 197 -18.06 44.33 -2.87
CA THR G 197 -16.85 44.29 -3.71
C THR G 197 -15.85 43.20 -3.32
N GLU G 198 -15.53 43.11 -2.03
CA GLU G 198 -14.52 42.14 -1.56
C GLU G 198 -15.04 41.16 -0.54
N LEU G 199 -15.87 41.61 0.40
CA LEU G 199 -16.32 40.73 1.49
C LEU G 199 -17.09 39.51 0.97
N PHE G 200 -18.06 39.74 0.10
CA PHE G 200 -18.90 38.66 -0.39
C PHE G 200 -18.10 37.58 -1.11
N PRO G 201 -17.32 37.93 -2.14
CA PRO G 201 -16.41 36.96 -2.76
C PRO G 201 -15.64 36.14 -1.73
N CYS G 202 -15.12 36.82 -0.71
CA CYS G 202 -14.36 36.17 0.34
C CYS G 202 -15.22 35.20 1.12
N LEU G 203 -16.38 35.67 1.54
CA LEU G 203 -17.29 34.84 2.32
C LEU G 203 -17.71 33.58 1.57
N ARG G 204 -18.04 33.71 0.28
CA ARG G 204 -18.46 32.55 -0.50
C ARG G 204 -17.31 31.57 -0.61
N HIS G 205 -16.08 32.08 -0.70
CA HIS G 205 -14.91 31.22 -0.81
C HIS G 205 -14.68 30.41 0.45
N PHE G 206 -14.82 31.03 1.62
CA PHE G 206 -14.58 30.34 2.90
C PHE G 206 -15.84 29.73 3.51
N GLY G 207 -16.97 29.93 2.82
CA GLY G 207 -18.21 29.26 3.18
C GLY G 207 -18.96 29.87 4.36
N LEU G 208 -18.78 31.17 4.59
CA LEU G 208 -19.55 31.88 5.61
C LEU G 208 -20.85 32.40 5.00
N ARG G 209 -21.91 32.38 5.81
CA ARG G 209 -23.17 33.00 5.40
C ARG G 209 -23.26 34.39 5.97
N PHE G 210 -23.95 35.28 5.28
CA PHE G 210 -23.95 36.71 5.62
C PHE G 210 -25.30 37.11 6.20
N TYR G 211 -25.27 37.73 7.37
CA TYR G 211 -26.45 38.30 8.01
C TYR G 211 -26.36 39.81 7.92
N ALA G 212 -27.38 40.44 7.33
CA ALA G 212 -27.36 41.90 7.13
C ALA G 212 -27.91 42.64 8.33
N PHE G 213 -27.19 43.68 8.78
CA PHE G 213 -27.74 44.66 9.74
C PHE G 213 -27.81 46.05 9.11
N ASN G 214 -28.49 46.95 9.80
CA ASN G 214 -28.82 48.24 9.22
C ASN G 214 -29.57 48.12 7.88
N PRO G 215 -30.50 47.18 7.76
CA PRO G 215 -31.18 47.03 6.49
C PRO G 215 -32.03 48.24 6.07
N LEU G 216 -32.47 49.06 7.03
CA LEU G 216 -33.20 50.28 6.72
C LEU G 216 -32.33 51.52 6.98
N ALA G 217 -31.01 51.34 7.03
CA ALA G 217 -30.07 52.42 7.40
C ALA G 217 -30.54 53.15 8.67
N GLY G 218 -30.86 52.38 9.71
CA GLY G 218 -31.32 52.94 10.99
C GLY G 218 -32.72 53.56 10.94
N GLY G 219 -33.47 53.27 9.90
CA GLY G 219 -34.74 53.93 9.69
C GLY G 219 -34.69 55.03 8.64
N LEU G 220 -33.50 55.43 8.20
CA LEU G 220 -33.41 56.51 7.21
C LEU G 220 -34.18 56.16 5.94
N LEU G 221 -34.08 54.89 5.53
CA LEU G 221 -34.71 54.41 4.32
C LEU G 221 -36.23 54.19 4.45
N THR G 222 -36.79 54.41 5.64
CA THR G 222 -38.25 54.45 5.77
C THR G 222 -38.80 55.74 5.16
N GLY G 223 -37.93 56.74 4.99
CA GLY G 223 -38.30 57.99 4.32
C GLY G 223 -39.07 58.95 5.22
N LYS G 224 -38.99 58.73 6.54
CA LYS G 224 -39.75 59.52 7.49
C LYS G 224 -39.03 60.81 7.88
N TYR G 225 -37.74 60.89 7.57
CA TYR G 225 -36.95 62.08 7.90
C TYR G 225 -36.76 62.93 6.63
N LYS G 226 -36.48 64.22 6.82
CA LYS G 226 -35.99 65.12 5.76
C LYS G 226 -34.70 65.77 6.25
N TYR G 227 -33.72 65.96 5.35
CA TYR G 227 -32.37 66.43 5.74
C TYR G 227 -32.37 67.62 6.70
N GLU G 228 -33.33 68.53 6.49
CA GLU G 228 -33.40 69.78 7.24
C GLU G 228 -33.82 69.62 8.73
N ASP G 229 -34.10 68.38 9.15
CA ASP G 229 -34.48 68.10 10.54
C ASP G 229 -33.34 68.23 11.55
N LYS G 230 -32.09 68.07 11.08
CA LYS G 230 -30.91 68.19 11.95
C LYS G 230 -30.83 69.58 12.57
N ASP G 231 -31.31 70.59 11.85
CA ASP G 231 -31.26 71.98 12.30
C ASP G 231 -32.47 72.39 13.13
N GLY G 232 -33.58 71.66 12.99
CA GLY G 232 -34.84 72.08 13.62
C GLY G 232 -35.59 71.01 14.39
N LYS G 233 -36.32 70.17 13.66
CA LYS G 233 -37.29 69.25 14.28
C LYS G 233 -36.64 68.25 15.24
N GLN G 234 -35.49 67.70 14.83
CA GLN G 234 -34.72 66.75 15.65
C GLN G 234 -35.59 65.72 16.40
N PRO G 235 -36.31 64.86 15.66
CA PRO G 235 -37.26 63.91 16.24
C PRO G 235 -36.61 62.74 17.00
N VAL G 236 -36.93 62.65 18.29
CA VAL G 236 -36.39 61.60 19.17
C VAL G 236 -36.47 60.26 18.48
N GLY G 237 -35.32 59.72 18.09
CA GLY G 237 -35.27 58.43 17.40
C GLY G 237 -33.86 57.88 17.38
N ARG G 238 -33.56 57.08 16.36
CA ARG G 238 -32.23 56.51 16.16
C ARG G 238 -31.22 57.62 15.96
N PHE G 239 -31.65 58.68 15.28
CA PHE G 239 -30.74 59.73 14.86
C PHE G 239 -30.70 60.94 15.78
N PHE G 240 -31.53 60.94 16.82
CA PHE G 240 -31.60 62.08 17.74
C PHE G 240 -31.85 61.70 19.20
N GLY G 241 -31.05 62.29 20.08
CA GLY G 241 -31.29 62.22 21.51
C GLY G 241 -30.93 60.91 22.17
N ASN G 242 -29.86 60.27 21.68
CA ASN G 242 -29.25 59.16 22.41
C ASN G 242 -27.75 59.16 22.23
N THR G 243 -27.06 58.35 23.03
CA THR G 243 -25.62 58.29 23.03
C THR G 243 -25.03 58.14 21.63
N TRP G 244 -25.66 57.29 20.83
CA TRP G 244 -25.16 56.93 19.50
C TRP G 244 -25.82 57.72 18.38
N ALA G 245 -26.66 58.69 18.73
CA ALA G 245 -27.28 59.56 17.75
C ALA G 245 -26.26 60.14 16.77
N GLU G 246 -25.17 60.71 17.28
CA GLU G 246 -24.24 61.38 16.39
C GLU G 246 -23.51 60.41 15.47
N MET G 247 -23.15 59.24 15.98
CA MET G 247 -22.49 58.27 15.11
C MET G 247 -23.36 57.94 13.90
N TYR G 248 -24.64 57.69 14.16
CA TYR G 248 -25.58 57.32 13.11
C TYR G 248 -25.77 58.48 12.16
N ARG G 249 -25.69 59.70 12.66
CA ARG G 249 -25.74 60.84 11.78
C ARG G 249 -24.53 60.87 10.87
N ASN G 250 -23.34 60.64 11.42
CA ASN G 250 -22.12 60.62 10.59
C ASN G 250 -22.13 59.48 9.57
N ARG G 251 -22.87 58.42 9.88
CA ARG G 251 -22.94 57.25 9.00
C ARG G 251 -23.87 57.51 7.81
N TYR G 252 -25.11 57.90 8.09
CA TYR G 252 -26.16 57.94 7.06
C TYR G 252 -26.77 59.31 6.76
N TRP G 253 -26.69 60.27 7.67
CA TRP G 253 -27.35 61.55 7.48
C TRP G 253 -26.54 62.49 6.60
N LYS G 254 -26.43 62.18 5.31
CA LYS G 254 -25.73 63.02 4.36
C LYS G 254 -26.75 63.58 3.34
N GLU G 255 -26.43 64.71 2.71
CA GLU G 255 -27.32 65.34 1.72
C GLU G 255 -27.58 64.40 0.54
N HIS G 256 -26.51 63.81 0.00
CA HIS G 256 -26.63 62.88 -1.12
C HIS G 256 -27.49 61.63 -0.82
N HIS G 257 -27.58 61.22 0.43
CA HIS G 257 -28.47 60.12 0.80
C HIS G 257 -29.92 60.52 0.62
N PHE G 258 -30.27 61.71 1.08
CA PHE G 258 -31.64 62.18 0.97
C PHE G 258 -32.06 62.41 -0.47
N GLU G 259 -31.12 62.83 -1.33
CA GLU G 259 -31.34 62.88 -2.78
C GLU G 259 -31.82 61.52 -3.28
N GLY G 260 -31.11 60.48 -2.85
CA GLY G 260 -31.34 59.13 -3.31
C GLY G 260 -32.67 58.57 -2.89
N ILE G 261 -33.08 58.85 -1.65
CA ILE G 261 -34.40 58.44 -1.19
C ILE G 261 -35.48 59.10 -2.04
N ALA G 262 -35.32 60.39 -2.32
CA ALA G 262 -36.23 61.14 -3.18
C ALA G 262 -36.32 60.48 -4.54
N LEU G 263 -35.18 60.12 -5.10
CA LEU G 263 -35.10 59.48 -6.42
C LEU G 263 -35.89 58.17 -6.46
N VAL G 264 -35.81 57.39 -5.37
CA VAL G 264 -36.58 56.15 -5.26
C VAL G 264 -38.07 56.41 -5.06
N GLU G 265 -38.42 57.40 -4.25
CA GLU G 265 -39.82 57.78 -4.02
C GLU G 265 -40.54 58.23 -5.31
N LYS G 266 -39.83 58.97 -6.16
CA LYS G 266 -40.36 59.40 -7.47
C LYS G 266 -40.52 58.19 -8.39
N ALA G 267 -39.56 57.29 -8.38
CA ALA G 267 -39.61 56.07 -9.19
C ALA G 267 -40.75 55.12 -8.74
N LEU G 268 -41.05 55.13 -7.44
CA LEU G 268 -42.14 54.32 -6.92
C LEU G 268 -43.49 54.83 -7.41
N GLN G 269 -43.75 56.13 -7.26
CA GLN G 269 -45.01 56.72 -7.74
C GLN G 269 -45.16 56.53 -9.25
N ALA G 270 -44.03 56.63 -9.96
CA ALA G 270 -44.03 56.50 -11.42
C ALA G 270 -44.48 55.11 -11.89
N ALA G 271 -43.90 54.07 -11.30
CA ALA G 271 -44.13 52.70 -11.78
C ALA G 271 -45.34 52.03 -11.14
N TYR G 272 -45.80 52.52 -9.98
CA TYR G 272 -46.90 51.89 -9.23
C TYR G 272 -48.11 52.81 -9.03
N GLY G 273 -47.89 54.12 -8.99
CA GLY G 273 -48.98 55.10 -8.87
C GLY G 273 -49.62 55.18 -7.50
N ALA G 274 -50.96 55.16 -7.48
CA ALA G 274 -51.74 55.15 -6.25
C ALA G 274 -51.48 53.91 -5.42
N SER G 275 -51.31 52.77 -6.10
CA SER G 275 -51.07 51.49 -5.44
C SER G 275 -49.62 51.34 -4.93
N ALA G 276 -48.85 52.43 -4.92
CA ALA G 276 -47.42 52.39 -4.55
C ALA G 276 -47.21 51.99 -3.09
N PRO G 277 -46.25 51.09 -2.82
CA PRO G 277 -45.96 50.70 -1.45
C PRO G 277 -45.09 51.72 -0.73
N SER G 278 -45.13 51.68 0.61
CA SER G 278 -44.24 52.49 1.45
C SER G 278 -42.82 52.09 1.12
N MET G 279 -41.88 53.00 1.26
CA MET G 279 -40.54 52.66 0.85
C MET G 279 -39.73 52.10 2.00
N THR G 280 -40.38 51.98 3.16
CA THR G 280 -39.97 50.99 4.16
C THR G 280 -40.08 49.62 3.50
N SER G 281 -41.22 49.37 2.88
CA SER G 281 -41.51 48.10 2.24
C SER G 281 -40.58 47.88 1.04
N ALA G 282 -40.43 48.91 0.21
CA ALA G 282 -39.56 48.85 -0.98
C ALA G 282 -38.12 48.53 -0.61
N THR G 283 -37.63 49.19 0.44
CA THR G 283 -36.25 48.98 0.89
C THR G 283 -36.00 47.56 1.37
N LEU G 284 -36.92 47.04 2.17
CA LEU G 284 -36.79 45.67 2.67
C LEU G 284 -36.88 44.67 1.51
N ARG G 285 -37.82 44.89 0.62
CA ARG G 285 -37.99 44.00 -0.52
C ARG G 285 -36.75 43.98 -1.39
N TRP G 286 -35.99 45.08 -1.43
CA TRP G 286 -34.74 45.12 -2.18
C TRP G 286 -33.74 44.12 -1.60
N MET G 287 -33.66 44.05 -0.28
CA MET G 287 -32.74 43.14 0.38
C MET G 287 -33.13 41.70 0.10
N TYR G 288 -34.40 41.39 0.28
CA TYR G 288 -34.87 40.02 0.15
C TYR G 288 -34.81 39.52 -1.30
N HIS G 289 -35.14 40.37 -2.26
CA HIS G 289 -35.26 39.91 -3.65
C HIS G 289 -34.12 40.31 -4.59
N HIS G 290 -33.55 41.51 -4.42
CA HIS G 290 -32.64 42.06 -5.42
C HIS G 290 -31.20 42.32 -4.96
N SER G 291 -30.85 41.90 -3.76
CA SER G 291 -29.51 42.11 -3.25
C SER G 291 -28.64 40.93 -3.62
N GLN G 292 -27.43 40.88 -3.08
CA GLN G 292 -26.54 39.74 -3.26
C GLN G 292 -26.79 38.64 -2.22
N LEU G 293 -27.69 38.90 -1.28
CA LEU G 293 -28.04 37.88 -0.29
C LEU G 293 -28.65 36.70 -1.04
N GLN G 294 -28.36 35.49 -0.57
CA GLN G 294 -28.90 34.28 -1.21
C GLN G 294 -29.39 33.27 -0.18
N GLY G 295 -30.69 33.03 -0.19
CA GLY G 295 -31.29 32.02 0.68
C GLY G 295 -30.53 30.72 0.59
N ALA G 296 -30.20 30.32 -0.63
CA ALA G 296 -29.41 29.11 -0.89
C ALA G 296 -28.22 28.94 0.07
N HIS G 297 -27.49 30.02 0.34
CA HIS G 297 -26.30 29.94 1.21
C HIS G 297 -26.59 30.21 2.68
N GLY G 298 -27.86 30.41 3.01
CA GLY G 298 -28.27 30.64 4.38
C GLY G 298 -28.14 32.08 4.82
N ASP G 299 -28.06 33.01 3.87
CA ASP G 299 -27.98 34.42 4.21
C ASP G 299 -29.29 34.88 4.87
N ALA G 300 -29.21 35.93 5.68
CA ALA G 300 -30.38 36.42 6.39
C ALA G 300 -30.38 37.94 6.45
N VAL G 301 -31.54 38.50 6.79
CA VAL G 301 -31.68 39.91 7.08
C VAL G 301 -32.05 40.05 8.56
N ILE G 302 -31.32 40.86 9.31
CA ILE G 302 -31.64 41.11 10.71
C ILE G 302 -32.51 42.35 10.75
N LEU G 303 -33.78 42.18 11.11
CA LEU G 303 -34.74 43.28 11.12
C LEU G 303 -34.63 44.09 12.40
N GLY G 304 -34.66 45.41 12.25
CA GLY G 304 -34.66 46.33 13.37
C GLY G 304 -36.00 46.98 13.57
N MET G 305 -36.30 47.35 14.82
CA MET G 305 -37.55 48.03 15.16
C MET G 305 -37.44 48.63 16.54
N SER G 306 -38.18 49.70 16.78
CA SER G 306 -38.30 50.30 18.09
C SER G 306 -39.73 50.20 18.65
N SER G 307 -40.62 49.56 17.89
CA SER G 307 -42.01 49.34 18.34
C SER G 307 -42.62 48.10 17.70
N LEU G 308 -43.79 47.69 18.19
CA LEU G 308 -44.49 46.54 17.63
C LEU G 308 -45.15 46.89 16.31
N GLU G 309 -45.74 48.08 16.23
CA GLU G 309 -46.35 48.58 14.98
C GLU G 309 -45.35 48.58 13.82
N GLN G 310 -44.07 48.82 14.14
CA GLN G 310 -42.98 48.78 13.17
C GLN G 310 -42.63 47.36 12.74
N LEU G 311 -42.61 46.43 13.68
CA LEU G 311 -42.26 45.05 13.37
C LEU G 311 -43.29 44.41 12.45
N GLU G 312 -44.57 44.52 12.83
CA GLU G 312 -45.67 44.01 11.99
C GLU G 312 -45.55 44.60 10.57
N GLN G 313 -45.28 45.90 10.50
CA GLN G 313 -45.09 46.62 9.23
C GLN G 313 -43.94 46.01 8.40
N ASN G 314 -42.84 45.69 9.08
CA ASN G 314 -41.66 45.13 8.44
C ASN G 314 -41.81 43.66 8.05
N LEU G 315 -42.33 42.84 8.97
CA LEU G 315 -42.53 41.40 8.71
C LEU G 315 -43.44 41.16 7.51
N ALA G 316 -44.37 42.07 7.27
CA ALA G 316 -45.23 42.04 6.10
C ALA G 316 -44.39 42.26 4.84
N ALA G 317 -43.59 43.32 4.83
CA ALA G 317 -42.70 43.61 3.71
C ALA G 317 -41.74 42.46 3.38
N ALA G 318 -41.29 41.75 4.40
CA ALA G 318 -40.39 40.61 4.20
C ALA G 318 -41.03 39.58 3.30
N GLU G 319 -42.32 39.31 3.51
CA GLU G 319 -43.04 38.30 2.74
C GLU G 319 -43.52 38.80 1.38
N GLU G 320 -43.58 40.12 1.20
CA GLU G 320 -43.98 40.71 -0.11
C GLU G 320 -43.01 40.27 -1.22
N GLY G 321 -43.47 40.38 -2.46
CA GLY G 321 -42.73 39.89 -3.61
C GLY G 321 -41.72 40.90 -4.12
N PRO G 322 -41.09 40.59 -5.27
CA PRO G 322 -40.08 41.47 -5.86
C PRO G 322 -40.65 42.75 -6.48
N LEU G 323 -39.76 43.65 -6.87
CA LEU G 323 -40.11 45.00 -7.33
C LEU G 323 -39.96 45.12 -8.83
N GLU G 324 -40.69 46.06 -9.43
CA GLU G 324 -40.55 46.38 -10.85
C GLU G 324 -39.11 46.79 -11.16
N PRO G 325 -38.60 46.44 -12.35
CA PRO G 325 -37.19 46.69 -12.66
C PRO G 325 -36.81 48.18 -12.65
N ALA G 326 -37.75 49.04 -13.01
CA ALA G 326 -37.52 50.48 -13.03
C ALA G 326 -37.20 51.03 -11.64
N VAL G 327 -37.79 50.43 -10.61
CA VAL G 327 -37.51 50.81 -9.21
C VAL G 327 -36.16 50.29 -8.75
N VAL G 328 -35.83 49.05 -9.08
CA VAL G 328 -34.51 48.49 -8.77
C VAL G 328 -33.39 49.30 -9.44
N ASP G 329 -33.68 49.83 -10.63
CA ASP G 329 -32.76 50.74 -11.31
C ASP G 329 -32.59 52.04 -10.52
N ALA G 330 -33.68 52.53 -9.95
CA ALA G 330 -33.64 53.78 -9.17
C ALA G 330 -32.81 53.62 -7.90
N PHE G 331 -33.00 52.50 -7.19
CA PHE G 331 -32.18 52.17 -6.03
C PHE G 331 -30.72 52.14 -6.43
N ASN G 332 -30.44 51.47 -7.54
CA ASN G 332 -29.09 51.41 -8.06
C ASN G 332 -28.54 52.81 -8.35
N GLN G 333 -29.36 53.67 -8.96
CA GLN G 333 -28.96 55.04 -9.25
C GLN G 333 -28.68 55.84 -7.98
N ALA G 334 -29.46 55.57 -6.94
CA ALA G 334 -29.30 56.24 -5.65
C ALA G 334 -28.01 55.78 -4.94
N TRP G 335 -27.69 54.50 -5.07
CA TRP G 335 -26.45 53.97 -4.52
C TRP G 335 -25.27 54.63 -5.17
N HIS G 336 -25.31 54.75 -6.50
CA HIS G 336 -24.23 55.43 -7.24
C HIS G 336 -24.05 56.88 -6.80
N LEU G 337 -25.13 57.48 -6.32
CA LEU G 337 -25.10 58.84 -5.83
C LEU G 337 -24.23 58.93 -4.58
N VAL G 338 -24.36 57.96 -3.67
CA VAL G 338 -23.72 58.02 -2.35
C VAL G 338 -22.47 57.13 -2.18
N ALA G 339 -22.12 56.36 -3.22
CA ALA G 339 -21.05 55.35 -3.10
C ALA G 339 -19.72 55.94 -2.64
N HIS G 340 -19.40 57.13 -3.14
CA HIS G 340 -18.16 57.82 -2.78
C HIS G 340 -18.10 58.24 -1.32
N GLU G 341 -19.26 58.50 -0.70
CA GLU G 341 -19.35 58.88 0.72
C GLU G 341 -19.94 57.76 1.58
N CYS G 342 -19.68 56.52 1.18
CA CYS G 342 -20.25 55.36 1.86
C CYS G 342 -19.44 54.99 3.09
N PRO G 343 -20.11 54.63 4.18
CA PRO G 343 -19.42 54.17 5.40
C PRO G 343 -18.74 52.81 5.26
N ASN G 344 -17.59 52.65 5.89
CA ASN G 344 -16.90 51.37 5.88
C ASN G 344 -17.71 50.33 6.62
N TYR G 345 -17.66 49.10 6.12
CA TYR G 345 -18.32 47.98 6.77
C TYR G 345 -17.51 47.41 7.94
N PHE G 346 -16.29 47.95 8.16
CA PHE G 346 -15.34 47.39 9.11
C PHE G 346 -14.76 48.44 10.06
N ARG G 347 -14.58 48.05 11.31
CA ARG G 347 -14.00 48.91 12.35
C ARG G 347 -12.54 48.50 12.67
N ARG H 25 10.27 60.81 -2.72
CA ARG H 25 10.67 59.64 -1.89
C ARG H 25 10.19 58.29 -2.46
N PRO H 26 8.94 58.21 -2.95
CA PRO H 26 8.47 56.97 -3.57
C PRO H 26 9.22 56.60 -4.86
N ALA H 27 9.63 55.33 -4.96
CA ALA H 27 10.48 54.85 -6.05
C ALA H 27 9.84 54.98 -7.43
N THR H 28 10.65 54.84 -8.49
CA THR H 28 10.15 54.81 -9.86
C THR H 28 10.63 53.58 -10.63
N VAL H 29 9.69 52.83 -11.20
CA VAL H 29 9.98 51.61 -11.95
C VAL H 29 9.55 51.77 -13.40
N LEU H 30 10.33 51.20 -14.31
CA LEU H 30 10.09 51.37 -15.76
C LEU H 30 9.10 50.35 -16.30
N GLY H 31 7.96 50.85 -16.78
CA GLY H 31 6.94 50.00 -17.39
C GLY H 31 7.30 49.60 -18.82
N ALA H 32 7.67 48.34 -18.99
CA ALA H 32 8.17 47.82 -20.26
C ALA H 32 7.11 47.15 -21.13
N MET H 33 5.84 47.55 -20.96
CA MET H 33 4.72 46.88 -21.63
C MET H 33 4.68 47.22 -23.12
N GLU H 34 4.98 48.48 -23.44
CA GLU H 34 4.85 48.94 -24.81
C GLU H 34 6.11 48.62 -25.65
N MET H 35 7.13 48.06 -25.01
CA MET H 35 8.36 47.64 -25.71
C MET H 35 8.04 46.41 -26.55
N GLY H 36 8.25 46.51 -27.86
CA GLY H 36 7.87 45.46 -28.79
C GLY H 36 6.53 45.71 -29.45
N ARG H 37 5.70 46.56 -28.84
CA ARG H 37 4.39 46.92 -29.39
C ARG H 37 4.47 48.29 -30.07
N ARG H 38 4.39 49.37 -29.30
CA ARG H 38 4.46 50.73 -29.87
C ARG H 38 5.89 51.21 -30.07
N MET H 39 6.81 50.72 -29.25
CA MET H 39 8.22 51.11 -29.34
C MET H 39 9.02 49.95 -29.95
N ASP H 40 9.77 50.24 -31.01
CA ASP H 40 10.66 49.23 -31.61
C ASP H 40 11.87 48.97 -30.71
N ALA H 41 12.75 48.07 -31.13
CA ALA H 41 13.95 47.72 -30.35
C ALA H 41 14.82 48.96 -30.02
N PRO H 42 15.23 49.73 -31.06
CA PRO H 42 15.95 50.99 -30.86
C PRO H 42 15.32 52.01 -29.92
N THR H 43 14.04 52.33 -30.11
CA THR H 43 13.33 53.28 -29.25
C THR H 43 13.32 52.80 -27.80
N SER H 44 13.16 51.49 -27.62
CA SER H 44 13.11 50.89 -26.29
C SER H 44 14.47 50.96 -25.59
N ALA H 45 15.53 50.67 -26.32
CA ALA H 45 16.88 50.77 -25.78
C ALA H 45 17.17 52.20 -25.35
N ALA H 46 16.75 53.15 -26.18
CA ALA H 46 16.91 54.59 -25.90
C ALA H 46 16.19 54.97 -24.61
N VAL H 47 14.97 54.48 -24.46
CA VAL H 47 14.18 54.74 -23.27
C VAL H 47 14.82 54.14 -22.00
N THR H 48 15.34 52.93 -22.10
CA THR H 48 16.04 52.29 -20.97
C THR H 48 17.30 53.07 -20.58
N ARG H 49 18.05 53.56 -21.58
CA ARG H 49 19.23 54.39 -21.32
C ARG H 49 18.84 55.66 -20.56
N ALA H 50 17.77 56.32 -21.02
CA ALA H 50 17.29 57.56 -20.40
C ALA H 50 16.88 57.33 -18.96
N PHE H 51 16.10 56.26 -18.75
CA PHE H 51 15.58 55.87 -17.44
C PHE H 51 16.68 55.62 -16.43
N LEU H 52 17.71 54.88 -16.84
CA LEU H 52 18.83 54.55 -15.95
C LEU H 52 19.70 55.78 -15.70
N GLU H 53 19.87 56.64 -16.71
CA GLU H 53 20.68 57.87 -16.59
C GLU H 53 20.07 58.93 -15.66
N ARG H 54 18.86 58.67 -15.15
CA ARG H 54 18.28 59.45 -14.05
C ARG H 54 18.48 58.75 -12.69
N GLY H 55 19.27 57.69 -12.66
CA GLY H 55 19.59 57.00 -11.41
C GLY H 55 18.58 55.96 -10.94
N HIS H 56 17.51 55.74 -11.71
CA HIS H 56 16.53 54.72 -11.37
C HIS H 56 17.08 53.35 -11.71
N THR H 57 16.44 52.30 -11.22
CA THR H 57 17.09 51.01 -11.12
C THR H 57 16.29 49.79 -11.64
N GLU H 58 14.95 49.80 -11.46
CA GLU H 58 14.13 48.60 -11.64
C GLU H 58 13.21 48.67 -12.86
N ILE H 59 13.00 47.52 -13.52
CA ILE H 59 12.17 47.44 -14.74
C ILE H 59 11.09 46.36 -14.65
N ASP H 60 9.87 46.72 -15.07
CA ASP H 60 8.72 45.81 -15.00
C ASP H 60 8.33 45.33 -16.39
N THR H 61 8.42 44.02 -16.59
CA THR H 61 7.92 43.38 -17.80
C THR H 61 7.06 42.16 -17.41
N ALA H 62 6.68 41.37 -18.39
CA ALA H 62 5.81 40.21 -18.17
C ALA H 62 5.93 39.22 -19.34
N PHE H 63 5.72 37.95 -19.03
CA PHE H 63 5.75 36.87 -20.02
C PHE H 63 4.89 37.16 -21.24
N VAL H 64 3.78 37.85 -21.03
CA VAL H 64 2.75 37.98 -22.05
C VAL H 64 2.91 39.26 -22.89
N TYR H 65 3.67 40.24 -22.40
CA TYR H 65 3.74 41.56 -23.03
C TYR H 65 4.30 41.46 -24.44
N SER H 66 3.59 42.11 -25.37
CA SER H 66 3.89 42.06 -26.81
C SER H 66 4.37 40.68 -27.32
N GLU H 67 3.54 39.66 -27.07
CA GLU H 67 3.79 38.27 -27.48
C GLU H 67 5.21 37.78 -27.14
N GLY H 68 5.81 38.34 -26.09
CA GLY H 68 7.16 38.01 -25.66
C GLY H 68 8.27 38.89 -26.18
N GLN H 69 7.94 39.84 -27.06
CA GLN H 69 8.95 40.71 -27.67
C GLN H 69 9.55 41.70 -26.65
N SER H 70 8.77 42.04 -25.62
CA SER H 70 9.25 42.91 -24.53
C SER H 70 10.46 42.29 -23.82
N GLU H 71 10.24 41.12 -23.22
CA GLU H 71 11.29 40.40 -22.53
C GLU H 71 12.50 40.14 -23.41
N THR H 72 12.28 39.87 -24.70
CA THR H 72 13.38 39.57 -25.62
C THR H 72 14.21 40.83 -25.94
N ILE H 73 13.55 41.97 -26.07
CA ILE H 73 14.25 43.24 -26.28
C ILE H 73 15.20 43.50 -25.11
N LEU H 74 14.64 43.54 -23.90
CA LEU H 74 15.40 43.81 -22.67
C LEU H 74 16.57 42.84 -22.49
N GLY H 75 16.32 41.57 -22.80
CA GLY H 75 17.33 40.53 -22.74
C GLY H 75 18.50 40.77 -23.66
N GLY H 76 18.26 41.52 -24.74
CA GLY H 76 19.30 41.86 -25.70
C GLY H 76 19.91 43.25 -25.59
N LEU H 77 19.74 43.89 -24.43
CA LEU H 77 20.36 45.20 -24.18
C LEU H 77 21.70 45.08 -23.43
N GLY H 78 22.21 43.86 -23.31
CA GLY H 78 23.50 43.61 -22.67
C GLY H 78 23.61 44.17 -21.26
N LEU H 79 22.53 44.07 -20.52
CA LEU H 79 22.52 44.54 -19.13
C LEU H 79 22.99 43.46 -18.16
N ARG H 80 23.47 42.33 -18.68
CA ARG H 80 23.95 41.22 -17.84
C ARG H 80 22.99 40.99 -16.68
N LEU H 81 21.69 40.93 -16.98
CA LEU H 81 20.65 40.84 -15.94
C LEU H 81 20.83 39.64 -15.02
N GLY H 82 20.35 39.77 -13.80
CA GLY H 82 20.39 38.67 -12.82
C GLY H 82 21.75 38.32 -12.28
N GLY H 83 22.79 38.93 -12.81
CA GLY H 83 24.14 38.71 -12.32
C GLY H 83 24.41 39.46 -11.04
N SER H 84 25.55 39.18 -10.42
CA SER H 84 25.97 39.90 -9.22
C SER H 84 26.58 41.25 -9.62
N ASP H 85 27.41 41.25 -10.65
CA ASP H 85 27.92 42.49 -11.27
C ASP H 85 26.80 43.11 -12.12
N CYS H 86 25.76 43.59 -11.44
CA CYS H 86 24.57 44.15 -12.09
C CYS H 86 23.82 45.11 -11.17
N ARG H 87 23.68 46.36 -11.62
CA ARG H 87 22.98 47.40 -10.86
C ARG H 87 21.44 47.33 -11.04
N VAL H 88 20.99 46.90 -12.23
CA VAL H 88 19.57 46.90 -12.59
C VAL H 88 18.80 45.69 -12.03
N LYS H 89 17.61 45.94 -11.51
CA LYS H 89 16.72 44.89 -11.02
C LYS H 89 15.60 44.65 -12.05
N ILE H 90 15.27 43.40 -12.33
CA ILE H 90 14.26 43.04 -13.36
C ILE H 90 13.06 42.29 -12.78
N ASP H 91 11.85 42.65 -13.24
CA ASP H 91 10.60 42.05 -12.77
C ASP H 91 9.82 41.41 -13.90
N THR H 92 9.32 40.19 -13.69
CA THR H 92 8.45 39.54 -14.68
C THR H 92 7.29 38.80 -14.01
N LYS H 93 6.38 38.28 -14.82
CA LYS H 93 5.11 37.71 -14.31
C LYS H 93 4.68 36.46 -15.10
N ALA H 94 3.86 35.63 -14.46
CA ALA H 94 3.23 34.48 -15.10
C ALA H 94 1.72 34.63 -15.02
N ILE H 95 1.01 34.39 -16.12
CA ILE H 95 -0.45 34.54 -16.10
C ILE H 95 -1.20 33.23 -16.26
N PRO H 96 -2.47 33.20 -15.80
CA PRO H 96 -3.39 32.11 -16.05
C PRO H 96 -4.41 32.42 -17.15
N LEU H 97 -4.04 33.22 -18.14
CA LEU H 97 -4.89 33.42 -19.30
C LEU H 97 -4.38 32.60 -20.47
N PHE H 98 -5.21 32.50 -21.50
CA PHE H 98 -4.85 31.77 -22.72
C PHE H 98 -4.61 30.32 -22.34
N GLY H 99 -3.71 29.62 -23.03
CA GLY H 99 -3.44 28.23 -22.67
C GLY H 99 -2.98 28.04 -21.23
N ASN H 100 -2.53 29.13 -20.63
CA ASN H 100 -1.70 29.06 -19.46
C ASN H 100 -2.52 29.01 -18.17
N SER H 101 -1.92 28.38 -17.17
CA SER H 101 -2.45 28.37 -15.82
C SER H 101 -1.34 28.80 -14.88
N LEU H 102 -1.66 28.85 -13.60
CA LEU H 102 -0.66 28.98 -12.54
C LEU H 102 -0.47 27.64 -11.82
N LYS H 103 -0.85 26.55 -12.49
CA LYS H 103 -0.52 25.22 -12.00
C LYS H 103 0.98 25.06 -12.14
N PRO H 104 1.59 24.18 -11.34
CA PRO H 104 3.05 24.05 -11.28
C PRO H 104 3.74 23.98 -12.64
N ASP H 105 3.26 23.09 -13.51
CA ASP H 105 3.91 22.89 -14.80
C ASP H 105 3.93 24.15 -15.66
N SER H 106 2.77 24.77 -15.84
CA SER H 106 2.66 26.00 -16.63
C SER H 106 3.51 27.09 -16.01
N LEU H 107 3.44 27.18 -14.69
CA LEU H 107 4.19 28.18 -13.95
C LEU H 107 5.68 28.14 -14.30
N ARG H 108 6.24 26.93 -14.34
CA ARG H 108 7.63 26.73 -14.72
C ARG H 108 7.90 27.18 -16.15
N PHE H 109 7.13 26.62 -17.10
CA PHE H 109 7.29 26.95 -18.53
C PHE H 109 7.38 28.46 -18.76
N GLN H 110 6.53 29.21 -18.06
CA GLN H 110 6.45 30.65 -18.25
C GLN H 110 7.69 31.36 -17.72
N LEU H 111 8.13 30.99 -16.53
CA LEU H 111 9.33 31.59 -15.93
C LEU H 111 10.58 31.20 -16.70
N GLU H 112 10.73 29.91 -16.96
CA GLU H 112 11.90 29.41 -17.69
C GLU H 112 12.04 30.09 -19.05
N THR H 113 10.92 30.37 -19.71
CA THR H 113 10.94 31.10 -20.97
C THR H 113 11.34 32.55 -20.75
N SER H 114 10.76 33.21 -19.73
CA SER H 114 11.13 34.59 -19.39
C SER H 114 12.64 34.70 -19.18
N LEU H 115 13.22 33.72 -18.49
CA LEU H 115 14.67 33.69 -18.24
C LEU H 115 15.47 33.57 -19.53
N LYS H 116 15.13 32.58 -20.36
CA LYS H 116 15.78 32.38 -21.65
C LYS H 116 15.70 33.61 -22.56
N ARG H 117 14.59 34.33 -22.49
CA ARG H 117 14.42 35.57 -23.27
C ARG H 117 15.28 36.70 -22.72
N LEU H 118 15.18 36.91 -21.41
CA LEU H 118 15.93 37.95 -20.71
C LEU H 118 17.44 37.65 -20.64
N GLN H 119 17.82 36.45 -21.06
CA GLN H 119 19.22 36.01 -21.08
C GLN H 119 19.85 36.13 -19.71
N CYS H 120 19.16 35.59 -18.71
CA CYS H 120 19.61 35.66 -17.33
C CYS H 120 19.27 34.40 -16.55
N PRO H 121 20.01 34.13 -15.45
CA PRO H 121 19.80 32.94 -14.64
C PRO H 121 18.68 33.11 -13.64
N ARG H 122 18.38 34.35 -13.24
CA ARG H 122 17.28 34.63 -12.31
C ARG H 122 16.72 36.05 -12.40
N VAL H 123 15.46 36.18 -12.05
CA VAL H 123 14.81 37.49 -12.01
C VAL H 123 14.80 37.97 -10.56
N ASP H 124 14.71 39.29 -10.39
CA ASP H 124 14.76 39.91 -9.08
C ASP H 124 13.37 39.91 -8.41
N LEU H 125 12.33 39.93 -9.23
CA LEU H 125 10.96 39.86 -8.74
C LEU H 125 10.10 39.03 -9.71
N PHE H 126 9.28 38.14 -9.14
CA PHE H 126 8.44 37.23 -9.92
C PHE H 126 6.98 37.26 -9.46
N TYR H 127 6.11 37.87 -10.26
CA TYR H 127 4.72 38.05 -9.88
C TYR H 127 3.85 36.88 -10.36
N LEU H 128 2.80 36.61 -9.61
CA LEU H 128 1.62 35.97 -10.15
C LEU H 128 0.77 37.11 -10.70
N HIS H 129 0.67 37.18 -12.02
CA HIS H 129 0.05 38.31 -12.73
C HIS H 129 -1.42 38.53 -12.31
N MET H 130 -2.15 37.42 -12.17
CA MET H 130 -3.56 37.45 -11.86
C MET H 130 -3.97 36.17 -11.16
N PRO H 131 -5.09 36.20 -10.40
CA PRO H 131 -5.62 34.98 -9.80
C PRO H 131 -5.99 33.93 -10.84
N ASP H 132 -5.68 32.68 -10.53
CA ASP H 132 -6.10 31.54 -11.35
C ASP H 132 -7.23 30.81 -10.63
N HIS H 133 -8.45 31.28 -10.86
CA HIS H 133 -9.59 30.79 -10.10
C HIS H 133 -9.89 29.30 -10.34
N SER H 134 -9.18 28.67 -11.27
CA SER H 134 -9.35 27.23 -11.52
C SER H 134 -8.25 26.36 -10.88
N THR H 135 -7.30 26.98 -10.17
CA THR H 135 -6.21 26.25 -9.54
C THR H 135 -6.10 26.64 -8.08
N PRO H 136 -6.19 25.67 -7.16
CA PRO H 136 -6.05 25.96 -5.73
C PRO H 136 -4.75 26.70 -5.48
N VAL H 137 -4.82 27.78 -4.70
CA VAL H 137 -3.68 28.67 -4.53
C VAL H 137 -2.51 27.96 -3.84
N GLU H 138 -2.83 26.96 -3.03
CA GLU H 138 -1.80 26.10 -2.41
C GLU H 138 -0.82 25.49 -3.41
N GLU H 139 -1.36 24.88 -4.46
CA GLU H 139 -0.54 24.24 -5.48
C GLU H 139 0.46 25.22 -6.08
N THR H 140 -0.03 26.41 -6.41
CA THR H 140 0.77 27.44 -7.04
C THR H 140 1.94 27.87 -6.15
N LEU H 141 1.63 28.16 -4.90
CA LEU H 141 2.64 28.68 -3.97
C LEU H 141 3.75 27.67 -3.72
N ARG H 142 3.38 26.41 -3.47
CA ARG H 142 4.36 25.34 -3.35
C ARG H 142 5.32 25.33 -4.54
N ALA H 143 4.75 25.49 -5.74
CA ALA H 143 5.53 25.53 -6.96
C ALA H 143 6.42 26.78 -6.99
N CYS H 144 5.91 27.90 -6.50
CA CYS H 144 6.71 29.12 -6.41
C CYS H 144 7.89 28.92 -5.46
N HIS H 145 7.64 28.25 -4.34
CA HIS H 145 8.70 27.93 -3.40
C HIS H 145 9.78 27.07 -4.04
N GLN H 146 9.36 25.98 -4.66
CA GLN H 146 10.28 25.06 -5.32
C GLN H 146 11.15 25.77 -6.37
N LEU H 147 10.58 26.76 -7.05
CA LEU H 147 11.30 27.57 -8.04
C LEU H 147 12.25 28.56 -7.37
N HIS H 148 11.86 29.07 -6.21
CA HIS H 148 12.72 29.95 -5.43
C HIS H 148 13.91 29.17 -4.86
N GLN H 149 13.62 27.94 -4.40
CA GLN H 149 14.66 27.01 -3.94
C GLN H 149 15.72 26.76 -5.01
N GLU H 150 15.30 26.80 -6.28
CA GLU H 150 16.20 26.58 -7.40
C GLU H 150 16.88 27.86 -7.86
N GLY H 151 16.57 28.98 -7.20
CA GLY H 151 17.23 30.25 -7.45
C GLY H 151 16.82 30.93 -8.74
N LYS H 152 15.61 30.64 -9.23
CA LYS H 152 15.11 31.24 -10.47
C LYS H 152 14.62 32.67 -10.21
N PHE H 153 14.34 33.00 -8.95
CA PHE H 153 13.97 34.36 -8.58
C PHE H 153 14.29 34.69 -7.12
N VAL H 154 14.36 35.99 -6.83
CA VAL H 154 14.68 36.49 -5.50
C VAL H 154 13.40 36.70 -4.68
N GLU H 155 12.52 37.56 -5.19
CA GLU H 155 11.29 37.96 -4.45
C GLU H 155 10.01 37.57 -5.19
N LEU H 156 9.01 37.14 -4.42
CA LEU H 156 7.72 36.77 -4.97
C LEU H 156 6.78 37.96 -4.91
N GLY H 157 5.91 38.08 -5.91
CA GLY H 157 4.95 39.19 -5.98
C GLY H 157 3.54 38.73 -6.31
N LEU H 158 2.58 39.61 -6.04
CA LEU H 158 1.20 39.38 -6.47
C LEU H 158 0.72 40.59 -7.25
N SER H 159 -0.25 40.37 -8.13
CA SER H 159 -0.90 41.47 -8.83
C SER H 159 -2.36 41.13 -9.14
N ASN H 160 -3.23 42.10 -8.94
CA ASN H 160 -4.66 41.95 -9.22
C ASN H 160 -5.36 40.88 -8.34
N TYR H 161 -4.77 40.55 -7.21
CA TYR H 161 -5.45 39.72 -6.22
C TYR H 161 -6.23 40.62 -5.29
N ALA H 162 -7.36 40.12 -4.80
CA ALA H 162 -8.13 40.84 -3.81
C ALA H 162 -7.36 40.82 -2.49
N ALA H 163 -7.56 41.86 -1.69
CA ALA H 163 -6.91 41.99 -0.40
C ALA H 163 -6.99 40.66 0.37
N TRP H 164 -8.19 40.09 0.43
CA TRP H 164 -8.40 38.87 1.19
C TRP H 164 -7.70 37.66 0.62
N GLU H 165 -7.50 37.65 -0.70
CA GLU H 165 -6.73 36.58 -1.33
C GLU H 165 -5.27 36.72 -0.93
N VAL H 166 -4.80 37.95 -0.78
CA VAL H 166 -3.43 38.20 -0.34
C VAL H 166 -3.28 37.70 1.09
N ALA H 167 -4.25 38.04 1.94
CA ALA H 167 -4.23 37.60 3.34
C ALA H 167 -4.14 36.06 3.44
N GLU H 168 -4.93 35.38 2.62
CA GLU H 168 -4.90 33.92 2.59
C GLU H 168 -3.51 33.44 2.23
N ILE H 169 -2.95 33.97 1.14
CA ILE H 169 -1.66 33.51 0.60
C ILE H 169 -0.56 33.64 1.65
N CYS H 170 -0.47 34.81 2.27
CA CYS H 170 0.59 35.09 3.22
C CYS H 170 0.50 34.19 4.44
N THR H 171 -0.70 33.95 4.91
CA THR H 171 -0.89 33.07 6.07
C THR H 171 -0.50 31.64 5.72
N LEU H 172 -0.82 31.21 4.51
CA LEU H 172 -0.48 29.85 4.08
C LEU H 172 1.03 29.68 4.02
N CYS H 173 1.73 30.71 3.56
CA CYS H 173 3.18 30.65 3.42
C CYS H 173 3.88 30.62 4.78
N LYS H 174 3.45 31.50 5.69
CA LYS H 174 4.00 31.48 7.05
C LYS H 174 3.91 30.04 7.59
N SER H 175 2.71 29.48 7.53
CA SER H 175 2.43 28.19 8.15
C SER H 175 2.99 26.98 7.40
N ASN H 176 3.24 27.13 6.09
CA ASN H 176 3.90 26.09 5.29
C ASN H 176 5.39 26.37 5.05
N GLY H 177 5.89 27.47 5.62
CA GLY H 177 7.29 27.85 5.46
C GLY H 177 7.73 28.11 4.03
N TRP H 178 6.82 28.63 3.21
CA TRP H 178 7.16 29.03 1.84
C TRP H 178 7.50 30.49 1.79
N ILE H 179 8.15 30.89 0.71
CA ILE H 179 8.52 32.28 0.51
C ILE H 179 7.25 33.12 0.53
N LEU H 180 7.26 34.21 1.28
CA LEU H 180 6.12 35.11 1.31
C LEU H 180 6.22 36.11 0.18
N PRO H 181 5.07 36.51 -0.38
CA PRO H 181 5.11 37.62 -1.32
C PRO H 181 5.44 38.90 -0.58
N THR H 182 6.22 39.76 -1.22
CA THR H 182 6.73 40.97 -0.58
C THR H 182 6.42 42.23 -1.39
N VAL H 183 5.86 42.05 -2.59
CA VAL H 183 5.47 43.16 -3.45
C VAL H 183 4.07 42.91 -4.02
N TYR H 184 3.23 43.93 -3.97
CA TYR H 184 1.95 43.91 -4.66
C TYR H 184 1.94 44.97 -5.75
N GLN H 185 1.53 44.58 -6.96
CA GLN H 185 1.43 45.50 -8.07
C GLN H 185 -0.02 45.72 -8.40
N GLY H 186 -0.49 46.95 -8.22
CA GLY H 186 -1.93 47.25 -8.27
C GLY H 186 -2.31 48.52 -9.01
N MET H 187 -3.56 48.52 -9.45
CA MET H 187 -4.13 49.63 -10.20
C MET H 187 -4.37 50.83 -9.27
N TYR H 188 -3.61 51.92 -9.48
CA TYR H 188 -3.71 53.09 -8.61
C TYR H 188 -3.42 54.40 -9.35
N ASN H 189 -4.34 55.36 -9.25
CA ASN H 189 -4.11 56.71 -9.77
C ASN H 189 -5.03 57.73 -9.13
N ALA H 190 -4.80 59.01 -9.44
CA ALA H 190 -5.54 60.11 -8.83
C ALA H 190 -7.09 60.00 -8.92
N ILE H 191 -7.61 59.37 -9.97
CA ILE H 191 -9.06 59.15 -10.11
C ILE H 191 -9.46 57.66 -9.92
N THR H 192 -8.56 56.82 -9.40
CA THR H 192 -8.86 55.39 -9.15
C THR H 192 -8.20 54.89 -7.87
N ARG H 193 -8.98 54.84 -6.78
CA ARG H 193 -8.44 54.67 -5.45
C ARG H 193 -9.10 53.57 -4.66
N GLN H 194 -9.57 52.52 -5.32
CA GLN H 194 -10.27 51.46 -4.60
C GLN H 194 -9.30 50.71 -3.70
N VAL H 195 -8.04 50.61 -4.11
CA VAL H 195 -7.02 49.93 -3.32
C VAL H 195 -6.85 50.48 -1.91
N GLU H 196 -7.11 51.77 -1.74
CA GLU H 196 -6.97 52.43 -0.44
C GLU H 196 -7.78 51.79 0.70
N THR H 197 -9.01 51.36 0.43
CA THR H 197 -9.92 50.98 1.49
C THR H 197 -9.48 49.73 2.24
N GLU H 198 -9.18 48.66 1.52
CA GLU H 198 -8.85 47.39 2.17
C GLU H 198 -7.46 46.89 1.85
N LEU H 199 -7.03 47.03 0.60
CA LEU H 199 -5.74 46.46 0.17
C LEU H 199 -4.57 47.06 0.96
N PHE H 200 -4.53 48.38 1.07
CA PHE H 200 -3.38 49.03 1.72
C PHE H 200 -3.22 48.63 3.18
N PRO H 201 -4.28 48.77 4.00
CA PRO H 201 -4.26 48.23 5.37
C PRO H 201 -3.69 46.82 5.45
N CYS H 202 -4.14 45.97 4.53
CA CYS H 202 -3.71 44.60 4.47
C CYS H 202 -2.22 44.51 4.16
N LEU H 203 -1.81 45.21 3.12
CA LEU H 203 -0.41 45.17 2.70
C LEU H 203 0.54 45.65 3.81
N ARG H 204 0.18 46.72 4.49
CA ARG H 204 1.04 47.22 5.57
C ARG H 204 1.12 46.16 6.68
N HIS H 205 0.02 45.44 6.91
CA HIS H 205 -0.04 44.44 7.98
C HIS H 205 0.86 43.26 7.69
N PHE H 206 0.88 42.83 6.43
CA PHE H 206 1.71 41.69 6.03
C PHE H 206 3.08 42.10 5.48
N GLY H 207 3.32 43.40 5.41
CA GLY H 207 4.63 43.93 5.07
C GLY H 207 4.98 43.89 3.59
N LEU H 208 3.96 43.95 2.73
CA LEU H 208 4.18 44.06 1.29
C LEU H 208 4.32 45.53 0.90
N ARG H 209 5.16 45.79 -0.10
CA ARG H 209 5.25 47.13 -0.69
C ARG H 209 4.43 47.17 -1.96
N PHE H 210 3.89 48.35 -2.26
CA PHE H 210 2.92 48.50 -3.33
C PHE H 210 3.52 49.24 -4.51
N TYR H 211 3.43 48.64 -5.70
CA TYR H 211 3.88 49.26 -6.95
C TYR H 211 2.66 49.63 -7.78
N ALA H 212 2.53 50.91 -8.11
CA ALA H 212 1.34 51.39 -8.82
C ALA H 212 1.49 51.25 -10.34
N PHE H 213 0.48 50.69 -10.98
CA PHE H 213 0.37 50.76 -12.44
C PHE H 213 -0.85 51.58 -12.84
N ASN H 214 -0.99 51.85 -14.13
CA ASN H 214 -2.01 52.77 -14.62
C ASN H 214 -1.96 54.15 -13.92
N PRO H 215 -0.76 54.67 -13.62
CA PRO H 215 -0.70 55.95 -12.90
C PRO H 215 -1.30 57.14 -13.64
N LEU H 216 -1.37 57.08 -14.97
CA LEU H 216 -2.03 58.11 -15.77
C LEU H 216 -3.36 57.60 -16.34
N ALA H 217 -3.91 56.55 -15.75
CA ALA H 217 -5.10 55.91 -16.30
C ALA H 217 -4.95 55.67 -17.81
N GLY H 218 -3.84 55.05 -18.20
CA GLY H 218 -3.62 54.71 -19.60
C GLY H 218 -3.34 55.92 -20.48
N GLY H 219 -3.09 57.06 -19.87
CA GLY H 219 -2.95 58.31 -20.61
C GLY H 219 -4.17 59.21 -20.50
N LEU H 220 -5.29 58.69 -19.99
CA LEU H 220 -6.51 59.51 -19.89
C LEU H 220 -6.24 60.78 -19.08
N LEU H 221 -5.47 60.64 -18.01
CA LEU H 221 -5.16 61.76 -17.12
C LEU H 221 -4.13 62.74 -17.68
N THR H 222 -3.58 62.48 -18.87
CA THR H 222 -2.76 63.48 -19.55
C THR H 222 -3.65 64.58 -20.14
N GLY H 223 -4.96 64.31 -20.23
CA GLY H 223 -5.93 65.30 -20.66
C GLY H 223 -5.92 65.55 -22.16
N LYS H 224 -5.37 64.62 -22.92
CA LYS H 224 -5.24 64.78 -24.36
C LYS H 224 -6.49 64.31 -25.12
N TYR H 225 -7.36 63.57 -24.45
CA TYR H 225 -8.59 63.10 -25.07
C TYR H 225 -9.76 63.96 -24.60
N LYS H 226 -10.84 63.97 -25.39
CA LYS H 226 -12.15 64.50 -24.99
C LYS H 226 -13.21 63.40 -25.20
N TYR H 227 -14.18 63.29 -24.29
CA TYR H 227 -15.17 62.17 -24.32
C TYR H 227 -15.75 61.90 -25.70
N GLU H 228 -15.98 62.95 -26.47
CA GLU H 228 -16.65 62.86 -27.78
C GLU H 228 -15.78 62.21 -28.90
N ASP H 229 -14.56 61.81 -28.57
CA ASP H 229 -13.66 61.14 -29.52
C ASP H 229 -14.05 59.71 -29.86
N LYS H 230 -14.75 59.03 -28.96
CA LYS H 230 -15.19 57.66 -29.18
C LYS H 230 -16.09 57.56 -30.43
N ASP H 231 -16.85 58.62 -30.69
CA ASP H 231 -17.78 58.65 -31.82
C ASP H 231 -17.15 59.13 -33.12
N GLY H 232 -16.03 59.86 -33.04
CA GLY H 232 -15.45 60.51 -34.21
C GLY H 232 -13.96 60.31 -34.41
N LYS H 233 -13.16 61.08 -33.68
CA LYS H 233 -11.71 61.18 -33.91
C LYS H 233 -10.97 59.85 -33.74
N GLN H 234 -11.33 59.11 -32.70
CA GLN H 234 -10.74 57.79 -32.41
C GLN H 234 -9.23 57.72 -32.68
N PRO H 235 -8.44 58.49 -31.93
CA PRO H 235 -6.99 58.59 -32.14
C PRO H 235 -6.21 57.34 -31.74
N VAL H 236 -5.52 56.74 -32.71
CA VAL H 236 -4.71 55.53 -32.48
C VAL H 236 -3.86 55.70 -31.24
N GLY H 237 -4.22 54.96 -30.19
CA GLY H 237 -3.49 55.01 -28.92
C GLY H 237 -3.85 53.84 -28.02
N ARG H 238 -3.72 54.06 -26.72
CA ARG H 238 -4.10 53.04 -25.73
C ARG H 238 -5.58 52.71 -25.83
N PHE H 239 -6.38 53.71 -26.15
CA PHE H 239 -7.82 53.58 -26.12
C PHE H 239 -8.44 53.28 -27.49
N PHE H 240 -7.63 53.24 -28.54
CA PHE H 240 -8.16 53.01 -29.88
C PHE H 240 -7.24 52.19 -30.78
N GLY H 241 -7.83 51.21 -31.46
CA GLY H 241 -7.16 50.46 -32.51
C GLY H 241 -6.15 49.44 -32.05
N ASN H 242 -6.41 48.79 -30.94
CA ASN H 242 -5.64 47.61 -30.55
C ASN H 242 -6.53 46.62 -29.84
N THR H 243 -6.01 45.41 -29.64
CA THR H 243 -6.76 44.31 -29.02
C THR H 243 -7.44 44.72 -27.72
N TRP H 244 -6.72 45.48 -26.90
CA TRP H 244 -7.19 45.83 -25.56
C TRP H 244 -7.85 47.21 -25.48
N ALA H 245 -7.96 47.87 -26.64
CA ALA H 245 -8.63 49.17 -26.74
C ALA H 245 -9.96 49.19 -25.98
N GLU H 246 -10.82 48.20 -26.24
CA GLU H 246 -12.16 48.24 -25.64
C GLU H 246 -12.12 48.01 -24.15
N MET H 247 -11.23 47.14 -23.68
CA MET H 247 -11.13 46.97 -22.23
C MET H 247 -10.81 48.29 -21.52
N TYR H 248 -9.82 49.01 -22.06
CA TYR H 248 -9.40 50.25 -21.46
C TYR H 248 -10.51 51.28 -21.52
N ARG H 249 -11.32 51.23 -22.57
CA ARG H 249 -12.49 52.10 -22.65
C ARG H 249 -13.52 51.78 -21.58
N ASN H 250 -13.78 50.50 -21.34
CA ASN H 250 -14.70 50.09 -20.28
C ASN H 250 -14.16 50.44 -18.89
N ARG H 251 -12.85 50.53 -18.77
CA ARG H 251 -12.22 50.84 -17.49
C ARG H 251 -12.30 52.33 -17.17
N TYR H 252 -11.82 53.18 -18.08
CA TYR H 252 -11.61 54.61 -17.79
C TYR H 252 -12.44 55.61 -18.62
N TRP H 253 -12.91 55.22 -19.80
CA TRP H 253 -13.58 56.15 -20.70
C TRP H 253 -15.05 56.38 -20.33
N LYS H 254 -15.30 56.98 -19.18
CA LYS H 254 -16.68 57.28 -18.75
C LYS H 254 -16.88 58.81 -18.76
N GLU H 255 -18.13 59.25 -18.89
CA GLU H 255 -18.44 60.70 -18.94
C GLU H 255 -17.97 61.38 -17.67
N HIS H 256 -18.29 60.77 -16.53
CA HIS H 256 -17.93 61.28 -15.23
C HIS H 256 -16.41 61.41 -14.98
N HIS H 257 -15.60 60.60 -15.66
CA HIS H 257 -14.15 60.76 -15.60
C HIS H 257 -13.73 62.06 -16.27
N PHE H 258 -14.29 62.33 -17.43
CA PHE H 258 -13.94 63.54 -18.18
C PHE H 258 -14.38 64.80 -17.46
N GLU H 259 -15.50 64.74 -16.72
CA GLU H 259 -15.90 65.83 -15.82
C GLU H 259 -14.79 66.14 -14.86
N GLY H 260 -14.23 65.08 -14.27
CA GLY H 260 -13.21 65.20 -13.23
C GLY H 260 -11.89 65.77 -13.71
N ILE H 261 -11.48 65.38 -14.91
CA ILE H 261 -10.28 65.96 -15.52
C ILE H 261 -10.47 67.46 -15.76
N ALA H 262 -11.65 67.86 -16.25
CA ALA H 262 -12.01 69.27 -16.43
C ALA H 262 -11.95 70.04 -15.12
N LEU H 263 -12.48 69.44 -14.07
CA LEU H 263 -12.47 70.04 -12.72
C LEU H 263 -11.04 70.32 -12.21
N VAL H 264 -10.12 69.39 -12.47
CA VAL H 264 -8.72 69.57 -12.12
C VAL H 264 -8.03 70.60 -13.01
N GLU H 265 -8.34 70.59 -14.30
CA GLU H 265 -7.78 71.58 -15.24
C GLU H 265 -8.16 73.01 -14.86
N LYS H 266 -9.42 73.21 -14.44
CA LYS H 266 -9.90 74.52 -13.99
C LYS H 266 -9.20 74.94 -12.69
N ALA H 267 -9.03 73.98 -11.77
CA ALA H 267 -8.34 74.22 -10.50
C ALA H 267 -6.85 74.52 -10.69
N LEU H 268 -6.24 73.95 -11.74
CA LEU H 268 -4.85 74.22 -12.07
C LEU H 268 -4.66 75.67 -12.54
N GLN H 269 -5.47 76.09 -13.51
CA GLN H 269 -5.41 77.46 -14.03
C GLN H 269 -5.70 78.47 -12.91
N ALA H 270 -6.62 78.11 -12.03
CA ALA H 270 -7.01 78.98 -10.92
C ALA H 270 -5.89 79.26 -9.92
N ALA H 271 -5.18 78.22 -9.51
CA ALA H 271 -4.16 78.34 -8.47
C ALA H 271 -2.75 78.67 -9.00
N TYR H 272 -2.49 78.40 -10.27
CA TYR H 272 -1.16 78.61 -10.85
C TYR H 272 -1.12 79.61 -12.03
N GLY H 273 -2.23 79.77 -12.74
CA GLY H 273 -2.35 80.73 -13.82
C GLY H 273 -1.61 80.36 -15.09
N ALA H 274 -0.84 81.33 -15.60
CA ALA H 274 0.02 81.15 -16.79
C ALA H 274 1.12 80.11 -16.53
N SER H 275 1.64 80.11 -15.30
CA SER H 275 2.70 79.19 -14.91
C SER H 275 2.19 77.78 -14.59
N ALA H 276 0.94 77.48 -14.96
CA ALA H 276 0.31 76.18 -14.66
C ALA H 276 1.01 75.02 -15.37
N PRO H 277 1.26 73.91 -14.64
CA PRO H 277 1.86 72.73 -15.27
C PRO H 277 0.86 71.89 -16.06
N SER H 278 1.36 71.07 -16.98
CA SER H 278 0.53 70.12 -17.70
C SER H 278 -0.03 69.20 -16.67
N MET H 279 -1.21 68.63 -16.93
CA MET H 279 -1.81 67.79 -15.91
C MET H 279 -1.41 66.32 -16.08
N THR H 280 -0.58 66.05 -17.07
CA THR H 280 0.29 64.89 -17.04
C THR H 280 1.17 65.02 -15.82
N SER H 281 1.77 66.18 -15.67
CA SER H 281 2.68 66.47 -14.57
C SER H 281 1.96 66.50 -13.23
N ALA H 282 0.80 67.16 -13.20
CA ALA H 282 -0.03 67.23 -12.00
C ALA H 282 -0.45 65.84 -11.51
N THR H 283 -0.90 65.01 -12.44
CA THR H 283 -1.36 63.66 -12.10
C THR H 283 -0.24 62.81 -11.50
N LEU H 284 0.94 62.84 -12.11
CA LEU H 284 2.08 62.10 -11.59
C LEU H 284 2.51 62.63 -10.24
N ARG H 285 2.56 63.95 -10.11
CA ARG H 285 2.94 64.58 -8.85
C ARG H 285 1.97 64.20 -7.71
N TRP H 286 0.71 63.95 -8.05
CA TRP H 286 -0.24 63.47 -7.05
C TRP H 286 0.20 62.13 -6.48
N MET H 287 0.65 61.24 -7.35
CA MET H 287 1.06 59.91 -6.93
C MET H 287 2.29 59.98 -6.04
N TYR H 288 3.26 60.76 -6.46
CA TYR H 288 4.51 60.85 -5.73
C TYR H 288 4.35 61.55 -4.37
N HIS H 289 3.55 62.62 -4.32
CA HIS H 289 3.52 63.46 -3.12
C HIS H 289 2.27 63.33 -2.26
N HIS H 290 1.11 63.10 -2.87
CA HIS H 290 -0.16 63.19 -2.12
C HIS H 290 -1.00 61.91 -2.06
N SER H 291 -0.46 60.79 -2.52
CA SER H 291 -1.17 59.52 -2.47
C SER H 291 -0.86 58.81 -1.17
N GLN H 292 -1.33 57.58 -1.03
CA GLN H 292 -1.00 56.73 0.10
C GLN H 292 0.34 56.02 -0.08
N LEU H 293 0.95 56.16 -1.25
CA LEU H 293 2.25 55.53 -1.48
C LEU H 293 3.23 56.13 -0.49
N GLN H 294 4.15 55.32 0.02
CA GLN H 294 5.16 55.81 0.96
C GLN H 294 6.53 55.27 0.64
N GLY H 295 7.44 56.18 0.28
CA GLY H 295 8.84 55.83 0.04
C GLY H 295 9.41 55.01 1.18
N ALA H 296 9.12 55.43 2.40
CA ALA H 296 9.53 54.70 3.60
C ALA H 296 9.33 53.17 3.51
N HIS H 297 8.18 52.73 2.97
CA HIS H 297 7.89 51.29 2.87
C HIS H 297 8.35 50.66 1.56
N GLY H 298 9.00 51.44 0.70
CA GLY H 298 9.53 50.94 -0.55
C GLY H 298 8.53 50.95 -1.69
N ASP H 299 7.44 51.71 -1.53
CA ASP H 299 6.42 51.81 -2.59
C ASP H 299 7.02 52.48 -3.81
N ALA H 300 6.44 52.18 -4.97
CA ALA H 300 6.93 52.72 -6.24
C ALA H 300 5.80 53.05 -7.19
N VAL H 301 6.12 53.84 -8.20
CA VAL H 301 5.20 54.12 -9.29
C VAL H 301 5.81 53.50 -10.55
N ILE H 302 5.03 52.69 -11.27
CA ILE H 302 5.50 52.13 -12.54
C ILE H 302 5.04 53.07 -13.65
N LEU H 303 5.99 53.73 -14.30
CA LEU H 303 5.65 54.71 -15.32
C LEU H 303 5.40 54.03 -16.64
N GLY H 304 4.36 54.49 -17.34
CA GLY H 304 4.04 54.04 -18.69
C GLY H 304 4.38 55.07 -19.74
N MET H 305 4.68 54.61 -20.95
CA MET H 305 4.96 55.48 -22.06
C MET H 305 4.88 54.67 -23.35
N SER H 306 4.55 55.37 -24.45
CA SER H 306 4.60 54.78 -25.78
C SER H 306 5.65 55.46 -26.66
N SER H 307 6.37 56.43 -26.11
CA SER H 307 7.46 57.11 -26.84
C SER H 307 8.52 57.66 -25.88
N LEU H 308 9.64 58.10 -26.45
CA LEU H 308 10.73 58.69 -25.66
C LEU H 308 10.39 60.10 -25.20
N GLU H 309 9.76 60.88 -26.07
CA GLU H 309 9.30 62.23 -25.72
C GLU H 309 8.34 62.21 -24.52
N GLN H 310 7.57 61.12 -24.40
CA GLN H 310 6.68 60.92 -23.26
C GLN H 310 7.43 60.59 -22.00
N LEU H 311 8.46 59.74 -22.11
CA LEU H 311 9.22 59.32 -20.92
C LEU H 311 9.95 60.49 -20.29
N GLU H 312 10.69 61.24 -21.11
CA GLU H 312 11.39 62.43 -20.64
C GLU H 312 10.39 63.38 -19.96
N GLN H 313 9.23 63.55 -20.58
CA GLN H 313 8.14 64.38 -20.04
C GLN H 313 7.68 63.89 -18.66
N ASN H 314 7.57 62.58 -18.50
CA ASN H 314 7.13 61.96 -17.26
C ASN H 314 8.21 61.94 -16.16
N LEU H 315 9.43 61.55 -16.53
CA LEU H 315 10.55 61.51 -15.57
C LEU H 315 10.83 62.88 -14.94
N ALA H 316 10.55 63.93 -15.69
CA ALA H 316 10.64 65.29 -15.16
C ALA H 316 9.61 65.49 -14.06
N ALA H 317 8.34 65.18 -14.38
CA ALA H 317 7.23 65.30 -13.43
C ALA H 317 7.43 64.49 -12.13
N ALA H 318 8.12 63.36 -12.24
CA ALA H 318 8.48 62.54 -11.08
C ALA H 318 9.32 63.33 -10.06
N GLU H 319 10.28 64.09 -10.57
CA GLU H 319 11.19 64.86 -9.73
C GLU H 319 10.62 66.19 -9.28
N GLU H 320 9.59 66.69 -9.96
CA GLU H 320 8.91 67.92 -9.52
C GLU H 320 8.32 67.77 -8.10
N GLY H 321 8.07 68.92 -7.46
CA GLY H 321 7.63 68.96 -6.07
C GLY H 321 6.13 68.78 -5.91
N PRO H 322 5.63 68.93 -4.68
CA PRO H 322 4.20 68.79 -4.37
C PRO H 322 3.34 69.91 -4.93
N LEU H 323 2.03 69.73 -4.82
CA LEU H 323 1.04 70.63 -5.44
C LEU H 323 0.37 71.49 -4.39
N GLU H 324 -0.15 72.65 -4.83
CA GLU H 324 -0.97 73.50 -3.96
C GLU H 324 -2.17 72.71 -3.41
N PRO H 325 -2.59 73.01 -2.17
CA PRO H 325 -3.66 72.24 -1.55
C PRO H 325 -5.00 72.34 -2.29
N ALA H 326 -5.28 73.47 -2.92
CA ALA H 326 -6.51 73.66 -3.68
C ALA H 326 -6.64 72.67 -4.85
N VAL H 327 -5.50 72.32 -5.47
CA VAL H 327 -5.47 71.35 -6.56
C VAL H 327 -5.68 69.92 -6.06
N VAL H 328 -5.01 69.58 -4.96
CA VAL H 328 -5.19 68.27 -4.32
C VAL H 328 -6.64 68.06 -3.88
N ASP H 329 -7.30 69.15 -3.48
CA ASP H 329 -8.74 69.12 -3.18
C ASP H 329 -9.57 68.82 -4.43
N ALA H 330 -9.15 69.40 -5.55
CA ALA H 330 -9.86 69.21 -6.81
C ALA H 330 -9.74 67.76 -7.29
N PHE H 331 -8.54 67.18 -7.20
CA PHE H 331 -8.36 65.76 -7.51
C PHE H 331 -9.27 64.90 -6.65
N ASN H 332 -9.29 65.23 -5.37
CA ASN H 332 -10.17 64.54 -4.44
C ASN H 332 -11.64 64.67 -4.83
N GLN H 333 -12.05 65.88 -5.22
CA GLN H 333 -13.43 66.11 -5.68
C GLN H 333 -13.76 65.29 -6.94
N ALA H 334 -12.76 65.14 -7.81
CA ALA H 334 -12.90 64.41 -9.07
C ALA H 334 -13.00 62.92 -8.81
N TRP H 335 -12.25 62.44 -7.83
CA TRP H 335 -12.34 61.03 -7.41
C TRP H 335 -13.73 60.73 -6.86
N HIS H 336 -14.24 61.62 -6.02
CA HIS H 336 -15.60 61.47 -5.49
C HIS H 336 -16.66 61.44 -6.59
N LEU H 337 -16.37 62.09 -7.70
CA LEU H 337 -17.26 62.10 -8.85
C LEU H 337 -17.39 60.70 -9.44
N VAL H 338 -16.28 59.99 -9.56
CA VAL H 338 -16.23 58.71 -10.26
C VAL H 338 -16.20 57.46 -9.38
N ALA H 339 -16.12 57.63 -8.07
CA ALA H 339 -15.88 56.51 -7.14
C ALA H 339 -16.89 55.37 -7.30
N HIS H 340 -18.15 55.75 -7.50
CA HIS H 340 -19.24 54.80 -7.68
C HIS H 340 -19.08 53.95 -8.94
N GLU H 341 -18.42 54.50 -9.96
CA GLU H 341 -18.22 53.81 -11.25
C GLU H 341 -16.76 53.38 -11.40
N CYS H 342 -16.10 53.12 -10.29
CA CYS H 342 -14.66 52.83 -10.30
C CYS H 342 -14.39 51.36 -10.62
N PRO H 343 -13.36 51.09 -11.44
CA PRO H 343 -12.99 49.72 -11.75
C PRO H 343 -12.35 48.98 -10.60
N ASN H 344 -12.66 47.69 -10.47
CA ASN H 344 -12.08 46.86 -9.44
C ASN H 344 -10.58 46.72 -9.66
N TYR H 345 -9.83 46.66 -8.56
CA TYR H 345 -8.39 46.47 -8.62
C TYR H 345 -8.00 45.01 -8.76
N PHE H 346 -9.00 44.12 -8.78
CA PHE H 346 -8.78 42.66 -8.74
C PHE H 346 -9.59 41.91 -9.80
N ARG H 347 -8.97 40.91 -10.41
CA ARG H 347 -9.59 40.04 -11.43
C ARG H 347 -10.02 38.70 -10.80
N PRO I 26 -11.07 20.57 -53.74
CA PRO I 26 -11.28 21.46 -52.58
C PRO I 26 -10.34 22.67 -52.55
N ALA I 27 -10.91 23.85 -52.30
CA ALA I 27 -10.18 25.12 -52.41
C ALA I 27 -9.03 25.24 -51.42
N THR I 28 -8.16 26.23 -51.65
CA THR I 28 -7.07 26.54 -50.73
C THR I 28 -7.07 28.02 -50.31
N VAL I 29 -7.07 28.26 -49.01
CA VAL I 29 -7.10 29.62 -48.43
C VAL I 29 -5.81 29.86 -47.63
N LEU I 30 -5.30 31.09 -47.68
CA LEU I 30 -4.03 31.42 -47.03
C LEU I 30 -4.22 31.82 -45.57
N GLY I 31 -3.64 31.03 -44.66
CA GLY I 31 -3.70 31.33 -43.24
C GLY I 31 -2.71 32.39 -42.83
N ALA I 32 -3.22 33.59 -42.51
CA ALA I 32 -2.38 34.75 -42.25
C ALA I 32 -2.14 34.99 -40.76
N MET I 33 -2.19 33.92 -39.95
CA MET I 33 -2.07 34.05 -38.50
C MET I 33 -0.64 34.39 -38.08
N GLU I 34 0.35 33.80 -38.76
CA GLU I 34 1.72 33.96 -38.34
C GLU I 34 2.35 35.25 -38.91
N MET I 35 1.60 35.96 -39.74
CA MET I 35 2.05 37.23 -40.30
C MET I 35 2.05 38.28 -39.20
N GLY I 36 3.21 38.87 -38.94
CA GLY I 36 3.39 39.81 -37.84
C GLY I 36 4.01 39.15 -36.62
N ARG I 37 3.88 37.83 -36.51
CA ARG I 37 4.41 37.06 -35.39
C ARG I 37 5.73 36.41 -35.83
N ARG I 38 5.66 35.26 -36.49
CA ARG I 38 6.87 34.55 -36.91
C ARG I 38 7.42 35.10 -38.23
N MET I 39 6.56 35.62 -39.09
CA MET I 39 6.97 36.18 -40.38
C MET I 39 6.91 37.70 -40.34
N ASP I 40 8.02 38.36 -40.67
CA ASP I 40 8.04 39.82 -40.74
C ASP I 40 7.24 40.31 -41.95
N ALA I 41 7.17 41.63 -42.13
CA ALA I 41 6.44 42.22 -43.27
C ALA I 41 6.92 41.72 -44.65
N PRO I 42 8.24 41.81 -44.93
CA PRO I 42 8.83 41.23 -46.13
C PRO I 42 8.52 39.74 -46.38
N THR I 43 8.77 38.88 -45.39
CA THR I 43 8.51 37.44 -45.54
C THR I 43 7.02 37.17 -45.84
N SER I 44 6.15 37.95 -45.22
CA SER I 44 4.70 37.80 -45.42
C SER I 44 4.28 38.22 -46.83
N ALA I 45 4.84 39.32 -47.32
CA ALA I 45 4.57 39.79 -48.68
C ALA I 45 5.04 38.77 -49.71
N ALA I 46 6.21 38.19 -49.46
CA ALA I 46 6.76 37.14 -50.31
C ALA I 46 5.83 35.93 -50.37
N VAL I 47 5.32 35.53 -49.21
CA VAL I 47 4.40 34.40 -49.09
C VAL I 47 3.08 34.66 -49.82
N THR I 48 2.53 35.86 -49.67
CA THR I 48 1.32 36.24 -50.39
C THR I 48 1.52 36.22 -51.93
N ARG I 49 2.68 36.71 -52.38
CA ARG I 49 3.03 36.68 -53.79
C ARG I 49 3.06 35.24 -54.31
N ALA I 50 3.70 34.35 -53.54
CA ALA I 50 3.81 32.94 -53.90
C ALA I 50 2.46 32.27 -54.00
N PHE I 51 1.64 32.52 -52.99
CA PHE I 51 0.29 31.96 -52.87
C PHE I 51 -0.58 32.33 -54.05
N LEU I 52 -0.58 33.62 -54.40
CA LEU I 52 -1.41 34.10 -55.51
C LEU I 52 -0.86 33.65 -56.88
N GLU I 53 0.46 33.52 -57.00
CA GLU I 53 1.09 33.04 -58.24
C GLU I 53 0.84 31.55 -58.52
N ARG I 54 0.18 30.84 -57.61
CA ARG I 54 -0.36 29.50 -57.87
C ARG I 54 -1.84 29.55 -58.23
N GLY I 55 -2.38 30.74 -58.44
CA GLY I 55 -3.77 30.91 -58.87
C GLY I 55 -4.82 30.91 -57.76
N HIS I 56 -4.39 30.76 -56.50
CA HIS I 56 -5.32 30.80 -55.36
C HIS I 56 -5.74 32.24 -55.10
N THR I 57 -6.79 32.41 -54.30
CA THR I 57 -7.54 33.67 -54.30
C THR I 57 -7.85 34.30 -52.93
N GLU I 58 -8.09 33.48 -51.92
CA GLU I 58 -8.66 33.96 -50.65
C GLU I 58 -7.68 33.89 -49.46
N ILE I 59 -7.78 34.87 -48.55
CA ILE I 59 -6.87 34.97 -47.39
C ILE I 59 -7.65 35.10 -46.09
N ASP I 60 -7.20 34.35 -45.08
CA ASP I 60 -7.83 34.33 -43.76
C ASP I 60 -6.98 35.02 -42.70
N THR I 61 -7.52 36.08 -42.13
CA THR I 61 -6.90 36.77 -41.02
C THR I 61 -7.96 37.01 -39.94
N ALA I 62 -7.59 37.78 -38.93
CA ALA I 62 -8.48 38.03 -37.81
C ALA I 62 -8.03 39.29 -37.05
N PHE I 63 -9.01 39.95 -36.43
CA PHE I 63 -8.77 41.15 -35.61
C PHE I 63 -7.67 40.95 -34.58
N VAL I 64 -7.57 39.75 -34.05
CA VAL I 64 -6.74 39.49 -32.89
C VAL I 64 -5.34 39.00 -33.26
N TYR I 65 -5.15 38.55 -34.50
CA TYR I 65 -3.89 37.91 -34.89
C TYR I 65 -2.71 38.89 -34.81
N SER I 66 -1.64 38.41 -34.15
CA SER I 66 -0.44 39.20 -33.83
C SER I 66 -0.74 40.66 -33.44
N GLU I 67 -1.57 40.81 -32.41
CA GLU I 67 -1.97 42.12 -31.87
C GLU I 67 -2.39 43.13 -32.95
N GLY I 68 -2.91 42.61 -34.07
CA GLY I 68 -3.35 43.44 -35.18
C GLY I 68 -2.33 43.67 -36.28
N GLN I 69 -1.10 43.18 -36.10
CA GLN I 69 -0.04 43.36 -37.10
C GLN I 69 -0.29 42.55 -38.38
N SER I 70 -1.04 41.45 -38.28
CA SER I 70 -1.41 40.65 -39.46
C SER I 70 -2.25 41.46 -40.44
N GLU I 71 -3.41 41.93 -39.98
CA GLU I 71 -4.30 42.75 -40.80
C GLU I 71 -3.59 43.99 -41.37
N THR I 72 -2.70 44.59 -40.58
CA THR I 72 -1.99 45.80 -41.02
C THR I 72 -0.98 45.49 -42.11
N ILE I 73 -0.31 44.34 -42.02
CA ILE I 73 0.63 43.92 -43.07
C ILE I 73 -0.10 43.75 -44.40
N LEU I 74 -1.15 42.93 -44.39
CA LEU I 74 -1.97 42.65 -45.59
C LEU I 74 -2.55 43.93 -46.19
N GLY I 75 -3.02 44.83 -45.32
CA GLY I 75 -3.55 46.12 -45.74
C GLY I 75 -2.55 47.01 -46.46
N GLY I 76 -1.26 46.78 -46.20
CA GLY I 76 -0.18 47.52 -46.83
C GLY I 76 0.53 46.82 -47.98
N LEU I 77 -0.09 45.79 -48.55
CA LEU I 77 0.47 45.09 -49.71
C LEU I 77 -0.10 45.62 -51.03
N GLY I 78 -0.83 46.73 -50.97
CA GLY I 78 -1.40 47.36 -52.15
C GLY I 78 -2.25 46.44 -53.01
N LEU I 79 -3.03 45.58 -52.36
CA LEU I 79 -3.93 44.67 -53.06
C LEU I 79 -5.29 45.30 -53.35
N ARG I 80 -5.43 46.59 -53.05
CA ARG I 80 -6.68 47.30 -53.28
C ARG I 80 -7.88 46.47 -52.82
N LEU I 81 -7.77 45.91 -51.61
CA LEU I 81 -8.76 44.96 -51.09
C LEU I 81 -10.17 45.54 -51.06
N GLY I 82 -11.17 44.66 -51.16
CA GLY I 82 -12.58 45.07 -51.07
C GLY I 82 -13.14 45.85 -52.25
N GLY I 83 -12.28 46.24 -53.17
CA GLY I 83 -12.71 46.95 -54.36
C GLY I 83 -13.31 45.99 -55.39
N SER I 84 -13.88 46.55 -56.44
CA SER I 84 -14.39 45.75 -57.56
C SER I 84 -13.25 45.35 -58.50
N ASP I 85 -12.34 46.28 -58.78
CA ASP I 85 -11.08 45.98 -59.48
C ASP I 85 -10.11 45.29 -58.51
N CYS I 86 -10.46 44.06 -58.11
CA CYS I 86 -9.72 43.30 -57.10
C CYS I 86 -9.96 41.79 -57.24
N ARG I 87 -8.88 41.05 -57.50
CA ARG I 87 -8.94 39.59 -57.64
C ARG I 87 -8.96 38.86 -56.29
N VAL I 88 -8.29 39.42 -55.28
CA VAL I 88 -8.12 38.77 -53.97
C VAL I 88 -9.32 38.94 -53.05
N LYS I 89 -9.70 37.85 -52.37
CA LYS I 89 -10.78 37.86 -51.40
C LYS I 89 -10.20 37.83 -49.97
N ILE I 90 -10.78 38.61 -49.06
CA ILE I 90 -10.24 38.73 -47.69
C ILE I 90 -11.25 38.36 -46.61
N ASP I 91 -10.77 37.62 -45.62
CA ASP I 91 -11.59 37.14 -44.51
C ASP I 91 -11.07 37.64 -43.17
N THR I 92 -11.95 38.13 -42.31
CA THR I 92 -11.55 38.49 -40.95
C THR I 92 -12.61 38.11 -39.93
N LYS I 93 -12.30 38.32 -38.65
CA LYS I 93 -13.14 37.82 -37.54
C LYS I 93 -13.19 38.79 -36.37
N ALA I 94 -14.25 38.68 -35.56
CA ALA I 94 -14.38 39.42 -34.32
C ALA I 94 -14.49 38.42 -33.18
N ILE I 95 -13.77 38.63 -32.07
CA ILE I 95 -13.84 37.69 -30.93
C ILE I 95 -14.49 38.28 -29.68
N PRO I 96 -15.01 37.40 -28.81
CA PRO I 96 -15.46 37.77 -27.49
C PRO I 96 -14.45 37.41 -26.39
N LEU I 97 -13.15 37.49 -26.68
CA LEU I 97 -12.14 37.34 -25.63
C LEU I 97 -11.58 38.70 -25.27
N PHE I 98 -10.85 38.75 -24.16
CA PHE I 98 -10.20 39.97 -23.70
C PHE I 98 -11.29 41.00 -23.41
N GLY I 99 -11.03 42.28 -23.61
CA GLY I 99 -12.07 43.28 -23.34
C GLY I 99 -13.32 43.09 -24.18
N ASN I 100 -13.20 42.31 -25.24
CA ASN I 100 -14.16 42.33 -26.33
C ASN I 100 -15.31 41.37 -26.12
N SER I 101 -16.45 41.73 -26.70
CA SER I 101 -17.62 40.90 -26.74
C SER I 101 -18.07 40.83 -28.18
N LEU I 102 -19.13 40.09 -28.41
CA LEU I 102 -19.85 40.11 -29.68
C LEU I 102 -21.15 40.90 -29.53
N LYS I 103 -21.24 41.73 -28.49
CA LYS I 103 -22.35 42.65 -28.35
C LYS I 103 -22.19 43.67 -29.49
N PRO I 104 -23.30 44.32 -29.89
CA PRO I 104 -23.29 45.19 -31.06
C PRO I 104 -22.15 46.19 -31.09
N ASP I 105 -21.96 46.92 -30.00
CA ASP I 105 -20.94 47.97 -29.97
C ASP I 105 -19.53 47.42 -30.22
N SER I 106 -19.13 46.40 -29.47
CA SER I 106 -17.81 45.79 -29.62
C SER I 106 -17.65 45.22 -31.02
N LEU I 107 -18.70 44.58 -31.49
CA LEU I 107 -18.71 43.97 -32.81
C LEU I 107 -18.30 44.98 -33.88
N ARG I 108 -18.89 46.18 -33.81
CA ARG I 108 -18.57 47.26 -34.74
C ARG I 108 -17.13 47.70 -34.62
N PHE I 109 -16.70 48.06 -33.40
CA PHE I 109 -15.32 48.50 -33.16
C PHE I 109 -14.30 47.57 -33.82
N GLN I 110 -14.53 46.27 -33.69
CA GLN I 110 -13.59 45.26 -34.16
C GLN I 110 -13.54 45.20 -35.68
N LEU I 111 -14.70 45.24 -36.32
CA LEU I 111 -14.77 45.23 -37.78
C LEU I 111 -14.22 46.53 -38.36
N GLU I 112 -14.71 47.65 -37.84
CA GLU I 112 -14.28 48.96 -38.32
C GLU I 112 -12.77 49.12 -38.22
N THR I 113 -12.17 48.57 -37.17
CA THR I 113 -10.71 48.58 -37.05
C THR I 113 -10.08 47.66 -38.08
N SER I 114 -10.63 46.47 -38.26
CA SER I 114 -10.12 45.53 -39.27
C SER I 114 -10.11 46.19 -40.65
N LEU I 115 -11.16 46.95 -40.94
CA LEU I 115 -11.26 47.68 -42.22
C LEU I 115 -10.16 48.76 -42.36
N LYS I 116 -10.05 49.62 -41.35
CA LYS I 116 -9.03 50.68 -41.35
C LYS I 116 -7.61 50.12 -41.47
N ARG I 117 -7.37 48.94 -40.89
CA ARG I 117 -6.07 48.28 -40.99
C ARG I 117 -5.83 47.71 -42.38
N LEU I 118 -6.83 46.97 -42.88
CA LEU I 118 -6.78 46.35 -44.21
C LEU I 118 -6.89 47.36 -45.34
N GLN I 119 -7.13 48.63 -44.99
CA GLN I 119 -7.22 49.74 -45.95
C GLN I 119 -8.27 49.45 -47.01
N CYS I 120 -9.46 49.02 -46.57
CA CYS I 120 -10.52 48.66 -47.51
C CYS I 120 -11.89 49.06 -46.94
N PRO I 121 -12.89 49.20 -47.83
CA PRO I 121 -14.23 49.60 -47.45
C PRO I 121 -15.08 48.43 -46.98
N ARG I 122 -14.75 47.21 -47.42
CA ARG I 122 -15.45 46.02 -46.96
C ARG I 122 -14.64 44.73 -47.09
N VAL I 123 -14.97 43.76 -46.23
CA VAL I 123 -14.36 42.44 -46.27
C VAL I 123 -15.30 41.48 -46.98
N ASP I 124 -14.73 40.43 -47.55
CA ASP I 124 -15.48 39.48 -48.35
C ASP I 124 -16.16 38.43 -47.46
N LEU I 125 -15.56 38.16 -46.31
CA LEU I 125 -16.12 37.24 -45.33
C LEU I 125 -15.85 37.74 -43.90
N PHE I 126 -16.88 37.69 -43.05
CA PHE I 126 -16.77 38.20 -41.69
C PHE I 126 -17.25 37.17 -40.69
N TYR I 127 -16.31 36.58 -39.93
CA TYR I 127 -16.65 35.52 -38.99
C TYR I 127 -16.95 36.03 -37.60
N LEU I 128 -17.83 35.33 -36.89
CA LEU I 128 -17.84 35.35 -35.45
C LEU I 128 -16.82 34.29 -35.04
N HIS I 129 -15.69 34.73 -34.50
CA HIS I 129 -14.54 33.89 -34.22
C HIS I 129 -14.86 32.74 -33.27
N MET I 130 -15.67 33.03 -32.24
CA MET I 130 -16.05 32.09 -31.19
C MET I 130 -17.37 32.50 -30.57
N PRO I 131 -18.07 31.55 -29.95
CA PRO I 131 -19.26 31.87 -29.19
C PRO I 131 -18.99 32.86 -28.05
N ASP I 132 -19.91 33.80 -27.85
CA ASP I 132 -19.90 34.72 -26.71
C ASP I 132 -21.00 34.28 -25.75
N HIS I 133 -20.67 33.36 -24.86
CA HIS I 133 -21.67 32.78 -23.98
C HIS I 133 -22.32 33.78 -23.02
N SER I 134 -21.82 35.02 -22.97
CA SER I 134 -22.41 36.05 -22.13
C SER I 134 -23.30 37.03 -22.89
N THR I 135 -23.48 36.82 -24.20
CA THR I 135 -24.30 37.69 -25.03
C THR I 135 -25.32 36.86 -25.82
N PRO I 136 -26.62 37.14 -25.64
CA PRO I 136 -27.63 36.41 -26.41
C PRO I 136 -27.33 36.50 -27.90
N VAL I 137 -27.38 35.37 -28.58
CA VAL I 137 -26.95 35.30 -29.97
C VAL I 137 -27.82 36.19 -30.88
N GLU I 138 -29.07 36.39 -30.48
CA GLU I 138 -29.97 37.32 -31.19
C GLU I 138 -29.38 38.72 -31.37
N GLU I 139 -28.90 39.30 -30.28
CA GLU I 139 -28.33 40.64 -30.31
C GLU I 139 -27.19 40.75 -31.32
N THR I 140 -26.31 39.76 -31.31
CA THR I 140 -25.16 39.73 -32.21
C THR I 140 -25.58 39.70 -33.68
N LEU I 141 -26.49 38.80 -34.01
CA LEU I 141 -26.89 38.60 -35.39
C LEU I 141 -27.56 39.85 -35.96
N ARG I 142 -28.47 40.44 -35.20
CA ARG I 142 -29.08 41.71 -35.59
C ARG I 142 -28.02 42.77 -35.92
N ALA I 143 -26.99 42.83 -35.09
CA ALA I 143 -25.89 43.74 -35.31
C ALA I 143 -25.10 43.37 -36.57
N CYS I 144 -24.94 42.07 -36.83
CA CYS I 144 -24.28 41.62 -38.05
C CYS I 144 -25.07 42.03 -39.28
N HIS I 145 -26.38 41.88 -39.21
CA HIS I 145 -27.26 42.30 -40.29
C HIS I 145 -27.10 43.80 -40.55
N GLN I 146 -27.22 44.60 -39.51
CA GLN I 146 -27.10 46.05 -39.62
C GLN I 146 -25.77 46.47 -40.24
N LEU I 147 -24.71 45.70 -39.96
CA LEU I 147 -23.39 45.95 -40.54
C LEU I 147 -23.32 45.52 -42.01
N HIS I 148 -24.04 44.44 -42.34
CA HIS I 148 -24.12 43.98 -43.73
C HIS I 148 -24.93 44.97 -44.56
N GLN I 149 -26.01 45.48 -43.98
CA GLN I 149 -26.82 46.53 -44.60
C GLN I 149 -25.97 47.75 -44.96
N GLU I 150 -24.94 48.01 -44.17
CA GLU I 150 -24.05 49.15 -44.39
C GLU I 150 -22.90 48.79 -45.33
N GLY I 151 -22.89 47.54 -45.80
CA GLY I 151 -21.92 47.10 -46.80
C GLY I 151 -20.50 46.94 -46.28
N LYS I 152 -20.36 46.66 -44.99
CA LYS I 152 -19.05 46.46 -44.39
C LYS I 152 -18.52 45.05 -44.68
N PHE I 153 -19.42 44.14 -45.06
CA PHE I 153 -19.00 42.80 -45.48
C PHE I 153 -20.00 42.13 -46.42
N VAL I 154 -19.53 41.12 -47.14
CA VAL I 154 -20.34 40.39 -48.13
C VAL I 154 -21.01 39.18 -47.47
N GLU I 155 -20.19 38.28 -46.91
CA GLU I 155 -20.70 37.02 -46.35
C GLU I 155 -20.40 36.90 -44.86
N LEU I 156 -21.36 36.31 -44.14
CA LEU I 156 -21.21 36.06 -42.70
C LEU I 156 -20.70 34.66 -42.45
N GLY I 157 -19.86 34.51 -41.42
CA GLY I 157 -19.26 33.22 -41.11
C GLY I 157 -19.29 32.89 -39.64
N LEU I 158 -19.16 31.61 -39.32
CA LEU I 158 -19.07 31.14 -37.93
C LEU I 158 -17.81 30.30 -37.76
N SER I 159 -17.29 30.29 -36.54
CA SER I 159 -16.16 29.45 -36.22
C SER I 159 -16.21 29.00 -34.75
N ASN I 160 -15.89 27.73 -34.54
CA ASN I 160 -15.88 27.15 -33.20
C ASN I 160 -17.23 27.14 -32.49
N TYR I 161 -18.32 27.28 -33.23
CA TYR I 161 -19.66 27.09 -32.68
C TYR I 161 -20.03 25.62 -32.76
N ALA I 162 -20.79 25.14 -31.80
CA ALA I 162 -21.30 23.78 -31.81
C ALA I 162 -22.33 23.66 -32.91
N ALA I 163 -22.43 22.47 -33.48
CA ALA I 163 -23.38 22.21 -34.56
C ALA I 163 -24.74 22.80 -34.21
N TRP I 164 -25.20 22.52 -33.00
CA TRP I 164 -26.52 22.97 -32.59
C TRP I 164 -26.64 24.49 -32.45
N GLU I 165 -25.54 25.15 -32.11
CA GLU I 165 -25.55 26.59 -32.05
C GLU I 165 -25.69 27.15 -33.46
N VAL I 166 -25.09 26.47 -34.44
CA VAL I 166 -25.22 26.88 -35.84
C VAL I 166 -26.67 26.74 -36.29
N ALA I 167 -27.29 25.60 -35.94
CA ALA I 167 -28.68 25.33 -36.27
C ALA I 167 -29.60 26.41 -35.72
N GLU I 168 -29.35 26.82 -34.48
CA GLU I 168 -30.09 27.92 -33.86
C GLU I 168 -29.95 29.22 -34.65
N ILE I 169 -28.71 29.58 -34.95
CA ILE I 169 -28.43 30.83 -35.62
C ILE I 169 -29.14 30.92 -36.95
N CYS I 170 -29.00 29.88 -37.77
CA CYS I 170 -29.56 29.88 -39.11
C CYS I 170 -31.07 29.99 -39.10
N THR I 171 -31.71 29.27 -38.18
CA THR I 171 -33.15 29.30 -38.06
C THR I 171 -33.63 30.69 -37.62
N LEU I 172 -32.87 31.35 -36.74
CA LEU I 172 -33.21 32.71 -36.29
C LEU I 172 -33.10 33.71 -37.43
N CYS I 173 -32.12 33.54 -38.29
CA CYS I 173 -31.92 34.44 -39.42
C CYS I 173 -33.01 34.30 -40.46
N LYS I 174 -33.33 33.06 -40.83
CA LYS I 174 -34.43 32.81 -41.76
C LYS I 174 -35.64 33.57 -41.28
N SER I 175 -36.02 33.31 -40.03
CA SER I 175 -37.27 33.82 -39.46
C SER I 175 -37.25 35.32 -39.12
N ASN I 176 -36.06 35.90 -38.92
CA ASN I 176 -35.91 37.34 -38.71
C ASN I 176 -35.43 38.07 -39.97
N GLY I 177 -35.26 37.33 -41.06
CA GLY I 177 -34.82 37.91 -42.33
C GLY I 177 -33.45 38.57 -42.27
N TRP I 178 -32.56 38.02 -41.44
CA TRP I 178 -31.17 38.49 -41.39
C TRP I 178 -30.30 37.65 -42.30
N ILE I 179 -29.12 38.18 -42.61
CA ILE I 179 -28.17 37.47 -43.44
C ILE I 179 -27.82 36.17 -42.74
N LEU I 180 -27.85 35.07 -43.50
CA LEU I 180 -27.47 33.76 -42.97
C LEU I 180 -25.97 33.57 -43.07
N PRO I 181 -25.38 32.88 -42.09
CA PRO I 181 -23.99 32.50 -42.25
C PRO I 181 -23.90 31.45 -43.34
N THR I 182 -22.86 31.54 -44.15
CA THR I 182 -22.67 30.69 -45.32
C THR I 182 -21.34 29.93 -45.30
N VAL I 183 -20.47 30.25 -44.34
CA VAL I 183 -19.17 29.60 -44.21
C VAL I 183 -18.93 29.24 -42.75
N TYR I 184 -18.47 28.02 -42.51
CA TYR I 184 -18.04 27.60 -41.18
C TYR I 184 -16.55 27.30 -41.23
N GLN I 185 -15.80 27.83 -40.26
CA GLN I 185 -14.39 27.57 -40.17
C GLN I 185 -14.15 26.72 -38.95
N GLY I 186 -13.64 25.50 -39.17
CA GLY I 186 -13.52 24.53 -38.08
C GLY I 186 -12.22 23.75 -38.02
N MET I 187 -11.96 23.18 -36.85
CA MET I 187 -10.77 22.38 -36.59
C MET I 187 -10.92 21.00 -37.26
N TYR I 188 -10.09 20.73 -38.26
CA TYR I 188 -10.19 19.47 -38.99
C TYR I 188 -8.83 19.01 -39.53
N ASN I 189 -8.48 17.77 -39.23
CA ASN I 189 -7.29 17.14 -39.81
C ASN I 189 -7.34 15.62 -39.73
N ALA I 190 -6.36 14.97 -40.35
CA ALA I 190 -6.32 13.51 -40.44
C ALA I 190 -6.44 12.77 -39.11
N ILE I 191 -5.96 13.36 -38.01
CA ILE I 191 -6.08 12.76 -36.67
C ILE I 191 -7.09 13.51 -35.75
N THR I 192 -7.92 14.39 -36.32
CA THR I 192 -8.94 15.15 -35.55
C THR I 192 -10.25 15.35 -36.33
N ARG I 193 -11.24 14.49 -36.09
CA ARG I 193 -12.39 14.37 -36.96
C ARG I 193 -13.71 14.47 -36.25
N GLN I 194 -13.76 15.22 -35.15
CA GLN I 194 -14.98 15.29 -34.39
C GLN I 194 -16.09 15.97 -35.19
N VAL I 195 -15.69 16.94 -36.03
CA VAL I 195 -16.63 17.69 -36.84
C VAL I 195 -17.51 16.79 -37.72
N GLU I 196 -16.96 15.65 -38.14
CA GLU I 196 -17.65 14.72 -39.03
C GLU I 196 -19.02 14.25 -38.53
N THR I 197 -19.13 13.97 -37.23
CA THR I 197 -20.31 13.29 -36.69
C THR I 197 -21.60 14.11 -36.77
N GLU I 198 -21.55 15.36 -36.30
CA GLU I 198 -22.74 16.21 -36.26
C GLU I 198 -22.62 17.49 -37.08
N LEU I 199 -21.46 18.14 -37.04
CA LEU I 199 -21.32 19.43 -37.70
C LEU I 199 -21.57 19.33 -39.20
N PHE I 200 -20.93 18.38 -39.85
CA PHE I 200 -21.01 18.29 -41.30
C PHE I 200 -22.44 18.07 -41.81
N PRO I 201 -23.13 17.03 -41.31
CA PRO I 201 -24.55 16.85 -41.60
C PRO I 201 -25.36 18.14 -41.47
N CYS I 202 -25.09 18.89 -40.39
CA CYS I 202 -25.76 20.16 -40.13
C CYS I 202 -25.42 21.19 -41.19
N LEU I 203 -24.14 21.34 -41.48
CA LEU I 203 -23.68 22.31 -42.46
C LEU I 203 -24.26 22.05 -43.84
N ARG I 204 -24.29 20.78 -44.26
CA ARG I 204 -24.83 20.45 -45.57
C ARG I 204 -26.33 20.76 -45.60
N HIS I 205 -27.02 20.57 -44.47
CA HIS I 205 -28.46 20.84 -44.40
C HIS I 205 -28.78 22.33 -44.53
N PHE I 206 -27.98 23.19 -43.90
CA PHE I 206 -28.20 24.64 -43.92
C PHE I 206 -27.41 25.34 -45.03
N GLY I 207 -26.60 24.57 -45.75
CA GLY I 207 -25.91 25.07 -46.94
C GLY I 207 -24.66 25.88 -46.66
N LEU I 208 -24.01 25.63 -45.53
CA LEU I 208 -22.73 26.27 -45.24
C LEU I 208 -21.59 25.46 -45.82
N ARG I 209 -20.55 26.15 -46.30
CA ARG I 209 -19.33 25.48 -46.73
C ARG I 209 -18.29 25.51 -45.61
N PHE I 210 -17.46 24.48 -45.56
CA PHE I 210 -16.56 24.28 -44.45
C PHE I 210 -15.12 24.58 -44.82
N TYR I 211 -14.48 25.46 -44.05
CA TYR I 211 -13.06 25.78 -44.21
C TYR I 211 -12.28 25.15 -43.06
N ALA I 212 -11.30 24.31 -43.39
CA ALA I 212 -10.54 23.59 -42.35
C ALA I 212 -9.35 24.40 -41.88
N PHE I 213 -9.20 24.50 -40.55
CA PHE I 213 -7.97 25.00 -39.94
C PHE I 213 -7.31 23.90 -39.12
N ASN I 214 -6.09 24.15 -38.69
CA ASN I 214 -5.25 23.12 -38.07
C ASN I 214 -5.07 21.89 -38.96
N PRO I 215 -4.92 22.08 -40.27
CA PRO I 215 -4.83 20.90 -41.13
C PRO I 215 -3.60 20.01 -40.88
N LEU I 216 -2.54 20.58 -40.30
CA LEU I 216 -1.37 19.79 -39.92
C LEU I 216 -1.28 19.65 -38.41
N ALA I 217 -2.39 19.86 -37.72
CA ALA I 217 -2.38 19.86 -36.27
C ALA I 217 -1.24 20.73 -35.74
N GLY I 218 -1.15 21.97 -36.24
CA GLY I 218 -0.17 22.93 -35.78
C GLY I 218 1.25 22.58 -36.19
N GLY I 219 1.40 21.65 -37.13
CA GLY I 219 2.70 21.13 -37.47
C GLY I 219 3.02 19.77 -36.88
N LEU I 220 2.21 19.28 -35.95
CA LEU I 220 2.48 17.98 -35.35
C LEU I 220 2.52 16.88 -36.41
N LEU I 221 1.62 16.98 -37.37
CA LEU I 221 1.50 15.98 -38.45
C LEU I 221 2.59 16.09 -39.53
N THR I 222 3.48 17.08 -39.42
CA THR I 222 4.67 17.10 -40.27
C THR I 222 5.67 16.04 -39.81
N GLY I 223 5.50 15.56 -38.58
CA GLY I 223 6.32 14.46 -38.05
C GLY I 223 7.69 14.90 -37.60
N LYS I 224 7.87 16.20 -37.38
CA LYS I 224 9.17 16.76 -37.02
C LYS I 224 9.45 16.74 -35.51
N TYR I 225 8.41 16.48 -34.73
CA TYR I 225 8.56 16.38 -33.27
C TYR I 225 8.56 14.90 -32.85
N LYS I 226 9.13 14.63 -31.67
CA LYS I 226 8.97 13.35 -30.98
C LYS I 226 8.47 13.62 -29.56
N TYR I 227 7.57 12.79 -29.04
CA TYR I 227 6.89 13.04 -27.74
C TYR I 227 7.84 13.51 -26.63
N GLU I 228 9.03 12.94 -26.61
CA GLU I 228 10.00 13.17 -25.54
C GLU I 228 10.64 14.57 -25.55
N ASP I 229 10.27 15.41 -26.53
CA ASP I 229 10.78 16.78 -26.63
C ASP I 229 10.24 17.73 -25.56
N LYS I 230 9.05 17.44 -25.02
CA LYS I 230 8.46 18.29 -23.98
C LYS I 230 9.35 18.37 -22.75
N ASP I 231 10.10 17.29 -22.48
CA ASP I 231 10.98 17.21 -21.31
C ASP I 231 12.38 17.77 -21.56
N GLY I 232 12.80 17.83 -22.83
CA GLY I 232 14.17 18.17 -23.16
C GLY I 232 14.36 19.24 -24.22
N LYS I 233 14.24 18.83 -25.48
CA LYS I 233 14.62 19.68 -26.62
C LYS I 233 13.82 20.98 -26.71
N GLN I 234 12.51 20.87 -26.50
CA GLN I 234 11.60 22.02 -26.51
C GLN I 234 11.91 23.03 -27.63
N PRO I 235 11.78 22.60 -28.90
CA PRO I 235 12.12 23.44 -30.05
C PRO I 235 11.17 24.61 -30.31
N VAL I 236 11.71 25.83 -30.26
CA VAL I 236 10.94 27.05 -30.49
C VAL I 236 10.06 26.91 -31.72
N GLY I 237 8.75 26.80 -31.48
CA GLY I 237 7.77 26.65 -32.56
C GLY I 237 6.36 26.92 -32.09
N ARG I 238 5.39 26.29 -32.76
CA ARG I 238 3.98 26.39 -32.39
C ARG I 238 3.75 25.85 -30.98
N PHE I 239 4.50 24.81 -30.64
CA PHE I 239 4.29 24.08 -29.39
C PHE I 239 5.22 24.49 -28.27
N PHE I 240 6.14 25.42 -28.53
CA PHE I 240 7.10 25.85 -27.50
C PHE I 240 7.48 27.33 -27.58
N GLY I 241 7.47 27.98 -26.41
CA GLY I 241 8.00 29.33 -26.26
C GLY I 241 7.16 30.46 -26.80
N ASN I 242 5.83 30.30 -26.73
CA ASN I 242 4.91 31.41 -26.99
C ASN I 242 3.70 31.32 -26.08
N THR I 243 2.91 32.40 -26.06
CA THR I 243 1.74 32.51 -25.21
C THR I 243 0.82 31.28 -25.31
N TRP I 244 0.62 30.81 -26.54
CA TRP I 244 -0.34 29.74 -26.80
C TRP I 244 0.31 28.37 -26.89
N ALA I 245 1.61 28.30 -26.64
CA ALA I 245 2.33 27.04 -26.61
C ALA I 245 1.60 25.98 -25.80
N GLU I 246 1.22 26.30 -24.57
CA GLU I 246 0.63 25.28 -23.70
C GLU I 246 -0.75 24.83 -24.18
N MET I 247 -1.54 25.76 -24.71
CA MET I 247 -2.84 25.35 -25.24
C MET I 247 -2.67 24.31 -26.33
N TYR I 248 -1.75 24.56 -27.25
CA TYR I 248 -1.52 23.65 -28.38
C TYR I 248 -0.98 22.30 -27.90
N ARG I 249 -0.21 22.32 -26.82
CA ARG I 249 0.21 21.07 -26.20
C ARG I 249 -0.96 20.28 -25.62
N ASN I 250 -1.86 20.96 -24.91
CA ASN I 250 -3.06 20.29 -24.36
C ASN I 250 -3.98 19.78 -25.46
N ARG I 251 -3.92 20.41 -26.64
CA ARG I 251 -4.75 20.01 -27.77
C ARG I 251 -4.22 18.76 -28.47
N TYR I 252 -2.96 18.79 -28.89
CA TYR I 252 -2.39 17.76 -29.78
C TYR I 252 -1.24 16.92 -29.21
N TRP I 253 -0.51 17.44 -28.23
CA TRP I 253 0.69 16.75 -27.76
C TRP I 253 0.35 15.63 -26.76
N LYS I 254 -0.26 14.57 -27.25
CA LYS I 254 -0.57 13.41 -26.40
C LYS I 254 0.24 12.21 -26.88
N GLU I 255 0.46 11.23 -26.00
CA GLU I 255 1.25 10.03 -26.35
C GLU I 255 0.59 9.26 -27.51
N HIS I 256 -0.71 9.05 -27.42
CA HIS I 256 -1.47 8.33 -28.46
C HIS I 256 -1.42 9.01 -29.82
N HIS I 257 -1.23 10.33 -29.87
CA HIS I 257 -1.06 11.02 -31.15
C HIS I 257 0.24 10.59 -31.81
N PHE I 258 1.32 10.56 -31.04
CA PHE I 258 2.63 10.20 -31.58
C PHE I 258 2.70 8.74 -32.03
N GLU I 259 1.95 7.87 -31.35
CA GLU I 259 1.76 6.50 -31.83
C GLU I 259 1.24 6.51 -33.26
N GLY I 260 0.19 7.32 -33.47
CA GLY I 260 -0.53 7.36 -34.73
C GLY I 260 0.31 7.89 -35.88
N ILE I 261 1.12 8.90 -35.62
CA ILE I 261 2.05 9.42 -36.62
C ILE I 261 3.04 8.32 -37.02
N ALA I 262 3.55 7.59 -36.02
CA ALA I 262 4.45 6.46 -36.27
C ALA I 262 3.79 5.41 -37.15
N LEU I 263 2.53 5.11 -36.85
CA LEU I 263 1.74 4.13 -37.60
C LEU I 263 1.61 4.52 -39.08
N VAL I 264 1.39 5.81 -39.33
CA VAL I 264 1.31 6.33 -40.70
C VAL I 264 2.67 6.33 -41.40
N GLU I 265 3.73 6.70 -40.67
CA GLU I 265 5.10 6.68 -41.21
C GLU I 265 5.57 5.29 -41.64
N LYS I 266 5.19 4.27 -40.86
CA LYS I 266 5.49 2.87 -41.21
C LYS I 266 4.68 2.44 -42.43
N ALA I 267 3.42 2.84 -42.50
CA ALA I 267 2.55 2.53 -43.63
C ALA I 267 2.99 3.22 -44.91
N LEU I 268 3.59 4.41 -44.79
CA LEU I 268 4.16 5.12 -45.94
C LEU I 268 5.36 4.39 -46.55
N GLN I 269 6.33 4.05 -45.71
CA GLN I 269 7.51 3.30 -46.17
C GLN I 269 7.10 1.95 -46.78
N ALA I 270 6.11 1.31 -46.19
CA ALA I 270 5.64 0.00 -46.65
C ALA I 270 5.05 0.03 -48.06
N ALA I 271 4.18 1.01 -48.33
CA ALA I 271 3.46 1.07 -49.60
C ALA I 271 4.18 1.85 -50.70
N TYR I 272 5.13 2.72 -50.33
CA TYR I 272 5.83 3.57 -51.30
C TYR I 272 7.35 3.35 -51.33
N GLY I 273 7.93 2.93 -50.21
CA GLY I 273 9.36 2.61 -50.14
C GLY I 273 10.28 3.81 -50.15
N ALA I 274 11.32 3.75 -51.00
CA ALA I 274 12.25 4.85 -51.19
C ALA I 274 11.56 6.09 -51.73
N SER I 275 10.60 5.89 -52.63
CA SER I 275 9.86 6.98 -53.26
C SER I 275 8.78 7.59 -52.34
N ALA I 276 8.81 7.25 -51.06
CA ALA I 276 7.80 7.70 -50.09
C ALA I 276 7.82 9.22 -49.89
N PRO I 277 6.63 9.85 -49.90
CA PRO I 277 6.55 11.29 -49.67
C PRO I 277 6.66 11.65 -48.19
N SER I 278 7.03 12.90 -47.91
CA SER I 278 7.03 13.42 -46.54
C SER I 278 5.62 13.33 -46.04
N MET I 279 5.43 13.19 -44.74
CA MET I 279 4.07 13.04 -44.24
C MET I 279 3.44 14.37 -43.86
N THR I 280 4.19 15.45 -44.04
CA THR I 280 3.59 16.75 -44.27
C THR I 280 2.69 16.62 -45.49
N SER I 281 3.28 16.09 -46.57
CA SER I 281 2.61 15.94 -47.87
C SER I 281 1.44 14.96 -47.74
N ALA I 282 1.69 13.81 -47.11
CA ALA I 282 0.67 12.80 -46.89
C ALA I 282 -0.53 13.35 -46.14
N THR I 283 -0.27 14.11 -45.08
CA THR I 283 -1.33 14.66 -44.26
C THR I 283 -2.20 15.65 -45.03
N LEU I 284 -1.56 16.53 -45.80
CA LEU I 284 -2.30 17.50 -46.60
C LEU I 284 -3.12 16.79 -47.67
N ARG I 285 -2.51 15.82 -48.33
CA ARG I 285 -3.19 15.07 -49.37
C ARG I 285 -4.42 14.34 -48.83
N TRP I 286 -4.38 13.94 -47.55
CA TRP I 286 -5.54 13.32 -46.93
C TRP I 286 -6.72 14.28 -46.88
N MET I 287 -6.45 15.54 -46.56
CA MET I 287 -7.50 16.57 -46.49
C MET I 287 -8.10 16.82 -47.86
N TYR I 288 -7.23 17.00 -48.86
CA TYR I 288 -7.68 17.33 -50.20
C TYR I 288 -8.41 16.18 -50.90
N HIS I 289 -7.95 14.95 -50.71
CA HIS I 289 -8.49 13.82 -51.47
C HIS I 289 -9.40 12.86 -50.69
N HIS I 290 -9.12 12.62 -49.41
CA HIS I 290 -9.79 11.54 -48.66
C HIS I 290 -10.62 11.95 -47.45
N SER I 291 -10.80 13.26 -47.24
CA SER I 291 -11.59 13.75 -46.11
C SER I 291 -13.04 13.88 -46.54
N GLN I 292 -13.86 14.46 -45.67
CA GLN I 292 -15.25 14.77 -46.00
C GLN I 292 -15.39 16.10 -46.72
N LEU I 293 -14.29 16.85 -46.86
CA LEU I 293 -14.32 18.11 -47.60
C LEU I 293 -14.72 17.82 -49.04
N GLN I 294 -15.50 18.71 -49.64
CA GLN I 294 -15.95 18.53 -51.02
C GLN I 294 -15.86 19.83 -51.79
N GLY I 295 -14.99 19.84 -52.81
CA GLY I 295 -14.85 20.97 -53.72
C GLY I 295 -16.20 21.40 -54.25
N ALA I 296 -17.04 20.43 -54.62
CA ALA I 296 -18.41 20.68 -55.08
C ALA I 296 -19.18 21.70 -54.23
N HIS I 297 -19.07 21.60 -52.90
CA HIS I 297 -19.79 22.52 -51.99
C HIS I 297 -19.00 23.78 -51.62
N GLY I 298 -17.80 23.94 -52.20
CA GLY I 298 -16.98 25.11 -51.95
C GLY I 298 -16.12 25.00 -50.69
N ASP I 299 -15.92 23.78 -50.20
CA ASP I 299 -15.08 23.57 -49.02
C ASP I 299 -13.64 23.93 -49.34
N ALA I 300 -12.89 24.32 -48.31
CA ALA I 300 -11.51 24.73 -48.48
C ALA I 300 -10.64 24.23 -47.35
N VAL I 301 -9.33 24.27 -47.57
CA VAL I 301 -8.34 24.03 -46.54
C VAL I 301 -7.56 25.32 -46.32
N ILE I 302 -7.48 25.77 -45.07
CA ILE I 302 -6.69 26.96 -44.74
C ILE I 302 -5.29 26.49 -44.36
N LEU I 303 -4.31 26.83 -45.19
CA LEU I 303 -2.94 26.35 -44.98
C LEU I 303 -2.20 27.25 -44.01
N GLY I 304 -1.48 26.62 -43.08
CA GLY I 304 -0.65 27.34 -42.12
C GLY I 304 0.82 27.20 -42.46
N MET I 305 1.60 28.20 -42.07
CA MET I 305 3.05 28.20 -42.26
C MET I 305 3.67 29.27 -41.39
N SER I 306 4.94 29.04 -41.01
CA SER I 306 5.72 30.04 -40.29
C SER I 306 6.91 30.51 -41.12
N SER I 307 7.04 29.99 -42.34
CA SER I 307 8.11 30.41 -43.25
C SER I 307 7.71 30.21 -44.72
N LEU I 308 8.52 30.77 -45.63
CA LEU I 308 8.28 30.64 -47.07
C LEU I 308 8.63 29.23 -47.55
N GLU I 309 9.74 28.69 -47.06
CA GLU I 309 10.14 27.32 -47.39
C GLU I 309 9.05 26.29 -47.04
N GLN I 310 8.29 26.59 -45.99
CA GLN I 310 7.15 25.75 -45.58
C GLN I 310 5.96 25.89 -46.52
N LEU I 311 5.68 27.11 -46.97
CA LEU I 311 4.53 27.36 -47.84
C LEU I 311 4.71 26.66 -49.18
N GLU I 312 5.87 26.89 -49.80
CA GLU I 312 6.21 26.23 -51.07
C GLU I 312 6.08 24.70 -50.92
N GLN I 313 6.58 24.19 -49.80
CA GLN I 313 6.49 22.76 -49.47
C GLN I 313 5.03 22.31 -49.42
N ASN I 314 4.18 23.12 -48.80
CA ASN I 314 2.77 22.78 -48.62
C ASN I 314 1.94 22.94 -49.89
N LEU I 315 2.13 24.06 -50.60
CA LEU I 315 1.39 24.33 -51.85
C LEU I 315 1.62 23.23 -52.87
N ALA I 316 2.81 22.64 -52.84
CA ALA I 316 3.14 21.50 -53.69
C ALA I 316 2.26 20.31 -53.33
N ALA I 317 2.23 19.96 -52.05
CA ALA I 317 1.41 18.86 -51.54
C ALA I 317 -0.08 19.02 -51.87
N ALA I 318 -0.56 20.26 -51.90
CA ALA I 318 -1.95 20.56 -52.24
C ALA I 318 -2.30 20.04 -53.62
N GLU I 319 -1.40 20.27 -54.57
CA GLU I 319 -1.60 19.87 -55.97
C GLU I 319 -1.32 18.39 -56.24
N GLU I 320 -0.55 17.74 -55.36
CA GLU I 320 -0.29 16.30 -55.48
C GLU I 320 -1.59 15.48 -55.46
N GLY I 321 -1.51 14.27 -55.98
CA GLY I 321 -2.68 13.41 -56.15
C GLY I 321 -3.04 12.62 -54.90
N PRO I 322 -4.03 11.72 -55.02
CA PRO I 322 -4.47 10.91 -53.89
C PRO I 322 -3.47 9.84 -53.45
N LEU I 323 -3.75 9.20 -52.33
CA LEU I 323 -2.85 8.27 -51.66
C LEU I 323 -3.30 6.82 -51.85
N GLU I 324 -2.35 5.89 -51.75
CA GLU I 324 -2.68 4.46 -51.78
C GLU I 324 -3.66 4.12 -50.66
N PRO I 325 -4.57 3.16 -50.91
CA PRO I 325 -5.61 2.86 -49.91
C PRO I 325 -5.05 2.34 -48.59
N ALA I 326 -3.93 1.64 -48.62
CA ALA I 326 -3.29 1.12 -47.40
C ALA I 326 -2.86 2.23 -46.44
N VAL I 327 -2.46 3.38 -47.00
CA VAL I 327 -2.07 4.54 -46.21
C VAL I 327 -3.29 5.23 -45.61
N VAL I 328 -4.35 5.41 -46.42
CA VAL I 328 -5.60 5.98 -45.93
C VAL I 328 -6.20 5.13 -44.79
N ASP I 329 -6.00 3.82 -44.86
CA ASP I 329 -6.39 2.90 -43.79
C ASP I 329 -5.57 3.16 -42.52
N ALA I 330 -4.28 3.46 -42.70
CA ALA I 330 -3.40 3.72 -41.57
C ALA I 330 -3.77 5.02 -40.85
N PHE I 331 -4.06 6.07 -41.62
CA PHE I 331 -4.57 7.33 -41.06
C PHE I 331 -5.83 7.07 -40.25
N ASN I 332 -6.74 6.29 -40.84
CA ASN I 332 -7.97 5.90 -40.18
C ASN I 332 -7.69 5.15 -38.87
N GLN I 333 -6.73 4.23 -38.91
CA GLN I 333 -6.32 3.48 -37.72
C GLN I 333 -5.73 4.40 -36.65
N ALA I 334 -5.00 5.42 -37.08
CA ALA I 334 -4.39 6.39 -36.17
C ALA I 334 -5.45 7.28 -35.52
N TRP I 335 -6.45 7.66 -36.29
CA TRP I 335 -7.58 8.44 -35.77
C TRP I 335 -8.32 7.66 -34.70
N HIS I 336 -8.57 6.38 -34.96
CA HIS I 336 -9.23 5.50 -33.98
C HIS I 336 -8.43 5.41 -32.68
N LEU I 337 -7.12 5.55 -32.81
CA LEU I 337 -6.22 5.52 -31.66
C LEU I 337 -6.51 6.70 -30.72
N VAL I 338 -6.71 7.89 -31.28
CA VAL I 338 -6.82 9.13 -30.50
C VAL I 338 -8.24 9.68 -30.33
N ALA I 339 -9.24 9.03 -30.95
CA ALA I 339 -10.60 9.57 -31.01
C ALA I 339 -11.18 9.86 -29.64
N HIS I 340 -10.90 8.98 -28.68
CA HIS I 340 -11.35 9.14 -27.29
C HIS I 340 -10.77 10.38 -26.59
N GLU I 341 -9.56 10.78 -26.97
CA GLU I 341 -8.87 11.93 -26.37
C GLU I 341 -8.85 13.11 -27.34
N CYS I 342 -9.85 13.21 -28.20
CA CYS I 342 -9.88 14.21 -29.25
C CYS I 342 -10.38 15.56 -28.72
N PRO I 343 -9.75 16.66 -29.14
CA PRO I 343 -10.21 17.99 -28.75
C PRO I 343 -11.53 18.41 -29.37
N ASN I 344 -12.36 19.10 -28.60
CA ASN I 344 -13.62 19.61 -29.12
C ASN I 344 -13.38 20.64 -30.22
N TYR I 345 -14.26 20.63 -31.21
CA TYR I 345 -14.20 21.60 -32.30
C TYR I 345 -14.83 22.94 -31.90
N PHE I 346 -15.41 23.01 -30.71
CA PHE I 346 -16.20 24.16 -30.28
C PHE I 346 -15.77 24.69 -28.90
N ARG I 347 -15.80 26.01 -28.76
CA ARG I 347 -15.50 26.70 -27.51
C ARG I 347 -16.80 27.12 -26.81
N ARG J 25 -31.15 9.40 -6.87
CA ARG J 25 -32.05 10.56 -7.14
C ARG J 25 -32.72 10.52 -8.52
N PRO J 26 -32.00 10.05 -9.57
CA PRO J 26 -32.55 9.94 -10.94
C PRO J 26 -33.73 8.95 -11.06
N ALA J 27 -34.80 9.37 -11.73
CA ALA J 27 -36.05 8.61 -11.80
C ALA J 27 -35.90 7.25 -12.49
N THR J 28 -36.93 6.40 -12.36
CA THR J 28 -36.96 5.11 -13.06
C THR J 28 -38.27 4.94 -13.84
N VAL J 29 -38.14 4.63 -15.13
CA VAL J 29 -39.28 4.44 -16.03
C VAL J 29 -39.30 3.01 -16.55
N LEU J 30 -40.49 2.43 -16.71
CA LEU J 30 -40.63 1.04 -17.12
C LEU J 30 -40.62 0.89 -18.63
N GLY J 31 -39.62 0.16 -19.15
CA GLY J 31 -39.50 -0.11 -20.58
C GLY J 31 -40.43 -1.23 -21.04
N ALA J 32 -41.48 -0.88 -21.76
CA ALA J 32 -42.54 -1.82 -22.14
C ALA J 32 -42.36 -2.41 -23.53
N MET J 33 -41.12 -2.49 -23.99
CA MET J 33 -40.84 -2.93 -25.36
C MET J 33 -41.06 -4.42 -25.53
N GLU J 34 -40.67 -5.20 -24.51
CA GLU J 34 -40.72 -6.66 -24.61
C GLU J 34 -42.10 -7.22 -24.26
N MET J 35 -43.02 -6.35 -23.85
CA MET J 35 -44.39 -6.74 -23.58
C MET J 35 -45.11 -7.04 -24.89
N GLY J 36 -45.59 -8.26 -25.03
CA GLY J 36 -46.19 -8.73 -26.27
C GLY J 36 -45.22 -9.55 -27.12
N ARG J 37 -43.93 -9.37 -26.87
CA ARG J 37 -42.87 -10.09 -27.60
C ARG J 37 -42.37 -11.25 -26.73
N ARG J 38 -41.46 -10.98 -25.80
CA ARG J 38 -40.90 -12.03 -24.92
C ARG J 38 -41.78 -12.31 -23.69
N MET J 39 -42.53 -11.30 -23.24
CA MET J 39 -43.41 -11.44 -22.09
C MET J 39 -44.87 -11.49 -22.56
N ASP J 40 -45.60 -12.53 -22.17
CA ASP J 40 -47.02 -12.62 -22.49
C ASP J 40 -47.83 -11.60 -21.67
N ALA J 41 -49.15 -11.58 -21.86
CA ALA J 41 -50.03 -10.66 -21.13
C ALA J 41 -49.91 -10.80 -19.60
N PRO J 42 -50.08 -12.01 -19.06
CA PRO J 42 -49.87 -12.28 -17.64
C PRO J 42 -48.50 -11.84 -17.08
N THR J 43 -47.41 -12.25 -17.72
CA THR J 43 -46.05 -11.88 -17.24
C THR J 43 -45.88 -10.36 -17.21
N SER J 44 -46.46 -9.68 -18.21
CA SER J 44 -46.35 -8.23 -18.33
C SER J 44 -47.16 -7.52 -17.23
N ALA J 45 -48.35 -8.02 -16.93
CA ALA J 45 -49.16 -7.48 -15.85
C ALA J 45 -48.44 -7.62 -14.52
N ALA J 46 -47.83 -8.79 -14.31
CA ALA J 46 -47.05 -9.07 -13.11
C ALA J 46 -45.90 -8.08 -12.96
N VAL J 47 -45.21 -7.83 -14.05
CA VAL J 47 -44.09 -6.89 -14.06
C VAL J 47 -44.54 -5.46 -13.75
N THR J 48 -45.66 -5.04 -14.33
CA THR J 48 -46.21 -3.71 -14.04
C THR J 48 -46.63 -3.58 -12.57
N ARG J 49 -47.22 -4.64 -12.00
CA ARG J 49 -47.58 -4.66 -10.58
C ARG J 49 -46.33 -4.49 -9.70
N ALA J 50 -45.27 -5.23 -10.03
CA ALA J 50 -44.00 -5.17 -9.29
C ALA J 50 -43.39 -3.78 -9.34
N PHE J 51 -43.35 -3.23 -10.54
CA PHE J 51 -42.79 -1.92 -10.81
C PHE J 51 -43.48 -0.83 -10.00
N LEU J 52 -44.80 -0.83 -10.01
CA LEU J 52 -45.57 0.19 -9.31
C LEU J 52 -45.48 0.01 -7.79
N GLU J 53 -45.41 -1.25 -7.34
CA GLU J 53 -45.29 -1.56 -5.89
C GLU J 53 -43.92 -1.17 -5.28
N ARG J 54 -42.99 -0.69 -6.11
CA ARG J 54 -41.78 -0.02 -5.62
C ARG J 54 -41.91 1.51 -5.66
N GLY J 55 -43.12 2.00 -5.90
CA GLY J 55 -43.39 3.45 -5.85
C GLY J 55 -43.07 4.22 -7.12
N HIS J 56 -42.60 3.53 -8.16
CA HIS J 56 -42.33 4.19 -9.45
C HIS J 56 -43.64 4.44 -10.19
N THR J 57 -43.59 5.27 -11.21
CA THR J 57 -44.79 5.93 -11.71
C THR J 57 -45.02 5.89 -13.24
N GLU J 58 -43.95 5.95 -14.03
CA GLU J 58 -44.06 6.19 -15.48
C GLU J 58 -43.68 4.99 -16.36
N ILE J 59 -44.37 4.81 -17.48
CA ILE J 59 -44.15 3.67 -18.37
C ILE J 59 -43.91 4.12 -19.81
N ASP J 60 -42.90 3.51 -20.45
CA ASP J 60 -42.53 3.84 -21.83
C ASP J 60 -42.92 2.73 -22.79
N THR J 61 -43.78 3.07 -23.74
CA THR J 61 -44.13 2.17 -24.84
C THR J 61 -44.04 2.95 -26.16
N ALA J 62 -44.51 2.32 -27.23
CA ALA J 62 -44.44 2.91 -28.57
C ALA J 62 -45.43 2.24 -29.51
N PHE J 63 -45.91 3.01 -30.48
CA PHE J 63 -46.84 2.54 -31.50
C PHE J 63 -46.38 1.24 -32.16
N VAL J 64 -45.06 1.11 -32.32
CA VAL J 64 -44.51 0.05 -33.15
C VAL J 64 -44.12 -1.20 -32.36
N TYR J 65 -44.06 -1.10 -31.03
CA TYR J 65 -43.56 -2.19 -30.19
C TYR J 65 -44.47 -3.43 -30.27
N SER J 66 -43.83 -4.58 -30.50
CA SER J 66 -44.50 -5.87 -30.74
C SER J 66 -45.79 -5.74 -31.54
N GLU J 67 -45.66 -5.17 -32.74
CA GLU J 67 -46.77 -4.98 -33.69
C GLU J 67 -48.04 -4.37 -33.07
N GLY J 68 -47.85 -3.59 -32.00
CA GLY J 68 -48.95 -2.98 -31.27
C GLY J 68 -49.47 -3.75 -30.07
N GLN J 69 -48.95 -4.96 -29.82
CA GLN J 69 -49.42 -5.79 -28.70
C GLN J 69 -49.00 -5.20 -27.34
N SER J 70 -47.89 -4.44 -27.31
CA SER J 70 -47.44 -3.76 -26.08
C SER J 70 -48.48 -2.77 -25.56
N GLU J 71 -48.81 -1.78 -26.40
CA GLU J 71 -49.83 -0.78 -26.05
C GLU J 71 -51.17 -1.41 -25.70
N THR J 72 -51.54 -2.49 -26.38
CA THR J 72 -52.82 -3.17 -26.14
C THR J 72 -52.83 -3.89 -24.79
N ILE J 73 -51.71 -4.49 -24.42
CA ILE J 73 -51.59 -5.13 -23.10
C ILE J 73 -51.80 -4.12 -21.98
N LEU J 74 -50.99 -3.05 -22.01
CA LEU J 74 -51.06 -1.99 -21.01
C LEU J 74 -52.46 -1.37 -20.92
N GLY J 75 -53.08 -1.15 -22.08
CA GLY J 75 -54.43 -0.61 -22.16
C GLY J 75 -55.46 -1.48 -21.47
N GLY J 76 -55.17 -2.78 -21.37
CA GLY J 76 -56.07 -3.75 -20.73
C GLY J 76 -55.71 -4.14 -19.31
N LEU J 77 -54.88 -3.34 -18.64
CA LEU J 77 -54.53 -3.59 -17.23
C LEU J 77 -55.41 -2.77 -16.26
N GLY J 78 -56.45 -2.15 -16.78
CA GLY J 78 -57.38 -1.37 -15.97
C GLY J 78 -56.72 -0.29 -15.12
N LEU J 79 -55.73 0.37 -15.68
CA LEU J 79 -55.04 1.46 -14.99
C LEU J 79 -55.73 2.80 -15.21
N ARG J 80 -56.90 2.80 -15.86
CA ARG J 80 -57.65 4.02 -16.15
C ARG J 80 -56.70 5.13 -16.61
N LEU J 81 -55.82 4.79 -17.56
CA LEU J 81 -54.76 5.70 -18.03
C LEU J 81 -55.31 7.03 -18.55
N GLY J 82 -54.49 8.07 -18.45
CA GLY J 82 -54.87 9.41 -18.94
C GLY J 82 -55.94 10.14 -18.13
N GLY J 83 -56.53 9.48 -17.12
CA GLY J 83 -57.54 10.09 -16.24
C GLY J 83 -56.94 10.98 -15.17
N SER J 84 -57.79 11.71 -14.46
CA SER J 84 -57.34 12.54 -13.33
C SER J 84 -57.14 11.66 -12.08
N ASP J 85 -58.10 10.77 -11.82
CA ASP J 85 -57.95 9.74 -10.79
C ASP J 85 -56.99 8.65 -11.29
N CYS J 86 -55.71 9.01 -11.43
CA CYS J 86 -54.69 8.14 -11.99
C CYS J 86 -53.29 8.54 -11.53
N ARG J 87 -52.60 7.62 -10.86
CA ARG J 87 -51.25 7.85 -10.37
C ARG J 87 -50.18 7.61 -11.46
N VAL J 88 -50.44 6.68 -12.38
CA VAL J 88 -49.46 6.27 -13.40
C VAL J 88 -49.40 7.20 -14.61
N LYS J 89 -48.19 7.51 -15.07
CA LYS J 89 -47.98 8.33 -16.28
C LYS J 89 -47.56 7.42 -17.46
N ILE J 90 -48.11 7.66 -18.66
CA ILE J 90 -47.85 6.80 -19.85
C ILE J 90 -47.17 7.54 -21.01
N ASP J 91 -46.19 6.90 -21.65
CA ASP J 91 -45.43 7.48 -22.76
C ASP J 91 -45.56 6.63 -24.02
N THR J 92 -45.78 7.29 -25.16
CA THR J 92 -45.77 6.58 -26.43
C THR J 92 -45.11 7.40 -27.54
N LYS J 93 -44.96 6.80 -28.72
CA LYS J 93 -44.18 7.41 -29.80
C LYS J 93 -44.79 7.13 -31.17
N ALA J 94 -44.45 7.99 -32.14
CA ALA J 94 -44.83 7.79 -33.54
C ALA J 94 -43.56 7.73 -34.39
N ILE J 95 -43.47 6.75 -35.30
CA ILE J 95 -42.26 6.61 -36.13
C ILE J 95 -42.47 6.93 -37.60
N PRO J 96 -41.38 7.30 -38.30
CA PRO J 96 -41.37 7.43 -39.74
C PRO J 96 -40.75 6.22 -40.45
N LEU J 97 -40.88 5.02 -39.89
CA LEU J 97 -40.45 3.82 -40.60
C LEU J 97 -41.66 3.12 -41.16
N PHE J 98 -41.40 2.15 -42.05
CA PHE J 98 -42.45 1.35 -42.67
C PHE J 98 -43.35 2.28 -43.47
N GLY J 99 -44.65 1.98 -43.58
CA GLY J 99 -45.52 2.88 -44.32
C GLY J 99 -45.56 4.30 -43.77
N ASN J 100 -45.10 4.45 -42.54
CA ASN J 100 -45.41 5.62 -41.75
C ASN J 100 -44.43 6.76 -41.95
N SER J 101 -44.94 7.97 -41.77
CA SER J 101 -44.14 9.17 -41.79
C SER J 101 -44.46 9.93 -40.51
N LEU J 102 -43.81 11.08 -40.35
CA LEU J 102 -44.19 12.05 -39.34
C LEU J 102 -44.90 13.24 -39.98
N LYS J 103 -45.42 13.04 -41.19
CA LYS J 103 -46.28 14.03 -41.82
C LYS J 103 -47.57 14.06 -41.01
N PRO J 104 -48.30 15.19 -41.04
CA PRO J 104 -49.47 15.39 -40.18
C PRO J 104 -50.44 14.22 -40.17
N ASP J 105 -50.82 13.74 -41.34
CA ASP J 105 -51.84 12.69 -41.41
C ASP J 105 -51.39 11.40 -40.72
N SER J 106 -50.21 10.90 -41.06
CA SER J 106 -49.67 9.69 -40.43
C SER J 106 -49.52 9.87 -38.93
N LEU J 107 -49.01 11.04 -38.55
CA LEU J 107 -48.77 11.38 -37.16
C LEU J 107 -50.05 11.17 -36.35
N ARG J 108 -51.17 11.66 -36.86
CA ARG J 108 -52.48 11.49 -36.21
C ARG J 108 -52.88 10.02 -36.11
N PHE J 109 -52.89 9.32 -37.24
CA PHE J 109 -53.25 7.90 -37.28
C PHE J 109 -52.53 7.12 -36.19
N GLN J 110 -51.23 7.40 -36.01
CA GLN J 110 -50.40 6.65 -35.09
C GLN J 110 -50.79 6.94 -33.65
N LEU J 111 -50.99 8.21 -33.33
CA LEU J 111 -51.37 8.60 -31.96
C LEU J 111 -52.77 8.12 -31.63
N GLU J 112 -53.70 8.40 -32.54
CA GLU J 112 -55.10 8.01 -32.34
C GLU J 112 -55.22 6.51 -32.11
N THR J 113 -54.40 5.72 -32.80
CA THR J 113 -54.39 4.28 -32.60
C THR J 113 -53.79 3.94 -31.23
N SER J 114 -52.68 4.58 -30.88
CA SER J 114 -52.08 4.37 -29.56
C SER J 114 -53.09 4.62 -28.45
N LEU J 115 -53.91 5.66 -28.61
CA LEU J 115 -54.95 6.00 -27.63
C LEU J 115 -56.01 4.91 -27.54
N LYS J 116 -56.56 4.51 -28.70
CA LYS J 116 -57.58 3.46 -28.76
C LYS J 116 -57.08 2.14 -28.17
N ARG J 117 -55.80 1.84 -28.33
CA ARG J 117 -55.20 0.64 -27.75
C ARG J 117 -55.03 0.77 -26.24
N LEU J 118 -54.46 1.89 -25.81
CA LEU J 118 -54.22 2.16 -24.39
C LEU J 118 -55.51 2.46 -23.63
N GLN J 119 -56.62 2.54 -24.36
CA GLN J 119 -57.95 2.78 -23.77
C GLN J 119 -57.97 4.05 -22.94
N CYS J 120 -57.44 5.13 -23.50
CA CYS J 120 -57.34 6.39 -22.80
C CYS J 120 -57.56 7.58 -23.74
N PRO J 121 -57.96 8.74 -23.16
CA PRO J 121 -58.22 9.93 -23.94
C PRO J 121 -56.97 10.73 -24.27
N ARG J 122 -55.92 10.58 -23.46
CA ARG J 122 -54.63 11.24 -23.73
C ARG J 122 -53.43 10.56 -23.08
N VAL J 123 -52.27 10.75 -23.70
CA VAL J 123 -51.02 10.24 -23.16
C VAL J 123 -50.31 11.36 -22.45
N ASP J 124 -49.45 11.00 -21.51
CA ASP J 124 -48.73 11.97 -20.69
C ASP J 124 -47.48 12.50 -21.39
N LEU J 125 -46.90 11.67 -22.26
CA LEU J 125 -45.74 12.05 -23.06
C LEU J 125 -45.85 11.43 -24.45
N PHE J 126 -45.56 12.24 -25.47
CA PHE J 126 -45.68 11.82 -26.87
C PHE J 126 -44.40 12.13 -27.64
N TYR J 127 -43.63 11.09 -27.97
CA TYR J 127 -42.36 11.28 -28.65
C TYR J 127 -42.49 11.24 -30.17
N LEU J 128 -41.60 11.98 -30.83
CA LEU J 128 -41.21 11.67 -32.20
C LEU J 128 -40.08 10.65 -32.07
N HIS J 129 -40.37 9.40 -32.42
CA HIS J 129 -39.47 8.27 -32.19
C HIS J 129 -38.12 8.47 -32.86
N MET J 130 -38.13 8.99 -34.09
CA MET J 130 -36.93 9.18 -34.90
C MET J 130 -37.14 10.30 -35.90
N PRO J 131 -36.05 10.90 -36.39
CA PRO J 131 -36.15 11.89 -37.46
C PRO J 131 -36.76 11.32 -38.73
N ASP J 132 -37.62 12.11 -39.36
CA ASP J 132 -38.20 11.77 -40.67
C ASP J 132 -37.52 12.65 -41.72
N HIS J 133 -36.38 12.19 -42.22
CA HIS J 133 -35.58 13.01 -43.11
C HIS J 133 -36.27 13.37 -44.44
N SER J 134 -37.45 12.81 -44.69
CA SER J 134 -38.22 13.13 -45.90
C SER J 134 -39.36 14.12 -45.66
N THR J 135 -39.53 14.59 -44.42
CA THR J 135 -40.59 15.52 -44.06
C THR J 135 -40.01 16.72 -43.34
N PRO J 136 -40.23 17.93 -43.87
CA PRO J 136 -39.75 19.13 -43.18
C PRO J 136 -40.24 19.17 -41.73
N VAL J 137 -39.33 19.44 -40.81
CA VAL J 137 -39.64 19.32 -39.40
C VAL J 137 -40.74 20.30 -38.98
N GLU J 138 -40.84 21.42 -39.71
CA GLU J 138 -41.92 22.39 -39.51
C GLU J 138 -43.31 21.77 -39.56
N GLU J 139 -43.58 21.03 -40.64
CA GLU J 139 -44.88 20.40 -40.84
C GLU J 139 -45.27 19.52 -39.66
N THR J 140 -44.32 18.72 -39.20
CA THR J 140 -44.53 17.80 -38.11
C THR J 140 -44.91 18.54 -36.83
N LEU J 141 -44.12 19.53 -36.46
CA LEU J 141 -44.32 20.25 -35.20
C LEU J 141 -45.68 20.92 -35.16
N ARG J 142 -46.04 21.63 -36.23
CA ARG J 142 -47.36 22.24 -36.34
C ARG J 142 -48.45 21.22 -36.06
N ALA J 143 -48.29 20.03 -36.63
CA ALA J 143 -49.23 18.93 -36.40
C ALA J 143 -49.22 18.49 -34.95
N CYS J 144 -48.04 18.47 -34.33
CA CYS J 144 -47.93 18.12 -32.91
C CYS J 144 -48.67 19.14 -32.06
N HIS J 145 -48.52 20.42 -32.40
CA HIS J 145 -49.22 21.48 -31.71
C HIS J 145 -50.73 21.29 -31.81
N GLN J 146 -51.20 21.13 -33.04
CA GLN J 146 -52.64 20.94 -33.28
C GLN J 146 -53.22 19.74 -32.52
N LEU J 147 -52.40 18.70 -32.33
CA LEU J 147 -52.80 17.54 -31.53
C LEU J 147 -52.78 17.83 -30.04
N HIS J 148 -51.83 18.66 -29.60
CA HIS J 148 -51.77 19.09 -28.20
C HIS J 148 -52.96 20.00 -27.86
N GLN J 149 -53.29 20.88 -28.80
CA GLN J 149 -54.46 21.74 -28.69
C GLN J 149 -55.75 20.94 -28.50
N GLU J 150 -55.77 19.72 -29.06
CA GLU J 150 -56.92 18.84 -28.94
C GLU J 150 -56.84 17.94 -27.71
N GLY J 151 -55.78 18.10 -26.93
CA GLY J 151 -55.63 17.42 -25.65
C GLY J 151 -55.34 15.94 -25.76
N LYS J 152 -54.72 15.53 -26.86
CA LYS J 152 -54.35 14.14 -27.07
C LYS J 152 -53.08 13.78 -26.30
N PHE J 153 -52.30 14.79 -25.91
CA PHE J 153 -51.12 14.56 -25.06
C PHE J 153 -50.72 15.79 -24.25
N VAL J 154 -49.96 15.55 -23.18
CA VAL J 154 -49.54 16.59 -22.26
C VAL J 154 -48.19 17.19 -22.69
N GLU J 155 -47.17 16.33 -22.78
CA GLU J 155 -45.81 16.76 -23.08
C GLU J 155 -45.27 16.15 -24.37
N LEU J 156 -44.52 16.95 -25.12
CA LEU J 156 -43.89 16.51 -26.36
C LEU J 156 -42.46 16.02 -26.10
N GLY J 157 -42.04 15.00 -26.83
CA GLY J 157 -40.70 14.43 -26.65
C GLY J 157 -39.99 14.16 -27.95
N LEU J 158 -38.67 14.04 -27.88
CA LEU J 158 -37.86 13.68 -29.03
C LEU J 158 -37.00 12.48 -28.68
N SER J 159 -36.64 11.70 -29.69
CA SER J 159 -35.75 10.56 -29.49
C SER J 159 -34.92 10.31 -30.74
N ASN J 160 -33.64 10.05 -30.55
CA ASN J 160 -32.71 9.77 -31.64
C ASN J 160 -32.52 10.93 -32.63
N TYR J 161 -32.84 12.15 -32.21
CA TYR J 161 -32.50 13.33 -32.99
C TYR J 161 -31.11 13.78 -32.60
N ALA J 162 -30.39 14.33 -33.56
CA ALA J 162 -29.08 14.92 -33.28
C ALA J 162 -29.25 16.18 -32.47
N ALA J 163 -28.27 16.48 -31.64
CA ALA J 163 -28.32 17.66 -30.78
C ALA J 163 -28.79 18.88 -31.59
N TRP J 164 -28.20 19.07 -32.76
CA TRP J 164 -28.51 20.24 -33.56
C TRP J 164 -29.92 20.23 -34.13
N GLU J 165 -30.46 19.05 -34.38
CA GLU J 165 -31.84 18.95 -34.81
C GLU J 165 -32.78 19.36 -33.67
N VAL J 166 -32.40 19.04 -32.43
CA VAL J 166 -33.17 19.45 -31.26
C VAL J 166 -33.14 20.97 -31.13
N ALA J 167 -31.96 21.55 -31.30
CA ALA J 167 -31.81 23.00 -31.24
C ALA J 167 -32.72 23.70 -32.25
N GLU J 168 -32.75 23.17 -33.46
CA GLU J 168 -33.62 23.70 -34.51
C GLU J 168 -35.08 23.66 -34.09
N ILE J 169 -35.52 22.49 -33.63
CA ILE J 169 -36.92 22.28 -33.28
C ILE J 169 -37.36 23.26 -32.19
N CYS J 170 -36.58 23.37 -31.12
CA CYS J 170 -36.95 24.21 -29.99
C CYS J 170 -37.03 25.68 -30.38
N THR J 171 -36.09 26.13 -31.21
CA THR J 171 -36.10 27.51 -31.66
C THR J 171 -37.31 27.80 -32.56
N LEU J 172 -37.69 26.82 -33.38
CA LEU J 172 -38.86 26.97 -34.24
C LEU J 172 -40.15 27.07 -33.43
N CYS J 173 -40.23 26.29 -32.35
CA CYS J 173 -41.41 26.29 -31.48
C CYS J 173 -41.56 27.60 -30.70
N LYS J 174 -40.47 28.07 -30.10
CA LYS J 174 -40.47 29.37 -29.41
C LYS J 174 -41.07 30.41 -30.36
N SER J 175 -40.48 30.50 -31.55
CA SER J 175 -40.81 31.56 -32.49
C SER J 175 -42.16 31.37 -33.21
N ASN J 176 -42.65 30.14 -33.30
CA ASN J 176 -44.00 29.87 -33.84
C ASN J 176 -45.05 29.63 -32.75
N GLY J 177 -44.64 29.75 -31.48
CA GLY J 177 -45.53 29.55 -30.34
C GLY J 177 -46.15 28.16 -30.26
N TRP J 178 -45.39 27.15 -30.68
CA TRP J 178 -45.83 25.77 -30.54
C TRP J 178 -45.28 25.17 -29.26
N ILE J 179 -45.87 24.06 -28.85
CA ILE J 179 -45.42 23.35 -27.67
C ILE J 179 -43.97 22.94 -27.88
N LEU J 180 -43.13 23.20 -26.89
CA LEU J 180 -41.74 22.80 -26.95
C LEU J 180 -41.59 21.37 -26.46
N PRO J 181 -40.67 20.62 -27.07
CA PRO J 181 -40.33 19.33 -26.48
C PRO J 181 -39.63 19.53 -25.14
N THR J 182 -39.94 18.68 -24.18
CA THR J 182 -39.43 18.84 -22.83
C THR J 182 -38.71 17.59 -22.34
N VAL J 183 -38.74 16.52 -23.14
CA VAL J 183 -38.08 15.27 -22.80
C VAL J 183 -37.32 14.73 -24.00
N TYR J 184 -36.09 14.32 -23.80
CA TYR J 184 -35.34 13.61 -24.83
C TYR J 184 -35.07 12.20 -24.34
N GLN J 185 -35.33 11.22 -25.20
CA GLN J 185 -35.05 9.83 -24.89
C GLN J 185 -33.87 9.38 -25.74
N GLY J 186 -32.77 9.00 -25.10
CA GLY J 186 -31.54 8.72 -25.83
C GLY J 186 -30.77 7.50 -25.36
N MET J 187 -29.90 7.02 -26.26
CA MET J 187 -29.05 5.85 -26.01
C MET J 187 -27.92 6.22 -25.08
N TYR J 188 -27.94 5.67 -23.87
CA TYR J 188 -26.94 5.99 -22.85
C TYR J 188 -26.64 4.82 -21.90
N ASN J 189 -25.36 4.48 -21.79
CA ASN J 189 -24.91 3.49 -20.82
C ASN J 189 -23.41 3.62 -20.51
N ALA J 190 -22.97 2.86 -19.51
CA ALA J 190 -21.60 2.93 -19.02
C ALA J 190 -20.53 2.81 -20.12
N ILE J 191 -20.80 2.05 -21.17
CA ILE J 191 -19.87 1.88 -22.29
C ILE J 191 -20.33 2.61 -23.57
N THR J 192 -21.33 3.49 -23.46
CA THR J 192 -21.84 4.27 -24.62
C THR J 192 -22.25 5.70 -24.21
N ARG J 193 -21.35 6.65 -24.47
CA ARG J 193 -21.46 7.99 -23.89
C ARG J 193 -21.35 9.11 -24.91
N GLN J 194 -21.80 8.88 -26.13
CA GLN J 194 -21.65 9.90 -27.16
C GLN J 194 -22.53 11.10 -26.85
N VAL J 195 -23.68 10.83 -26.23
CA VAL J 195 -24.62 11.88 -25.88
C VAL J 195 -23.98 12.99 -25.03
N GLU J 196 -23.00 12.61 -24.20
CA GLU J 196 -22.36 13.55 -23.27
C GLU J 196 -21.77 14.78 -23.94
N THR J 197 -21.15 14.62 -25.11
CA THR J 197 -20.34 15.69 -25.71
C THR J 197 -21.14 16.91 -26.16
N GLU J 198 -22.22 16.68 -26.91
CA GLU J 198 -23.03 17.78 -27.44
C GLU J 198 -24.49 17.78 -26.99
N LEU J 199 -25.11 16.59 -26.94
CA LEU J 199 -26.53 16.52 -26.63
C LEU J 199 -26.84 17.10 -25.26
N PHE J 200 -26.09 16.68 -24.25
CA PHE J 200 -26.41 17.08 -22.88
C PHE J 200 -26.33 18.61 -22.69
N PRO J 201 -25.20 19.24 -23.06
CA PRO J 201 -25.10 20.70 -23.07
C PRO J 201 -26.29 21.38 -23.72
N CYS J 202 -26.71 20.83 -24.86
CA CYS J 202 -27.85 21.35 -25.58
C CYS J 202 -29.14 21.21 -24.76
N LEU J 203 -29.38 19.99 -24.26
CA LEU J 203 -30.59 19.71 -23.50
C LEU J 203 -30.72 20.60 -22.27
N ARG J 204 -29.62 20.78 -21.53
CA ARG J 204 -29.66 21.64 -20.34
C ARG J 204 -29.96 23.07 -20.75
N HIS J 205 -29.47 23.49 -21.92
CA HIS J 205 -29.71 24.85 -22.40
C HIS J 205 -31.17 25.11 -22.77
N PHE J 206 -31.82 24.12 -23.40
CA PHE J 206 -33.22 24.26 -23.78
C PHE J 206 -34.20 23.69 -22.76
N GLY J 207 -33.67 23.12 -21.69
CA GLY J 207 -34.47 22.69 -20.56
C GLY J 207 -35.19 21.37 -20.74
N LEU J 208 -34.65 20.49 -21.58
CA LEU J 208 -35.19 19.14 -21.73
C LEU J 208 -34.57 18.20 -20.71
N ARG J 209 -35.36 17.25 -20.23
CA ARG J 209 -34.83 16.21 -19.35
C ARG J 209 -34.53 14.97 -20.19
N PHE J 210 -33.55 14.19 -19.75
CA PHE J 210 -33.05 13.08 -20.54
C PHE J 210 -33.46 11.74 -19.91
N TYR J 211 -34.07 10.89 -20.72
CA TYR J 211 -34.43 9.55 -20.32
C TYR J 211 -33.52 8.57 -21.05
N ALA J 212 -32.79 7.75 -20.30
CA ALA J 212 -31.83 6.83 -20.90
C ALA J 212 -32.46 5.50 -21.29
N PHE J 213 -32.19 5.06 -22.53
CA PHE J 213 -32.51 3.69 -22.95
C PHE J 213 -31.23 2.94 -23.26
N ASN J 214 -31.36 1.64 -23.47
CA ASN J 214 -30.20 0.75 -23.57
C ASN J 214 -29.26 0.85 -22.37
N PRO J 215 -29.80 0.98 -21.14
CA PRO J 215 -28.90 1.15 -20.00
C PRO J 215 -27.98 -0.05 -19.72
N LEU J 216 -28.36 -1.24 -20.16
CA LEU J 216 -27.51 -2.42 -20.04
C LEU J 216 -26.94 -2.84 -21.40
N ALA J 217 -26.95 -1.92 -22.36
CA ALA J 217 -26.56 -2.25 -23.73
C ALA J 217 -27.26 -3.53 -24.21
N GLY J 218 -28.58 -3.58 -24.03
CA GLY J 218 -29.39 -4.71 -24.48
C GLY J 218 -29.20 -5.97 -23.66
N GLY J 219 -28.55 -5.85 -22.51
CA GLY J 219 -28.16 -7.02 -21.74
C GLY J 219 -26.68 -7.36 -21.85
N LEU J 220 -25.95 -6.75 -22.79
CA LEU J 220 -24.52 -7.06 -22.96
C LEU J 220 -23.75 -6.78 -21.67
N LEU J 221 -24.12 -5.70 -20.99
CA LEU J 221 -23.45 -5.31 -19.75
C LEU J 221 -23.85 -6.13 -18.52
N THR J 222 -24.77 -7.08 -18.67
CA THR J 222 -25.03 -8.05 -17.61
C THR J 222 -23.88 -9.07 -17.53
N GLY J 223 -23.08 -9.14 -18.59
CA GLY J 223 -21.89 -9.99 -18.61
C GLY J 223 -22.19 -11.46 -18.82
N LYS J 224 -23.38 -11.76 -19.33
CA LYS J 224 -23.82 -13.14 -19.51
C LYS J 224 -23.36 -13.74 -20.83
N TYR J 225 -22.90 -12.89 -21.76
CA TYR J 225 -22.42 -13.34 -23.06
C TYR J 225 -20.89 -13.33 -23.08
N LYS J 226 -20.30 -14.13 -23.98
CA LYS J 226 -18.88 -14.04 -24.32
C LYS J 226 -18.76 -13.90 -25.85
N TYR J 227 -17.80 -13.09 -26.31
CA TYR J 227 -17.69 -12.75 -27.75
C TYR J 227 -17.83 -13.95 -28.68
N GLU J 228 -17.27 -15.09 -28.27
CA GLU J 228 -17.22 -16.27 -29.11
C GLU J 228 -18.58 -16.98 -29.33
N ASP J 229 -19.65 -16.45 -28.74
CA ASP J 229 -21.00 -17.01 -28.89
C ASP J 229 -21.61 -16.78 -30.27
N LYS J 230 -21.18 -15.72 -30.96
CA LYS J 230 -21.70 -15.41 -32.31
C LYS J 230 -21.46 -16.57 -33.28
N ASP J 231 -20.35 -17.29 -33.08
CA ASP J 231 -19.94 -18.39 -33.94
C ASP J 231 -20.54 -19.75 -33.53
N GLY J 232 -20.95 -19.87 -32.27
CA GLY J 232 -21.38 -21.16 -31.74
C GLY J 232 -22.69 -21.17 -30.97
N LYS J 233 -22.65 -20.75 -29.70
CA LYS J 233 -23.79 -20.92 -28.78
C LYS J 233 -25.06 -20.20 -29.21
N GLN J 234 -24.90 -18.97 -29.71
CA GLN J 234 -26.00 -18.15 -30.21
C GLN J 234 -27.28 -18.27 -29.37
N PRO J 235 -27.23 -17.84 -28.10
CA PRO J 235 -28.35 -17.96 -27.15
C PRO J 235 -29.54 -17.06 -27.44
N VAL J 236 -30.70 -17.66 -27.69
CA VAL J 236 -31.94 -16.93 -27.99
C VAL J 236 -32.13 -15.79 -27.00
N GLY J 237 -31.97 -14.56 -27.48
CA GLY J 237 -32.12 -13.37 -26.65
C GLY J 237 -32.24 -12.10 -27.48
N ARG J 238 -31.81 -10.98 -26.91
CA ARG J 238 -31.80 -9.70 -27.62
C ARG J 238 -30.89 -9.76 -28.84
N PHE J 239 -29.79 -10.51 -28.71
CA PHE J 239 -28.76 -10.53 -29.73
C PHE J 239 -28.85 -11.72 -30.69
N PHE J 240 -29.82 -12.60 -30.48
CA PHE J 240 -29.95 -13.79 -31.34
C PHE J 240 -31.39 -14.23 -31.59
N GLY J 241 -31.69 -14.50 -32.86
CA GLY J 241 -32.95 -15.14 -33.24
C GLY J 241 -34.18 -14.25 -33.21
N ASN J 242 -34.01 -12.98 -33.56
CA ASN J 242 -35.15 -12.10 -33.81
C ASN J 242 -34.81 -11.12 -34.92
N THR J 243 -35.84 -10.44 -35.40
CA THR J 243 -35.71 -9.49 -36.50
C THR J 243 -34.55 -8.50 -36.30
N TRP J 244 -34.43 -7.99 -35.07
CA TRP J 244 -33.48 -6.93 -34.76
C TRP J 244 -32.18 -7.45 -34.16
N ALA J 245 -32.06 -8.77 -34.08
CA ALA J 245 -30.83 -9.41 -33.59
C ALA J 245 -29.58 -8.81 -34.23
N GLU J 246 -29.55 -8.74 -35.56
CA GLU J 246 -28.34 -8.29 -36.23
C GLU J 246 -28.04 -6.82 -35.98
N MET J 247 -29.06 -5.98 -35.91
CA MET J 247 -28.82 -4.58 -35.60
C MET J 247 -28.12 -4.43 -34.26
N TYR J 248 -28.61 -5.14 -33.25
CA TYR J 248 -28.05 -5.06 -31.92
C TYR J 248 -26.62 -5.60 -31.89
N ARG J 249 -26.34 -6.59 -32.73
CA ARG J 249 -24.98 -7.08 -32.87
C ARG J 249 -24.06 -6.02 -33.45
N ASN J 250 -24.51 -5.34 -34.51
CA ASN J 250 -23.72 -4.26 -35.11
C ASN J 250 -23.52 -3.09 -34.15
N ARG J 251 -24.46 -2.93 -33.22
CA ARG J 251 -24.38 -1.83 -32.25
C ARG J 251 -23.37 -2.12 -31.14
N TYR J 252 -23.53 -3.25 -30.46
CA TYR J 252 -22.77 -3.54 -29.22
C TYR J 252 -21.82 -4.75 -29.24
N TRP J 253 -22.04 -5.70 -30.14
CA TRP J 253 -21.25 -6.94 -30.13
C TRP J 253 -19.91 -6.77 -30.84
N LYS J 254 -19.01 -5.98 -30.25
CA LYS J 254 -17.67 -5.79 -30.79
C LYS J 254 -16.64 -6.41 -29.84
N GLU J 255 -15.46 -6.75 -30.35
CA GLU J 255 -14.40 -7.37 -29.53
C GLU J 255 -13.97 -6.43 -28.40
N HIS J 256 -13.76 -5.16 -28.73
CA HIS J 256 -13.36 -4.16 -27.72
C HIS J 256 -14.39 -3.93 -26.61
N HIS J 257 -15.65 -4.17 -26.88
CA HIS J 257 -16.67 -4.11 -25.82
C HIS J 257 -16.45 -5.20 -24.78
N PHE J 258 -16.22 -6.43 -25.25
CA PHE J 258 -16.03 -7.56 -24.36
C PHE J 258 -14.75 -7.42 -23.54
N GLU J 259 -13.71 -6.81 -24.11
CA GLU J 259 -12.52 -6.42 -23.35
C GLU J 259 -12.92 -5.58 -22.14
N GLY J 260 -13.77 -4.59 -22.40
CA GLY J 260 -14.16 -3.61 -21.39
C GLY J 260 -14.98 -4.21 -20.26
N ILE J 261 -15.87 -5.12 -20.60
CA ILE J 261 -16.64 -5.84 -19.58
C ILE J 261 -15.69 -6.63 -18.68
N ALA J 262 -14.74 -7.31 -19.29
CA ALA J 262 -13.72 -8.07 -18.55
C ALA J 262 -12.95 -7.16 -17.60
N LEU J 263 -12.56 -5.99 -18.10
CA LEU J 263 -11.82 -5.00 -17.32
C LEU J 263 -12.60 -4.56 -16.08
N VAL J 264 -13.91 -4.38 -16.22
CA VAL J 264 -14.77 -4.03 -15.09
C VAL J 264 -14.96 -5.20 -14.11
N GLU J 265 -15.14 -6.41 -14.67
CA GLU J 265 -15.28 -7.63 -13.85
C GLU J 265 -14.05 -7.88 -12.97
N LYS J 266 -12.86 -7.63 -13.51
CA LYS J 266 -11.61 -7.76 -12.74
C LYS J 266 -11.53 -6.67 -11.66
N ALA J 267 -11.94 -5.46 -12.01
CA ALA J 267 -11.94 -4.34 -11.06
C ALA J 267 -12.95 -4.56 -9.93
N LEU J 268 -14.06 -5.23 -10.22
CA LEU J 268 -15.07 -5.55 -9.21
C LEU J 268 -14.55 -6.55 -8.18
N GLN J 269 -13.99 -7.67 -8.64
CA GLN J 269 -13.39 -8.66 -7.74
C GLN J 269 -12.27 -8.05 -6.91
N ALA J 270 -11.49 -7.16 -7.53
CA ALA J 270 -10.36 -6.52 -6.86
C ALA J 270 -10.76 -5.63 -5.67
N ALA J 271 -11.77 -4.79 -5.87
CA ALA J 271 -12.17 -3.82 -4.86
C ALA J 271 -13.22 -4.32 -3.87
N TYR J 272 -13.96 -5.39 -4.24
CA TYR J 272 -15.05 -5.92 -3.38
C TYR J 272 -14.84 -7.37 -2.94
N GLY J 273 -14.13 -8.15 -3.74
CA GLY J 273 -13.81 -9.55 -3.40
C GLY J 273 -14.98 -10.50 -3.51
N ALA J 274 -15.16 -11.31 -2.47
CA ALA J 274 -16.27 -12.26 -2.37
C ALA J 274 -17.62 -11.54 -2.35
N SER J 275 -17.65 -10.39 -1.67
CA SER J 275 -18.88 -9.61 -1.55
C SER J 275 -19.23 -8.81 -2.82
N ALA J 276 -18.54 -9.10 -3.93
CA ALA J 276 -18.70 -8.34 -5.18
C ALA J 276 -20.10 -8.49 -5.77
N PRO J 277 -20.71 -7.38 -6.22
CA PRO J 277 -22.02 -7.45 -6.85
C PRO J 277 -21.96 -7.90 -8.30
N SER J 278 -23.09 -8.40 -8.80
CA SER J 278 -23.22 -8.74 -10.22
C SER J 278 -22.98 -7.46 -10.99
N MET J 279 -22.50 -7.57 -12.21
CA MET J 279 -22.22 -6.34 -12.93
C MET J 279 -23.39 -5.90 -13.79
N THR J 280 -24.49 -6.65 -13.72
CA THR J 280 -25.82 -6.10 -14.01
C THR J 280 -26.04 -4.95 -13.03
N SER J 281 -25.80 -5.24 -11.75
CA SER J 281 -26.01 -4.29 -10.67
C SER J 281 -25.03 -3.12 -10.79
N ALA J 282 -23.75 -3.43 -11.01
CA ALA J 282 -22.72 -2.42 -11.17
C ALA J 282 -23.04 -1.46 -12.30
N THR J 283 -23.46 -2.00 -13.44
CA THR J 283 -23.77 -1.18 -14.60
C THR J 283 -24.94 -0.23 -14.35
N LEU J 284 -25.99 -0.73 -13.72
CA LEU J 284 -27.15 0.11 -13.40
C LEU J 284 -26.75 1.19 -12.39
N ARG J 285 -25.99 0.79 -11.38
CA ARG J 285 -25.56 1.73 -10.36
C ARG J 285 -24.71 2.85 -10.95
N TRP J 286 -23.98 2.56 -12.02
CA TRP J 286 -23.21 3.59 -12.72
C TRP J 286 -24.14 4.68 -13.28
N MET J 287 -25.25 4.27 -13.86
CA MET J 287 -26.20 5.20 -14.44
C MET J 287 -26.83 6.07 -13.36
N TYR J 288 -27.26 5.43 -12.29
CA TYR J 288 -27.96 6.15 -11.22
C TYR J 288 -27.04 7.11 -10.45
N HIS J 289 -25.80 6.68 -10.18
CA HIS J 289 -24.93 7.44 -9.30
C HIS J 289 -23.79 8.21 -9.98
N HIS J 290 -23.22 7.66 -11.06
CA HIS J 290 -21.97 8.22 -11.60
C HIS J 290 -22.03 8.74 -13.03
N SER J 291 -23.23 8.79 -13.60
CA SER J 291 -23.39 9.28 -14.96
C SER J 291 -23.64 10.78 -14.93
N GLN J 292 -23.95 11.36 -16.08
CA GLN J 292 -24.33 12.76 -16.18
C GLN J 292 -25.80 12.98 -15.90
N LEU J 293 -26.57 11.89 -15.74
CA LEU J 293 -27.97 12.00 -15.41
C LEU J 293 -28.07 12.75 -14.09
N GLN J 294 -29.11 13.57 -13.94
CA GLN J 294 -29.31 14.31 -12.71
C GLN J 294 -30.78 14.31 -12.29
N GLY J 295 -31.07 13.68 -11.15
CA GLY J 295 -32.40 13.69 -10.57
C GLY J 295 -32.97 15.10 -10.50
N ALA J 296 -32.12 16.05 -10.09
CA ALA J 296 -32.48 17.47 -10.04
C ALA J 296 -33.23 17.98 -11.29
N HIS J 297 -32.78 17.58 -12.47
CA HIS J 297 -33.42 18.03 -13.72
C HIS J 297 -34.52 17.10 -14.22
N GLY J 298 -34.83 16.05 -13.46
CA GLY J 298 -35.89 15.12 -13.82
C GLY J 298 -35.45 14.03 -14.79
N ASP J 299 -34.14 13.79 -14.89
CA ASP J 299 -33.63 12.72 -15.74
C ASP J 299 -34.07 11.35 -15.20
N ALA J 300 -34.16 10.38 -16.09
CA ALA J 300 -34.60 9.04 -15.71
C ALA J 300 -33.80 7.97 -16.42
N VAL J 301 -33.92 6.75 -15.91
CA VAL J 301 -33.40 5.56 -16.58
C VAL J 301 -34.58 4.69 -16.96
N ILE J 302 -34.67 4.30 -18.23
CA ILE J 302 -35.73 3.39 -18.68
C ILE J 302 -35.16 1.98 -18.58
N LEU J 303 -35.72 1.18 -17.68
CA LEU J 303 -35.21 -0.17 -17.44
C LEU J 303 -35.81 -1.15 -18.44
N GLY J 304 -34.94 -2.03 -18.96
CA GLY J 304 -35.37 -3.10 -19.87
C GLY J 304 -35.35 -4.44 -19.16
N MET J 305 -36.21 -5.35 -19.63
CA MET J 305 -36.28 -6.71 -19.11
C MET J 305 -37.07 -7.60 -20.05
N SER J 306 -36.72 -8.88 -20.08
CA SER J 306 -37.48 -9.87 -20.83
C SER J 306 -38.17 -10.88 -19.89
N SER J 307 -38.01 -10.70 -18.58
CA SER J 307 -38.66 -11.56 -17.59
C SER J 307 -38.88 -10.82 -16.27
N LEU J 308 -39.66 -11.44 -15.38
CA LEU J 308 -39.92 -10.88 -14.05
C LEU J 308 -38.70 -11.01 -13.13
N GLU J 309 -38.05 -12.18 -13.19
CA GLU J 309 -36.82 -12.42 -12.41
C GLU J 309 -35.75 -11.37 -12.73
N GLN J 310 -35.74 -10.88 -13.97
CA GLN J 310 -34.83 -9.82 -14.39
C GLN J 310 -35.20 -8.46 -13.83
N LEU J 311 -36.51 -8.16 -13.81
CA LEU J 311 -36.99 -6.86 -13.32
C LEU J 311 -36.69 -6.71 -11.84
N GLU J 312 -37.07 -7.71 -11.05
CA GLU J 312 -36.79 -7.71 -9.61
C GLU J 312 -35.29 -7.54 -9.36
N GLN J 313 -34.48 -8.24 -10.15
CA GLN J 313 -33.01 -8.14 -10.09
C GLN J 313 -32.54 -6.70 -10.36
N ASN J 314 -33.15 -6.06 -11.36
CA ASN J 314 -32.78 -4.69 -11.76
C ASN J 314 -33.30 -3.63 -10.80
N LEU J 315 -34.57 -3.71 -10.41
CA LEU J 315 -35.15 -2.74 -9.50
C LEU J 315 -34.38 -2.66 -8.19
N ALA J 316 -33.81 -3.79 -7.78
CA ALA J 316 -32.95 -3.85 -6.60
C ALA J 316 -31.72 -2.98 -6.84
N ALA J 317 -31.02 -3.24 -7.94
CA ALA J 317 -29.82 -2.49 -8.29
C ALA J 317 -30.06 -0.98 -8.35
N ALA J 318 -31.27 -0.60 -8.78
CA ALA J 318 -31.64 0.81 -8.87
C ALA J 318 -31.51 1.50 -7.52
N GLU J 319 -31.99 0.82 -6.48
CA GLU J 319 -31.99 1.35 -5.12
C GLU J 319 -30.65 1.23 -4.41
N GLU J 320 -29.77 0.34 -4.89
CA GLU J 320 -28.42 0.20 -4.31
C GLU J 320 -27.63 1.50 -4.40
N GLY J 321 -26.61 1.61 -3.56
CA GLY J 321 -25.83 2.85 -3.46
C GLY J 321 -24.74 2.96 -4.50
N PRO J 322 -23.89 4.01 -4.38
CA PRO J 322 -22.80 4.25 -5.32
C PRO J 322 -21.66 3.23 -5.21
N LEU J 323 -20.73 3.31 -6.16
CA LEU J 323 -19.66 2.33 -6.31
C LEU J 323 -18.33 2.91 -5.84
N GLU J 324 -17.39 2.02 -5.46
CA GLU J 324 -16.02 2.43 -5.14
C GLU J 324 -15.38 3.16 -6.34
N PRO J 325 -14.52 4.15 -6.06
CA PRO J 325 -13.96 4.95 -7.15
C PRO J 325 -13.11 4.15 -8.13
N ALA J 326 -12.45 3.10 -7.64
CA ALA J 326 -11.61 2.25 -8.49
C ALA J 326 -12.41 1.54 -9.58
N VAL J 327 -13.67 1.21 -9.27
CA VAL J 327 -14.58 0.60 -10.24
C VAL J 327 -15.09 1.61 -11.25
N VAL J 328 -15.47 2.81 -10.79
CA VAL J 328 -15.88 3.89 -11.69
C VAL J 328 -14.75 4.25 -12.67
N ASP J 329 -13.50 4.16 -12.21
CA ASP J 329 -12.33 4.36 -13.07
C ASP J 329 -12.23 3.27 -14.13
N ALA J 330 -12.57 2.04 -13.75
CA ALA J 330 -12.53 0.90 -14.68
C ALA J 330 -13.57 1.04 -15.78
N PHE J 331 -14.79 1.42 -15.41
CA PHE J 331 -15.85 1.71 -16.39
C PHE J 331 -15.36 2.78 -17.36
N ASN J 332 -14.77 3.83 -16.80
CA ASN J 332 -14.22 4.91 -17.60
C ASN J 332 -13.14 4.39 -18.56
N GLN J 333 -12.25 3.53 -18.05
CA GLN J 333 -11.20 2.92 -18.88
C GLN J 333 -11.80 2.06 -19.99
N ALA J 334 -12.91 1.38 -19.69
CA ALA J 334 -13.60 0.52 -20.66
C ALA J 334 -14.29 1.35 -21.74
N TRP J 335 -14.85 2.49 -21.35
CA TRP J 335 -15.44 3.41 -22.33
C TRP J 335 -14.38 3.94 -23.29
N HIS J 336 -13.23 4.32 -22.75
CA HIS J 336 -12.14 4.79 -23.58
C HIS J 336 -11.68 3.73 -24.58
N LEU J 337 -11.88 2.47 -24.21
CA LEU J 337 -11.53 1.35 -25.08
C LEU J 337 -12.41 1.33 -26.34
N VAL J 338 -13.70 1.60 -26.15
CA VAL J 338 -14.68 1.46 -27.23
C VAL J 338 -15.16 2.77 -27.86
N ALA J 339 -14.71 3.90 -27.34
CA ALA J 339 -15.24 5.21 -27.77
C ALA J 339 -15.14 5.45 -29.28
N HIS J 340 -14.02 5.02 -29.86
CA HIS J 340 -13.78 5.16 -31.31
C HIS J 340 -14.80 4.38 -32.14
N GLU J 341 -15.27 3.25 -31.61
CA GLU J 341 -16.21 2.36 -32.31
C GLU J 341 -17.61 2.47 -31.70
N CYS J 342 -17.93 3.64 -31.17
CA CYS J 342 -19.20 3.84 -30.47
C CYS J 342 -20.35 4.14 -31.44
N PRO J 343 -21.52 3.54 -31.22
CA PRO J 343 -22.69 3.82 -32.06
C PRO J 343 -23.26 5.23 -31.89
N ASN J 344 -23.72 5.82 -32.99
CA ASN J 344 -24.33 7.13 -32.92
C ASN J 344 -25.62 7.08 -32.11
N TYR J 345 -25.88 8.15 -31.37
CA TYR J 345 -27.13 8.27 -30.61
C TYR J 345 -28.32 8.72 -31.48
N PHE J 346 -28.07 9.01 -32.77
CA PHE J 346 -29.04 9.62 -33.67
C PHE J 346 -29.18 8.87 -34.99
N ARG J 347 -30.41 8.78 -35.49
CA ARG J 347 -30.74 8.17 -36.78
C ARG J 347 -31.08 9.27 -37.80
N ARG K 25 45.76 -9.56 28.62
CA ARG K 25 47.06 -9.45 27.87
C ARG K 25 48.01 -8.39 28.49
N PRO K 26 47.51 -7.17 28.78
CA PRO K 26 48.28 -6.14 29.51
C PRO K 26 48.66 -6.61 30.93
N ALA K 27 49.92 -6.40 31.30
CA ALA K 27 50.48 -6.89 32.56
C ALA K 27 49.86 -6.27 33.82
N THR K 28 50.10 -6.89 34.97
CA THR K 28 49.63 -6.35 36.24
C THR K 28 50.77 -6.20 37.23
N VAL K 29 50.89 -4.99 37.79
CA VAL K 29 51.94 -4.65 38.75
C VAL K 29 51.31 -4.28 40.09
N LEU K 30 51.95 -4.67 41.19
CA LEU K 30 51.40 -4.44 42.52
C LEU K 30 51.75 -3.06 43.09
N GLY K 31 50.73 -2.24 43.32
CA GLY K 31 50.93 -0.91 43.89
C GLY K 31 51.16 -0.93 45.40
N ALA K 32 52.39 -0.67 45.82
CA ALA K 32 52.79 -0.83 47.22
C ALA K 32 52.76 0.47 48.02
N MET K 33 51.91 1.41 47.59
CA MET K 33 51.86 2.72 48.21
C MET K 33 51.24 2.66 49.61
N GLU K 34 50.19 1.87 49.77
CA GLU K 34 49.46 1.85 51.03
C GLU K 34 50.10 0.91 52.06
N MET K 35 51.18 0.23 51.67
CA MET K 35 51.93 -0.62 52.59
C MET K 35 52.70 0.26 53.56
N GLY K 36 52.43 0.09 54.85
CA GLY K 36 52.99 0.95 55.89
C GLY K 36 52.03 2.03 56.34
N ARG K 37 51.06 2.36 55.50
CA ARG K 37 50.09 3.41 55.78
C ARG K 37 48.80 2.76 56.23
N ARG K 38 47.97 2.32 55.28
CA ARG K 38 46.69 1.67 55.62
C ARG K 38 46.82 0.17 55.94
N MET K 39 47.83 -0.47 55.35
CA MET K 39 48.08 -1.90 55.58
C MET K 39 49.32 -2.07 56.45
N ASP K 40 49.18 -2.80 57.56
CA ASP K 40 50.33 -3.09 58.44
C ASP K 40 51.27 -4.10 57.77
N ALA K 41 52.36 -4.47 58.44
CA ALA K 41 53.33 -5.42 57.90
C ALA K 41 52.72 -6.78 57.52
N PRO K 42 52.00 -7.43 58.45
CA PRO K 42 51.24 -8.65 58.18
C PRO K 42 50.26 -8.58 56.99
N THR K 43 49.37 -7.58 56.97
CA THR K 43 48.41 -7.43 55.88
C THR K 43 49.11 -7.28 54.53
N SER K 44 50.23 -6.55 54.53
CA SER K 44 51.00 -6.31 53.30
C SER K 44 51.69 -7.59 52.80
N ALA K 45 52.23 -8.38 53.73
CA ALA K 45 52.83 -9.65 53.37
C ALA K 45 51.79 -10.56 52.77
N ALA K 46 50.61 -10.58 53.39
CA ALA K 46 49.49 -11.39 52.89
C ALA K 46 49.10 -11.00 51.48
N VAL K 47 49.04 -9.70 51.22
CA VAL K 47 48.70 -9.18 49.91
C VAL K 47 49.74 -9.55 48.86
N THR K 48 51.02 -9.47 49.22
CA THR K 48 52.10 -9.86 48.31
C THR K 48 52.03 -11.35 47.99
N ARG K 49 51.74 -12.17 48.99
CA ARG K 49 51.57 -13.62 48.79
C ARG K 49 50.46 -13.89 47.78
N ALA K 50 49.32 -13.22 47.96
CA ALA K 50 48.15 -13.37 47.08
C ALA K 50 48.46 -12.97 45.65
N PHE K 51 49.09 -11.82 45.52
CA PHE K 51 49.48 -11.26 44.23
C PHE K 51 50.36 -12.23 43.46
N LEU K 52 51.40 -12.74 44.11
CA LEU K 52 52.35 -13.62 43.44
C LEU K 52 51.71 -14.95 43.11
N GLU K 53 50.81 -15.42 43.98
CA GLU K 53 50.09 -16.70 43.79
C GLU K 53 49.10 -16.69 42.63
N ARG K 54 48.92 -15.53 42.00
CA ARG K 54 48.20 -15.42 40.72
C ARG K 54 49.17 -15.33 39.53
N GLY K 55 50.45 -15.60 39.77
CA GLY K 55 51.44 -15.64 38.71
C GLY K 55 52.01 -14.30 38.27
N HIS K 56 51.58 -13.21 38.92
CA HIS K 56 52.13 -11.89 38.62
C HIS K 56 53.51 -11.75 39.25
N THR K 57 54.25 -10.73 38.83
CA THR K 57 55.71 -10.72 39.03
C THR K 57 56.35 -9.43 39.58
N GLU K 58 55.78 -8.27 39.25
CA GLU K 58 56.44 -6.98 39.51
C GLU K 58 55.71 -6.14 40.56
N ILE K 59 56.48 -5.38 41.36
CA ILE K 59 55.96 -4.56 42.45
C ILE K 59 56.47 -3.11 42.38
N ASP K 60 55.56 -2.15 42.56
CA ASP K 60 55.87 -0.73 42.47
C ASP K 60 55.82 -0.07 43.83
N THR K 61 56.96 0.47 44.25
CA THR K 61 57.08 1.24 45.48
C THR K 61 57.85 2.52 45.15
N ALA K 62 58.21 3.26 46.20
CA ALA K 62 58.88 4.53 46.06
C ALA K 62 59.55 4.96 47.37
N PHE K 63 60.65 5.69 47.22
CA PHE K 63 61.41 6.20 48.35
C PHE K 63 60.52 6.90 49.37
N VAL K 64 59.50 7.58 48.89
CA VAL K 64 58.73 8.49 49.72
C VAL K 64 57.50 7.84 50.35
N TYR K 65 57.09 6.66 49.85
CA TYR K 65 55.82 6.04 50.28
C TYR K 65 55.85 5.66 51.75
N SER K 66 54.79 6.04 52.46
CA SER K 66 54.67 5.90 53.93
C SER K 66 55.98 6.13 54.71
N GLU K 67 56.58 7.30 54.49
CA GLU K 67 57.81 7.75 55.14
C GLU K 67 58.95 6.71 55.06
N GLY K 68 58.92 5.87 54.04
CA GLY K 68 59.89 4.78 53.87
C GLY K 68 59.47 3.40 54.39
N GLN K 69 58.32 3.31 55.07
CA GLN K 69 57.89 2.04 55.68
C GLN K 69 57.47 1.03 54.61
N SER K 70 57.03 1.50 53.45
CA SER K 70 56.70 0.62 52.32
C SER K 70 57.90 -0.21 51.90
N GLU K 71 58.95 0.48 51.45
CA GLU K 71 60.20 -0.17 51.02
C GLU K 71 60.75 -1.10 52.12
N THR K 72 60.65 -0.70 53.37
CA THR K 72 61.19 -1.47 54.47
C THR K 72 60.39 -2.76 54.68
N ILE K 73 59.07 -2.68 54.52
CA ILE K 73 58.22 -3.88 54.65
C ILE K 73 58.61 -4.91 53.60
N LEU K 74 58.62 -4.47 52.34
CA LEU K 74 58.95 -5.35 51.21
C LEU K 74 60.35 -5.97 51.37
N GLY K 75 61.30 -5.15 51.83
CA GLY K 75 62.66 -5.59 52.05
C GLY K 75 62.76 -6.70 53.08
N GLY K 76 61.78 -6.76 53.98
CA GLY K 76 61.74 -7.79 55.02
C GLY K 76 60.80 -8.96 54.77
N LEU K 77 60.41 -9.17 53.52
CA LEU K 77 59.57 -10.31 53.15
C LEU K 77 60.39 -11.47 52.62
N GLY K 78 61.71 -11.40 52.78
CA GLY K 78 62.62 -12.47 52.36
C GLY K 78 62.44 -12.91 50.90
N LEU K 79 62.21 -11.94 50.04
CA LEU K 79 62.09 -12.22 48.61
C LEU K 79 63.44 -12.21 47.89
N ARG K 80 64.54 -12.10 48.65
CA ARG K 80 65.90 -12.08 48.08
C ARG K 80 65.94 -11.17 46.84
N LEU K 81 65.36 -9.97 46.96
CA LEU K 81 65.19 -9.05 45.83
C LEU K 81 66.52 -8.73 45.14
N GLY K 82 66.44 -8.44 43.85
CA GLY K 82 67.62 -8.05 43.08
C GLY K 82 68.64 -9.14 42.74
N GLY K 83 68.40 -10.38 43.12
CA GLY K 83 69.39 -11.46 42.94
C GLY K 83 69.14 -12.48 41.82
N SER K 84 70.13 -13.34 41.59
CA SER K 84 69.93 -14.49 40.71
C SER K 84 68.62 -15.14 41.09
N ASP K 85 68.58 -15.62 42.34
CA ASP K 85 67.46 -16.37 42.88
C ASP K 85 66.46 -15.40 43.49
N CYS K 86 66.03 -14.42 42.69
CA CYS K 86 65.03 -13.48 43.14
C CYS K 86 63.71 -14.00 42.66
N ARG K 87 62.63 -13.36 43.09
CA ARG K 87 61.29 -13.82 42.82
C ARG K 87 60.45 -12.78 42.14
N VAL K 88 60.58 -11.55 42.60
CA VAL K 88 59.86 -10.42 42.04
C VAL K 88 60.81 -9.40 41.45
N LYS K 89 60.34 -8.74 40.40
CA LYS K 89 61.05 -7.61 39.85
C LYS K 89 60.51 -6.36 40.58
N ILE K 90 61.40 -5.57 41.16
CA ILE K 90 61.03 -4.49 42.08
C ILE K 90 61.29 -3.10 41.49
N ASP K 91 60.35 -2.18 41.69
CA ASP K 91 60.41 -0.84 41.12
C ASP K 91 60.41 0.21 42.23
N THR K 92 61.32 1.19 42.14
CA THR K 92 61.31 2.32 43.08
C THR K 92 61.61 3.65 42.38
N LYS K 93 61.52 4.74 43.13
CA LYS K 93 61.58 6.09 42.54
C LYS K 93 62.32 7.07 43.45
N ALA K 94 62.81 8.15 42.85
CA ALA K 94 63.42 9.26 43.58
C ALA K 94 62.63 10.53 43.25
N ILE K 95 62.31 11.34 44.27
CA ILE K 95 61.54 12.59 44.02
C ILE K 95 62.33 13.85 44.29
N PRO K 96 61.92 14.97 43.65
CA PRO K 96 62.42 16.28 43.94
C PRO K 96 61.46 17.09 44.82
N LEU K 97 60.76 16.45 45.74
CA LEU K 97 59.97 17.18 46.71
C LEU K 97 60.66 17.17 48.05
N PHE K 98 60.19 18.02 48.95
CA PHE K 98 60.76 18.10 50.31
C PHE K 98 62.21 18.52 50.21
N GLY K 99 63.07 18.07 51.11
CA GLY K 99 64.48 18.46 50.99
C GLY K 99 65.14 18.05 49.67
N ASN K 100 64.50 17.12 48.98
CA ASN K 100 65.17 16.36 47.97
C ASN K 100 65.14 17.03 46.62
N SER K 101 66.14 16.71 45.82
CA SER K 101 66.19 17.12 44.42
C SER K 101 66.47 15.89 43.61
N LEU K 102 66.57 16.08 42.30
CA LEU K 102 67.08 15.08 41.39
C LEU K 102 68.49 15.46 40.93
N LYS K 103 69.14 16.34 41.69
CA LYS K 103 70.55 16.61 41.46
C LYS K 103 71.29 15.35 41.82
N PRO K 104 72.49 15.16 41.26
CA PRO K 104 73.24 13.91 41.45
C PRO K 104 73.35 13.43 42.89
N ASP K 105 73.73 14.31 43.81
CA ASP K 105 73.94 13.90 45.18
C ASP K 105 72.67 13.35 45.83
N SER K 106 71.59 14.10 45.74
CA SER K 106 70.29 13.66 46.31
C SER K 106 69.79 12.39 45.65
N LEU K 107 69.95 12.34 44.35
CA LEU K 107 69.56 11.19 43.56
C LEU K 107 70.18 9.90 44.12
N ARG K 108 71.48 9.96 44.42
CA ARG K 108 72.19 8.82 45.03
C ARG K 108 71.63 8.46 46.40
N PHE K 109 71.59 9.44 47.30
CA PHE K 109 71.09 9.24 48.66
C PHE K 109 69.76 8.49 48.66
N GLN K 110 68.88 8.87 47.74
CA GLN K 110 67.54 8.30 47.70
C GLN K 110 67.59 6.85 47.27
N LEU K 111 68.34 6.56 46.21
CA LEU K 111 68.44 5.19 45.69
C LEU K 111 69.15 4.31 46.69
N GLU K 112 70.30 4.77 47.16
CA GLU K 112 71.09 4.00 48.10
C GLU K 112 70.26 3.63 49.33
N THR K 113 69.39 4.54 49.77
CA THR K 113 68.51 4.27 50.90
C THR K 113 67.47 3.24 50.49
N SER K 114 66.86 3.42 49.33
CA SER K 114 65.88 2.46 48.85
C SER K 114 66.47 1.04 48.84
N LEU K 115 67.73 0.93 48.41
CA LEU K 115 68.42 -0.35 48.36
C LEU K 115 68.61 -0.94 49.76
N LYS K 116 69.15 -0.14 50.68
CA LYS K 116 69.36 -0.58 52.07
C LYS K 116 68.06 -1.01 52.74
N ARG K 117 66.95 -0.36 52.40
CA ARG K 117 65.65 -0.73 52.94
C ARG K 117 65.13 -2.03 52.35
N LEU K 118 65.19 -2.12 51.02
CA LEU K 118 64.72 -3.29 50.28
C LEU K 118 65.65 -4.49 50.46
N GLN K 119 66.78 -4.27 51.13
CA GLN K 119 67.77 -5.31 51.41
C GLN K 119 68.21 -6.00 50.12
N CYS K 120 68.57 -5.19 49.12
CA CYS K 120 68.99 -5.72 47.84
C CYS K 120 70.11 -4.88 47.22
N PRO K 121 70.90 -5.48 46.32
CA PRO K 121 72.02 -4.79 45.68
C PRO K 121 71.59 -3.92 44.52
N ARG K 122 70.45 -4.24 43.88
CA ARG K 122 69.93 -3.43 42.80
C ARG K 122 68.43 -3.59 42.61
N VAL K 123 67.82 -2.55 42.04
CA VAL K 123 66.42 -2.56 41.69
C VAL K 123 66.26 -2.84 40.20
N ASP K 124 65.10 -3.35 39.81
CA ASP K 124 64.86 -3.75 38.44
C ASP K 124 64.41 -2.56 37.60
N LEU K 125 63.76 -1.60 38.25
CA LEU K 125 63.32 -0.38 37.59
C LEU K 125 63.49 0.79 38.54
N PHE K 126 64.03 1.89 38.03
CA PHE K 126 64.29 3.10 38.82
C PHE K 126 63.70 4.34 38.16
N TYR K 127 62.63 4.88 38.74
CA TYR K 127 61.97 6.04 38.13
C TYR K 127 62.49 7.37 38.65
N LEU K 128 62.44 8.40 37.80
CA LEU K 128 62.39 9.76 38.26
C LEU K 128 60.92 10.02 38.49
N HIS K 129 60.54 10.16 39.77
CA HIS K 129 59.14 10.27 40.19
C HIS K 129 58.40 11.43 39.56
N MET K 130 59.07 12.57 39.47
CA MET K 130 58.49 13.81 38.94
C MET K 130 59.57 14.71 38.43
N PRO K 131 59.22 15.64 37.54
CA PRO K 131 60.18 16.62 37.08
C PRO K 131 60.74 17.48 38.22
N ASP K 132 62.04 17.77 38.17
CA ASP K 132 62.71 18.71 39.07
C ASP K 132 63.00 19.98 38.30
N HIS K 133 62.02 20.88 38.25
CA HIS K 133 62.14 22.08 37.44
C HIS K 133 63.28 23.01 37.85
N SER K 134 63.95 22.72 38.96
CA SER K 134 65.07 23.54 39.41
C SER K 134 66.42 22.94 39.06
N THR K 135 66.42 21.78 38.44
CA THR K 135 67.67 21.08 38.09
C THR K 135 67.69 20.73 36.61
N PRO K 136 68.70 21.20 35.87
CA PRO K 136 68.78 20.86 34.46
C PRO K 136 68.74 19.34 34.27
N VAL K 137 67.92 18.88 33.34
CA VAL K 137 67.66 17.46 33.20
C VAL K 137 68.92 16.73 32.77
N GLU K 138 69.83 17.41 32.10
CA GLU K 138 71.15 16.83 31.76
C GLU K 138 71.91 16.27 32.97
N GLU K 139 72.02 17.09 34.02
CA GLU K 139 72.74 16.72 35.24
C GLU K 139 72.18 15.42 35.81
N THR K 140 70.87 15.34 35.89
CA THR K 140 70.18 14.20 36.46
C THR K 140 70.51 12.94 35.68
N LEU K 141 70.35 13.00 34.36
CA LEU K 141 70.51 11.81 33.52
C LEU K 141 71.93 11.26 33.60
N ARG K 142 72.91 12.14 33.50
CA ARG K 142 74.30 11.74 33.68
C ARG K 142 74.46 10.97 34.98
N ALA K 143 73.84 11.46 36.03
CA ALA K 143 73.89 10.80 37.33
C ALA K 143 73.18 9.45 37.30
N CYS K 144 72.09 9.38 36.56
CA CYS K 144 71.40 8.10 36.39
C CYS K 144 72.30 7.10 35.69
N HIS K 145 72.97 7.56 34.64
CA HIS K 145 73.88 6.71 33.90
C HIS K 145 74.95 6.19 34.84
N GLN K 146 75.60 7.10 35.56
CA GLN K 146 76.69 6.74 36.48
C GLN K 146 76.22 5.72 37.53
N LEU K 147 74.96 5.80 37.93
CA LEU K 147 74.40 4.84 38.87
C LEU K 147 74.11 3.50 38.20
N HIS K 148 73.72 3.54 36.93
CA HIS K 148 73.48 2.33 36.16
C HIS K 148 74.79 1.60 35.91
N GLN K 149 75.83 2.37 35.61
CA GLN K 149 77.18 1.86 35.43
C GLN K 149 77.65 1.10 36.67
N GLU K 150 77.17 1.52 37.83
CA GLU K 150 77.52 0.88 39.09
C GLU K 150 76.60 -0.28 39.44
N GLY K 151 75.61 -0.53 38.58
CA GLY K 151 74.72 -1.67 38.71
C GLY K 151 73.67 -1.54 39.80
N LYS K 152 73.34 -0.31 40.16
CA LYS K 152 72.35 -0.10 41.21
C LYS K 152 70.92 -0.30 40.66
N PHE K 153 70.77 -0.26 39.35
CA PHE K 153 69.49 -0.59 38.71
C PHE K 153 69.62 -1.10 37.27
N VAL K 154 68.57 -1.76 36.79
CA VAL K 154 68.54 -2.35 35.47
C VAL K 154 67.96 -1.38 34.44
N GLU K 155 66.72 -0.93 34.68
CA GLU K 155 66.00 -0.06 33.74
C GLU K 155 65.66 1.28 34.35
N LEU K 156 65.73 2.32 33.53
CA LEU K 156 65.39 3.68 33.94
C LEU K 156 63.94 3.98 33.57
N GLY K 157 63.26 4.76 34.40
CA GLY K 157 61.87 5.12 34.15
C GLY K 157 61.58 6.59 34.35
N LEU K 158 60.44 7.05 33.82
CA LEU K 158 59.96 8.41 34.06
C LEU K 158 58.53 8.36 34.53
N SER K 159 58.13 9.36 35.30
CA SER K 159 56.74 9.48 35.73
C SER K 159 56.35 10.93 35.86
N ASN K 160 55.16 11.26 35.39
CA ASN K 160 54.60 12.59 35.51
C ASN K 160 55.36 13.65 34.72
N TYR K 161 56.20 13.22 33.76
CA TYR K 161 56.85 14.14 32.83
C TYR K 161 55.93 14.40 31.65
N ALA K 162 55.98 15.61 31.11
CA ALA K 162 55.22 15.96 29.92
C ALA K 162 55.81 15.21 28.75
N ALA K 163 54.95 14.85 27.78
CA ALA K 163 55.40 14.13 26.59
C ALA K 163 56.67 14.75 26.02
N TRP K 164 56.69 16.07 25.90
CA TRP K 164 57.83 16.76 25.32
C TRP K 164 59.08 16.73 26.18
N GLU K 165 58.90 16.63 27.49
CA GLU K 165 60.04 16.44 28.38
C GLU K 165 60.63 15.03 28.18
N VAL K 166 59.78 14.06 27.90
CA VAL K 166 60.24 12.70 27.61
C VAL K 166 61.01 12.65 26.30
N ALA K 167 60.49 13.33 25.28
CA ALA K 167 61.18 13.47 24.00
C ALA K 167 62.59 14.07 24.15
N GLU K 168 62.68 15.12 24.95
CA GLU K 168 63.97 15.75 25.23
C GLU K 168 64.92 14.75 25.83
N ILE K 169 64.47 14.07 26.89
CA ILE K 169 65.31 13.18 27.67
C ILE K 169 65.87 12.08 26.81
N CYS K 170 65.00 11.45 26.03
CA CYS K 170 65.44 10.33 25.19
C CYS K 170 66.42 10.75 24.10
N THR K 171 66.23 11.90 23.50
CA THR K 171 67.14 12.36 22.48
C THR K 171 68.50 12.72 23.11
N LEU K 172 68.50 13.25 24.34
CA LEU K 172 69.76 13.59 25.04
C LEU K 172 70.56 12.34 25.36
N CYS K 173 69.87 11.27 25.71
CA CYS K 173 70.51 10.00 26.04
C CYS K 173 71.10 9.32 24.82
N LYS K 174 70.36 9.24 23.73
CA LYS K 174 70.88 8.68 22.50
C LYS K 174 72.19 9.37 22.21
N SER K 175 72.15 10.69 22.14
CA SER K 175 73.30 11.49 21.70
C SER K 175 74.46 11.57 22.69
N ASN K 176 74.18 11.38 23.99
CA ASN K 176 75.23 11.33 25.01
C ASN K 176 75.57 9.89 25.42
N GLY K 177 74.94 8.93 24.76
CA GLY K 177 75.18 7.52 25.06
C GLY K 177 74.86 7.08 26.48
N TRP K 178 73.84 7.70 27.09
CA TRP K 178 73.34 7.29 28.41
C TRP K 178 72.20 6.30 28.26
N ILE K 179 71.91 5.62 29.35
CA ILE K 179 70.79 4.68 29.38
C ILE K 179 69.50 5.43 29.08
N LEU K 180 68.70 4.90 28.17
CA LEU K 180 67.41 5.50 27.84
C LEU K 180 66.34 5.02 28.82
N PRO K 181 65.39 5.90 29.13
CA PRO K 181 64.23 5.42 29.86
C PRO K 181 63.39 4.52 28.97
N THR K 182 62.88 3.44 29.56
CA THR K 182 62.15 2.43 28.83
C THR K 182 60.74 2.21 29.37
N VAL K 183 60.41 2.83 30.51
CA VAL K 183 59.10 2.71 31.11
C VAL K 183 58.61 4.08 31.53
N TYR K 184 57.37 4.40 31.21
CA TYR K 184 56.70 5.59 31.71
C TYR K 184 55.54 5.16 32.62
N GLN K 185 55.44 5.79 33.78
CA GLN K 185 54.36 5.51 34.71
C GLN K 185 53.48 6.73 34.76
N GLY K 186 52.24 6.58 34.34
CA GLY K 186 51.34 7.73 34.19
C GLY K 186 49.93 7.53 34.69
N MET K 187 49.27 8.66 34.94
CA MET K 187 47.89 8.71 35.41
C MET K 187 46.95 8.34 34.27
N TYR K 188 46.26 7.20 34.41
CA TYR K 188 45.36 6.71 33.36
C TYR K 188 44.18 5.92 33.92
N ASN K 189 42.98 6.30 33.54
CA ASN K 189 41.77 5.51 33.88
C ASN K 189 40.59 5.81 32.97
N ALA K 190 39.53 5.03 33.10
CA ALA K 190 38.35 5.18 32.23
C ALA K 190 37.76 6.59 32.09
N ILE K 191 37.88 7.43 33.14
CA ILE K 191 37.41 8.84 33.11
C ILE K 191 38.57 9.86 33.06
N THR K 192 39.82 9.41 32.81
CA THR K 192 41.00 10.28 32.78
C THR K 192 41.99 9.83 31.71
N ARG K 193 41.94 10.49 30.54
CA ARG K 193 42.60 10.01 29.33
C ARG K 193 43.46 11.05 28.64
N GLN K 194 44.02 11.99 29.40
CA GLN K 194 44.79 13.07 28.77
C GLN K 194 46.06 12.51 28.12
N VAL K 195 46.61 11.45 28.71
CA VAL K 195 47.81 10.82 28.19
C VAL K 195 47.66 10.42 26.72
N GLU K 196 46.45 9.99 26.33
CA GLU K 196 46.20 9.48 24.99
C GLU K 196 46.62 10.41 23.84
N THR K 197 46.44 11.71 24.02
CA THR K 197 46.59 12.66 22.90
C THR K 197 48.01 12.84 22.42
N GLU K 198 48.93 13.06 23.35
CA GLU K 198 50.34 13.28 22.99
C GLU K 198 51.33 12.31 23.58
N LEU K 199 51.12 11.90 24.83
CA LEU K 199 52.08 11.03 25.49
C LEU K 199 52.23 9.69 24.79
N PHE K 200 51.12 9.03 24.47
CA PHE K 200 51.19 7.69 23.93
C PHE K 200 51.89 7.63 22.58
N PRO K 201 51.48 8.48 21.61
CA PRO K 201 52.22 8.61 20.37
C PRO K 201 53.73 8.72 20.59
N CYS K 202 54.10 9.56 21.54
CA CYS K 202 55.49 9.80 21.88
C CYS K 202 56.15 8.56 22.43
N LEU K 203 55.49 7.92 23.39
CA LEU K 203 56.04 6.72 23.98
C LEU K 203 56.26 5.62 22.94
N ARG K 204 55.30 5.39 22.06
CA ARG K 204 55.45 4.35 21.05
C ARG K 204 56.61 4.68 20.12
N HIS K 205 56.81 5.97 19.85
CA HIS K 205 57.90 6.39 18.98
C HIS K 205 59.26 6.11 19.59
N PHE K 206 59.41 6.38 20.89
CA PHE K 206 60.70 6.20 21.57
C PHE K 206 60.84 4.81 22.22
N GLY K 207 59.77 4.03 22.15
CA GLY K 207 59.79 2.65 22.58
C GLY K 207 59.65 2.45 24.08
N LEU K 208 59.01 3.38 24.77
CA LEU K 208 58.72 3.20 26.19
C LEU K 208 57.40 2.46 26.36
N ARG K 209 57.34 1.64 27.40
CA ARG K 209 56.09 0.98 27.77
C ARG K 209 55.43 1.76 28.90
N PHE K 210 54.10 1.74 28.92
CA PHE K 210 53.34 2.58 29.83
C PHE K 210 52.73 1.75 30.95
N TYR K 211 52.98 2.16 32.19
CA TYR K 211 52.36 1.55 33.37
C TYR K 211 51.32 2.53 33.93
N ALA K 212 50.07 2.10 34.05
CA ALA K 212 49.01 2.99 34.51
C ALA K 212 48.94 3.02 36.02
N PHE K 213 48.83 4.21 36.60
CA PHE K 213 48.43 4.36 37.99
C PHE K 213 47.12 5.13 38.09
N ASN K 214 46.55 5.17 39.29
CA ASN K 214 45.18 5.67 39.51
C ASN K 214 44.13 4.97 38.62
N PRO K 215 44.25 3.64 38.43
CA PRO K 215 43.30 2.97 37.53
C PRO K 215 41.83 2.99 37.99
N LEU K 216 41.60 3.16 39.29
CA LEU K 216 40.24 3.33 39.81
C LEU K 216 39.98 4.78 40.26
N ALA K 217 40.79 5.72 39.78
CA ALA K 217 40.74 7.10 40.24
C ALA K 217 40.72 7.17 41.78
N GLY K 218 41.65 6.46 42.41
CA GLY K 218 41.76 6.47 43.86
C GLY K 218 40.65 5.73 44.59
N GLY K 219 39.88 4.96 43.84
CA GLY K 219 38.69 4.33 44.39
C GLY K 219 37.39 5.00 43.99
N LEU K 220 37.45 6.20 43.39
CA LEU K 220 36.22 6.91 42.99
C LEU K 220 35.40 6.05 42.05
N LEU K 221 36.08 5.36 41.12
CA LEU K 221 35.42 4.54 40.11
C LEU K 221 34.88 3.21 40.64
N THR K 222 35.11 2.90 41.91
CA THR K 222 34.44 1.75 42.54
C THR K 222 32.98 2.08 42.80
N GLY K 223 32.64 3.38 42.77
CA GLY K 223 31.24 3.81 42.90
C GLY K 223 30.70 3.77 44.33
N LYS K 224 31.61 3.75 45.30
CA LYS K 224 31.24 3.64 46.71
C LYS K 224 30.97 5.00 47.36
N TYR K 225 31.38 6.08 46.70
CA TYR K 225 31.13 7.44 47.19
C TYR K 225 29.97 8.09 46.44
N LYS K 226 29.33 9.08 47.07
CA LYS K 226 28.38 9.98 46.40
C LYS K 226 28.85 11.43 46.64
N TYR K 227 28.72 12.30 45.63
CA TYR K 227 29.25 13.67 45.70
C TYR K 227 28.97 14.38 47.01
N GLU K 228 27.80 14.16 47.57
CA GLU K 228 27.32 14.87 48.75
C GLU K 228 28.05 14.47 50.04
N ASP K 229 28.98 13.52 49.97
CA ASP K 229 29.75 13.08 51.15
C ASP K 229 30.78 14.10 51.64
N LYS K 230 31.26 14.97 50.77
CA LYS K 230 32.24 15.99 51.15
C LYS K 230 31.70 16.90 52.24
N ASP K 231 30.39 17.11 52.24
CA ASP K 231 29.72 18.00 53.20
C ASP K 231 29.32 17.28 54.50
N GLY K 232 29.18 15.96 54.45
CA GLY K 232 28.60 15.22 55.58
C GLY K 232 29.37 13.99 56.02
N LYS K 233 29.19 12.88 55.29
CA LYS K 233 29.68 11.56 55.71
C LYS K 233 31.19 11.49 55.86
N GLN K 234 31.91 12.09 54.90
CA GLN K 234 33.38 12.14 54.91
C GLN K 234 34.04 10.84 55.40
N PRO K 235 33.85 9.75 54.65
CA PRO K 235 34.35 8.42 55.04
C PRO K 235 35.87 8.26 54.94
N VAL K 236 36.50 7.97 56.08
CA VAL K 236 37.96 7.77 56.17
C VAL K 236 38.45 6.87 55.05
N GLY K 237 39.17 7.47 54.09
CA GLY K 237 39.70 6.74 52.94
C GLY K 237 40.74 7.55 52.21
N ARG K 238 40.87 7.28 50.91
CA ARG K 238 41.78 8.01 50.05
C ARG K 238 41.41 9.48 50.00
N PHE K 239 40.10 9.75 50.04
CA PHE K 239 39.60 11.10 49.83
C PHE K 239 39.29 11.85 51.12
N PHE K 240 39.50 11.22 52.27
CA PHE K 240 39.21 11.86 53.55
C PHE K 240 40.14 11.45 54.68
N GLY K 241 40.60 12.46 55.42
CA GLY K 241 41.33 12.26 56.66
C GLY K 241 42.75 11.78 56.52
N ASN K 242 43.46 12.25 55.49
CA ASN K 242 44.92 12.09 55.40
C ASN K 242 45.54 13.31 54.72
N THR K 243 46.87 13.38 54.80
CA THR K 243 47.62 14.51 54.27
C THR K 243 47.19 14.86 52.83
N TRP K 244 47.02 13.82 52.01
CA TRP K 244 46.79 14.00 50.58
C TRP K 244 45.31 13.93 50.20
N ALA K 245 44.46 13.83 51.21
CA ALA K 245 43.01 13.85 51.00
C ALA K 245 42.56 14.99 50.09
N GLU K 246 42.99 16.21 50.39
CA GLU K 246 42.53 17.35 49.60
C GLU K 246 43.05 17.36 48.18
N MET K 247 44.29 16.92 47.96
CA MET K 247 44.78 16.83 46.60
C MET K 247 43.93 15.90 45.76
N TYR K 248 43.62 14.73 46.32
CA TYR K 248 42.80 13.74 45.60
C TYR K 248 41.38 14.26 45.35
N ARG K 249 40.85 15.07 46.25
CA ARG K 249 39.58 15.73 46.01
C ARG K 249 39.66 16.72 44.85
N ASN K 250 40.71 17.53 44.80
CA ASN K 250 40.88 18.48 43.70
C ASN K 250 41.09 17.75 42.38
N ARG K 251 41.61 16.54 42.45
CA ARG K 251 41.88 15.76 41.23
C ARG K 251 40.61 15.15 40.64
N TYR K 252 39.88 14.40 41.46
CA TYR K 252 38.76 13.56 41.00
C TYR K 252 37.35 13.90 41.53
N TRP K 253 37.26 14.54 42.70
CA TRP K 253 35.97 14.77 43.33
C TRP K 253 35.23 15.97 42.74
N LYS K 254 34.81 15.86 41.47
CA LYS K 254 34.06 16.93 40.81
C LYS K 254 32.63 16.43 40.55
N GLU K 255 31.67 17.34 40.40
CA GLU K 255 30.28 16.95 40.15
C GLU K 255 30.13 16.17 38.85
N HIS K 256 30.74 16.68 37.78
CA HIS K 256 30.68 16.00 36.49
C HIS K 256 31.26 14.57 36.50
N HIS K 257 32.21 14.28 37.40
CA HIS K 257 32.71 12.92 37.53
C HIS K 257 31.62 12.00 38.06
N PHE K 258 30.89 12.44 39.06
CA PHE K 258 29.83 11.62 39.65
C PHE K 258 28.68 11.40 38.69
N GLU K 259 28.41 12.38 37.82
CA GLU K 259 27.46 12.20 36.71
C GLU K 259 27.86 10.99 35.88
N GLY K 260 29.14 10.95 35.53
CA GLY K 260 29.68 9.93 34.65
C GLY K 260 29.64 8.53 35.23
N ILE K 261 29.91 8.41 36.51
CA ILE K 261 29.81 7.13 37.17
C ILE K 261 28.36 6.64 37.13
N ALA K 262 27.43 7.55 37.38
CA ALA K 262 26.00 7.25 37.30
C ALA K 262 25.62 6.74 35.91
N LEU K 263 26.12 7.44 34.89
CA LEU K 263 25.86 7.09 33.50
C LEU K 263 26.32 5.66 33.19
N VAL K 264 27.48 5.28 33.70
CA VAL K 264 28.02 3.92 33.52
C VAL K 264 27.22 2.90 34.32
N GLU K 265 26.83 3.25 35.54
CA GLU K 265 26.02 2.36 36.38
C GLU K 265 24.65 2.04 35.75
N LYS K 266 24.04 3.04 35.12
CA LYS K 266 22.78 2.83 34.39
C LYS K 266 22.99 1.97 33.15
N ALA K 267 24.09 2.20 32.44
CA ALA K 267 24.43 1.40 31.25
C ALA K 267 24.74 -0.05 31.60
N LEU K 268 25.31 -0.28 32.78
CA LEU K 268 25.60 -1.64 33.26
C LEU K 268 24.32 -2.43 33.54
N GLN K 269 23.41 -1.86 34.32
CA GLN K 269 22.12 -2.49 34.61
C GLN K 269 21.34 -2.76 33.33
N ALA K 270 21.41 -1.82 32.38
CA ALA K 270 20.69 -1.92 31.11
C ALA K 270 21.15 -3.09 30.25
N ALA K 271 22.48 -3.27 30.11
CA ALA K 271 23.04 -4.29 29.22
C ALA K 271 23.26 -5.66 29.87
N TYR K 272 23.35 -5.71 31.21
CA TYR K 272 23.62 -6.96 31.93
C TYR K 272 22.53 -7.37 32.92
N GLY K 273 21.78 -6.41 33.44
CA GLY K 273 20.67 -6.67 34.35
C GLY K 273 21.06 -7.11 35.74
N ALA K 274 20.42 -8.19 36.21
CA ALA K 274 20.70 -8.80 37.49
C ALA K 274 22.14 -9.31 37.54
N SER K 275 22.60 -9.86 36.41
CA SER K 275 23.94 -10.43 36.33
C SER K 275 25.03 -9.35 36.21
N ALA K 276 24.68 -8.09 36.43
CA ALA K 276 25.62 -6.97 36.24
C ALA K 276 26.79 -7.04 37.21
N PRO K 277 28.02 -6.80 36.70
CA PRO K 277 29.19 -6.76 37.57
C PRO K 277 29.36 -5.44 38.32
N SER K 278 30.09 -5.47 39.43
CA SER K 278 30.42 -4.26 40.17
C SER K 278 31.20 -3.39 39.23
N MET K 279 31.14 -2.08 39.42
CA MET K 279 31.81 -1.22 38.48
C MET K 279 33.23 -0.89 38.92
N THR K 280 33.63 -1.46 40.05
CA THR K 280 35.04 -1.70 40.30
C THR K 280 35.54 -2.60 39.18
N SER K 281 34.81 -3.68 38.96
CA SER K 281 35.17 -4.69 37.98
C SER K 281 35.11 -4.12 36.57
N ALA K 282 34.02 -3.41 36.27
CA ALA K 282 33.84 -2.78 34.97
C ALA K 282 34.97 -1.82 34.65
N THR K 283 35.36 -0.99 35.62
CA THR K 283 36.41 0.01 35.43
C THR K 283 37.78 -0.62 35.15
N LEU K 284 38.11 -1.66 35.89
CA LEU K 284 39.36 -2.36 35.65
C LEU K 284 39.34 -3.03 34.27
N ARG K 285 38.24 -3.69 33.96
CA ARG K 285 38.14 -4.39 32.68
C ARG K 285 38.29 -3.44 31.52
N TRP K 286 37.89 -2.17 31.70
CA TRP K 286 38.06 -1.16 30.67
C TRP K 286 39.53 -0.95 30.37
N MET K 287 40.35 -0.92 31.42
CA MET K 287 41.81 -0.70 31.28
C MET K 287 42.46 -1.86 30.57
N TYR K 288 42.11 -3.08 31.00
CA TYR K 288 42.70 -4.29 30.46
C TYR K 288 42.27 -4.58 29.00
N HIS K 289 41.00 -4.33 28.68
CA HIS K 289 40.49 -4.73 27.37
C HIS K 289 40.25 -3.59 26.38
N HIS K 290 39.84 -2.40 26.85
CA HIS K 290 39.35 -1.35 25.94
C HIS K 290 40.13 -0.05 25.92
N SER K 291 41.24 0.02 26.64
CA SER K 291 42.06 1.22 26.69
C SER K 291 43.09 1.19 25.57
N GLN K 292 44.00 2.15 25.58
CA GLN K 292 45.10 2.16 24.62
C GLN K 292 46.28 1.31 25.09
N LEU K 293 46.20 0.79 26.32
CA LEU K 293 47.27 -0.07 26.81
C LEU K 293 47.37 -1.27 25.86
N GLN K 294 48.57 -1.76 25.64
CA GLN K 294 48.77 -2.95 24.79
C GLN K 294 49.79 -3.92 25.36
N GLY K 295 49.30 -5.11 25.73
CA GLY K 295 50.15 -6.20 26.21
C GLY K 295 51.34 -6.42 25.32
N ALA K 296 51.10 -6.38 24.01
CA ALA K 296 52.16 -6.48 22.99
C ALA K 296 53.38 -5.60 23.28
N HIS K 297 53.16 -4.35 23.74
CA HIS K 297 54.28 -3.43 24.01
C HIS K 297 54.78 -3.49 25.47
N GLY K 298 54.21 -4.39 26.27
CA GLY K 298 54.62 -4.56 27.66
C GLY K 298 53.93 -3.61 28.61
N ASP K 299 52.83 -3.00 28.20
CA ASP K 299 52.10 -2.08 29.06
C ASP K 299 51.51 -2.84 30.24
N ALA K 300 51.29 -2.13 31.34
CA ALA K 300 50.78 -2.74 32.55
C ALA K 300 49.81 -1.83 33.27
N VAL K 301 49.07 -2.42 34.20
CA VAL K 301 48.21 -1.67 35.09
C VAL K 301 48.77 -1.86 36.50
N ILE K 302 49.00 -0.76 37.22
CA ILE K 302 49.42 -0.84 38.61
C ILE K 302 48.17 -0.80 39.49
N LEU K 303 47.85 -1.91 40.15
CA LEU K 303 46.66 -1.99 40.96
C LEU K 303 46.87 -1.41 42.35
N GLY K 304 45.88 -0.64 42.80
CA GLY K 304 45.89 -0.08 44.15
C GLY K 304 44.91 -0.79 45.04
N MET K 305 45.20 -0.78 46.34
CA MET K 305 44.32 -1.37 47.35
C MET K 305 44.72 -0.88 48.73
N SER K 306 43.75 -0.81 49.63
CA SER K 306 44.01 -0.52 51.03
C SER K 306 43.71 -1.72 51.92
N SER K 307 43.28 -2.83 51.33
CA SER K 307 42.99 -4.06 52.08
C SER K 307 43.18 -5.31 51.22
N LEU K 308 43.15 -6.48 51.86
CA LEU K 308 43.26 -7.75 51.15
C LEU K 308 41.97 -8.09 50.42
N GLU K 309 40.83 -7.83 51.07
CA GLU K 309 39.52 -8.06 50.45
C GLU K 309 39.37 -7.27 49.16
N GLN K 310 40.02 -6.11 49.09
CA GLN K 310 40.05 -5.26 47.88
C GLN K 310 40.94 -5.81 46.78
N LEU K 311 42.08 -6.36 47.16
CA LEU K 311 43.01 -6.93 46.19
C LEU K 311 42.42 -8.15 45.51
N GLU K 312 41.92 -9.11 46.31
CA GLU K 312 41.27 -10.30 45.76
C GLU K 312 40.15 -9.89 44.79
N GLN K 313 39.36 -8.89 45.20
CA GLN K 313 38.26 -8.34 44.40
C GLN K 313 38.79 -7.80 43.07
N ASN K 314 39.93 -7.12 43.12
CA ASN K 314 40.53 -6.49 41.92
C ASN K 314 41.25 -7.49 41.01
N LEU K 315 42.04 -8.39 41.60
CA LEU K 315 42.75 -9.42 40.82
C LEU K 315 41.79 -10.30 40.01
N ALA K 316 40.59 -10.50 40.55
CA ALA K 316 39.54 -11.21 39.85
C ALA K 316 39.16 -10.43 38.61
N ALA K 317 38.81 -9.17 38.80
CA ALA K 317 38.40 -8.32 37.67
C ALA K 317 39.44 -8.24 36.57
N ALA K 318 40.73 -8.30 36.95
CA ALA K 318 41.84 -8.27 35.98
C ALA K 318 41.71 -9.43 34.98
N GLU K 319 41.37 -10.61 35.50
CA GLU K 319 41.27 -11.82 34.67
C GLU K 319 39.94 -11.92 33.93
N GLU K 320 38.92 -11.19 34.38
CA GLU K 320 37.62 -11.18 33.68
C GLU K 320 37.78 -10.68 32.23
N GLY K 321 36.80 -11.01 31.40
CA GLY K 321 36.84 -10.72 29.96
C GLY K 321 36.36 -9.33 29.62
N PRO K 322 36.25 -9.01 28.32
CA PRO K 322 35.84 -7.69 27.85
C PRO K 322 34.37 -7.37 28.10
N LEU K 323 33.99 -6.13 27.86
CA LEU K 323 32.66 -5.61 28.19
C LEU K 323 31.81 -5.43 26.93
N GLU K 324 30.49 -5.48 27.10
CA GLU K 324 29.56 -5.21 26.00
C GLU K 324 29.84 -3.81 25.42
N PRO K 325 29.65 -3.64 24.10
CA PRO K 325 30.00 -2.37 23.48
C PRO K 325 29.19 -1.18 24.01
N ALA K 326 27.94 -1.42 24.40
CA ALA K 326 27.08 -0.35 24.93
C ALA K 326 27.64 0.26 26.22
N VAL K 327 28.34 -0.56 27.03
CA VAL K 327 28.97 -0.08 28.26
C VAL K 327 30.26 0.72 27.96
N VAL K 328 31.07 0.23 27.03
CA VAL K 328 32.27 0.94 26.59
C VAL K 328 31.88 2.31 26.00
N ASP K 329 30.73 2.37 25.34
CA ASP K 329 30.20 3.65 24.83
C ASP K 329 29.87 4.57 25.99
N ALA K 330 29.33 4.01 27.07
CA ALA K 330 28.93 4.79 28.23
C ALA K 330 30.14 5.37 28.94
N PHE K 331 31.18 4.56 29.12
CA PHE K 331 32.44 5.06 29.67
C PHE K 331 32.97 6.22 28.83
N ASN K 332 32.94 6.02 27.50
CA ASN K 332 33.37 7.04 26.57
C ASN K 332 32.55 8.31 26.75
N GLN K 333 31.22 8.16 26.89
CA GLN K 333 30.31 9.31 27.09
C GLN K 333 30.58 10.03 28.41
N ALA K 334 30.99 9.26 29.42
CA ALA K 334 31.36 9.79 30.74
C ALA K 334 32.67 10.57 30.68
N TRP K 335 33.61 10.06 29.92
CA TRP K 335 34.88 10.74 29.72
C TRP K 335 34.65 12.07 29.04
N HIS K 336 33.83 12.10 28.02
CA HIS K 336 33.50 13.35 27.31
C HIS K 336 32.84 14.38 28.23
N LEU K 337 32.18 13.88 29.27
CA LEU K 337 31.56 14.73 30.28
C LEU K 337 32.62 15.50 31.07
N VAL K 338 33.69 14.83 31.45
CA VAL K 338 34.70 15.41 32.34
C VAL K 338 35.99 15.88 31.67
N ALA K 339 36.12 15.68 30.37
CA ALA K 339 37.40 15.92 29.67
C ALA K 339 37.92 17.35 29.86
N HIS K 340 37.00 18.31 29.82
CA HIS K 340 37.34 19.72 29.99
C HIS K 340 37.92 20.05 31.37
N GLU K 341 37.50 19.29 32.39
CA GLU K 341 37.93 19.48 33.78
C GLU K 341 38.90 18.35 34.21
N CYS K 342 39.64 17.81 33.24
CA CYS K 342 40.53 16.67 33.49
C CYS K 342 41.87 17.12 34.07
N PRO K 343 42.38 16.39 35.09
CA PRO K 343 43.69 16.68 35.67
C PRO K 343 44.88 16.40 34.75
N ASN K 344 45.88 17.26 34.78
CA ASN K 344 47.06 17.04 33.98
C ASN K 344 47.78 15.76 34.41
N TYR K 345 48.34 15.05 33.43
CA TYR K 345 49.13 13.86 33.71
C TYR K 345 50.55 14.19 34.17
N PHE K 346 50.91 15.48 34.17
CA PHE K 346 52.29 15.92 34.40
C PHE K 346 52.39 17.02 35.46
N ARG K 347 53.45 16.96 36.27
CA ARG K 347 53.74 17.97 37.28
C ARG K 347 54.83 18.92 36.76
#